data_2KWO
#
_entry.id   2KWO
#
_cell.length_a   1.000
_cell.length_b   1.000
_cell.length_c   1.000
_cell.angle_alpha   90.00
_cell.angle_beta   90.00
_cell.angle_gamma   90.00
#
_symmetry.space_group_name_H-M   'P 1'
#
loop_
_entity.id
_entity.type
_entity.pdbx_description
1 polymer 'Histone peptide'
2 polymer 'Zinc finger protein DPF3'
3 non-polymer 'ZINC ION'
#
loop_
_entity_poly.entity_id
_entity_poly.type
_entity_poly.pdbx_seq_one_letter_code
_entity_poly.pdbx_strand_id
1 'polypeptide(L)' (SAC)GRGKGGKGLGKGGAKRHRK B
2 'polypeptide(L)'
;GSYCDFCLGGSNMNKKSGRPEELVSCADCGRSGHPTCLQFTLNMTEAVKTYKWQCIECKSCILCGTSENDDQLLFCDDCD
RGYHMYCLNPPVAEPPEGSWSCHLCWELLKEKAS
;
A
#
loop_
_chem_comp.id
_chem_comp.type
_chem_comp.name
_chem_comp.formula
ZN non-polymer 'ZINC ION' 'Zn 2'
#
# COMPACT_ATOMS: atom_id res chain seq x y z
C1A SAC A 1 6.12 -4.61 0.84
C2A SAC A 1 5.92 -6.07 1.26
OAC SAC A 1 6.38 -4.35 -0.32
N SAC A 1 5.94 -3.65 1.75
CA SAC A 1 5.84 -2.24 1.36
C SAC A 1 7.17 -1.76 0.78
O SAC A 1 8.22 -2.38 1.01
CB SAC A 1 5.44 -1.37 2.56
OG SAC A 1 5.67 0.00 2.29
H1 SAC A 1 5.73 -3.91 2.68
H2A1 SAC A 1 5.90 -6.69 0.37
H2A2 SAC A 1 4.98 -6.17 1.80
H2A3 SAC A 1 6.73 -6.38 1.89
HA SAC A 1 5.08 -2.17 0.60
HB2 SAC A 1 4.39 -1.51 2.76
HB3 SAC A 1 6.01 -1.67 3.42
HG SAC A 1 5.09 0.53 2.84
N GLY A 2 7.13 -0.66 0.04
CA GLY A 2 8.33 -0.13 -0.57
C GLY A 2 8.93 -1.12 -1.55
N ARG A 3 8.11 -2.07 -1.99
CA ARG A 3 8.53 -3.12 -2.92
C ARG A 3 9.56 -4.04 -2.27
N GLY A 4 9.53 -5.32 -2.62
CA GLY A 4 10.46 -6.27 -2.07
C GLY A 4 11.76 -6.34 -2.85
N LYS A 5 12.43 -7.48 -2.79
CA LYS A 5 13.70 -7.67 -3.49
C LYS A 5 13.52 -7.51 -5.00
N GLY A 6 14.60 -7.11 -5.67
CA GLY A 6 14.56 -6.93 -7.11
C GLY A 6 15.57 -5.93 -7.60
N GLY A 7 16.44 -5.49 -6.69
CA GLY A 7 17.46 -4.52 -7.04
C GLY A 7 18.02 -3.80 -5.82
N LYS A 8 18.46 -2.56 -6.02
CA LYS A 8 19.02 -1.77 -4.93
C LYS A 8 18.10 -0.62 -4.57
N GLY A 9 17.30 -0.17 -5.53
CA GLY A 9 16.38 0.92 -5.30
C GLY A 9 16.65 2.11 -6.20
N LEU A 10 15.96 3.21 -5.93
CA LEU A 10 16.12 4.43 -6.73
C LEU A 10 16.33 5.64 -5.83
N GLY A 11 16.11 5.46 -4.53
CA GLY A 11 16.28 6.54 -3.58
C GLY A 11 17.45 6.32 -2.64
N LYS A 12 17.92 7.39 -2.03
CA LYS A 12 19.05 7.30 -1.10
C LYS A 12 18.77 8.09 0.17
N GLY A 13 17.50 8.10 0.59
CA GLY A 13 17.12 8.83 1.79
C GLY A 13 16.22 8.01 2.69
N GLY A 14 15.07 8.58 3.04
CA GLY A 14 14.12 7.89 3.90
C GLY A 14 12.72 8.46 3.80
N ALA A 15 12.56 9.46 2.94
CA ALA A 15 11.25 10.08 2.75
C ALA A 15 10.38 9.27 1.80
N LYS A 16 9.07 9.23 2.09
CA LYS A 16 8.12 8.49 1.27
C LYS A 16 8.43 6.98 1.29
N ARG A 17 7.45 6.18 0.88
CA ARG A 17 7.62 4.74 0.85
C ARG A 17 6.42 4.07 0.15
N HIS A 18 6.55 2.78 -0.14
CA HIS A 18 5.49 2.03 -0.80
C HIS A 18 5.16 2.62 -2.16
N ARG A 19 5.51 1.87 -3.20
CA ARG A 19 5.29 2.28 -4.58
C ARG A 19 5.46 1.09 -5.52
N LYS A 20 6.70 0.57 -5.56
CA LYS A 20 7.09 -0.57 -6.41
C LYS A 20 8.51 -0.37 -6.93
N GLY B 1 1.39 -20.53 4.08
CA GLY B 1 1.62 -19.72 5.31
C GLY B 1 2.51 -18.51 5.06
N SER B 2 1.96 -17.33 5.21
CA SER B 2 2.72 -16.09 5.00
C SER B 2 3.00 -15.37 6.30
N TYR B 3 3.53 -14.17 6.16
CA TYR B 3 3.87 -13.32 7.29
C TYR B 3 4.44 -12.00 6.80
N CYS B 4 4.48 -11.03 7.71
CA CYS B 4 4.99 -9.70 7.43
C CYS B 4 6.40 -9.73 6.87
N ASP B 5 6.57 -9.19 5.67
CA ASP B 5 7.89 -9.13 5.05
C ASP B 5 8.88 -8.34 5.91
N PHE B 6 8.39 -7.79 7.02
CA PHE B 6 9.22 -6.99 7.92
C PHE B 6 9.57 -7.73 9.21
N CYS B 7 8.72 -8.68 9.63
CA CYS B 7 8.97 -9.47 10.84
C CYS B 7 8.92 -10.93 10.52
N LEU B 8 8.04 -11.26 9.60
CA LEU B 8 7.83 -12.61 9.18
C LEU B 8 7.24 -13.44 10.31
N GLY B 9 6.48 -12.76 11.18
CA GLY B 9 5.85 -13.42 12.30
C GLY B 9 4.48 -13.94 11.95
N GLY B 10 3.45 -13.19 12.32
CA GLY B 10 2.10 -13.63 11.99
C GLY B 10 0.94 -12.77 12.53
N SER B 11 0.76 -11.59 11.93
CA SER B 11 -0.35 -10.68 12.27
C SER B 11 -0.54 -10.50 13.77
N ASN B 12 -1.19 -11.47 14.43
CA ASN B 12 -1.40 -11.41 15.87
C ASN B 12 -0.06 -11.31 16.60
N MET B 13 1.00 -11.24 15.82
CA MET B 13 2.34 -11.09 16.37
C MET B 13 3.20 -10.24 15.43
N ASN B 14 3.87 -9.25 16.01
CA ASN B 14 4.71 -8.34 15.24
C ASN B 14 6.15 -8.78 15.37
N LYS B 15 6.30 -10.09 15.56
CA LYS B 15 7.56 -10.77 15.76
C LYS B 15 8.72 -9.86 16.14
N LYS B 16 9.11 -8.95 15.26
CA LYS B 16 10.19 -8.02 15.55
C LYS B 16 9.89 -7.25 16.84
N SER B 17 8.64 -7.34 17.29
CA SER B 17 8.18 -6.70 18.51
C SER B 17 7.34 -7.68 19.33
N GLY B 18 7.10 -8.85 18.75
CA GLY B 18 6.31 -9.86 19.42
C GLY B 18 4.95 -9.37 19.84
N ARG B 19 4.52 -8.26 19.28
CA ARG B 19 3.22 -7.70 19.59
C ARG B 19 2.18 -7.96 18.52
N PRO B 20 0.94 -7.99 18.94
CA PRO B 20 -0.18 -8.27 18.05
C PRO B 20 -0.52 -7.15 17.09
N GLU B 21 -1.04 -7.55 15.93
CA GLU B 21 -1.43 -6.61 14.88
C GLU B 21 -2.27 -7.36 13.84
N GLU B 22 -1.91 -7.23 12.57
CA GLU B 22 -2.63 -7.91 11.50
C GLU B 22 -2.02 -7.63 10.15
N LEU B 23 -1.21 -8.56 9.72
CA LEU B 23 -0.53 -8.51 8.43
C LEU B 23 -1.44 -8.14 7.26
N VAL B 24 -0.83 -8.21 6.10
CA VAL B 24 -1.51 -7.95 4.83
C VAL B 24 -0.76 -8.66 3.73
N SER B 25 -1.33 -9.70 3.18
CA SER B 25 -0.66 -10.46 2.15
C SER B 25 -1.07 -9.95 0.76
N CYS B 26 -0.24 -10.21 -0.25
CA CYS B 26 -0.54 -9.77 -1.61
C CYS B 26 -1.46 -10.80 -2.25
N ALA B 27 -2.56 -10.37 -2.86
CA ALA B 27 -3.48 -11.31 -3.48
C ALA B 27 -2.91 -11.88 -4.77
N ASP B 28 -1.60 -11.73 -4.92
CA ASP B 28 -0.88 -12.23 -6.08
C ASP B 28 0.33 -13.04 -5.63
N CYS B 29 1.04 -12.51 -4.64
CA CYS B 29 2.23 -13.15 -4.10
C CYS B 29 1.93 -13.88 -2.81
N GLY B 30 1.26 -13.17 -1.90
CA GLY B 30 0.94 -13.72 -0.61
C GLY B 30 1.79 -13.08 0.47
N ARG B 31 2.67 -12.19 0.03
CA ARG B 31 3.58 -11.47 0.92
C ARG B 31 2.79 -10.64 1.91
N SER B 32 2.78 -11.08 3.15
CA SER B 32 2.02 -10.38 4.17
C SER B 32 2.87 -9.30 4.82
N GLY B 33 2.22 -8.36 5.49
CA GLY B 33 2.95 -7.27 6.16
C GLY B 33 2.13 -6.58 7.24
N HIS B 34 2.77 -6.21 8.34
CA HIS B 34 2.03 -5.51 9.39
C HIS B 34 1.88 -4.05 8.99
N PRO B 35 0.64 -3.51 9.00
CA PRO B 35 0.40 -2.11 8.60
C PRO B 35 1.23 -1.14 9.44
N THR B 36 1.80 -1.64 10.53
CA THR B 36 2.66 -0.84 11.38
C THR B 36 4.05 -0.80 10.77
N CYS B 37 4.43 -1.94 10.20
CA CYS B 37 5.71 -2.08 9.53
C CYS B 37 5.61 -1.57 8.11
N LEU B 38 4.36 -1.33 7.70
CA LEU B 38 4.04 -0.83 6.36
C LEU B 38 3.83 0.66 6.39
N GLN B 39 3.66 1.18 7.61
CA GLN B 39 3.42 2.61 7.82
C GLN B 39 2.03 2.99 7.32
N PHE B 40 1.15 1.99 7.20
CA PHE B 40 -0.20 2.21 6.73
C PHE B 40 -1.02 3.07 7.69
N THR B 41 -2.16 3.49 7.19
CA THR B 41 -3.11 4.24 7.97
C THR B 41 -4.23 3.28 8.35
N LEU B 42 -5.05 3.61 9.32
CA LEU B 42 -6.11 2.68 9.71
C LEU B 42 -6.92 2.25 8.51
N ASN B 43 -7.65 3.17 7.93
CA ASN B 43 -8.47 2.85 6.76
C ASN B 43 -7.73 1.90 5.82
N MET B 44 -6.48 2.21 5.48
CA MET B 44 -5.68 1.32 4.65
C MET B 44 -5.67 -0.03 5.30
N THR B 45 -5.04 -0.06 6.46
CA THR B 45 -4.93 -1.24 7.27
C THR B 45 -6.19 -2.09 7.17
N GLU B 46 -7.31 -1.51 7.57
CA GLU B 46 -8.60 -2.18 7.55
C GLU B 46 -9.03 -2.62 6.15
N ALA B 47 -8.69 -1.82 5.15
CA ALA B 47 -9.08 -2.11 3.76
C ALA B 47 -8.21 -3.16 3.10
N VAL B 48 -6.94 -3.18 3.47
CA VAL B 48 -5.97 -4.08 2.88
C VAL B 48 -6.02 -5.49 3.48
N LYS B 49 -6.55 -5.62 4.69
CA LYS B 49 -6.65 -6.93 5.33
C LYS B 49 -7.83 -7.72 4.78
N THR B 50 -8.79 -7.00 4.22
CA THR B 50 -10.00 -7.63 3.69
C THR B 50 -9.90 -7.93 2.19
N TYR B 51 -9.55 -6.92 1.40
CA TYR B 51 -9.46 -7.09 -0.03
C TYR B 51 -8.03 -7.39 -0.49
N LYS B 52 -7.84 -7.35 -1.80
CA LYS B 52 -6.55 -7.65 -2.42
C LYS B 52 -5.51 -6.58 -2.19
N TRP B 53 -4.70 -6.72 -1.14
CA TRP B 53 -3.64 -5.76 -0.94
C TRP B 53 -2.47 -6.19 -1.81
N GLN B 54 -2.63 -6.02 -3.12
CA GLN B 54 -1.58 -6.39 -4.06
C GLN B 54 -0.30 -5.71 -3.64
N CYS B 55 0.70 -6.50 -3.22
CA CYS B 55 1.96 -5.93 -2.80
C CYS B 55 2.33 -4.80 -3.73
N ILE B 56 2.89 -3.76 -3.13
CA ILE B 56 3.26 -2.54 -3.83
C ILE B 56 3.85 -2.76 -5.21
N GLU B 57 4.45 -3.89 -5.40
CA GLU B 57 5.01 -4.23 -6.68
C GLU B 57 3.89 -4.54 -7.68
N CYS B 58 3.00 -5.45 -7.28
CA CYS B 58 1.83 -5.81 -8.09
C CYS B 58 0.80 -4.70 -8.04
N LYS B 59 1.02 -3.80 -7.09
CA LYS B 59 0.16 -2.66 -6.81
C LYS B 59 -0.45 -2.05 -8.07
N SER B 60 0.40 -1.63 -8.99
CA SER B 60 -0.06 -1.02 -10.24
C SER B 60 -1.20 -0.05 -10.01
N CYS B 61 -1.81 0.37 -11.10
CA CYS B 61 -2.92 1.28 -11.02
C CYS B 61 -4.17 0.51 -10.63
N ILE B 62 -5.27 1.23 -10.59
CA ILE B 62 -6.59 0.68 -10.33
C ILE B 62 -7.42 1.30 -11.42
N LEU B 63 -6.85 2.40 -11.91
CA LEU B 63 -7.41 3.13 -13.01
C LEU B 63 -6.95 2.44 -14.29
N CYS B 64 -5.90 1.60 -14.12
CA CYS B 64 -5.35 0.81 -15.19
C CYS B 64 -4.97 -0.60 -14.70
N GLY B 65 -4.46 -0.69 -13.46
CA GLY B 65 -4.04 -1.99 -12.94
C GLY B 65 -3.06 -2.65 -13.88
N THR B 66 -2.21 -1.83 -14.47
CA THR B 66 -1.21 -2.29 -15.42
C THR B 66 0.19 -1.91 -15.02
N SER B 67 0.29 -0.88 -14.17
CA SER B 67 1.56 -0.34 -13.70
C SER B 67 2.08 0.65 -14.74
N GLU B 68 1.62 0.47 -15.97
CA GLU B 68 1.97 1.31 -17.10
C GLU B 68 3.19 2.20 -16.85
N ASN B 69 2.95 3.40 -16.35
CA ASN B 69 4.01 4.36 -16.09
C ASN B 69 4.61 4.14 -14.71
N ASP B 70 3.74 3.76 -13.77
CA ASP B 70 4.12 3.55 -12.37
C ASP B 70 5.00 4.68 -11.84
N ASP B 71 5.16 5.73 -12.63
CA ASP B 71 5.93 6.88 -12.22
C ASP B 71 4.96 7.96 -11.80
N GLN B 72 3.68 7.62 -11.95
CA GLN B 72 2.62 8.53 -11.59
C GLN B 72 1.66 7.81 -10.66
N LEU B 73 1.59 6.49 -10.79
CA LEU B 73 0.71 5.71 -9.93
C LEU B 73 0.64 6.33 -8.56
N LEU B 74 -0.55 6.62 -8.13
CA LEU B 74 -0.74 7.17 -6.80
C LEU B 74 -1.26 6.13 -5.88
N PHE B 75 -0.42 5.79 -4.94
CA PHE B 75 -0.70 4.72 -4.01
C PHE B 75 -1.53 5.18 -2.85
N CYS B 76 -2.82 4.99 -2.96
CA CYS B 76 -3.71 5.34 -1.89
C CYS B 76 -3.41 4.46 -0.72
N ASP B 77 -2.58 4.90 0.22
CA ASP B 77 -2.32 4.05 1.35
C ASP B 77 -3.47 4.13 2.32
N ASP B 78 -4.68 4.11 1.76
CA ASP B 78 -5.90 4.11 2.55
C ASP B 78 -6.71 2.87 2.18
N CYS B 79 -6.09 2.02 1.37
CA CYS B 79 -6.66 0.75 0.92
C CYS B 79 -5.70 0.06 -0.04
N ASP B 80 -4.92 0.87 -0.76
CA ASP B 80 -3.91 0.39 -1.70
C ASP B 80 -4.43 0.36 -3.15
N ARG B 81 -4.95 1.49 -3.60
CA ARG B 81 -5.44 1.65 -4.98
C ARG B 81 -4.57 2.68 -5.72
N GLY B 82 -3.51 2.23 -6.41
CA GLY B 82 -2.64 3.15 -7.12
C GLY B 82 -3.27 3.76 -8.36
N TYR B 83 -3.08 5.06 -8.57
CA TYR B 83 -3.66 5.74 -9.74
C TYR B 83 -2.61 6.55 -10.41
N HIS B 84 -2.18 6.20 -11.61
CA HIS B 84 -1.22 7.04 -12.24
C HIS B 84 -1.75 8.43 -12.02
N MET B 85 -0.98 9.27 -11.38
CA MET B 85 -1.41 10.61 -11.01
C MET B 85 -2.11 11.34 -12.16
N TYR B 86 -2.14 10.73 -13.32
CA TYR B 86 -2.85 11.33 -14.44
C TYR B 86 -4.01 10.43 -14.83
N CYS B 87 -4.51 9.71 -13.81
CA CYS B 87 -5.64 8.81 -13.95
C CYS B 87 -6.76 9.30 -13.04
N LEU B 88 -6.34 9.91 -11.93
CA LEU B 88 -7.27 10.47 -10.96
C LEU B 88 -8.26 11.43 -11.63
N ASN B 89 -9.16 11.97 -10.83
CA ASN B 89 -10.12 12.94 -11.32
C ASN B 89 -9.46 14.28 -11.27
N PRO B 90 -8.75 14.56 -10.17
CA PRO B 90 -7.93 15.73 -10.03
C PRO B 90 -6.47 15.28 -10.19
N PRO B 91 -6.12 14.73 -11.38
CA PRO B 91 -4.80 14.16 -11.63
C PRO B 91 -3.65 15.07 -11.22
N VAL B 92 -2.66 14.50 -10.51
CA VAL B 92 -1.53 15.27 -10.07
C VAL B 92 -0.35 14.96 -10.98
N ALA B 93 0.73 15.68 -10.79
CA ALA B 93 1.92 15.49 -11.60
C ALA B 93 3.08 15.00 -10.78
N GLU B 94 2.95 15.19 -9.48
CA GLU B 94 3.99 14.86 -8.53
C GLU B 94 3.43 14.91 -7.11
N PRO B 95 2.70 16.01 -6.78
CA PRO B 95 2.06 16.24 -5.51
C PRO B 95 2.15 15.11 -4.45
N PRO B 96 1.14 14.21 -4.28
CA PRO B 96 1.18 13.18 -3.25
C PRO B 96 1.61 11.81 -3.74
N GLU B 97 2.63 11.79 -4.58
CA GLU B 97 3.13 10.56 -5.21
C GLU B 97 3.00 9.30 -4.35
N GLY B 98 3.26 9.42 -3.06
CA GLY B 98 3.18 8.24 -2.20
C GLY B 98 1.88 8.07 -1.45
N SER B 99 1.66 8.94 -0.48
CA SER B 99 0.46 8.90 0.35
C SER B 99 -0.79 9.12 -0.50
N TRP B 100 -1.63 10.10 -0.14
CA TRP B 100 -2.81 10.42 -0.92
C TRP B 100 -3.82 9.30 -0.92
N SER B 101 -5.09 9.65 -0.80
CA SER B 101 -6.15 8.66 -0.82
C SER B 101 -6.70 8.53 -2.22
N CYS B 102 -7.47 7.48 -2.46
CA CYS B 102 -8.02 7.25 -3.79
C CYS B 102 -9.45 7.73 -3.90
N HIS B 103 -10.11 7.39 -5.01
CA HIS B 103 -11.49 7.81 -5.21
C HIS B 103 -12.48 6.90 -4.50
N LEU B 104 -12.25 5.58 -4.54
CA LEU B 104 -13.15 4.67 -3.87
C LEU B 104 -13.23 4.99 -2.39
N CYS B 105 -12.13 5.44 -1.85
CA CYS B 105 -12.04 5.80 -0.45
C CYS B 105 -12.71 7.10 -0.17
N TRP B 106 -12.69 7.94 -1.16
CA TRP B 106 -13.26 9.24 -1.05
C TRP B 106 -14.73 9.24 -1.14
N GLU B 107 -15.25 8.63 -2.16
CA GLU B 107 -16.65 8.57 -2.31
C GLU B 107 -17.19 7.88 -1.08
N LEU B 108 -16.33 7.04 -0.51
CA LEU B 108 -16.62 6.31 0.69
C LEU B 108 -16.34 7.18 1.91
N LEU B 109 -15.52 8.20 1.68
CA LEU B 109 -15.13 9.17 2.68
C LEU B 109 -16.29 10.06 2.98
N LYS B 110 -16.76 10.68 1.91
CA LYS B 110 -17.88 11.56 1.97
C LYS B 110 -19.08 10.77 2.45
N GLU B 111 -19.12 9.50 2.07
CA GLU B 111 -20.18 8.62 2.51
C GLU B 111 -20.09 8.40 4.00
N LYS B 112 -18.86 8.37 4.54
CA LYS B 112 -18.67 8.18 5.97
C LYS B 112 -19.31 9.30 6.78
N ALA B 113 -19.35 10.50 6.20
CA ALA B 113 -19.94 11.65 6.88
C ALA B 113 -21.41 11.44 7.16
N SER B 114 -22.04 12.49 7.68
CA SER B 114 -23.46 12.46 8.03
C SER B 114 -23.78 11.30 8.97
ZN ZN C . 5.93 -6.68 10.92
ZN ZN D . 2.58 -9.14 -5.30
ZN ZN E . -8.24 3.97 -1.30
ZN ZN F . -3.46 4.48 -14.46
C1A SAC A 1 5.88 -4.36 1.31
C2A SAC A 1 5.47 -5.65 2.02
OAC SAC A 1 6.17 -4.40 0.12
N SAC A 1 5.87 -3.22 2.00
CA SAC A 1 5.92 -1.92 1.33
C SAC A 1 7.27 -1.72 0.65
O SAC A 1 8.28 -2.26 1.09
CB SAC A 1 5.66 -0.80 2.33
OG SAC A 1 6.69 -0.73 3.31
H1 SAC A 1 5.64 -3.25 2.95
H2A1 SAC A 1 5.87 -5.67 3.02
H2A2 SAC A 1 5.85 -6.50 1.48
H2A3 SAC A 1 4.40 -5.71 2.07
HA SAC A 1 5.15 -1.91 0.57
HB2 SAC A 1 5.62 0.15 1.81
HB3 SAC A 1 4.72 -0.98 2.82
HG SAC A 1 7.34 -1.41 3.12
N GLY A 2 7.27 -0.92 -0.40
CA GLY A 2 8.50 -0.67 -1.14
C GLY A 2 8.95 -1.89 -1.89
N ARG A 3 8.93 -1.80 -3.22
CA ARG A 3 9.33 -2.92 -4.05
C ARG A 3 10.69 -3.47 -3.64
N GLY A 4 10.94 -4.74 -3.92
CA GLY A 4 12.22 -5.34 -3.58
C GLY A 4 12.10 -6.83 -3.31
N LYS A 5 12.77 -7.63 -4.13
CA LYS A 5 12.75 -9.08 -3.99
C LYS A 5 13.81 -9.73 -4.87
N GLY A 6 15.08 -9.59 -4.47
CA GLY A 6 16.16 -10.16 -5.24
C GLY A 6 17.17 -10.87 -4.36
N GLY A 7 18.45 -10.63 -4.62
CA GLY A 7 19.51 -11.25 -3.84
C GLY A 7 20.68 -10.33 -3.59
N LYS A 8 20.72 -9.75 -2.39
CA LYS A 8 21.80 -8.84 -2.00
C LYS A 8 21.78 -7.56 -2.84
N GLY A 9 22.21 -6.46 -2.23
CA GLY A 9 22.24 -5.19 -2.93
C GLY A 9 21.18 -4.22 -2.43
N LEU A 10 20.20 -3.93 -3.29
CA LEU A 10 19.13 -3.01 -2.93
C LEU A 10 19.69 -1.64 -2.52
N GLY A 11 18.86 -0.84 -1.87
CA GLY A 11 19.30 0.48 -1.44
C GLY A 11 19.54 0.57 0.05
N LYS A 12 18.52 0.20 0.83
CA LYS A 12 18.60 0.24 2.28
C LYS A 12 18.75 1.66 2.80
N GLY A 13 17.91 2.03 3.76
CA GLY A 13 17.95 3.37 4.32
C GLY A 13 16.58 3.99 4.45
N GLY A 14 15.94 3.79 5.59
CA GLY A 14 14.62 4.34 5.82
C GLY A 14 13.53 3.48 5.22
N ALA A 15 13.92 2.49 4.42
CA ALA A 15 12.98 1.59 3.78
C ALA A 15 12.08 2.32 2.79
N LYS A 16 12.00 1.81 1.56
CA LYS A 16 11.18 2.41 0.53
C LYS A 16 9.72 2.48 0.97
N ARG A 17 9.19 3.68 1.09
CA ARG A 17 7.82 3.89 1.51
C ARG A 17 6.85 3.53 0.39
N HIS A 18 6.56 2.23 0.25
CA HIS A 18 5.65 1.75 -0.79
C HIS A 18 6.12 2.18 -2.16
N ARG A 19 5.17 2.16 -3.09
CA ARG A 19 5.40 2.54 -4.48
C ARG A 19 6.04 1.44 -5.30
N LYS A 20 7.27 1.64 -5.77
CA LYS A 20 7.91 0.64 -6.61
C LYS A 20 9.18 1.20 -7.24
N GLY B 1 1.65 -19.93 6.45
CA GLY B 1 0.66 -18.95 5.93
C GLY B 1 1.23 -17.55 5.82
N SER B 2 2.40 -17.44 5.19
CA SER B 2 3.06 -16.16 5.00
C SER B 2 3.33 -15.46 6.32
N TYR B 3 3.77 -14.22 6.21
CA TYR B 3 4.10 -13.39 7.35
C TYR B 3 4.53 -12.02 6.88
N CYS B 4 4.53 -11.08 7.81
CA CYS B 4 4.93 -9.71 7.51
C CYS B 4 6.33 -9.66 6.91
N ASP B 5 6.41 -9.23 5.67
CA ASP B 5 7.69 -9.09 4.98
C ASP B 5 8.72 -8.33 5.83
N PHE B 6 8.29 -7.78 6.96
CA PHE B 6 9.17 -7.01 7.84
C PHE B 6 9.58 -7.76 9.11
N CYS B 7 8.66 -8.54 9.70
CA CYS B 7 8.96 -9.31 10.91
C CYS B 7 9.00 -10.77 10.57
N LEU B 8 8.16 -11.12 9.63
CA LEU B 8 8.04 -12.47 9.17
C LEU B 8 7.52 -13.37 10.27
N GLY B 9 6.63 -12.80 11.07
CA GLY B 9 6.03 -13.50 12.18
C GLY B 9 4.63 -13.97 11.85
N GLY B 10 3.64 -13.15 12.23
CA GLY B 10 2.25 -13.47 11.96
C GLY B 10 1.31 -12.38 12.43
N SER B 11 0.07 -12.41 11.93
CA SER B 11 -0.92 -11.41 12.30
C SER B 11 -1.40 -11.68 13.72
N ASN B 12 -1.82 -10.62 14.38
CA ASN B 12 -2.27 -10.72 15.76
C ASN B 12 -1.15 -11.26 16.62
N MET B 13 0.07 -11.13 16.10
CA MET B 13 1.25 -11.61 16.80
C MET B 13 2.54 -11.13 16.15
N ASN B 14 2.68 -9.83 16.00
CA ASN B 14 3.88 -9.24 15.42
C ASN B 14 5.10 -9.94 15.98
N LYS B 15 6.15 -10.04 15.19
CA LYS B 15 7.34 -10.72 15.64
C LYS B 15 8.42 -9.77 16.11
N LYS B 16 8.65 -8.72 15.35
CA LYS B 16 9.64 -7.73 15.73
C LYS B 16 9.23 -7.03 17.02
N SER B 17 8.02 -7.34 17.49
CA SER B 17 7.51 -6.76 18.72
C SER B 17 6.85 -7.80 19.60
N GLY B 18 6.39 -8.89 19.01
CA GLY B 18 5.68 -9.88 19.79
C GLY B 18 4.32 -9.36 20.20
N ARG B 19 3.88 -8.31 19.51
CA ARG B 19 2.60 -7.67 19.79
C ARG B 19 1.56 -8.05 18.76
N PRO B 20 0.30 -8.06 19.15
CA PRO B 20 -0.81 -8.40 18.25
C PRO B 20 -1.06 -7.33 17.20
N GLU B 21 -0.93 -7.72 15.95
CA GLU B 21 -1.16 -6.82 14.83
C GLU B 21 -2.14 -7.44 13.85
N GLU B 22 -1.86 -7.33 12.56
CA GLU B 22 -2.72 -7.91 11.53
C GLU B 22 -2.09 -7.75 10.16
N LEU B 23 -1.40 -8.79 9.76
CA LEU B 23 -0.73 -8.86 8.48
C LEU B 23 -1.61 -8.44 7.31
N VAL B 24 -0.96 -8.33 6.17
CA VAL B 24 -1.63 -7.99 4.91
C VAL B 24 -0.87 -8.68 3.80
N SER B 25 -1.48 -9.70 3.22
CA SER B 25 -0.81 -10.44 2.17
C SER B 25 -1.21 -9.95 0.79
N CYS B 26 -0.41 -10.32 -0.21
CA CYS B 26 -0.67 -9.91 -1.57
C CYS B 26 -1.47 -11.01 -2.26
N ALA B 27 -2.57 -10.64 -2.93
CA ALA B 27 -3.40 -11.64 -3.60
C ALA B 27 -2.72 -12.13 -4.86
N ASP B 28 -1.51 -11.64 -5.09
CA ASP B 28 -0.73 -12.03 -6.25
C ASP B 28 0.42 -12.91 -5.80
N CYS B 29 1.06 -12.49 -4.73
CA CYS B 29 2.18 -13.20 -4.15
C CYS B 29 1.74 -13.99 -2.93
N GLY B 30 1.19 -13.27 -1.98
CA GLY B 30 0.72 -13.86 -0.74
C GLY B 30 1.54 -13.38 0.43
N ARG B 31 2.50 -12.51 0.13
CA ARG B 31 3.40 -11.95 1.12
C ARG B 31 2.67 -10.95 2.00
N SER B 32 2.63 -11.25 3.29
CA SER B 32 1.93 -10.39 4.22
C SER B 32 2.83 -9.31 4.77
N GLY B 33 2.21 -8.38 5.47
CA GLY B 33 2.95 -7.30 6.10
C GLY B 33 2.16 -6.64 7.21
N HIS B 34 2.81 -6.09 8.21
CA HIS B 34 2.05 -5.40 9.24
C HIS B 34 1.95 -3.93 8.89
N PRO B 35 0.73 -3.44 8.64
CA PRO B 35 0.47 -2.04 8.31
C PRO B 35 1.40 -1.08 9.04
N THR B 36 1.84 -1.46 10.24
CA THR B 36 2.76 -0.63 11.01
C THR B 36 4.14 -0.69 10.37
N CYS B 37 4.57 -1.90 10.06
CA CYS B 37 5.86 -2.15 9.43
C CYS B 37 5.81 -1.75 7.96
N LEU B 38 4.59 -1.52 7.46
CA LEU B 38 4.38 -1.14 6.08
C LEU B 38 4.29 0.37 5.96
N GLN B 39 4.12 1.01 7.11
CA GLN B 39 3.99 2.46 7.21
C GLN B 39 2.63 2.91 6.71
N PHE B 40 1.69 1.97 6.62
CA PHE B 40 0.34 2.26 6.16
C PHE B 40 -0.35 3.26 7.05
N THR B 41 -1.55 3.62 6.65
CA THR B 41 -2.40 4.51 7.41
C THR B 41 -3.52 3.67 7.98
N LEU B 42 -3.93 3.95 9.22
CA LEU B 42 -4.99 3.17 9.85
C LEU B 42 -6.03 2.72 8.85
N ASN B 43 -6.53 3.66 8.05
CA ASN B 43 -7.53 3.31 7.07
C ASN B 43 -7.06 2.21 6.14
N MET B 44 -5.89 2.39 5.49
CA MET B 44 -5.41 1.32 4.61
C MET B 44 -5.41 0.04 5.38
N THR B 45 -4.71 0.06 6.50
CA THR B 45 -4.63 -1.09 7.36
C THR B 45 -5.96 -1.84 7.32
N GLU B 46 -7.00 -1.15 7.74
CA GLU B 46 -8.35 -1.69 7.78
C GLU B 46 -8.84 -2.17 6.41
N ALA B 47 -8.49 -1.45 5.36
CA ALA B 47 -8.93 -1.80 4.00
C ALA B 47 -8.18 -3.00 3.42
N VAL B 48 -6.88 -2.88 3.36
CA VAL B 48 -6.00 -3.92 2.82
C VAL B 48 -6.18 -5.29 3.49
N LYS B 49 -6.46 -5.31 4.78
CA LYS B 49 -6.63 -6.59 5.49
C LYS B 49 -7.84 -7.36 4.97
N THR B 50 -8.88 -6.63 4.61
CA THR B 50 -10.11 -7.23 4.13
C THR B 50 -10.02 -7.65 2.67
N TYR B 51 -9.35 -6.84 1.86
CA TYR B 51 -9.23 -7.14 0.45
C TYR B 51 -7.79 -7.48 0.03
N LYS B 52 -7.57 -7.48 -1.28
CA LYS B 52 -6.30 -7.83 -1.89
C LYS B 52 -5.09 -7.11 -1.31
N TRP B 53 -5.07 -5.79 -1.54
CA TRP B 53 -3.96 -4.92 -1.15
C TRP B 53 -2.86 -5.05 -2.19
N GLN B 54 -2.63 -6.29 -2.65
CA GLN B 54 -1.62 -6.58 -3.67
C GLN B 54 -0.34 -5.84 -3.37
N CYS B 55 0.67 -6.55 -2.88
CA CYS B 55 1.94 -5.94 -2.56
C CYS B 55 2.31 -4.93 -3.63
N ILE B 56 3.09 -3.94 -3.24
CA ILE B 56 3.50 -2.88 -4.14
C ILE B 56 3.82 -3.43 -5.50
N GLU B 57 4.88 -4.14 -5.63
CA GLU B 57 5.31 -4.62 -6.94
C GLU B 57 4.14 -5.05 -7.84
N CYS B 58 3.03 -5.44 -7.23
CA CYS B 58 1.81 -5.86 -7.95
C CYS B 58 0.71 -4.78 -7.99
N LYS B 59 0.85 -3.78 -7.13
CA LYS B 59 -0.14 -2.71 -6.96
C LYS B 59 -0.69 -2.15 -8.28
N SER B 60 0.19 -1.79 -9.21
CA SER B 60 -0.22 -1.19 -10.48
C SER B 60 -1.33 -0.19 -10.28
N CYS B 61 -1.84 0.29 -11.38
CA CYS B 61 -2.93 1.22 -11.35
C CYS B 61 -4.22 0.47 -11.06
N ILE B 62 -5.29 1.22 -10.98
CA ILE B 62 -6.63 0.69 -10.78
C ILE B 62 -7.47 1.41 -11.81
N LEU B 63 -6.91 2.54 -12.22
CA LEU B 63 -7.52 3.38 -13.22
C LEU B 63 -7.28 2.78 -14.57
N CYS B 64 -6.11 2.17 -14.72
CA CYS B 64 -5.76 1.49 -15.93
C CYS B 64 -5.05 0.15 -15.65
N GLY B 65 -4.74 -0.09 -14.35
CA GLY B 65 -4.16 -1.36 -13.92
C GLY B 65 -3.20 -1.94 -14.91
N THR B 66 -2.20 -1.17 -15.23
CA THR B 66 -1.19 -1.58 -16.19
C THR B 66 0.21 -1.30 -15.70
N SER B 67 0.31 -0.40 -14.71
CA SER B 67 1.58 0.02 -14.16
C SER B 67 2.21 1.02 -15.12
N GLU B 68 1.82 0.88 -16.38
CA GLU B 68 2.26 1.73 -17.48
C GLU B 68 3.47 2.59 -17.16
N ASN B 69 3.19 3.73 -16.55
CA ASN B 69 4.19 4.71 -16.20
C ASN B 69 4.75 4.44 -14.81
N ASP B 70 3.86 4.01 -13.93
CA ASP B 70 4.19 3.70 -12.54
C ASP B 70 5.01 4.80 -11.86
N ASP B 71 5.28 5.88 -12.57
CA ASP B 71 6.01 6.98 -12.01
C ASP B 71 5.01 8.04 -11.60
N GLN B 72 3.74 7.72 -11.87
CA GLN B 72 2.64 8.60 -11.54
C GLN B 72 1.69 7.85 -10.64
N LEU B 73 1.62 6.54 -10.83
CA LEU B 73 0.75 5.72 -10.01
C LEU B 73 0.68 6.28 -8.62
N LEU B 74 -0.51 6.53 -8.15
CA LEU B 74 -0.68 7.02 -6.80
C LEU B 74 -1.21 5.93 -5.92
N PHE B 75 -0.39 5.58 -4.95
CA PHE B 75 -0.71 4.49 -4.07
C PHE B 75 -1.46 4.99 -2.87
N CYS B 76 -2.77 4.91 -2.98
CA CYS B 76 -3.63 5.33 -1.91
C CYS B 76 -3.34 4.50 -0.70
N ASP B 77 -2.56 5.00 0.25
CA ASP B 77 -2.30 4.18 1.42
C ASP B 77 -3.51 4.18 2.34
N ASP B 78 -4.70 4.08 1.74
CA ASP B 78 -5.94 4.00 2.48
C ASP B 78 -6.68 2.73 2.06
N CYS B 79 -5.97 1.91 1.27
CA CYS B 79 -6.45 0.64 0.75
C CYS B 79 -5.44 0.08 -0.24
N ASP B 80 -4.73 1.01 -0.90
CA ASP B 80 -3.65 0.71 -1.84
C ASP B 80 -4.12 0.57 -3.28
N ARG B 81 -4.87 1.56 -3.75
CA ARG B 81 -5.33 1.58 -5.14
C ARG B 81 -4.46 2.58 -5.91
N GLY B 82 -3.45 2.10 -6.64
CA GLY B 82 -2.58 2.98 -7.38
C GLY B 82 -3.23 3.63 -8.58
N TYR B 83 -3.04 4.93 -8.73
CA TYR B 83 -3.62 5.67 -9.87
C TYR B 83 -2.56 6.53 -10.49
N HIS B 84 -2.13 6.25 -11.71
CA HIS B 84 -1.16 7.15 -12.28
C HIS B 84 -1.72 8.51 -12.01
N MET B 85 -0.95 9.33 -11.33
CA MET B 85 -1.40 10.65 -10.94
C MET B 85 -2.10 11.39 -12.05
N TYR B 86 -2.05 10.86 -13.26
CA TYR B 86 -2.75 11.48 -14.36
C TYR B 86 -3.85 10.55 -14.87
N CYS B 87 -4.32 9.71 -13.95
CA CYS B 87 -5.41 8.79 -14.19
C CYS B 87 -6.56 9.22 -13.31
N LEU B 88 -6.20 9.77 -12.13
CA LEU B 88 -7.17 10.27 -11.17
C LEU B 88 -8.18 11.20 -11.81
N ASN B 89 -9.16 11.62 -11.01
CA ASN B 89 -10.15 12.56 -11.46
C ASN B 89 -9.57 13.93 -11.30
N PRO B 90 -8.92 14.17 -10.15
CA PRO B 90 -8.17 15.37 -9.91
C PRO B 90 -6.69 15.00 -10.05
N PRO B 91 -6.28 14.59 -11.27
CA PRO B 91 -4.92 14.09 -11.53
C PRO B 91 -3.82 15.05 -11.06
N VAL B 92 -2.78 14.49 -10.42
CA VAL B 92 -1.67 15.27 -9.97
C VAL B 92 -0.50 15.00 -10.88
N ALA B 93 0.56 15.75 -10.70
CA ALA B 93 1.75 15.59 -11.54
C ALA B 93 2.94 15.13 -10.73
N GLU B 94 2.81 15.31 -9.44
CA GLU B 94 3.88 15.00 -8.49
C GLU B 94 3.32 15.01 -7.07
N PRO B 95 2.57 16.08 -6.73
CA PRO B 95 1.93 16.29 -5.45
C PRO B 95 2.03 15.16 -4.40
N PRO B 96 1.04 14.23 -4.24
CA PRO B 96 1.09 13.21 -3.20
C PRO B 96 1.56 11.84 -3.71
N GLU B 97 2.59 11.84 -4.54
CA GLU B 97 3.12 10.64 -5.17
C GLU B 97 2.99 9.37 -4.33
N GLY B 98 3.22 9.46 -3.02
CA GLY B 98 3.16 8.27 -2.20
C GLY B 98 1.87 8.11 -1.42
N SER B 99 1.65 8.99 -0.44
CA SER B 99 0.45 8.94 0.39
C SER B 99 -0.81 9.11 -0.44
N TRP B 100 -1.64 10.11 -0.12
CA TRP B 100 -2.83 10.40 -0.91
C TRP B 100 -3.83 9.26 -0.86
N SER B 101 -5.11 9.63 -0.78
CA SER B 101 -6.17 8.65 -0.77
C SER B 101 -6.74 8.53 -2.18
N CYS B 102 -7.48 7.48 -2.41
CA CYS B 102 -8.05 7.25 -3.73
C CYS B 102 -9.50 7.74 -3.78
N HIS B 103 -10.19 7.43 -4.87
CA HIS B 103 -11.58 7.85 -5.03
C HIS B 103 -12.55 6.92 -4.32
N LEU B 104 -12.23 5.63 -4.28
CA LEU B 104 -13.11 4.67 -3.64
C LEU B 104 -13.16 4.91 -2.15
N CYS B 105 -12.04 5.36 -1.62
CA CYS B 105 -11.91 5.66 -0.21
C CYS B 105 -12.59 6.94 0.11
N TRP B 106 -12.65 7.78 -0.89
CA TRP B 106 -13.24 9.08 -0.75
C TRP B 106 -14.72 9.05 -0.80
N GLU B 107 -15.25 8.37 -1.78
CA GLU B 107 -16.66 8.30 -1.87
C GLU B 107 -17.14 7.60 -0.62
N LEU B 108 -16.22 6.78 -0.09
CA LEU B 108 -16.43 6.03 1.12
C LEU B 108 -16.07 6.89 2.32
N LEU B 109 -15.33 7.95 2.02
CA LEU B 109 -14.88 8.91 3.02
C LEU B 109 -16.04 9.76 3.43
N LYS B 110 -16.57 10.40 2.42
CA LYS B 110 -17.73 11.25 2.58
C LYS B 110 -18.86 10.39 3.10
N GLU B 111 -18.84 9.13 2.70
CA GLU B 111 -19.82 8.18 3.14
C GLU B 111 -19.71 7.95 4.65
N LYS B 112 -18.48 8.03 5.19
CA LYS B 112 -18.28 7.83 6.61
C LYS B 112 -19.18 8.77 7.43
N ALA B 113 -19.54 9.89 6.82
CA ALA B 113 -20.39 10.89 7.48
C ALA B 113 -21.70 10.29 7.96
N SER B 114 -22.54 11.16 8.51
CA SER B 114 -23.83 10.76 9.04
C SER B 114 -24.77 11.95 9.13
ZN ZN C . 5.81 -6.68 11.01
ZN ZN D . 2.65 -9.15 -5.06
ZN ZN E . -8.14 3.92 -1.31
ZN ZN F . -3.12 4.43 -14.71
C1A SAC A 1 6.02 -3.96 0.63
C2A SAC A 1 6.68 -5.34 0.72
OAC SAC A 1 5.13 -3.78 -0.21
N SAC A 1 6.45 -2.98 1.40
CA SAC A 1 6.08 -1.58 1.15
C SAC A 1 7.21 -0.82 0.47
O SAC A 1 6.99 0.26 -0.10
CB SAC A 1 5.71 -0.89 2.46
OG SAC A 1 6.81 -0.87 3.36
H1 SAC A 1 7.17 -3.17 2.05
H2A1 SAC A 1 6.36 -5.94 -0.12
H2A2 SAC A 1 6.38 -5.81 1.64
H2A3 SAC A 1 7.75 -5.21 0.69
HA SAC A 1 5.22 -1.57 0.49
HB2 SAC A 1 5.41 0.14 2.26
HB3 SAC A 1 4.88 -1.41 2.93
HG SAC A 1 6.48 -0.92 4.26
N GLY A 2 8.41 -1.38 0.52
CA GLY A 2 9.55 -0.75 -0.11
C GLY A 2 10.13 -1.62 -1.22
N ARG A 3 9.24 -2.36 -1.88
CA ARG A 3 9.63 -3.26 -2.97
C ARG A 3 10.95 -3.97 -2.67
N GLY A 4 11.12 -4.38 -1.42
CA GLY A 4 12.33 -5.07 -1.01
C GLY A 4 13.08 -4.32 0.09
N LYS A 5 13.86 -5.07 0.86
CA LYS A 5 14.63 -4.47 1.95
C LYS A 5 15.66 -3.49 1.41
N GLY A 6 15.85 -2.39 2.14
CA GLY A 6 16.81 -1.38 1.73
C GLY A 6 16.26 0.03 1.89
N GLY A 7 16.13 0.74 0.78
CA GLY A 7 15.61 2.11 0.82
C GLY A 7 16.54 3.09 0.13
N LYS A 8 16.86 4.17 0.82
CA LYS A 8 17.75 5.20 0.28
C LYS A 8 18.42 5.98 1.40
N GLY A 9 19.66 5.60 1.72
CA GLY A 9 20.39 6.28 2.77
C GLY A 9 21.01 5.31 3.77
N LEU A 10 21.78 5.83 4.71
CA LEU A 10 22.43 5.01 5.71
C LEU A 10 21.51 4.80 6.92
N GLY A 11 20.48 5.66 7.03
CA GLY A 11 19.55 5.54 8.13
C GLY A 11 18.99 6.89 8.55
N LYS A 12 18.82 7.79 7.58
CA LYS A 12 18.28 9.11 7.85
C LYS A 12 16.76 9.14 7.70
N GLY A 13 16.30 8.96 6.46
CA GLY A 13 14.87 8.98 6.20
C GLY A 13 14.40 7.71 5.51
N GLY A 14 14.14 6.67 6.31
CA GLY A 14 13.67 5.41 5.76
C GLY A 14 12.18 5.21 5.94
N ALA A 15 11.41 6.25 5.65
CA ALA A 15 9.96 6.19 5.79
C ALA A 15 9.34 5.33 4.69
N LYS A 16 9.86 5.48 3.47
CA LYS A 16 9.38 4.72 2.31
C LYS A 16 7.87 4.56 2.32
N ARG A 17 7.16 5.51 1.73
CA ARG A 17 5.70 5.47 1.67
C ARG A 17 5.21 4.23 0.95
N HIS A 18 5.21 4.27 -0.38
CA HIS A 18 4.75 3.13 -1.18
C HIS A 18 4.98 3.35 -2.66
N ARG A 19 5.86 2.55 -3.25
CA ARG A 19 6.09 2.63 -4.67
C ARG A 19 6.88 1.42 -5.18
N LYS A 20 7.15 1.40 -6.47
CA LYS A 20 7.83 0.28 -7.07
C LYS A 20 8.63 0.65 -8.32
N GLY B 1 -0.20 -19.24 3.82
CA GLY B 1 1.23 -19.54 4.09
C GLY B 1 2.12 -18.32 3.96
N SER B 2 1.54 -17.14 4.18
CA SER B 2 2.29 -15.90 4.10
C SER B 2 2.67 -15.37 5.46
N TYR B 3 3.22 -14.15 5.45
CA TYR B 3 3.64 -13.48 6.65
C TYR B 3 4.21 -12.11 6.32
N CYS B 4 4.29 -11.27 7.34
CA CYS B 4 4.83 -9.93 7.20
C CYS B 4 6.22 -9.93 6.57
N ASP B 5 6.39 -9.15 5.53
CA ASP B 5 7.67 -9.04 4.84
C ASP B 5 8.74 -8.42 5.75
N PHE B 6 8.31 -8.06 6.96
CA PHE B 6 9.21 -7.44 7.93
C PHE B 6 9.53 -8.36 9.12
N CYS B 7 8.62 -9.29 9.44
CA CYS B 7 8.85 -10.24 10.54
C CYS B 7 8.74 -11.65 10.04
N LEU B 8 7.87 -11.82 9.07
CA LEU B 8 7.64 -13.11 8.48
C LEU B 8 7.02 -14.05 9.49
N GLY B 9 6.24 -13.47 10.39
CA GLY B 9 5.57 -14.25 11.42
C GLY B 9 4.14 -14.55 11.06
N GLY B 10 3.23 -13.75 11.60
CA GLY B 10 1.82 -13.94 11.32
C GLY B 10 0.96 -12.81 11.87
N SER B 11 -0.25 -12.69 11.32
CA SER B 11 -1.19 -11.67 11.74
C SER B 11 -1.70 -12.00 13.12
N ASN B 12 -1.92 -10.97 13.92
CA ASN B 12 -2.40 -11.15 15.28
C ASN B 12 -1.37 -11.96 16.06
N MET B 13 -0.13 -11.90 15.58
CA MET B 13 0.96 -12.61 16.22
C MET B 13 2.30 -12.23 15.59
N ASN B 14 2.59 -10.95 15.60
CA ASN B 14 3.85 -10.43 15.06
C ASN B 14 4.99 -11.32 15.51
N LYS B 15 6.06 -11.36 14.74
CA LYS B 15 7.18 -12.20 15.09
C LYS B 15 8.34 -11.43 15.67
N LYS B 16 8.67 -10.31 15.05
CA LYS B 16 9.78 -9.50 15.52
C LYS B 16 9.45 -8.90 16.87
N SER B 17 8.23 -9.18 17.35
CA SER B 17 7.78 -8.70 18.64
C SER B 17 6.97 -9.75 19.38
N GLY B 18 6.39 -10.68 18.63
CA GLY B 18 5.54 -11.66 19.26
C GLY B 18 4.24 -11.05 19.74
N ARG B 19 3.94 -9.88 19.19
CA ARG B 19 2.72 -9.14 19.55
C ARG B 19 1.64 -9.31 18.49
N PRO B 20 0.39 -9.26 18.91
CA PRO B 20 -0.76 -9.40 18.02
C PRO B 20 -0.95 -8.20 17.12
N GLU B 21 -1.02 -8.46 15.82
CA GLU B 21 -1.22 -7.42 14.83
C GLU B 21 -2.21 -7.90 13.76
N GLU B 22 -1.87 -7.71 12.49
CA GLU B 22 -2.73 -8.13 11.40
C GLU B 22 -2.10 -7.79 10.06
N LEU B 23 -1.27 -8.69 9.60
CA LEU B 23 -0.58 -8.57 8.33
C LEU B 23 -1.48 -8.07 7.20
N VAL B 24 -0.88 -8.06 6.03
CA VAL B 24 -1.55 -7.67 4.79
C VAL B 24 -0.85 -8.36 3.65
N SER B 25 -1.49 -9.35 3.08
CA SER B 25 -0.87 -10.07 1.99
C SER B 25 -1.21 -9.44 0.67
N CYS B 26 -0.47 -9.84 -0.34
CA CYS B 26 -0.68 -9.34 -1.67
C CYS B 26 -1.61 -10.26 -2.42
N ALA B 27 -2.60 -9.71 -3.09
CA ALA B 27 -3.50 -10.53 -3.85
C ALA B 27 -2.92 -10.78 -5.23
N ASP B 28 -1.60 -10.63 -5.34
CA ASP B 28 -0.91 -10.82 -6.58
C ASP B 28 0.26 -11.76 -6.39
N CYS B 29 0.96 -11.63 -5.26
CA CYS B 29 2.11 -12.48 -5.02
C CYS B 29 2.08 -13.17 -3.65
N GLY B 30 1.23 -12.68 -2.78
CA GLY B 30 1.05 -13.28 -1.47
C GLY B 30 2.08 -12.85 -0.44
N ARG B 31 2.51 -11.61 -0.48
CA ARG B 31 3.45 -11.10 0.50
C ARG B 31 2.71 -10.29 1.55
N SER B 32 2.70 -10.78 2.77
CA SER B 32 1.99 -10.12 3.85
C SER B 32 2.88 -9.13 4.58
N GLY B 33 2.25 -8.25 5.36
CA GLY B 33 3.02 -7.26 6.12
C GLY B 33 2.22 -6.66 7.26
N HIS B 34 2.85 -6.38 8.39
CA HIS B 34 2.10 -5.75 9.47
C HIS B 34 2.02 -4.26 9.20
N PRO B 35 0.82 -3.64 9.22
CA PRO B 35 0.66 -2.21 8.92
C PRO B 35 1.49 -1.33 9.84
N THR B 36 1.99 -1.93 10.92
CA THR B 36 2.87 -1.21 11.84
C THR B 36 4.28 -1.27 11.30
N CYS B 37 4.56 -2.39 10.63
CA CYS B 37 5.84 -2.64 10.00
C CYS B 37 5.88 -1.95 8.65
N LEU B 38 4.68 -1.69 8.17
CA LEU B 38 4.44 -1.06 6.89
C LEU B 38 4.34 0.45 7.06
N GLN B 39 4.05 0.85 8.31
CA GLN B 39 3.90 2.24 8.68
C GLN B 39 2.59 2.82 8.14
N PHE B 40 1.62 1.93 7.89
CA PHE B 40 0.32 2.35 7.38
C PHE B 40 -0.44 3.19 8.38
N THR B 41 -1.52 3.79 7.90
CA THR B 41 -2.40 4.57 8.74
C THR B 41 -3.46 3.64 9.31
N LEU B 42 -4.60 4.16 9.71
CA LEU B 42 -5.64 3.28 10.23
C LEU B 42 -6.55 2.79 9.12
N ASN B 43 -7.33 3.70 8.54
CA ASN B 43 -8.23 3.34 7.46
C ASN B 43 -7.50 2.45 6.46
N MET B 44 -6.25 2.79 6.17
CA MET B 44 -5.43 2.00 5.29
C MET B 44 -5.39 0.59 5.81
N THR B 45 -4.77 0.45 6.97
CA THR B 45 -4.64 -0.82 7.65
C THR B 45 -5.92 -1.64 7.50
N GLU B 46 -7.02 -1.06 7.95
CA GLU B 46 -8.31 -1.73 7.90
C GLU B 46 -8.72 -2.10 6.48
N ALA B 47 -8.36 -1.27 5.50
CA ALA B 47 -8.71 -1.52 4.11
C ALA B 47 -7.83 -2.61 3.48
N VAL B 48 -6.53 -2.41 3.59
CA VAL B 48 -5.54 -3.30 3.04
C VAL B 48 -5.73 -4.77 3.44
N LYS B 49 -6.16 -5.01 4.66
CA LYS B 49 -6.35 -6.37 5.15
C LYS B 49 -7.50 -7.09 4.46
N THR B 50 -8.61 -6.37 4.26
CA THR B 50 -9.79 -6.96 3.65
C THR B 50 -9.68 -7.11 2.14
N TYR B 51 -9.36 -6.03 1.45
CA TYR B 51 -9.26 -6.04 0.00
C TYR B 51 -7.85 -6.40 -0.46
N LYS B 52 -7.61 -6.25 -1.76
CA LYS B 52 -6.33 -6.55 -2.37
C LYS B 52 -5.31 -5.46 -2.10
N TRP B 53 -4.67 -5.51 -0.94
CA TRP B 53 -3.66 -4.51 -0.63
C TRP B 53 -2.60 -4.55 -1.70
N GLN B 54 -2.35 -5.74 -2.25
CA GLN B 54 -1.37 -5.93 -3.30
C GLN B 54 -0.08 -5.17 -3.01
N CYS B 55 0.91 -5.86 -2.42
CA CYS B 55 2.17 -5.22 -2.07
C CYS B 55 2.58 -4.21 -3.12
N ILE B 56 3.24 -3.17 -2.63
CA ILE B 56 3.67 -2.05 -3.45
C ILE B 56 4.42 -2.41 -4.71
N GLU B 57 4.78 -3.63 -4.90
CA GLU B 57 5.41 -3.99 -6.15
C GLU B 57 4.35 -4.36 -7.17
N CYS B 58 3.31 -5.06 -6.72
CA CYS B 58 2.21 -5.49 -7.59
C CYS B 58 0.99 -4.55 -7.50
N LYS B 59 0.95 -3.71 -6.47
CA LYS B 59 -0.17 -2.78 -6.26
C LYS B 59 -0.73 -2.31 -7.60
N SER B 60 0.20 -1.95 -8.50
CA SER B 60 -0.14 -1.42 -9.80
C SER B 60 -1.27 -0.45 -9.70
N CYS B 61 -1.73 0.01 -10.83
CA CYS B 61 -2.83 0.91 -10.85
C CYS B 61 -4.08 0.11 -10.47
N ILE B 62 -5.19 0.76 -10.51
CA ILE B 62 -6.49 0.14 -10.30
C ILE B 62 -7.29 0.70 -11.43
N LEU B 63 -6.77 1.83 -11.90
CA LEU B 63 -7.31 2.52 -13.03
C LEU B 63 -6.79 1.80 -14.27
N CYS B 64 -5.75 0.98 -14.03
CA CYS B 64 -5.14 0.15 -15.07
C CYS B 64 -4.77 -1.21 -14.50
N GLY B 65 -4.30 -1.24 -13.24
CA GLY B 65 -3.90 -2.49 -12.65
C GLY B 65 -2.82 -3.15 -13.47
N THR B 66 -1.93 -2.33 -14.01
CA THR B 66 -0.85 -2.80 -14.86
C THR B 66 0.52 -2.32 -14.41
N SER B 67 0.54 -1.42 -13.43
CA SER B 67 1.79 -0.86 -12.94
C SER B 67 2.54 -0.21 -14.09
N GLU B 68 1.79 0.04 -15.17
CA GLU B 68 2.31 0.67 -16.39
C GLU B 68 3.48 1.62 -16.15
N ASN B 69 3.17 2.91 -16.05
CA ASN B 69 4.18 3.93 -15.85
C ASN B 69 4.71 3.89 -14.42
N ASP B 70 3.83 3.58 -13.48
CA ASP B 70 4.16 3.54 -12.06
C ASP B 70 4.87 4.80 -11.57
N ASP B 71 5.21 5.70 -12.48
CA ASP B 71 5.85 6.93 -12.09
C ASP B 71 4.77 7.93 -11.77
N GLN B 72 3.54 7.49 -11.99
CA GLN B 72 2.39 8.31 -11.73
C GLN B 72 1.52 7.61 -10.73
N LEU B 73 1.56 6.28 -10.78
CA LEU B 73 0.76 5.49 -9.86
C LEU B 73 0.72 6.17 -8.52
N LEU B 74 -0.46 6.49 -8.10
CA LEU B 74 -0.65 7.09 -6.80
C LEU B 74 -1.11 6.03 -5.83
N PHE B 75 -0.37 5.89 -4.77
CA PHE B 75 -0.66 4.88 -3.81
C PHE B 75 -1.46 5.44 -2.67
N CYS B 76 -2.78 5.32 -2.80
CA CYS B 76 -3.67 5.80 -1.79
C CYS B 76 -3.38 5.04 -0.53
N ASP B 77 -2.61 5.61 0.38
CA ASP B 77 -2.30 4.84 1.57
C ASP B 77 -3.47 4.83 2.55
N ASP B 78 -4.67 4.78 1.98
CA ASP B 78 -5.88 4.67 2.77
C ASP B 78 -6.48 3.30 2.47
N CYS B 79 -5.73 2.55 1.65
CA CYS B 79 -6.10 1.20 1.25
C CYS B 79 -5.00 0.66 0.33
N ASP B 80 -4.41 1.56 -0.45
CA ASP B 80 -3.28 1.27 -1.34
C ASP B 80 -3.66 1.05 -2.83
N ARG B 81 -4.75 1.66 -3.29
CA ARG B 81 -5.11 1.52 -4.70
C ARG B 81 -4.25 2.46 -5.57
N GLY B 82 -3.30 1.86 -6.30
CA GLY B 82 -2.42 2.65 -7.17
C GLY B 82 -3.17 3.31 -8.31
N TYR B 83 -2.93 4.59 -8.53
CA TYR B 83 -3.61 5.32 -9.60
C TYR B 83 -2.60 6.16 -10.35
N HIS B 84 -2.23 5.78 -11.55
CA HIS B 84 -1.31 6.64 -12.24
C HIS B 84 -1.91 8.02 -12.13
N MET B 85 -1.17 8.93 -11.54
CA MET B 85 -1.65 10.27 -11.31
C MET B 85 -2.37 10.88 -12.51
N TYR B 86 -2.34 10.20 -13.64
CA TYR B 86 -3.03 10.70 -14.82
C TYR B 86 -4.17 9.74 -15.16
N CYS B 87 -4.65 9.08 -14.11
CA CYS B 87 -5.75 8.12 -14.20
C CYS B 87 -6.87 8.60 -13.31
N LEU B 88 -6.50 9.36 -12.30
CA LEU B 88 -7.45 9.91 -11.33
C LEU B 88 -8.48 10.79 -12.03
N ASN B 89 -9.42 11.28 -11.25
CA ASN B 89 -10.45 12.17 -11.74
C ASN B 89 -9.86 13.55 -11.82
N PRO B 90 -9.12 13.93 -10.77
CA PRO B 90 -8.38 15.14 -10.73
C PRO B 90 -6.91 14.76 -10.85
N PRO B 91 -6.54 14.13 -12.00
CA PRO B 91 -5.21 13.60 -12.24
C PRO B 91 -4.10 14.59 -11.88
N VAL B 92 -3.09 14.12 -11.13
CA VAL B 92 -1.99 14.95 -10.75
C VAL B 92 -0.80 14.63 -11.63
N ALA B 93 0.24 15.42 -11.51
CA ALA B 93 1.44 15.23 -12.31
C ALA B 93 2.61 14.88 -11.44
N GLU B 94 2.45 15.16 -10.16
CA GLU B 94 3.50 14.96 -9.18
C GLU B 94 2.92 15.11 -7.77
N PRO B 95 2.15 16.20 -7.55
CA PRO B 95 1.47 16.53 -6.31
C PRO B 95 1.59 15.53 -5.13
N PRO B 96 0.62 14.61 -4.89
CA PRO B 96 0.68 13.69 -3.75
C PRO B 96 1.25 12.32 -4.08
N GLU B 97 2.33 12.32 -4.85
CA GLU B 97 2.97 11.11 -5.33
C GLU B 97 2.88 9.91 -4.39
N GLY B 98 3.03 10.12 -3.09
CA GLY B 98 2.98 9.00 -2.17
C GLY B 98 1.67 8.84 -1.43
N SER B 99 1.39 9.78 -0.53
CA SER B 99 0.17 9.75 0.29
C SER B 99 -1.07 9.76 -0.61
N TRP B 100 -1.94 10.76 -0.42
CA TRP B 100 -3.11 10.89 -1.26
C TRP B 100 -4.07 9.72 -1.09
N SER B 101 -5.36 10.02 -1.21
CA SER B 101 -6.39 9.00 -1.10
C SER B 101 -6.94 8.71 -2.48
N CYS B 102 -7.57 7.55 -2.64
CA CYS B 102 -8.12 7.18 -3.94
C CYS B 102 -9.60 7.56 -4.02
N HIS B 103 -10.23 7.29 -5.15
CA HIS B 103 -11.63 7.64 -5.33
C HIS B 103 -12.56 6.68 -4.61
N LEU B 104 -12.13 5.42 -4.49
CA LEU B 104 -12.95 4.41 -3.82
C LEU B 104 -13.06 4.73 -2.35
N CYS B 105 -12.00 5.29 -1.81
CA CYS B 105 -11.96 5.65 -0.39
C CYS B 105 -12.73 6.91 -0.17
N TRP B 106 -12.92 7.63 -1.25
CA TRP B 106 -13.63 8.87 -1.21
C TRP B 106 -15.09 8.70 -1.29
N GLU B 107 -15.53 7.95 -2.26
CA GLU B 107 -16.93 7.74 -2.39
C GLU B 107 -17.37 7.05 -1.12
N LEU B 108 -16.39 6.37 -0.52
CA LEU B 108 -16.58 5.65 0.72
C LEU B 108 -16.33 6.62 1.88
N LEU B 109 -15.61 7.69 1.58
CA LEU B 109 -15.26 8.71 2.55
C LEU B 109 -16.50 9.50 2.87
N LYS B 110 -17.09 10.02 1.82
CA LYS B 110 -18.30 10.79 1.90
C LYS B 110 -19.45 9.92 2.38
N GLU B 111 -19.43 8.66 1.95
CA GLU B 111 -20.45 7.70 2.35
C GLU B 111 -20.47 7.53 3.87
N LYS B 112 -19.29 7.60 4.48
CA LYS B 112 -19.18 7.45 5.92
C LYS B 112 -20.00 8.49 6.66
N ALA B 113 -20.10 9.68 6.09
CA ALA B 113 -20.86 10.76 6.69
C ALA B 113 -22.33 10.43 6.78
N SER B 114 -23.10 11.41 7.24
CA SER B 114 -24.54 11.27 7.38
C SER B 114 -24.89 10.04 8.23
ZN ZN C . 5.92 -7.35 10.97
ZN ZN D . 2.98 -8.38 -4.49
ZN ZN E . -8.04 4.10 -1.18
ZN ZN F . -3.37 3.88 -14.45
C1A SAC A 1 5.27 -4.17 0.81
C2A SAC A 1 5.93 -5.46 1.26
OAC SAC A 1 4.61 -4.17 -0.23
N SAC A 1 5.50 -3.05 1.49
CA SAC A 1 5.26 -1.74 0.89
C SAC A 1 6.21 -1.50 -0.28
O SAC A 1 6.10 -2.17 -1.31
CB SAC A 1 5.41 -0.63 1.93
OG SAC A 1 4.63 -0.89 3.08
H1 SAC A 1 6.03 -3.10 2.31
H2A1 SAC A 1 6.38 -5.96 0.42
H2A2 SAC A 1 5.18 -6.11 1.71
H2A3 SAC A 1 6.69 -5.24 2.01
HA SAC A 1 4.24 -1.73 0.51
HB2 SAC A 1 6.45 -0.55 2.22
HB3 SAC A 1 5.08 0.31 1.50
HG SAC A 1 4.96 -0.37 3.81
N GLY A 2 7.14 -0.56 -0.13
CA GLY A 2 8.08 -0.27 -1.21
C GLY A 2 8.65 -1.54 -1.81
N ARG A 3 8.71 -1.58 -3.13
CA ARG A 3 9.21 -2.76 -3.83
C ARG A 3 10.56 -3.19 -3.27
N GLY A 4 10.80 -4.50 -3.26
CA GLY A 4 12.05 -5.04 -2.75
C GLY A 4 13.26 -4.61 -3.56
N LYS A 5 13.05 -4.33 -4.84
CA LYS A 5 14.13 -3.91 -5.72
C LYS A 5 15.27 -4.93 -5.72
N GLY A 6 15.10 -6.01 -6.48
CA GLY A 6 16.12 -7.03 -6.54
C GLY A 6 16.37 -7.69 -5.20
N GLY A 7 17.35 -7.17 -4.47
CA GLY A 7 17.68 -7.72 -3.17
C GLY A 7 18.81 -8.72 -3.24
N LYS A 8 20.01 -8.28 -2.87
CA LYS A 8 21.18 -9.15 -2.90
C LYS A 8 21.80 -9.31 -1.50
N GLY A 9 21.60 -8.30 -0.67
CA GLY A 9 22.14 -8.35 0.69
C GLY A 9 21.86 -7.09 1.49
N LEU A 10 20.98 -7.21 2.48
CA LEU A 10 20.62 -6.08 3.34
C LEU A 10 19.98 -4.95 2.55
N GLY A 11 18.71 -4.68 2.85
CA GLY A 11 18.00 -3.62 2.16
C GLY A 11 17.68 -2.46 3.07
N LYS A 12 18.17 -1.28 2.71
CA LYS A 12 17.94 -0.07 3.51
C LYS A 12 18.23 1.19 2.69
N GLY A 13 17.17 1.90 2.30
CA GLY A 13 17.32 3.11 1.52
C GLY A 13 16.76 2.99 0.13
N GLY A 14 16.54 4.13 -0.53
CA GLY A 14 16.01 4.13 -1.87
C GLY A 14 14.50 3.89 -1.90
N ALA A 15 14.11 2.62 -1.79
CA ALA A 15 12.71 2.25 -1.81
C ALA A 15 11.96 2.90 -0.65
N LYS A 16 11.24 3.98 -0.94
CA LYS A 16 10.47 4.68 0.08
C LYS A 16 9.19 3.92 0.43
N ARG A 17 8.33 4.55 1.21
CA ARG A 17 7.07 3.93 1.62
C ARG A 17 6.24 3.52 0.40
N HIS A 18 6.00 2.23 0.27
CA HIS A 18 5.19 1.72 -0.83
C HIS A 18 5.77 2.12 -2.18
N ARG A 19 4.93 2.03 -3.21
CA ARG A 19 5.34 2.34 -4.57
C ARG A 19 6.42 1.37 -5.06
N LYS A 20 6.36 0.99 -6.33
CA LYS A 20 7.33 0.06 -6.90
C LYS A 20 8.57 0.78 -7.46
N GLY B 1 0.78 -19.39 4.89
CA GLY B 1 2.05 -19.45 5.64
C GLY B 1 2.93 -18.24 5.38
N SER B 2 2.32 -17.05 5.37
CA SER B 2 3.05 -15.82 5.13
C SER B 2 3.31 -15.06 6.42
N TYR B 3 3.83 -13.86 6.26
CA TYR B 3 4.15 -13.00 7.37
C TYR B 3 4.65 -11.65 6.87
N CYS B 4 4.68 -10.68 7.77
CA CYS B 4 5.13 -9.34 7.44
C CYS B 4 6.53 -9.36 6.86
N ASP B 5 6.69 -8.74 5.72
CA ASP B 5 7.98 -8.68 5.06
C ASP B 5 8.97 -7.82 5.85
N PHE B 6 8.53 -7.37 7.02
CA PHE B 6 9.35 -6.53 7.90
C PHE B 6 9.70 -7.24 9.21
N CYS B 7 8.86 -8.19 9.63
CA CYS B 7 9.11 -8.96 10.86
C CYS B 7 9.11 -10.44 10.57
N LEU B 8 8.25 -10.82 9.65
CA LEU B 8 8.11 -12.18 9.23
C LEU B 8 7.54 -13.05 10.34
N GLY B 9 6.68 -12.44 11.14
CA GLY B 9 6.06 -13.15 12.24
C GLY B 9 4.67 -13.64 11.89
N GLY B 10 3.67 -12.88 12.30
CA GLY B 10 2.29 -13.22 12.01
C GLY B 10 1.34 -12.08 12.32
N SER B 11 0.14 -12.14 11.77
CA SER B 11 -0.86 -11.09 11.99
C SER B 11 -1.22 -10.96 13.46
N ASN B 12 -1.85 -11.99 14.01
CA ASN B 12 -2.21 -11.97 15.43
C ASN B 12 -1.00 -12.32 16.27
N MET B 13 0.19 -11.95 15.78
CA MET B 13 1.41 -12.22 16.51
C MET B 13 2.60 -11.49 15.91
N ASN B 14 2.39 -10.22 15.61
CA ASN B 14 3.41 -9.34 15.04
C ASN B 14 4.78 -9.63 15.61
N LYS B 15 5.70 -10.13 14.81
CA LYS B 15 7.03 -10.39 15.31
C LYS B 15 7.72 -9.08 15.59
N LYS B 16 8.83 -9.14 16.32
CA LYS B 16 9.57 -7.94 16.70
C LYS B 16 8.82 -7.21 17.83
N SER B 17 7.51 -7.46 17.92
CA SER B 17 6.67 -6.88 18.95
C SER B 17 5.96 -7.97 19.72
N GLY B 18 5.78 -9.09 19.06
CA GLY B 18 5.05 -10.17 19.67
C GLY B 18 3.62 -9.76 19.94
N ARG B 19 3.16 -8.78 19.19
CA ARG B 19 1.80 -8.26 19.35
C ARG B 19 0.87 -8.81 18.30
N PRO B 20 -0.39 -8.91 18.63
CA PRO B 20 -1.41 -9.40 17.71
C PRO B 20 -1.87 -8.33 16.72
N GLU B 21 -0.98 -7.91 15.82
CA GLU B 21 -1.33 -6.91 14.83
C GLU B 21 -2.25 -7.51 13.77
N GLU B 22 -1.93 -7.29 12.50
CA GLU B 22 -2.74 -7.83 11.42
C GLU B 22 -2.07 -7.59 10.08
N LEU B 23 -1.32 -8.59 9.66
CA LEU B 23 -0.60 -8.55 8.40
C LEU B 23 -1.47 -8.21 7.20
N VAL B 24 -0.80 -8.15 6.06
CA VAL B 24 -1.45 -7.90 4.78
C VAL B 24 -0.63 -8.57 3.70
N SER B 25 -1.15 -9.64 3.15
CA SER B 25 -0.42 -10.37 2.13
C SER B 25 -0.84 -9.91 0.74
N CYS B 26 -0.05 -10.28 -0.28
CA CYS B 26 -0.38 -9.90 -1.64
C CYS B 26 -1.22 -11.01 -2.26
N ALA B 27 -2.35 -10.65 -2.87
CA ALA B 27 -3.22 -11.67 -3.46
C ALA B 27 -2.63 -12.17 -4.77
N ASP B 28 -1.34 -11.90 -4.95
CA ASP B 28 -0.62 -12.32 -6.13
C ASP B 28 0.65 -13.06 -5.74
N CYS B 29 1.31 -12.55 -4.70
CA CYS B 29 2.55 -13.14 -4.21
C CYS B 29 2.36 -13.82 -2.86
N GLY B 30 1.64 -13.15 -1.99
CA GLY B 30 1.41 -13.65 -0.65
C GLY B 30 2.25 -12.94 0.39
N ARG B 31 3.10 -12.02 -0.07
CA ARG B 31 3.96 -11.26 0.84
C ARG B 31 3.12 -10.44 1.79
N SER B 32 3.20 -10.75 3.06
CA SER B 32 2.40 -10.06 4.06
C SER B 32 3.18 -8.95 4.73
N GLY B 33 2.46 -8.08 5.44
CA GLY B 33 3.12 -6.99 6.14
C GLY B 33 2.25 -6.38 7.22
N HIS B 34 2.86 -5.87 8.28
CA HIS B 34 2.05 -5.21 9.30
C HIS B 34 1.85 -3.77 8.86
N PRO B 35 0.60 -3.28 8.78
CA PRO B 35 0.32 -1.92 8.29
C PRO B 35 1.06 -0.85 9.09
N THR B 36 1.59 -1.24 10.25
CA THR B 36 2.39 -0.33 11.07
C THR B 36 3.81 -0.33 10.52
N CYS B 37 4.17 -1.47 9.96
CA CYS B 37 5.47 -1.69 9.35
C CYS B 37 5.47 -1.20 7.92
N LEU B 38 4.25 -1.08 7.41
CA LEU B 38 4.01 -0.65 6.04
C LEU B 38 3.81 0.84 5.97
N GLN B 39 3.57 1.44 7.14
CA GLN B 39 3.37 2.87 7.25
C GLN B 39 1.97 3.25 6.76
N PHE B 40 1.06 2.26 6.80
CA PHE B 40 -0.31 2.47 6.36
C PHE B 40 -1.10 3.34 7.32
N THR B 41 -2.31 3.65 6.89
CA THR B 41 -3.25 4.41 7.68
C THR B 41 -4.29 3.44 8.22
N LEU B 42 -5.17 3.89 9.10
CA LEU B 42 -6.17 2.97 9.64
C LEU B 42 -7.04 2.42 8.53
N ASN B 43 -7.82 3.29 7.89
CA ASN B 43 -8.71 2.83 6.82
C ASN B 43 -7.97 1.90 5.87
N MET B 44 -6.74 2.25 5.52
CA MET B 44 -5.90 1.40 4.68
C MET B 44 -5.83 0.04 5.30
N THR B 45 -5.18 0.00 6.46
CA THR B 45 -5.02 -1.20 7.23
C THR B 45 -6.27 -2.06 7.12
N GLU B 46 -7.39 -1.50 7.55
CA GLU B 46 -8.67 -2.19 7.55
C GLU B 46 -9.09 -2.63 6.14
N ALA B 47 -8.76 -1.82 5.14
CA ALA B 47 -9.15 -2.11 3.76
C ALA B 47 -8.26 -3.15 3.09
N VAL B 48 -7.00 -3.18 3.48
CA VAL B 48 -6.03 -4.07 2.89
C VAL B 48 -6.04 -5.48 3.50
N LYS B 49 -6.64 -5.62 4.68
CA LYS B 49 -6.70 -6.91 5.34
C LYS B 49 -7.87 -7.75 4.81
N THR B 50 -8.75 -7.11 4.06
CA THR B 50 -9.92 -7.78 3.53
C THR B 50 -9.80 -8.09 2.05
N TYR B 51 -9.46 -7.07 1.25
CA TYR B 51 -9.34 -7.25 -0.19
C TYR B 51 -7.89 -7.49 -0.62
N LYS B 52 -7.66 -7.43 -1.92
CA LYS B 52 -6.35 -7.67 -2.49
C LYS B 52 -5.41 -6.50 -2.28
N TRP B 53 -4.75 -6.45 -1.13
CA TRP B 53 -3.83 -5.36 -0.89
C TRP B 53 -2.78 -5.34 -2.00
N GLN B 54 -2.53 -6.53 -2.57
CA GLN B 54 -1.58 -6.70 -3.66
C GLN B 54 -0.31 -5.91 -3.42
N CYS B 55 0.77 -6.63 -3.08
CA CYS B 55 2.04 -5.98 -2.81
C CYS B 55 2.30 -4.92 -3.87
N ILE B 56 3.11 -3.95 -3.51
CA ILE B 56 3.40 -2.81 -4.36
C ILE B 56 3.55 -3.14 -5.79
N GLU B 57 4.62 -3.77 -6.13
CA GLU B 57 4.92 -4.02 -7.51
C GLU B 57 3.69 -4.57 -8.27
N CYS B 58 2.75 -5.15 -7.52
CA CYS B 58 1.51 -5.69 -8.10
C CYS B 58 0.36 -4.68 -7.99
N LYS B 59 0.46 -3.79 -7.02
CA LYS B 59 -0.57 -2.79 -6.74
C LYS B 59 -1.27 -2.29 -8.01
N SER B 60 -0.51 -2.18 -9.10
CA SER B 60 -1.00 -1.71 -10.39
C SER B 60 -1.98 -0.56 -10.24
N CYS B 61 -2.22 0.11 -11.34
CA CYS B 61 -3.20 1.16 -11.30
C CYS B 61 -4.55 0.50 -11.05
N ILE B 62 -5.57 1.28 -10.97
CA ILE B 62 -6.93 0.79 -10.83
C ILE B 62 -7.67 1.53 -11.91
N LEU B 63 -7.03 2.62 -12.29
CA LEU B 63 -7.50 3.48 -13.33
C LEU B 63 -7.08 2.85 -14.65
N CYS B 64 -6.10 1.94 -14.53
CA CYS B 64 -5.58 1.18 -15.66
C CYS B 64 -5.45 -0.29 -15.28
N GLY B 65 -5.07 -0.55 -14.02
CA GLY B 65 -4.89 -1.91 -13.58
C GLY B 65 -3.79 -2.59 -14.35
N THR B 66 -2.82 -1.80 -14.78
CA THR B 66 -1.70 -2.30 -15.56
C THR B 66 -0.36 -1.90 -14.97
N SER B 67 -0.40 -0.92 -14.06
CA SER B 67 0.80 -0.39 -13.43
C SER B 67 1.55 0.50 -14.41
N GLU B 68 1.26 0.31 -15.70
CA GLU B 68 1.86 1.06 -16.80
C GLU B 68 3.09 1.87 -16.41
N ASN B 69 2.94 3.20 -16.34
CA ASN B 69 4.05 4.08 -16.00
C ASN B 69 4.63 3.73 -14.65
N ASP B 70 3.76 3.36 -13.72
CA ASP B 70 4.19 3.04 -12.35
C ASP B 70 5.20 4.07 -11.87
N ASP B 71 5.17 5.23 -12.51
CA ASP B 71 6.02 6.33 -12.15
C ASP B 71 5.14 7.47 -11.70
N GLN B 72 3.84 7.23 -11.83
CA GLN B 72 2.83 8.18 -11.44
C GLN B 72 1.83 7.51 -10.54
N LEU B 73 1.70 6.20 -10.68
CA LEU B 73 0.78 5.44 -9.85
C LEU B 73 0.73 6.03 -8.46
N LEU B 74 -0.45 6.40 -8.03
CA LEU B 74 -0.62 6.91 -6.68
C LEU B 74 -1.16 5.82 -5.80
N PHE B 75 -0.47 5.58 -4.71
CA PHE B 75 -0.84 4.52 -3.83
C PHE B 75 -1.66 5.02 -2.68
N CYS B 76 -2.97 4.92 -2.85
CA CYS B 76 -3.86 5.34 -1.82
C CYS B 76 -3.62 4.48 -0.61
N ASP B 77 -2.78 4.91 0.33
CA ASP B 77 -2.57 4.07 1.49
C ASP B 77 -3.75 4.20 2.43
N ASP B 78 -4.94 4.13 1.84
CA ASP B 78 -6.19 4.13 2.58
C ASP B 78 -6.97 2.89 2.18
N CYS B 79 -6.29 2.04 1.39
CA CYS B 79 -6.81 0.77 0.91
C CYS B 79 -5.81 0.14 -0.03
N ASP B 80 -5.05 1.01 -0.72
CA ASP B 80 -3.96 0.59 -1.63
C ASP B 80 -4.37 0.55 -3.11
N ARG B 81 -5.07 1.58 -3.60
CA ARG B 81 -5.44 1.63 -5.01
C ARG B 81 -4.51 2.56 -5.79
N GLY B 82 -3.62 1.96 -6.60
CA GLY B 82 -2.68 2.71 -7.42
C GLY B 82 -3.35 3.47 -8.55
N TYR B 83 -3.08 4.77 -8.66
CA TYR B 83 -3.64 5.56 -9.77
C TYR B 83 -2.55 6.37 -10.39
N HIS B 84 -2.12 6.07 -11.61
CA HIS B 84 -1.10 6.91 -12.17
C HIS B 84 -1.58 8.31 -11.90
N MET B 85 -0.77 9.09 -11.21
CA MET B 85 -1.14 10.44 -10.81
C MET B 85 -1.80 11.23 -11.93
N TYR B 86 -1.81 10.69 -13.13
CA TYR B 86 -2.47 11.35 -14.24
C TYR B 86 -3.67 10.53 -14.68
N CYS B 87 -4.20 9.78 -13.72
CA CYS B 87 -5.38 8.95 -13.91
C CYS B 87 -6.47 9.46 -13.02
N LEU B 88 -6.06 9.95 -11.85
CA LEU B 88 -7.00 10.51 -10.87
C LEU B 88 -7.93 11.52 -11.52
N ASN B 89 -8.85 12.02 -10.72
CA ASN B 89 -9.78 13.03 -11.17
C ASN B 89 -9.10 14.36 -11.08
N PRO B 90 -8.36 14.57 -9.98
CA PRO B 90 -7.53 15.71 -9.79
C PRO B 90 -6.09 15.24 -9.93
N PRO B 91 -5.73 14.72 -11.12
CA PRO B 91 -4.42 14.12 -11.38
C PRO B 91 -3.26 14.98 -10.91
N VAL B 92 -2.28 14.35 -10.24
CA VAL B 92 -1.14 15.07 -9.77
C VAL B 92 0.05 14.75 -10.66
N ALA B 93 1.14 15.43 -10.44
CA ALA B 93 2.35 15.22 -11.24
C ALA B 93 3.47 14.68 -10.39
N GLU B 94 3.31 14.85 -9.09
CA GLU B 94 4.31 14.48 -8.12
C GLU B 94 3.71 14.53 -6.71
N PRO B 95 3.02 15.64 -6.39
CA PRO B 95 2.36 15.91 -5.14
C PRO B 95 2.36 14.78 -4.07
N PRO B 96 1.31 13.91 -3.94
CA PRO B 96 1.28 12.90 -2.90
C PRO B 96 1.72 11.51 -3.36
N GLU B 97 2.82 11.45 -4.09
CA GLU B 97 3.34 10.21 -4.66
C GLU B 97 3.11 8.96 -3.80
N GLY B 98 3.29 9.07 -2.50
CA GLY B 98 3.14 7.91 -1.65
C GLY B 98 1.80 7.81 -0.95
N SER B 99 1.57 8.70 -0.01
CA SER B 99 0.31 8.72 0.76
C SER B 99 -0.88 8.89 -0.16
N TRP B 100 -1.68 9.95 0.08
CA TRP B 100 -2.81 10.24 -0.77
C TRP B 100 -3.87 9.14 -0.72
N SER B 101 -5.14 9.54 -0.80
CA SER B 101 -6.23 8.57 -0.82
C SER B 101 -6.76 8.44 -2.23
N CYS B 102 -7.64 7.50 -2.43
CA CYS B 102 -8.21 7.28 -3.74
C CYS B 102 -9.66 7.72 -3.78
N HIS B 103 -10.27 7.68 -4.95
CA HIS B 103 -11.64 8.11 -5.08
C HIS B 103 -12.60 7.19 -4.33
N LEU B 104 -12.40 5.88 -4.46
CA LEU B 104 -13.29 4.92 -3.83
C LEU B 104 -13.38 5.14 -2.33
N CYS B 105 -12.27 5.56 -1.76
CA CYS B 105 -12.22 5.77 -0.31
C CYS B 105 -13.04 6.92 0.13
N TRP B 106 -12.96 8.03 -0.57
CA TRP B 106 -13.75 9.13 -0.14
C TRP B 106 -15.16 9.04 -0.58
N GLU B 107 -15.42 8.52 -1.75
CA GLU B 107 -16.79 8.42 -2.12
C GLU B 107 -17.46 7.67 -1.00
N LEU B 108 -16.62 6.88 -0.34
CA LEU B 108 -16.99 6.07 0.80
C LEU B 108 -16.86 6.89 2.09
N LEU B 109 -15.94 7.83 2.05
CA LEU B 109 -15.66 8.73 3.17
C LEU B 109 -16.80 9.72 3.29
N LYS B 110 -16.91 10.52 2.25
CA LYS B 110 -17.97 11.49 2.15
C LYS B 110 -19.30 10.76 2.34
N GLU B 111 -19.35 9.52 1.88
CA GLU B 111 -20.55 8.70 2.04
C GLU B 111 -20.90 8.52 3.51
N LYS B 112 -19.86 8.39 4.35
CA LYS B 112 -20.08 8.21 5.77
C LYS B 112 -21.06 9.24 6.31
N ALA B 113 -21.05 10.42 5.69
CA ALA B 113 -21.93 11.52 6.10
C ALA B 113 -23.39 11.17 5.89
N SER B 114 -24.23 12.18 6.04
CA SER B 114 -25.67 12.03 5.88
C SER B 114 -26.22 10.97 6.84
ZN ZN C . 6.00 -6.23 10.88
ZN ZN D . 2.66 -9.09 -5.37
ZN ZN E . -8.42 4.02 -1.28
ZN ZN F . -3.39 4.55 -14.60
C1A SAC A 1 5.72 -5.29 0.49
C2A SAC A 1 5.66 -6.65 1.17
OAC SAC A 1 5.87 -5.23 -0.73
N SAC A 1 5.57 -4.19 1.22
CA SAC A 1 5.36 -2.88 0.61
C SAC A 1 6.59 -2.42 -0.13
O SAC A 1 6.51 -1.60 -1.04
CB SAC A 1 4.97 -1.85 1.68
OG SAC A 1 5.99 -1.72 2.65
H1 SAC A 1 5.46 -4.28 2.20
H2A1 SAC A 1 5.16 -7.35 0.52
H2A2 SAC A 1 5.11 -6.56 2.10
H2A3 SAC A 1 6.66 -7.00 1.37
HA SAC A 1 4.54 -2.97 -0.09
HB2 SAC A 1 4.82 -0.89 1.21
HB3 SAC A 1 4.06 -2.16 2.15
HG SAC A 1 6.81 -2.04 2.30
N GLY A 2 7.75 -2.95 0.26
CA GLY A 2 8.98 -2.59 -0.42
C GLY A 2 9.20 -3.40 -1.67
N ARG A 3 9.04 -2.75 -2.82
CA ARG A 3 9.21 -3.42 -4.10
C ARG A 3 10.50 -4.23 -4.14
N GLY A 4 11.62 -3.58 -3.82
CA GLY A 4 12.91 -4.25 -3.83
C GLY A 4 14.07 -3.31 -3.59
N LYS A 5 13.77 -2.03 -3.39
CA LYS A 5 14.80 -1.03 -3.15
C LYS A 5 15.08 -0.87 -1.66
N GLY A 6 16.27 -1.29 -1.24
CA GLY A 6 16.64 -1.19 0.16
C GLY A 6 17.89 -1.98 0.48
N GLY A 7 19.03 -1.30 0.53
CA GLY A 7 20.29 -1.96 0.82
C GLY A 7 20.84 -1.57 2.18
N LYS A 8 22.12 -1.23 2.22
CA LYS A 8 22.77 -0.84 3.46
C LYS A 8 22.77 0.67 3.62
N GLY A 9 21.72 1.20 4.24
CA GLY A 9 21.63 2.63 4.44
C GLY A 9 21.90 3.04 5.88
N LEU A 10 20.99 3.81 6.47
CA LEU A 10 21.15 4.25 7.84
C LEU A 10 19.79 4.61 8.46
N GLY A 11 19.37 3.81 9.43
CA GLY A 11 18.09 4.07 10.08
C GLY A 11 17.93 3.26 11.36
N LYS A 12 16.88 3.55 12.11
CA LYS A 12 16.62 2.85 13.36
C LYS A 12 15.72 1.64 13.12
N GLY A 13 14.52 1.90 12.60
CA GLY A 13 13.58 0.82 12.33
C GLY A 13 12.56 1.20 11.26
N GLY A 14 13.05 1.57 10.09
CA GLY A 14 12.16 1.94 9.00
C GLY A 14 12.74 3.03 8.12
N ALA A 15 12.54 2.91 6.81
CA ALA A 15 13.05 3.88 5.86
C ALA A 15 12.17 3.94 4.62
N LYS A 16 12.14 2.85 3.86
CA LYS A 16 11.35 2.77 2.64
C LYS A 16 10.42 1.56 2.68
N ARG A 17 9.16 1.78 2.32
CA ARG A 17 8.16 0.72 2.31
C ARG A 17 7.39 0.68 1.00
N HIS A 18 6.12 1.08 1.02
CA HIS A 18 5.27 1.10 -0.16
C HIS A 18 5.90 1.87 -1.30
N ARG A 19 5.12 1.99 -2.34
CA ARG A 19 5.52 2.63 -3.56
C ARG A 19 6.71 1.94 -4.17
N LYS A 20 6.42 1.38 -5.32
CA LYS A 20 7.36 0.65 -6.12
C LYS A 20 8.68 1.41 -6.28
N GLY B 1 -1.19 -18.73 6.87
CA GLY B 1 0.07 -18.77 6.08
C GLY B 1 0.71 -17.40 5.94
N SER B 2 1.87 -17.36 5.30
CA SER B 2 2.60 -16.11 5.09
C SER B 2 2.91 -15.41 6.41
N TYR B 3 3.42 -14.20 6.28
CA TYR B 3 3.79 -13.38 7.41
C TYR B 3 4.31 -12.03 6.94
N CYS B 4 4.44 -11.10 7.87
CA CYS B 4 4.93 -9.76 7.57
C CYS B 4 6.32 -9.80 6.95
N ASP B 5 6.48 -9.13 5.83
CA ASP B 5 7.76 -9.09 5.14
C ASP B 5 8.79 -8.31 5.97
N PHE B 6 8.36 -7.85 7.12
CA PHE B 6 9.21 -7.08 8.03
C PHE B 6 9.53 -7.83 9.34
N CYS B 7 8.68 -8.79 9.71
CA CYS B 7 8.91 -9.60 10.93
C CYS B 7 8.84 -11.07 10.60
N LEU B 8 7.99 -11.37 9.65
CA LEU B 8 7.80 -12.73 9.20
C LEU B 8 7.21 -13.58 10.31
N GLY B 9 6.37 -12.95 11.13
CA GLY B 9 5.73 -13.64 12.23
C GLY B 9 4.39 -14.23 11.82
N GLY B 10 3.31 -13.51 12.13
CA GLY B 10 2.00 -14.00 11.75
C GLY B 10 0.80 -13.21 12.29
N SER B 11 0.79 -11.89 12.09
CA SER B 11 -0.31 -11.04 12.52
C SER B 11 -0.57 -11.22 14.02
N ASN B 12 -1.37 -10.31 14.58
CA ASN B 12 -1.68 -10.35 16.01
C ASN B 12 -0.41 -10.65 16.78
N MET B 13 0.70 -10.22 16.18
CA MET B 13 2.02 -10.39 16.75
C MET B 13 3.03 -9.76 15.78
N ASN B 14 3.83 -8.83 16.29
CA ASN B 14 4.80 -8.13 15.47
C ASN B 14 6.18 -8.75 15.61
N LYS B 15 6.17 -10.08 15.69
CA LYS B 15 7.36 -10.91 15.88
C LYS B 15 8.61 -10.13 16.29
N LYS B 16 9.10 -9.28 15.40
CA LYS B 16 10.27 -8.48 15.69
C LYS B 16 10.08 -7.66 16.98
N SER B 17 8.83 -7.66 17.46
CA SER B 17 8.45 -6.98 18.68
C SER B 17 7.39 -7.79 19.41
N GLY B 18 6.99 -8.90 18.80
CA GLY B 18 5.97 -9.75 19.38
C GLY B 18 4.72 -8.98 19.74
N ARG B 19 4.55 -7.83 19.12
CA ARG B 19 3.37 -7.00 19.37
C ARG B 19 2.23 -7.28 18.41
N PRO B 20 1.03 -7.30 18.95
CA PRO B 20 -0.18 -7.61 18.20
C PRO B 20 -0.48 -6.61 17.10
N GLU B 21 -0.80 -7.13 15.93
CA GLU B 21 -1.13 -6.33 14.76
C GLU B 21 -2.08 -7.13 13.86
N GLU B 22 -1.85 -7.05 12.56
CA GLU B 22 -2.65 -7.75 11.59
C GLU B 22 -2.05 -7.61 10.21
N LEU B 23 -1.34 -8.64 9.82
CA LEU B 23 -0.66 -8.68 8.54
C LEU B 23 -1.55 -8.28 7.36
N VAL B 24 -0.90 -8.25 6.21
CA VAL B 24 -1.53 -7.94 4.93
C VAL B 24 -0.77 -8.62 3.83
N SER B 25 -1.34 -9.66 3.26
CA SER B 25 -0.67 -10.42 2.22
C SER B 25 -1.06 -9.91 0.83
N CYS B 26 -0.23 -10.24 -0.16
CA CYS B 26 -0.51 -9.82 -1.52
C CYS B 26 -1.37 -10.88 -2.20
N ALA B 27 -2.46 -10.46 -2.86
CA ALA B 27 -3.34 -11.41 -3.51
C ALA B 27 -2.68 -12.05 -4.72
N ASP B 28 -1.43 -11.68 -4.95
CA ASP B 28 -0.67 -12.22 -6.07
C ASP B 28 0.53 -13.00 -5.58
N CYS B 29 1.23 -12.42 -4.61
CA CYS B 29 2.42 -13.03 -4.03
C CYS B 29 2.11 -13.75 -2.73
N GLY B 30 1.31 -13.11 -1.90
CA GLY B 30 0.96 -13.67 -0.62
C GLY B 30 1.81 -13.06 0.49
N ARG B 31 2.73 -12.19 0.09
CA ARG B 31 3.62 -11.53 1.04
C ARG B 31 2.82 -10.66 1.99
N SER B 32 2.77 -11.09 3.24
CA SER B 32 2.02 -10.35 4.23
C SER B 32 2.88 -9.31 4.92
N GLY B 33 2.24 -8.35 5.59
CA GLY B 33 2.97 -7.31 6.29
C GLY B 33 2.16 -6.64 7.37
N HIS B 34 2.81 -6.18 8.44
CA HIS B 34 2.05 -5.49 9.47
C HIS B 34 1.90 -4.03 9.06
N PRO B 35 0.67 -3.49 9.05
CA PRO B 35 0.42 -2.10 8.61
C PRO B 35 1.24 -1.10 9.40
N THR B 36 1.79 -1.53 10.52
CA THR B 36 2.64 -0.68 11.33
C THR B 36 4.05 -0.73 10.75
N CYS B 37 4.35 -1.88 10.18
CA CYS B 37 5.62 -2.14 9.53
C CYS B 37 5.61 -1.58 8.12
N LEU B 38 4.39 -1.40 7.64
CA LEU B 38 4.13 -0.88 6.31
C LEU B 38 3.92 0.63 6.39
N GLN B 39 3.73 1.11 7.62
CA GLN B 39 3.49 2.51 7.89
C GLN B 39 2.13 2.95 7.35
N PHE B 40 1.25 1.96 7.19
CA PHE B 40 -0.10 2.21 6.69
C PHE B 40 -0.89 3.11 7.62
N THR B 41 -2.07 3.49 7.15
CA THR B 41 -3.00 4.28 7.91
C THR B 41 -4.13 3.36 8.35
N LEU B 42 -4.89 3.74 9.36
CA LEU B 42 -5.96 2.87 9.82
C LEU B 42 -6.82 2.37 8.67
N ASN B 43 -7.47 3.29 7.96
CA ASN B 43 -8.32 2.90 6.84
C ASN B 43 -7.60 1.90 5.93
N MET B 44 -6.39 2.25 5.47
CA MET B 44 -5.61 1.33 4.63
C MET B 44 -5.61 -0.02 5.29
N THR B 45 -4.99 -0.04 6.46
CA THR B 45 -4.90 -1.21 7.28
C THR B 45 -6.17 -2.05 7.17
N GLU B 46 -7.29 -1.45 7.53
CA GLU B 46 -8.58 -2.12 7.50
C GLU B 46 -9.00 -2.54 6.09
N ALA B 47 -8.62 -1.73 5.11
CA ALA B 47 -8.99 -1.98 3.71
C ALA B 47 -8.12 -3.03 3.05
N VAL B 48 -6.91 -3.18 3.54
CA VAL B 48 -5.94 -4.09 2.96
C VAL B 48 -5.98 -5.49 3.57
N LYS B 49 -6.54 -5.62 4.78
CA LYS B 49 -6.64 -6.91 5.44
C LYS B 49 -7.81 -7.71 4.90
N THR B 50 -8.64 -7.05 4.10
CA THR B 50 -9.84 -7.68 3.55
C THR B 50 -9.72 -7.96 2.07
N TYR B 51 -9.41 -6.94 1.28
CA TYR B 51 -9.31 -7.11 -0.17
C TYR B 51 -7.88 -7.38 -0.62
N LYS B 52 -7.66 -7.31 -1.92
CA LYS B 52 -6.36 -7.56 -2.52
C LYS B 52 -5.42 -6.40 -2.32
N TRP B 53 -4.80 -6.29 -1.15
CA TRP B 53 -3.88 -5.20 -0.90
C TRP B 53 -2.82 -5.18 -1.99
N GLN B 54 -2.54 -6.35 -2.54
CA GLN B 54 -1.55 -6.48 -3.62
C GLN B 54 -0.28 -5.72 -3.29
N CYS B 55 0.76 -6.45 -2.89
CA CYS B 55 2.03 -5.83 -2.57
C CYS B 55 2.36 -4.77 -3.60
N ILE B 56 3.21 -3.82 -3.23
CA ILE B 56 3.56 -2.74 -4.11
C ILE B 56 3.87 -3.27 -5.52
N GLU B 57 4.88 -4.10 -5.68
CA GLU B 57 5.25 -4.57 -7.02
C GLU B 57 4.03 -4.89 -7.89
N CYS B 58 2.95 -5.32 -7.25
CA CYS B 58 1.71 -5.68 -7.96
C CYS B 58 0.65 -4.57 -7.91
N LYS B 59 0.82 -3.67 -6.95
CA LYS B 59 -0.10 -2.57 -6.72
C LYS B 59 -0.71 -2.00 -8.01
N SER B 60 0.14 -1.68 -8.98
CA SER B 60 -0.29 -1.11 -10.25
C SER B 60 -1.41 -0.11 -10.08
N CYS B 61 -1.92 0.36 -11.19
CA CYS B 61 -3.02 1.29 -11.16
C CYS B 61 -4.28 0.51 -10.84
N ILE B 62 -5.39 1.18 -10.98
CA ILE B 62 -6.71 0.62 -10.81
C ILE B 62 -7.49 1.30 -11.90
N LEU B 63 -6.95 2.46 -12.24
CA LEU B 63 -7.47 3.26 -13.30
C LEU B 63 -6.97 2.62 -14.59
N CYS B 64 -5.99 1.73 -14.40
CA CYS B 64 -5.40 0.94 -15.48
C CYS B 64 -5.13 -0.47 -14.99
N GLY B 65 -4.66 -0.60 -13.74
CA GLY B 65 -4.34 -1.92 -13.22
C GLY B 65 -3.29 -2.58 -14.07
N THR B 66 -2.37 -1.76 -14.57
CA THR B 66 -1.30 -2.23 -15.44
C THR B 66 0.06 -1.76 -14.95
N SER B 67 0.05 -0.80 -14.04
CA SER B 67 1.26 -0.20 -13.52
C SER B 67 1.86 0.76 -14.54
N GLU B 68 1.52 0.53 -15.80
CA GLU B 68 1.98 1.35 -16.93
C GLU B 68 3.16 2.26 -16.60
N ASN B 69 2.90 3.57 -16.53
CA ASN B 69 3.95 4.54 -16.23
C ASN B 69 4.56 4.30 -14.86
N ASP B 70 3.71 3.89 -13.92
CA ASP B 70 4.11 3.64 -12.53
C ASP B 70 4.97 4.75 -11.95
N ASP B 71 5.18 5.80 -12.71
CA ASP B 71 5.93 6.94 -12.23
C ASP B 71 4.95 8.00 -11.81
N GLN B 72 3.67 7.68 -12.02
CA GLN B 72 2.59 8.56 -11.68
C GLN B 72 1.66 7.81 -10.77
N LEU B 73 1.65 6.48 -10.89
CA LEU B 73 0.80 5.67 -10.04
C LEU B 73 0.76 6.31 -8.67
N LEU B 74 -0.43 6.55 -8.21
CA LEU B 74 -0.65 7.15 -6.92
C LEU B 74 -1.17 6.10 -5.98
N PHE B 75 -0.39 5.82 -4.98
CA PHE B 75 -0.68 4.76 -4.06
C PHE B 75 -1.49 5.23 -2.88
N CYS B 76 -2.79 5.08 -3.01
CA CYS B 76 -3.69 5.45 -1.95
C CYS B 76 -3.40 4.55 -0.78
N ASP B 77 -2.57 4.96 0.16
CA ASP B 77 -2.32 4.08 1.29
C ASP B 77 -3.48 4.14 2.26
N ASP B 78 -4.69 4.09 1.70
CA ASP B 78 -5.90 4.04 2.47
C ASP B 78 -6.66 2.77 2.08
N CYS B 79 -6.01 2.01 1.20
CA CYS B 79 -6.50 0.73 0.71
C CYS B 79 -5.44 0.11 -0.21
N ASP B 80 -4.70 0.98 -0.93
CA ASP B 80 -3.57 0.59 -1.81
C ASP B 80 -3.82 0.84 -3.31
N ARG B 81 -5.07 1.10 -3.72
CA ARG B 81 -5.36 1.34 -5.14
C ARG B 81 -4.43 2.41 -5.76
N GLY B 82 -3.48 1.97 -6.61
CA GLY B 82 -2.59 2.93 -7.26
C GLY B 82 -3.28 3.61 -8.42
N TYR B 83 -3.00 4.89 -8.63
CA TYR B 83 -3.64 5.66 -9.68
C TYR B 83 -2.62 6.49 -10.39
N HIS B 84 -2.26 6.20 -11.61
CA HIS B 84 -1.31 7.07 -12.24
C HIS B 84 -1.87 8.46 -12.01
N MET B 85 -1.14 9.27 -11.28
CA MET B 85 -1.58 10.60 -10.90
C MET B 85 -2.28 11.34 -12.04
N TYR B 86 -2.22 10.81 -13.25
CA TYR B 86 -2.91 11.42 -14.36
C TYR B 86 -4.06 10.53 -14.81
N CYS B 87 -4.56 9.78 -13.83
CA CYS B 87 -5.69 8.88 -14.02
C CYS B 87 -6.82 9.33 -13.13
N LEU B 88 -6.43 10.01 -12.05
CA LEU B 88 -7.38 10.53 -11.08
C LEU B 88 -8.35 11.51 -11.70
N ASN B 89 -9.26 12.01 -10.88
CA ASN B 89 -10.23 12.98 -11.31
C ASN B 89 -9.60 14.33 -11.23
N PRO B 90 -8.85 14.57 -10.13
CA PRO B 90 -8.06 15.74 -9.96
C PRO B 90 -6.61 15.31 -10.11
N PRO B 91 -6.26 14.79 -11.30
CA PRO B 91 -4.93 14.21 -11.56
C PRO B 91 -3.78 15.10 -11.14
N VAL B 92 -2.81 14.53 -10.42
CA VAL B 92 -1.66 15.27 -9.97
C VAL B 92 -0.50 14.96 -10.90
N ALA B 93 0.59 15.67 -10.71
CA ALA B 93 1.77 15.47 -11.54
C ALA B 93 2.93 14.95 -10.73
N GLU B 94 2.80 15.14 -9.43
CA GLU B 94 3.85 14.77 -8.49
C GLU B 94 3.30 14.79 -7.06
N PRO B 95 2.59 15.89 -6.70
CA PRO B 95 1.98 16.13 -5.41
C PRO B 95 2.07 15.00 -4.36
N PRO B 96 1.22 13.93 -4.33
CA PRO B 96 1.28 12.92 -3.29
C PRO B 96 1.75 11.57 -3.82
N GLU B 97 2.85 11.58 -4.56
CA GLU B 97 3.40 10.39 -5.18
C GLU B 97 3.36 9.15 -4.30
N GLY B 98 3.25 9.34 -3.00
CA GLY B 98 3.24 8.20 -2.10
C GLY B 98 1.96 8.03 -1.32
N SER B 99 1.73 8.93 -0.36
CA SER B 99 0.54 8.88 0.49
C SER B 99 -0.72 9.01 -0.36
N TRP B 100 -1.53 10.04 -0.10
CA TRP B 100 -2.71 10.29 -0.90
C TRP B 100 -3.75 9.19 -0.78
N SER B 101 -4.99 9.56 -0.99
CA SER B 101 -6.11 8.63 -0.96
C SER B 101 -6.69 8.52 -2.36
N CYS B 102 -7.37 7.42 -2.63
CA CYS B 102 -7.94 7.20 -3.96
C CYS B 102 -9.37 7.73 -4.03
N HIS B 103 -10.06 7.42 -5.12
CA HIS B 103 -11.43 7.90 -5.28
C HIS B 103 -12.42 6.99 -4.57
N LEU B 104 -12.19 5.69 -4.61
CA LEU B 104 -13.11 4.75 -3.98
C LEU B 104 -13.20 5.03 -2.49
N CYS B 105 -12.08 5.43 -1.93
CA CYS B 105 -12.01 5.74 -0.51
C CYS B 105 -12.67 7.04 -0.21
N TRP B 106 -12.69 7.87 -1.21
CA TRP B 106 -13.24 9.18 -1.09
C TRP B 106 -14.72 9.19 -1.21
N GLU B 107 -15.21 8.62 -2.25
CA GLU B 107 -16.61 8.57 -2.43
C GLU B 107 -17.19 7.87 -1.21
N LEU B 108 -16.32 7.06 -0.60
CA LEU B 108 -16.63 6.33 0.60
C LEU B 108 -16.39 7.23 1.80
N LEU B 109 -15.54 8.22 1.59
CA LEU B 109 -15.17 9.21 2.60
C LEU B 109 -16.36 10.10 2.84
N LYS B 110 -16.77 10.72 1.75
CA LYS B 110 -17.91 11.60 1.75
C LYS B 110 -19.13 10.84 2.19
N GLU B 111 -19.17 9.55 1.83
CA GLU B 111 -20.26 8.68 2.23
C GLU B 111 -20.25 8.50 3.74
N LYS B 112 -19.06 8.49 4.34
CA LYS B 112 -18.94 8.33 5.77
C LYS B 112 -19.64 9.45 6.54
N ALA B 113 -20.01 10.51 5.83
CA ALA B 113 -20.70 11.64 6.44
C ALA B 113 -22.09 11.27 6.93
N SER B 114 -22.81 12.28 7.39
CA SER B 114 -24.17 12.08 7.89
C SER B 114 -25.16 11.93 6.74
ZN ZN C . 5.96 -6.72 11.00
ZN ZN D . 2.64 -8.99 -5.16
ZN ZN E . -8.19 3.95 -1.45
ZN ZN F . -3.49 4.54 -14.58
C1A SAC A 1 5.84 -4.69 0.71
C2A SAC A 1 5.43 -6.03 1.33
OAC SAC A 1 5.87 -4.59 -0.52
N SAC A 1 6.02 -3.65 1.51
CA SAC A 1 5.95 -2.29 0.98
C SAC A 1 7.31 -1.85 0.46
O SAC A 1 8.31 -2.52 0.68
CB SAC A 1 5.47 -1.33 2.07
OG SAC A 1 6.53 -0.89 2.89
H1 SAC A 1 5.99 -3.78 2.48
H2A1 SAC A 1 4.53 -5.89 1.93
H2A2 SAC A 1 6.23 -6.39 1.97
H2A3 SAC A 1 5.24 -6.75 0.56
HA SAC A 1 5.24 -2.28 0.17
HB2 SAC A 1 5.01 -0.45 1.60
HB3 SAC A 1 4.72 -1.82 2.69
HG SAC A 1 7.31 -1.44 2.72
N GLY A 2 7.34 -0.70 -0.22
CA GLY A 2 8.58 -0.19 -0.77
C GLY A 2 9.17 -1.10 -1.81
N ARG A 3 8.32 -1.95 -2.37
CA ARG A 3 8.72 -2.89 -3.41
C ARG A 3 9.64 -3.99 -2.85
N GLY A 4 10.07 -3.84 -1.61
CA GLY A 4 10.92 -4.83 -0.98
C GLY A 4 12.37 -4.37 -0.84
N LYS A 5 13.05 -4.90 0.18
CA LYS A 5 14.44 -4.56 0.45
C LYS A 5 14.64 -3.05 0.57
N GLY A 6 13.61 -2.36 1.05
CA GLY A 6 13.68 -0.92 1.20
C GLY A 6 14.03 -0.22 -0.09
N GLY A 7 15.32 0.09 -0.28
CA GLY A 7 15.75 0.76 -1.48
C GLY A 7 16.93 1.68 -1.25
N LYS A 8 18.03 1.12 -0.77
CA LYS A 8 19.24 1.90 -0.51
C LYS A 8 20.11 1.98 -1.75
N GLY A 9 20.50 3.20 -2.11
CA GLY A 9 21.34 3.40 -3.28
C GLY A 9 22.36 4.51 -3.07
N LEU A 10 21.98 5.53 -2.33
CA LEU A 10 22.87 6.66 -2.06
C LEU A 10 22.55 7.29 -0.71
N GLY A 11 21.73 6.60 0.08
CA GLY A 11 21.35 7.11 1.39
C GLY A 11 19.85 7.28 1.54
N LYS A 12 19.43 8.45 2.02
CA LYS A 12 18.02 8.74 2.22
C LYS A 12 17.38 7.73 3.17
N GLY A 13 16.05 7.83 3.31
CA GLY A 13 15.32 6.94 4.19
C GLY A 13 13.83 7.21 4.18
N GLY A 14 13.40 8.03 3.24
CA GLY A 14 11.99 8.36 3.14
C GLY A 14 11.63 9.02 1.82
N ALA A 15 10.56 9.81 1.82
CA ALA A 15 10.11 10.51 0.62
C ALA A 15 9.71 9.52 -0.47
N LYS A 16 9.61 8.24 -0.11
CA LYS A 16 9.22 7.20 -1.06
C LYS A 16 8.32 6.18 -0.38
N ARG A 17 7.15 6.63 0.04
CA ARG A 17 6.19 5.76 0.71
C ARG A 17 5.73 4.61 -0.18
N HIS A 18 6.35 3.45 0.00
CA HIS A 18 6.02 2.23 -0.75
C HIS A 18 5.72 2.49 -2.21
N ARG A 19 6.67 2.08 -3.05
CA ARG A 19 6.51 2.21 -4.49
C ARG A 19 7.43 1.30 -5.28
N LYS A 20 6.87 0.85 -6.37
CA LYS A 20 7.52 -0.04 -7.30
C LYS A 20 8.52 0.70 -8.20
N GLY B 1 2.22 -20.29 2.63
CA GLY B 1 1.80 -19.19 3.54
C GLY B 1 2.59 -17.92 3.32
N SER B 2 2.50 -16.99 4.27
CA SER B 2 3.23 -15.72 4.18
C SER B 2 3.44 -15.10 5.54
N TYR B 3 3.95 -13.88 5.52
CA TYR B 3 4.24 -13.13 6.72
C TYR B 3 4.71 -11.72 6.37
N CYS B 4 4.73 -10.85 7.37
CA CYS B 4 5.15 -9.47 7.18
C CYS B 4 6.56 -9.40 6.61
N ASP B 5 6.70 -8.69 5.50
CA ASP B 5 7.99 -8.54 4.85
C ASP B 5 8.99 -7.80 5.76
N PHE B 6 8.52 -7.44 6.96
CA PHE B 6 9.35 -6.70 7.91
C PHE B 6 9.70 -7.54 9.16
N CYS B 7 8.85 -8.52 9.51
CA CYS B 7 9.14 -9.39 10.66
C CYS B 7 9.16 -10.83 10.21
N LEU B 8 8.31 -11.10 9.23
CA LEU B 8 8.18 -12.41 8.65
C LEU B 8 7.62 -13.40 9.66
N GLY B 9 6.75 -12.88 10.52
CA GLY B 9 6.13 -13.71 11.54
C GLY B 9 4.73 -14.14 11.15
N GLY B 10 3.73 -13.42 11.67
CA GLY B 10 2.35 -13.73 11.36
C GLY B 10 1.41 -12.59 11.75
N SER B 11 0.15 -12.70 11.37
CA SER B 11 -0.83 -11.66 11.67
C SER B 11 -1.21 -11.65 13.15
N ASN B 12 -1.64 -12.79 13.68
CA ASN B 12 -2.01 -12.89 15.09
C ASN B 12 -0.78 -12.99 15.97
N MET B 13 0.31 -12.45 15.45
CA MET B 13 1.59 -12.44 16.17
C MET B 13 2.64 -11.77 15.33
N ASN B 14 2.91 -10.52 15.63
CA ASN B 14 3.91 -9.79 14.88
C ASN B 14 5.28 -10.15 15.39
N LYS B 15 6.05 -10.83 14.56
CA LYS B 15 7.38 -11.22 14.95
C LYS B 15 8.21 -9.99 15.25
N LYS B 16 9.35 -10.19 15.90
CA LYS B 16 10.24 -9.10 16.27
C LYS B 16 9.66 -8.39 17.48
N SER B 17 8.66 -9.05 18.05
CA SER B 17 7.91 -8.61 19.22
C SER B 17 6.99 -7.49 18.84
N GLY B 18 6.42 -7.61 17.65
CA GLY B 18 5.48 -6.63 17.19
C GLY B 18 4.11 -6.89 17.79
N ARG B 19 3.90 -8.17 18.10
CA ARG B 19 2.69 -8.68 18.73
C ARG B 19 1.52 -8.79 17.74
N PRO B 20 0.57 -9.66 18.08
CA PRO B 20 -0.60 -9.94 17.25
C PRO B 20 -1.29 -8.71 16.68
N GLU B 21 -1.04 -8.47 15.40
CA GLU B 21 -1.65 -7.36 14.68
C GLU B 21 -2.57 -7.89 13.60
N GLU B 22 -2.09 -7.91 12.36
CA GLU B 22 -2.86 -8.42 11.23
C GLU B 22 -2.14 -8.12 9.92
N LEU B 23 -1.36 -9.07 9.48
CA LEU B 23 -0.62 -8.95 8.24
C LEU B 23 -1.49 -8.52 7.08
N VAL B 24 -0.83 -8.30 5.95
CA VAL B 24 -1.50 -7.93 4.71
C VAL B 24 -0.69 -8.50 3.56
N SER B 25 -1.21 -9.56 2.95
CA SER B 25 -0.48 -10.19 1.86
C SER B 25 -0.89 -9.60 0.54
N CYS B 26 -0.13 -9.93 -0.47
CA CYS B 26 -0.40 -9.44 -1.80
C CYS B 26 -1.11 -10.53 -2.57
N ALA B 27 -2.23 -10.19 -3.19
CA ALA B 27 -3.00 -11.15 -3.94
C ALA B 27 -2.45 -11.34 -5.33
N ASP B 28 -1.22 -10.92 -5.52
CA ASP B 28 -0.59 -11.04 -6.81
C ASP B 28 0.62 -11.94 -6.68
N CYS B 29 1.28 -11.84 -5.53
CA CYS B 29 2.46 -12.65 -5.30
C CYS B 29 2.51 -13.32 -3.93
N GLY B 30 2.04 -12.65 -2.88
CA GLY B 30 2.03 -13.27 -1.57
C GLY B 30 2.92 -12.59 -0.53
N ARG B 31 3.03 -11.27 -0.62
CA ARG B 31 3.84 -10.53 0.33
C ARG B 31 2.99 -9.94 1.43
N SER B 32 3.10 -10.50 2.61
CA SER B 32 2.32 -10.00 3.73
C SER B 32 3.10 -8.94 4.50
N GLY B 33 2.39 -8.11 5.24
CA GLY B 33 3.06 -7.06 6.01
C GLY B 33 2.22 -6.56 7.15
N HIS B 34 2.85 -6.03 8.18
CA HIS B 34 2.07 -5.48 9.28
C HIS B 34 1.84 -4.00 9.06
N PRO B 35 0.57 -3.57 8.91
CA PRO B 35 0.23 -2.17 8.72
C PRO B 35 1.13 -1.22 9.54
N THR B 36 1.65 -1.69 10.66
CA THR B 36 2.55 -0.88 11.48
C THR B 36 3.92 -0.81 10.81
N CYS B 37 4.46 -1.97 10.49
CA CYS B 37 5.75 -2.08 9.81
C CYS B 37 5.62 -1.55 8.38
N LEU B 38 4.38 -1.33 7.98
CA LEU B 38 4.04 -0.86 6.65
C LEU B 38 3.89 0.65 6.63
N GLN B 39 3.63 1.20 7.82
CA GLN B 39 3.44 2.64 7.99
C GLN B 39 2.08 3.07 7.46
N PHE B 40 1.15 2.12 7.41
CA PHE B 40 -0.20 2.39 6.92
C PHE B 40 -0.99 3.27 7.87
N THR B 41 -2.10 3.76 7.36
CA THR B 41 -3.03 4.56 8.14
C THR B 41 -4.10 3.62 8.64
N LEU B 42 -4.98 4.07 9.52
CA LEU B 42 -6.01 3.19 10.03
C LEU B 42 -6.91 2.68 8.91
N ASN B 43 -7.70 3.57 8.33
CA ASN B 43 -8.61 3.19 7.24
C ASN B 43 -7.94 2.21 6.28
N MET B 44 -6.75 2.56 5.79
CA MET B 44 -6.03 1.67 4.89
C MET B 44 -5.81 0.35 5.56
N THR B 45 -5.13 0.37 6.70
CA THR B 45 -4.89 -0.84 7.45
C THR B 45 -6.11 -1.74 7.41
N GLU B 46 -7.25 -1.14 7.73
CA GLU B 46 -8.53 -1.84 7.77
C GLU B 46 -8.98 -2.31 6.39
N ALA B 47 -8.71 -1.48 5.38
CA ALA B 47 -9.14 -1.79 4.00
C ALA B 47 -8.27 -2.85 3.34
N VAL B 48 -7.00 -2.84 3.69
CA VAL B 48 -6.02 -3.73 3.12
C VAL B 48 -6.12 -5.16 3.66
N LYS B 49 -6.51 -5.30 4.92
CA LYS B 49 -6.65 -6.62 5.53
C LYS B 49 -7.82 -7.39 4.92
N THR B 50 -8.90 -6.66 4.63
CA THR B 50 -10.10 -7.26 4.08
C THR B 50 -9.94 -7.64 2.62
N TYR B 51 -9.40 -6.74 1.83
CA TYR B 51 -9.23 -6.99 0.41
C TYR B 51 -7.76 -7.28 0.04
N LYS B 52 -7.50 -7.26 -1.26
CA LYS B 52 -6.19 -7.56 -1.82
C LYS B 52 -5.04 -6.79 -1.19
N TRP B 53 -5.06 -5.48 -1.42
CA TRP B 53 -3.99 -4.58 -0.99
C TRP B 53 -2.83 -4.71 -1.96
N GLN B 54 -2.36 -5.95 -2.14
CA GLN B 54 -1.26 -6.24 -3.04
C GLN B 54 -0.01 -5.45 -2.64
N CYS B 55 1.15 -6.09 -2.69
CA CYS B 55 2.38 -5.42 -2.35
C CYS B 55 2.57 -4.27 -3.33
N ILE B 56 3.66 -3.53 -3.21
CA ILE B 56 3.84 -2.35 -4.07
C ILE B 56 4.15 -2.66 -5.54
N GLU B 57 5.03 -3.58 -5.75
CA GLU B 57 5.42 -3.94 -7.11
C GLU B 57 4.26 -4.47 -7.96
N CYS B 58 3.26 -5.10 -7.34
CA CYS B 58 2.14 -5.66 -8.10
C CYS B 58 0.85 -4.79 -8.14
N LYS B 59 0.63 -3.90 -7.17
CA LYS B 59 -0.63 -3.12 -7.13
C LYS B 59 -1.04 -2.60 -8.49
N SER B 60 -0.12 -1.96 -9.18
CA SER B 60 -0.44 -1.37 -10.45
C SER B 60 -1.61 -0.43 -10.28
N CYS B 61 -1.99 0.21 -11.35
CA CYS B 61 -3.10 1.13 -11.29
C CYS B 61 -4.40 0.38 -10.99
N ILE B 62 -5.45 1.15 -10.86
CA ILE B 62 -6.79 0.65 -10.67
C ILE B 62 -7.55 1.33 -11.77
N LEU B 63 -6.93 2.43 -12.21
CA LEU B 63 -7.43 3.22 -13.30
C LEU B 63 -6.97 2.55 -14.59
N CYS B 64 -5.92 1.72 -14.46
CA CYS B 64 -5.39 0.95 -15.57
C CYS B 64 -5.16 -0.50 -15.16
N GLY B 65 -4.72 -0.71 -13.90
CA GLY B 65 -4.45 -2.06 -13.46
C GLY B 65 -3.40 -2.72 -14.32
N THR B 66 -2.44 -1.92 -14.77
CA THR B 66 -1.38 -2.39 -15.65
C THR B 66 0.01 -2.07 -15.11
N SER B 67 0.07 -1.12 -14.18
CA SER B 67 1.32 -0.67 -13.59
C SER B 67 2.03 0.27 -14.56
N GLU B 68 1.61 0.19 -15.81
CA GLU B 68 2.15 1.01 -16.90
C GLU B 68 3.38 1.82 -16.52
N ASN B 69 3.14 3.07 -16.12
CA ASN B 69 4.22 3.97 -15.74
C ASN B 69 4.69 3.67 -14.32
N ASP B 70 3.75 3.29 -13.47
CA ASP B 70 4.01 3.01 -12.05
C ASP B 70 4.99 4.01 -11.46
N ASP B 71 5.14 5.12 -12.15
CA ASP B 71 5.99 6.21 -11.72
C ASP B 71 5.08 7.35 -11.32
N GLN B 72 3.79 7.12 -11.58
CA GLN B 72 2.76 8.08 -11.27
C GLN B 72 1.72 7.40 -10.41
N LEU B 73 1.64 6.08 -10.52
CA LEU B 73 0.67 5.33 -9.74
C LEU B 73 0.59 5.89 -8.36
N LEU B 74 -0.58 6.30 -7.98
CA LEU B 74 -0.77 6.83 -6.65
C LEU B 74 -1.40 5.79 -5.78
N PHE B 75 -0.66 5.39 -4.79
CA PHE B 75 -1.11 4.35 -3.91
C PHE B 75 -1.88 4.93 -2.76
N CYS B 76 -3.18 4.96 -2.93
CA CYS B 76 -4.03 5.46 -1.89
C CYS B 76 -3.76 4.67 -0.65
N ASP B 77 -2.97 5.20 0.27
CA ASP B 77 -2.68 4.44 1.45
C ASP B 77 -3.86 4.49 2.42
N ASP B 78 -5.06 4.36 1.86
CA ASP B 78 -6.28 4.29 2.62
C ASP B 78 -7.00 3.00 2.24
N CYS B 79 -6.30 2.19 1.43
CA CYS B 79 -6.77 0.90 0.96
C CYS B 79 -5.72 0.31 0.04
N ASP B 80 -5.08 1.19 -0.72
CA ASP B 80 -3.99 0.85 -1.65
C ASP B 80 -4.47 0.68 -3.09
N ARG B 81 -5.18 1.68 -3.60
CA ARG B 81 -5.64 1.68 -4.99
C ARG B 81 -4.75 2.62 -5.80
N GLY B 82 -3.72 2.08 -6.46
CA GLY B 82 -2.79 2.90 -7.22
C GLY B 82 -3.40 3.54 -8.46
N TYR B 83 -3.18 4.83 -8.62
CA TYR B 83 -3.70 5.55 -9.79
C TYR B 83 -2.60 6.34 -10.40
N HIS B 84 -2.14 5.99 -11.60
CA HIS B 84 -1.11 6.82 -12.16
C HIS B 84 -1.60 8.23 -11.92
N MET B 85 -0.79 9.02 -11.27
CA MET B 85 -1.19 10.37 -10.90
C MET B 85 -1.82 11.14 -12.05
N TYR B 86 -1.83 10.56 -13.23
CA TYR B 86 -2.47 11.21 -14.37
C TYR B 86 -3.67 10.37 -14.80
N CYS B 87 -4.21 9.65 -13.82
CA CYS B 87 -5.39 8.82 -14.01
C CYS B 87 -6.51 9.33 -13.12
N LEU B 88 -6.11 9.89 -11.98
CA LEU B 88 -7.05 10.46 -11.02
C LEU B 88 -7.98 11.46 -11.68
N ASN B 89 -8.90 11.99 -10.87
CA ASN B 89 -9.82 12.99 -11.33
C ASN B 89 -9.11 14.31 -11.24
N PRO B 90 -8.40 14.53 -10.13
CA PRO B 90 -7.55 15.66 -9.95
C PRO B 90 -6.11 15.15 -10.11
N PRO B 91 -5.77 14.64 -11.32
CA PRO B 91 -4.46 14.03 -11.59
C PRO B 91 -3.29 14.90 -11.14
N VAL B 92 -2.33 14.29 -10.43
CA VAL B 92 -1.18 15.01 -9.96
C VAL B 92 0.02 14.65 -10.81
N ALA B 93 1.11 15.33 -10.57
CA ALA B 93 2.34 15.09 -11.32
C ALA B 93 3.43 14.58 -10.40
N GLU B 94 3.21 14.80 -9.13
CA GLU B 94 4.17 14.45 -8.09
C GLU B 94 3.51 14.52 -6.71
N PRO B 95 2.79 15.63 -6.46
CA PRO B 95 2.07 15.92 -5.23
C PRO B 95 2.06 14.84 -4.11
N PRO B 96 1.17 13.81 -4.09
CA PRO B 96 1.14 12.87 -3.00
C PRO B 96 1.58 11.48 -3.42
N GLU B 97 2.62 11.43 -4.23
CA GLU B 97 3.17 10.20 -4.81
C GLU B 97 2.97 8.97 -3.94
N GLY B 98 2.94 9.14 -2.63
CA GLY B 98 2.79 7.99 -1.75
C GLY B 98 1.47 7.92 -1.02
N SER B 99 1.26 8.85 -0.10
CA SER B 99 0.02 8.90 0.70
C SER B 99 -1.17 9.07 -0.23
N TRP B 100 -1.98 10.12 0.01
CA TRP B 100 -3.10 10.40 -0.87
C TRP B 100 -4.15 9.30 -0.83
N SER B 101 -5.40 9.70 -0.96
CA SER B 101 -6.51 8.75 -0.98
C SER B 101 -6.97 8.55 -2.40
N CYS B 102 -7.84 7.58 -2.59
CA CYS B 102 -8.34 7.29 -3.92
C CYS B 102 -9.78 7.73 -4.06
N HIS B 103 -10.39 7.45 -5.20
CA HIS B 103 -11.76 7.86 -5.42
C HIS B 103 -12.75 6.92 -4.72
N LEU B 104 -12.45 5.64 -4.68
CA LEU B 104 -13.36 4.69 -4.02
C LEU B 104 -13.46 4.99 -2.54
N CYS B 105 -12.36 5.44 -1.97
CA CYS B 105 -12.30 5.78 -0.55
C CYS B 105 -12.99 7.07 -0.29
N TRP B 106 -12.91 7.92 -1.25
CA TRP B 106 -13.48 9.23 -1.17
C TRP B 106 -14.97 9.22 -1.32
N GLU B 107 -15.45 8.53 -2.31
CA GLU B 107 -16.85 8.49 -2.50
C GLU B 107 -17.43 7.83 -1.26
N LEU B 108 -16.58 6.99 -0.67
CA LEU B 108 -16.88 6.26 0.53
C LEU B 108 -16.59 7.14 1.73
N LEU B 109 -15.83 8.19 1.48
CA LEU B 109 -15.43 9.16 2.49
C LEU B 109 -16.59 10.07 2.76
N LYS B 110 -17.04 10.67 1.69
CA LYS B 110 -18.17 11.57 1.74
C LYS B 110 -19.37 10.79 2.24
N GLU B 111 -19.41 9.52 1.88
CA GLU B 111 -20.47 8.64 2.32
C GLU B 111 -20.39 8.44 3.83
N LYS B 112 -19.16 8.40 4.36
CA LYS B 112 -18.98 8.21 5.78
C LYS B 112 -19.61 9.34 6.60
N ALA B 113 -19.89 10.47 5.95
CA ALA B 113 -20.49 11.62 6.62
C ALA B 113 -21.88 11.29 7.14
N SER B 114 -22.53 12.31 7.66
CA SER B 114 -23.87 12.17 8.21
C SER B 114 -24.93 12.49 7.16
ZN ZN C . 5.97 -6.75 10.93
ZN ZN D . 3.06 -8.53 -4.94
ZN ZN E . -8.49 4.03 -1.33
ZN ZN F . -3.34 4.45 -14.61
C1A SAC A 1 6.10 -5.21 1.36
C2A SAC A 1 5.26 -6.46 1.70
OAC SAC A 1 6.82 -4.75 2.23
N SAC A 1 5.69 -4.49 0.32
CA SAC A 1 5.49 -3.04 0.45
C SAC A 1 6.74 -2.25 0.09
O SAC A 1 7.87 -2.70 0.33
CB SAC A 1 5.03 -2.65 1.86
OG SAC A 1 4.95 -1.24 2.01
H1 SAC A 1 5.13 -4.94 -0.34
H2A1 SAC A 1 4.64 -6.71 0.86
H2A2 SAC A 1 4.65 -6.24 2.56
H2A3 SAC A 1 5.92 -7.29 1.92
HA SAC A 1 4.71 -2.77 -0.25
HB2 SAC A 1 4.06 -3.07 2.05
HB3 SAC A 1 5.73 -3.04 2.59
HG SAC A 1 4.35 -1.03 2.72
N GLY A 2 6.53 -1.08 -0.51
CA GLY A 2 7.63 -0.22 -0.91
C GLY A 2 8.60 -0.95 -1.82
N ARG A 3 8.14 -2.04 -2.41
CA ARG A 3 8.94 -2.85 -3.31
C ARG A 3 10.21 -3.35 -2.62
N GLY A 4 11.23 -2.51 -2.56
CA GLY A 4 12.48 -2.90 -1.92
C GLY A 4 13.72 -2.49 -2.70
N LYS A 5 14.26 -3.41 -3.47
CA LYS A 5 15.45 -3.15 -4.27
C LYS A 5 15.29 -1.88 -5.10
N GLY A 6 16.11 -0.87 -4.80
CA GLY A 6 16.02 0.37 -5.53
C GLY A 6 17.00 0.43 -6.69
N GLY A 7 16.49 0.21 -7.90
CA GLY A 7 17.33 0.24 -9.08
C GLY A 7 16.79 1.15 -10.16
N LYS A 8 15.86 2.03 -9.78
CA LYS A 8 15.26 2.97 -10.72
C LYS A 8 15.21 4.37 -10.14
N GLY A 9 16.07 4.62 -9.14
CA GLY A 9 16.10 5.92 -8.51
C GLY A 9 17.52 6.37 -8.19
N LEU A 10 17.94 7.49 -8.76
CA LEU A 10 19.28 8.02 -8.53
C LEU A 10 19.35 8.74 -7.18
N GLY A 11 18.18 8.96 -6.58
CA GLY A 11 18.13 9.65 -5.29
C GLY A 11 18.27 8.69 -4.12
N LYS A 12 18.00 7.41 -4.38
CA LYS A 12 18.10 6.38 -3.35
C LYS A 12 17.12 6.65 -2.21
N GLY A 13 17.53 7.49 -1.26
CA GLY A 13 16.68 7.82 -0.13
C GLY A 13 16.59 6.69 0.87
N GLY A 14 16.65 7.03 2.15
CA GLY A 14 16.57 6.02 3.20
C GLY A 14 15.17 5.87 3.76
N ALA A 15 14.24 6.67 3.25
CA ALA A 15 12.85 6.62 3.70
C ALA A 15 11.88 6.65 2.52
N LYS A 16 10.93 5.71 2.53
CA LYS A 16 9.94 5.62 1.47
C LYS A 16 8.73 4.82 1.94
N ARG A 17 7.54 5.24 1.51
CA ARG A 17 6.31 4.55 1.90
C ARG A 17 5.59 3.99 0.67
N HIS A 18 5.58 2.67 0.55
CA HIS A 18 4.90 2.02 -0.58
C HIS A 18 5.42 2.54 -1.91
N ARG A 19 4.55 2.47 -2.91
CA ARG A 19 4.83 2.92 -4.27
C ARG A 19 5.43 1.84 -5.16
N LYS A 20 6.76 1.69 -5.14
CA LYS A 20 7.47 0.71 -5.98
C LYS A 20 8.91 1.16 -6.25
N GLY B 1 1.82 -19.80 3.42
CA GLY B 1 2.25 -19.37 4.78
C GLY B 1 3.05 -18.08 4.75
N SER B 2 2.39 -16.99 4.38
CA SER B 2 3.05 -15.69 4.30
C SER B 2 3.32 -15.12 5.67
N TYR B 3 3.79 -13.88 5.67
CA TYR B 3 4.12 -13.17 6.89
C TYR B 3 4.55 -11.74 6.57
N CYS B 4 4.61 -10.91 7.60
CA CYS B 4 5.00 -9.53 7.44
C CYS B 4 6.40 -9.41 6.83
N ASP B 5 6.50 -8.66 5.76
CA ASP B 5 7.78 -8.45 5.08
C ASP B 5 8.81 -7.80 6.00
N PHE B 6 8.35 -7.43 7.18
CA PHE B 6 9.20 -6.74 8.15
C PHE B 6 9.56 -7.61 9.36
N CYS B 7 8.72 -8.60 9.69
CA CYS B 7 9.01 -9.52 10.81
C CYS B 7 9.06 -10.93 10.29
N LEU B 8 8.20 -11.18 9.32
CA LEU B 8 8.11 -12.47 8.71
C LEU B 8 7.62 -13.49 9.72
N GLY B 9 6.76 -13.01 10.61
CA GLY B 9 6.19 -13.85 11.64
C GLY B 9 4.80 -14.34 11.30
N GLY B 10 3.81 -13.53 11.69
CA GLY B 10 2.42 -13.86 11.42
C GLY B 10 1.49 -12.85 12.09
N SER B 11 0.24 -12.76 11.62
CA SER B 11 -0.70 -11.81 12.19
C SER B 11 -0.88 -12.11 13.67
N ASN B 12 -1.71 -11.32 14.33
CA ASN B 12 -1.93 -11.47 15.78
C ASN B 12 -0.61 -11.73 16.48
N MET B 13 0.42 -11.14 15.90
CA MET B 13 1.79 -11.25 16.39
C MET B 13 2.68 -10.40 15.48
N ASN B 14 3.75 -9.84 16.03
CA ASN B 14 4.65 -9.00 15.24
C ASN B 14 6.09 -9.42 15.43
N LYS B 15 6.29 -10.73 15.39
CA LYS B 15 7.57 -11.40 15.57
C LYS B 15 8.71 -10.49 16.06
N LYS B 16 9.12 -9.55 15.24
CA LYS B 16 10.20 -8.64 15.61
C LYS B 16 9.94 -8.02 16.99
N SER B 17 8.71 -8.18 17.45
CA SER B 17 8.30 -7.70 18.76
C SER B 17 7.36 -8.70 19.42
N GLY B 18 6.86 -9.64 18.61
CA GLY B 18 5.91 -10.60 19.12
C GLY B 18 4.62 -9.96 19.56
N ARG B 19 4.39 -8.73 19.11
CA ARG B 19 3.16 -8.00 19.46
C ARG B 19 2.07 -8.33 18.47
N PRO B 20 0.83 -8.33 18.92
CA PRO B 20 -0.33 -8.64 18.09
C PRO B 20 -0.64 -7.57 17.04
N GLU B 21 -0.99 -8.02 15.85
CA GLU B 21 -1.35 -7.13 14.74
C GLU B 21 -2.30 -7.86 13.79
N GLU B 22 -2.01 -7.89 12.49
CA GLU B 22 -2.91 -8.58 11.55
C GLU B 22 -2.39 -8.59 10.12
N LEU B 23 -1.08 -8.45 9.99
CA LEU B 23 -0.44 -8.41 8.69
C LEU B 23 -1.33 -7.82 7.60
N VAL B 24 -0.89 -8.03 6.37
CA VAL B 24 -1.61 -7.67 5.17
C VAL B 24 -0.93 -8.35 4.01
N SER B 25 -1.55 -9.38 3.47
CA SER B 25 -0.93 -10.09 2.37
C SER B 25 -1.34 -9.46 1.06
N CYS B 26 -0.74 -9.93 0.00
CA CYS B 26 -1.00 -9.41 -1.32
C CYS B 26 -1.76 -10.43 -2.16
N ALA B 27 -2.81 -9.98 -2.83
CA ALA B 27 -3.62 -10.87 -3.64
C ALA B 27 -2.98 -11.14 -5.00
N ASP B 28 -1.67 -10.92 -5.10
CA ASP B 28 -0.97 -11.15 -6.34
C ASP B 28 0.23 -12.04 -6.08
N CYS B 29 0.90 -11.80 -4.96
CA CYS B 29 2.06 -12.58 -4.61
C CYS B 29 1.96 -13.20 -3.21
N GLY B 30 1.25 -12.53 -2.32
CA GLY B 30 1.06 -13.07 -0.98
C GLY B 30 1.90 -12.40 0.08
N ARG B 31 2.71 -11.42 -0.32
CA ARG B 31 3.55 -10.73 0.65
C ARG B 31 2.70 -10.07 1.72
N SER B 32 2.88 -10.48 2.95
CA SER B 32 2.13 -9.89 4.05
C SER B 32 2.97 -8.88 4.80
N GLY B 33 2.32 -8.01 5.56
CA GLY B 33 3.05 -7.01 6.33
C GLY B 33 2.23 -6.44 7.47
N HIS B 34 2.85 -6.08 8.58
CA HIS B 34 2.04 -5.49 9.65
C HIS B 34 1.85 -4.01 9.40
N PRO B 35 0.60 -3.55 9.20
CA PRO B 35 0.29 -2.15 8.95
C PRO B 35 1.28 -1.18 9.60
N THR B 36 1.59 -1.40 10.88
CA THR B 36 2.55 -0.55 11.58
C THR B 36 3.92 -0.67 10.92
N CYS B 37 4.34 -1.90 10.68
CA CYS B 37 5.62 -2.20 10.04
C CYS B 37 5.66 -1.61 8.63
N LEU B 38 4.48 -1.46 8.06
CA LEU B 38 4.33 -0.95 6.70
C LEU B 38 4.27 0.57 6.71
N GLN B 39 4.01 1.11 7.90
CA GLN B 39 3.90 2.53 8.10
C GLN B 39 2.56 3.05 7.58
N PHE B 40 1.62 2.12 7.37
CA PHE B 40 0.30 2.47 6.86
C PHE B 40 -0.45 3.41 7.78
N THR B 41 -1.64 3.77 7.32
CA THR B 41 -2.55 4.61 8.08
C THR B 41 -3.68 3.73 8.54
N LEU B 42 -4.42 4.17 9.56
CA LEU B 42 -5.51 3.35 10.07
C LEU B 42 -6.44 2.87 8.95
N ASN B 43 -7.06 3.80 8.25
CA ASN B 43 -7.99 3.44 7.18
C ASN B 43 -7.42 2.35 6.28
N MET B 44 -6.23 2.55 5.72
CA MET B 44 -5.64 1.51 4.87
C MET B 44 -5.60 0.23 5.63
N THR B 45 -4.89 0.27 6.75
CA THR B 45 -4.76 -0.88 7.61
C THR B 45 -6.05 -1.68 7.58
N GLU B 46 -7.14 -1.00 7.85
CA GLU B 46 -8.47 -1.60 7.88
C GLU B 46 -8.94 -2.06 6.50
N ALA B 47 -8.59 -1.29 5.46
CA ALA B 47 -9.02 -1.59 4.09
C ALA B 47 -8.20 -2.69 3.42
N VAL B 48 -6.99 -2.88 3.90
CA VAL B 48 -6.08 -3.83 3.30
C VAL B 48 -6.15 -5.23 3.91
N LYS B 49 -6.50 -5.32 5.19
CA LYS B 49 -6.62 -6.62 5.85
C LYS B 49 -7.81 -7.41 5.34
N THR B 50 -8.57 -6.80 4.41
CA THR B 50 -9.76 -7.44 3.88
C THR B 50 -9.69 -7.68 2.38
N TYR B 51 -9.47 -6.60 1.63
CA TYR B 51 -9.43 -6.70 0.18
C TYR B 51 -8.00 -6.95 -0.33
N LYS B 52 -7.83 -6.81 -1.64
CA LYS B 52 -6.55 -7.03 -2.30
C LYS B 52 -5.58 -5.87 -2.09
N TRP B 53 -4.83 -5.90 -0.99
CA TRP B 53 -3.86 -4.84 -0.75
C TRP B 53 -2.77 -4.93 -1.83
N GLN B 54 -2.74 -6.10 -2.49
CA GLN B 54 -1.82 -6.39 -3.59
C GLN B 54 -0.41 -5.85 -3.40
N CYS B 55 0.01 -5.67 -2.15
CA CYS B 55 1.35 -5.12 -1.85
C CYS B 55 1.71 -4.04 -2.86
N ILE B 56 2.99 -3.75 -3.00
CA ILE B 56 3.41 -2.74 -3.96
C ILE B 56 3.76 -3.34 -5.28
N GLU B 57 4.88 -3.97 -5.35
CA GLU B 57 5.41 -4.46 -6.61
C GLU B 57 4.30 -4.95 -7.57
N CYS B 58 3.18 -5.38 -7.02
CA CYS B 58 2.02 -5.85 -7.82
C CYS B 58 0.90 -4.79 -7.96
N LYS B 59 0.88 -3.84 -7.03
CA LYS B 59 -0.13 -2.79 -6.92
C LYS B 59 -0.64 -2.26 -8.26
N SER B 60 0.25 -1.88 -9.15
CA SER B 60 -0.11 -1.27 -10.42
C SER B 60 -1.23 -0.28 -10.23
N CYS B 61 -1.74 0.20 -11.32
CA CYS B 61 -2.85 1.12 -11.26
C CYS B 61 -4.10 0.34 -10.91
N ILE B 62 -5.22 1.01 -11.00
CA ILE B 62 -6.53 0.42 -10.81
C ILE B 62 -7.34 1.08 -11.90
N LEU B 63 -6.80 2.22 -12.29
CA LEU B 63 -7.33 3.00 -13.35
C LEU B 63 -6.83 2.34 -14.63
N CYS B 64 -5.81 1.48 -14.44
CA CYS B 64 -5.20 0.70 -15.51
C CYS B 64 -4.87 -0.71 -15.00
N GLY B 65 -4.41 -0.81 -13.75
CA GLY B 65 -4.04 -2.11 -13.20
C GLY B 65 -2.99 -2.78 -14.05
N THR B 66 -2.10 -1.96 -14.60
CA THR B 66 -1.03 -2.44 -15.47
C THR B 66 0.34 -1.98 -15.00
N SER B 67 0.34 -0.92 -14.18
CA SER B 67 1.56 -0.32 -13.67
C SER B 67 2.13 0.62 -14.71
N GLU B 68 1.72 0.37 -15.96
CA GLU B 68 2.12 1.16 -17.12
C GLU B 68 3.32 2.08 -16.88
N ASN B 69 3.04 3.31 -16.47
CA ASN B 69 4.07 4.30 -16.23
C ASN B 69 4.66 4.17 -14.85
N ASP B 70 3.81 3.76 -13.91
CA ASP B 70 4.20 3.58 -12.52
C ASP B 70 5.03 4.73 -11.97
N ASP B 71 5.17 5.79 -12.74
CA ASP B 71 5.92 6.95 -12.27
C ASP B 71 4.92 7.97 -11.81
N GLN B 72 3.66 7.59 -11.95
CA GLN B 72 2.55 8.42 -11.57
C GLN B 72 1.63 7.66 -10.63
N LEU B 73 1.60 6.34 -10.79
CA LEU B 73 0.73 5.52 -9.96
C LEU B 73 0.65 6.10 -8.57
N LEU B 74 -0.56 6.39 -8.15
CA LEU B 74 -0.76 6.89 -6.82
C LEU B 74 -1.33 5.83 -5.92
N PHE B 75 -0.53 5.47 -4.96
CA PHE B 75 -0.88 4.41 -4.04
C PHE B 75 -1.61 4.97 -2.86
N CYS B 76 -2.92 4.94 -2.97
CA CYS B 76 -3.76 5.42 -1.91
C CYS B 76 -3.49 4.59 -0.68
N ASP B 77 -2.72 5.09 0.27
CA ASP B 77 -2.48 4.26 1.43
C ASP B 77 -3.67 4.31 2.37
N ASP B 78 -4.86 4.25 1.78
CA ASP B 78 -6.10 4.19 2.52
C ASP B 78 -6.78 2.88 2.16
N CYS B 79 -6.08 2.11 1.33
CA CYS B 79 -6.50 0.81 0.84
C CYS B 79 -5.41 0.24 -0.05
N ASP B 80 -4.80 1.12 -0.87
CA ASP B 80 -3.67 0.80 -1.78
C ASP B 80 -3.91 1.25 -3.23
N ARG B 81 -5.06 0.86 -3.82
CA ARG B 81 -5.41 1.20 -5.21
C ARG B 81 -4.52 2.30 -5.80
N GLY B 82 -3.56 1.91 -6.64
CA GLY B 82 -2.66 2.89 -7.26
C GLY B 82 -3.28 3.51 -8.50
N TYR B 83 -3.08 4.81 -8.69
CA TYR B 83 -3.65 5.51 -9.84
C TYR B 83 -2.60 6.35 -10.49
N HIS B 84 -2.15 6.02 -11.70
CA HIS B 84 -1.18 6.89 -12.29
C HIS B 84 -1.72 8.28 -12.07
N MET B 85 -0.96 9.10 -11.40
CA MET B 85 -1.40 10.44 -11.04
C MET B 85 -2.11 11.17 -12.16
N TYR B 86 -2.09 10.61 -13.36
CA TYR B 86 -2.79 11.22 -14.47
C TYR B 86 -3.96 10.33 -14.88
N CYS B 87 -4.43 9.56 -13.90
CA CYS B 87 -5.57 8.67 -14.06
C CYS B 87 -6.69 9.13 -13.16
N LEU B 88 -6.29 9.69 -12.02
CA LEU B 88 -7.22 10.22 -11.03
C LEU B 88 -8.23 11.16 -11.65
N ASN B 89 -9.15 11.63 -10.82
CA ASN B 89 -10.15 12.57 -11.26
C ASN B 89 -9.52 13.93 -11.19
N PRO B 90 -8.80 14.21 -10.10
CA PRO B 90 -8.02 15.38 -9.96
C PRO B 90 -6.56 14.96 -10.16
N PRO B 91 -6.22 14.47 -11.38
CA PRO B 91 -4.90 13.92 -11.68
C PRO B 91 -3.76 14.84 -11.26
N VAL B 92 -2.79 14.29 -10.53
CA VAL B 92 -1.67 15.07 -10.09
C VAL B 92 -0.48 14.79 -10.99
N ALA B 93 0.56 15.56 -10.80
CA ALA B 93 1.77 15.41 -11.59
C ALA B 93 2.91 15.02 -10.70
N GLU B 94 2.70 15.23 -9.42
CA GLU B 94 3.71 14.99 -8.40
C GLU B 94 3.10 15.03 -7.00
N PRO B 95 2.28 16.08 -6.71
CA PRO B 95 1.59 16.33 -5.47
C PRO B 95 1.75 15.33 -4.30
N PRO B 96 1.11 14.14 -4.24
CA PRO B 96 1.25 13.28 -3.08
C PRO B 96 2.32 12.19 -3.19
N GLU B 97 1.96 11.09 -3.80
CA GLU B 97 2.84 9.94 -3.99
C GLU B 97 3.28 9.32 -2.66
N GLY B 98 2.41 9.35 -1.67
CA GLY B 98 2.72 8.74 -0.39
C GLY B 98 1.84 9.21 0.75
N SER B 99 0.54 9.05 0.56
CA SER B 99 -0.47 9.44 1.53
C SER B 99 -1.82 9.39 0.85
N TRP B 100 -1.90 10.26 -0.14
CA TRP B 100 -3.02 10.44 -1.03
C TRP B 100 -4.02 9.31 -0.99
N SER B 101 -5.28 9.69 -0.95
CA SER B 101 -6.36 8.72 -0.94
C SER B 101 -6.86 8.54 -2.37
N CYS B 102 -7.54 7.44 -2.63
CA CYS B 102 -8.04 7.17 -3.97
C CYS B 102 -9.48 7.62 -4.13
N HIS B 103 -10.14 7.21 -5.21
CA HIS B 103 -11.52 7.62 -5.45
C HIS B 103 -12.51 6.70 -4.76
N LEU B 104 -12.23 5.41 -4.73
CA LEU B 104 -13.14 4.45 -4.10
C LEU B 104 -13.27 4.77 -2.61
N CYS B 105 -12.18 5.23 -2.05
CA CYS B 105 -12.14 5.58 -0.64
C CYS B 105 -12.83 6.87 -0.42
N TRP B 106 -12.87 7.65 -1.47
CA TRP B 106 -13.47 8.94 -1.44
C TRP B 106 -14.94 8.90 -1.53
N GLU B 107 -15.44 8.23 -2.53
CA GLU B 107 -16.84 8.14 -2.66
C GLU B 107 -17.37 7.50 -1.39
N LEU B 108 -16.47 6.74 -0.76
CA LEU B 108 -16.73 6.06 0.48
C LEU B 108 -16.45 7.01 1.65
N LEU B 109 -15.65 8.02 1.34
CA LEU B 109 -15.28 9.06 2.28
C LEU B 109 -16.46 9.94 2.54
N LYS B 110 -16.93 10.50 1.44
CA LYS B 110 -18.09 11.35 1.46
C LYS B 110 -19.26 10.53 1.97
N GLU B 111 -19.21 9.24 1.66
CA GLU B 111 -20.22 8.32 2.12
C GLU B 111 -20.23 8.29 3.64
N LYS B 112 -19.04 8.43 4.26
CA LYS B 112 -18.97 8.42 5.70
C LYS B 112 -19.82 9.55 6.27
N ALA B 113 -19.43 10.78 5.94
CA ALA B 113 -20.11 11.98 6.38
C ALA B 113 -20.52 11.93 7.85
N SER B 114 -21.38 12.86 8.21
CA SER B 114 -21.88 12.99 9.57
C SER B 114 -20.74 12.97 10.59
ZN ZN C . 5.89 -6.87 11.22
ZN ZN D . 2.47 -8.50 -4.34
ZN ZN E . -8.23 3.93 -1.42
ZN ZN F . -3.35 4.36 -14.65
C1A SAC A 1 5.49 -4.23 1.19
C2A SAC A 1 5.52 -5.63 1.79
OAC SAC A 1 5.55 -4.10 -0.04
N SAC A 1 5.49 -3.17 2.00
CA SAC A 1 5.65 -1.82 1.48
C SAC A 1 7.07 -1.63 0.96
O SAC A 1 8.04 -2.09 1.57
CB SAC A 1 5.35 -0.77 2.56
OG SAC A 1 6.45 -0.60 3.44
H1 SAC A 1 5.45 -3.31 2.96
H2A1 SAC A 1 6.14 -6.27 1.18
H2A2 SAC A 1 4.52 -6.02 1.83
H2A3 SAC A 1 5.93 -5.58 2.79
HA SAC A 1 4.96 -1.69 0.66
HB2 SAC A 1 5.15 0.18 2.09
HB3 SAC A 1 4.49 -1.09 3.13
HG SAC A 1 7.06 0.04 3.08
N GLY A 2 7.19 -0.95 -0.16
CA GLY A 2 8.50 -0.73 -0.76
C GLY A 2 8.93 -1.92 -1.57
N ARG A 3 8.72 -1.84 -2.88
CA ARG A 3 9.07 -2.93 -3.79
C ARG A 3 10.43 -3.54 -3.45
N GLY A 4 11.43 -2.67 -3.26
CA GLY A 4 12.75 -3.15 -2.92
C GLY A 4 13.73 -2.02 -2.67
N LYS A 5 15.02 -2.32 -2.75
CA LYS A 5 16.07 -1.33 -2.52
C LYS A 5 15.93 -0.69 -1.14
N GLY A 6 16.23 -1.46 -0.10
CA GLY A 6 16.12 -0.95 1.25
C GLY A 6 17.40 -0.29 1.72
N GLY A 7 18.33 -0.08 0.79
CA GLY A 7 19.59 0.55 1.12
C GLY A 7 19.41 1.95 1.66
N LYS A 8 20.36 2.39 2.48
CA LYS A 8 20.31 3.74 3.06
C LYS A 8 20.45 4.80 1.98
N GLY A 9 19.76 5.92 2.17
CA GLY A 9 19.82 7.01 1.21
C GLY A 9 20.90 8.02 1.55
N LEU A 10 21.74 8.35 0.58
CA LEU A 10 22.81 9.32 0.79
C LEU A 10 22.25 10.74 0.90
N GLY A 11 21.88 11.12 2.12
CA GLY A 11 21.33 12.44 2.34
C GLY A 11 19.90 12.58 1.87
N LYS A 12 18.99 11.86 2.51
CA LYS A 12 17.57 11.90 2.15
C LYS A 12 16.70 11.45 3.31
N GLY A 13 17.18 10.44 4.05
CA GLY A 13 16.42 9.93 5.18
C GLY A 13 15.62 8.69 4.82
N GLY A 14 14.30 8.80 4.94
CA GLY A 14 13.44 7.67 4.63
C GLY A 14 12.64 7.89 3.35
N ALA A 15 11.34 8.10 3.50
CA ALA A 15 10.46 8.33 2.36
C ALA A 15 10.49 7.15 1.39
N LYS A 16 9.83 7.31 0.25
CA LYS A 16 9.78 6.26 -0.76
C LYS A 16 9.17 4.98 -0.20
N ARG A 17 8.21 5.13 0.71
CA ARG A 17 7.56 3.97 1.33
C ARG A 17 6.39 3.49 0.47
N HIS A 18 6.39 2.20 0.17
CA HIS A 18 5.32 1.59 -0.63
C HIS A 18 5.28 2.18 -2.03
N ARG A 19 5.94 1.48 -2.95
CA ARG A 19 5.97 1.87 -4.35
C ARG A 19 6.51 0.73 -5.22
N LYS A 20 6.55 0.95 -6.53
CA LYS A 20 6.99 -0.12 -7.42
C LYS A 20 7.39 0.38 -8.81
N GLY B 1 -0.53 -18.93 4.38
CA GLY B 1 0.26 -18.53 5.57
C GLY B 1 0.87 -17.15 5.43
N SER B 2 1.99 -17.07 4.73
CA SER B 2 2.68 -15.81 4.51
C SER B 2 3.05 -15.12 5.81
N TYR B 3 3.55 -13.91 5.69
CA TYR B 3 3.96 -13.11 6.83
C TYR B 3 4.44 -11.74 6.37
N CYS B 4 4.54 -10.83 7.32
CA CYS B 4 4.99 -9.47 7.05
C CYS B 4 6.36 -9.46 6.39
N ASP B 5 6.45 -8.90 5.20
CA ASP B 5 7.72 -8.80 4.48
C ASP B 5 8.80 -8.09 5.32
N PHE B 6 8.40 -7.60 6.48
CA PHE B 6 9.33 -6.87 7.36
C PHE B 6 9.77 -7.68 8.59
N CYS B 7 8.90 -8.56 9.09
CA CYS B 7 9.22 -9.40 10.25
C CYS B 7 9.16 -10.85 9.86
N LEU B 8 8.25 -11.13 8.95
CA LEU B 8 8.04 -12.46 8.46
C LEU B 8 7.55 -13.37 9.57
N GLY B 9 6.74 -12.80 10.45
CA GLY B 9 6.17 -13.54 11.55
C GLY B 9 4.77 -14.01 11.27
N GLY B 10 3.80 -13.23 11.73
CA GLY B 10 2.40 -13.55 11.51
C GLY B 10 1.47 -12.47 12.04
N SER B 11 0.19 -12.56 11.68
CA SER B 11 -0.78 -11.59 12.14
C SER B 11 -1.23 -11.99 13.53
N ASN B 12 -1.68 -11.02 14.30
CA ASN B 12 -2.08 -11.26 15.68
C ASN B 12 -0.88 -11.79 16.44
N MET B 13 0.29 -11.49 15.89
CA MET B 13 1.57 -11.91 16.44
C MET B 13 2.69 -11.36 15.59
N ASN B 14 2.97 -10.09 15.72
CA ASN B 14 4.01 -9.45 14.92
C ASN B 14 5.37 -9.94 15.38
N LYS B 15 6.25 -10.24 14.43
CA LYS B 15 7.56 -10.73 14.79
C LYS B 15 8.56 -9.63 15.02
N LYS B 16 9.81 -10.00 15.28
CA LYS B 16 10.83 -9.03 15.57
C LYS B 16 10.40 -8.32 16.83
N SER B 17 9.55 -9.05 17.56
CA SER B 17 8.92 -8.61 18.79
C SER B 17 8.00 -7.49 18.43
N GLY B 18 7.25 -7.72 17.37
CA GLY B 18 6.32 -6.72 16.91
C GLY B 18 5.06 -6.72 17.74
N ARG B 19 4.63 -7.94 18.08
CA ARG B 19 3.46 -8.20 18.92
C ARG B 19 2.17 -8.27 18.10
N PRO B 20 1.15 -8.88 18.67
CA PRO B 20 -0.14 -9.08 18.02
C PRO B 20 -0.65 -7.86 17.27
N GLU B 21 -0.60 -7.95 15.94
CA GLU B 21 -1.05 -6.90 15.05
C GLU B 21 -2.04 -7.45 14.04
N GLU B 22 -1.71 -7.35 12.75
CA GLU B 22 -2.57 -7.86 11.70
C GLU B 22 -1.95 -7.62 10.35
N LEU B 23 -1.30 -8.63 9.84
CA LEU B 23 -0.64 -8.59 8.56
C LEU B 23 -1.58 -8.13 7.45
N VAL B 24 -1.01 -8.02 6.27
CA VAL B 24 -1.75 -7.66 5.07
C VAL B 24 -1.09 -8.38 3.92
N SER B 25 -1.74 -9.41 3.44
CA SER B 25 -1.19 -10.18 2.34
C SER B 25 -1.64 -9.60 1.02
N CYS B 26 -1.00 -10.01 -0.04
CA CYS B 26 -1.33 -9.52 -1.34
C CYS B 26 -2.23 -10.52 -2.07
N ALA B 27 -3.31 -10.02 -2.67
CA ALA B 27 -4.27 -10.87 -3.37
C ALA B 27 -3.72 -11.35 -4.71
N ASP B 28 -2.44 -11.09 -4.96
CA ASP B 28 -1.81 -11.50 -6.21
C ASP B 28 -0.57 -12.34 -5.94
N CYS B 29 0.22 -11.89 -4.97
CA CYS B 29 1.44 -12.56 -4.60
C CYS B 29 1.29 -13.33 -3.29
N GLY B 30 0.65 -12.68 -2.31
CA GLY B 30 0.44 -13.32 -1.02
C GLY B 30 1.32 -12.71 0.05
N ARG B 31 2.16 -11.78 -0.39
CA ARG B 31 3.09 -11.09 0.50
C ARG B 31 2.35 -10.32 1.58
N SER B 32 2.50 -10.76 2.82
CA SER B 32 1.83 -10.10 3.93
C SER B 32 2.73 -9.04 4.54
N GLY B 33 2.13 -8.11 5.28
CA GLY B 33 2.91 -7.06 5.91
C GLY B 33 2.21 -6.45 7.11
N HIS B 34 2.94 -5.90 8.05
CA HIS B 34 2.27 -5.27 9.18
C HIS B 34 2.08 -3.79 8.91
N PRO B 35 0.82 -3.32 8.85
CA PRO B 35 0.51 -1.91 8.62
C PRO B 35 1.50 -0.97 9.34
N THR B 36 2.07 -1.44 10.45
CA THR B 36 3.04 -0.65 11.19
C THR B 36 4.37 -0.64 10.44
N CYS B 37 4.80 -1.83 10.05
CA CYS B 37 6.04 -2.00 9.29
C CYS B 37 5.85 -1.47 7.87
N LEU B 38 4.59 -1.20 7.54
CA LEU B 38 4.22 -0.70 6.22
C LEU B 38 4.09 0.81 6.25
N GLN B 39 3.88 1.34 7.46
CA GLN B 39 3.72 2.77 7.68
C GLN B 39 2.38 3.25 7.13
N PHE B 40 1.43 2.33 7.03
CA PHE B 40 0.09 2.65 6.54
C PHE B 40 -0.63 3.61 7.48
N THR B 41 -1.86 3.93 7.09
CA THR B 41 -2.73 4.76 7.90
C THR B 41 -3.79 3.86 8.51
N LEU B 42 -4.68 4.38 9.31
CA LEU B 42 -5.70 3.52 9.91
C LEU B 42 -6.64 2.95 8.86
N ASN B 43 -7.45 3.81 8.25
CA ASN B 43 -8.38 3.37 7.23
C ASN B 43 -7.69 2.43 6.24
N MET B 44 -6.45 2.73 5.89
CA MET B 44 -5.67 1.88 5.01
C MET B 44 -5.55 0.53 5.63
N THR B 45 -4.86 0.52 6.76
CA THR B 45 -4.64 -0.68 7.53
C THR B 45 -5.89 -1.55 7.49
N GLU B 46 -7.01 -0.96 7.91
CA GLU B 46 -8.29 -1.65 7.95
C GLU B 46 -8.77 -2.08 6.56
N ALA B 47 -8.51 -1.24 5.56
CA ALA B 47 -8.96 -1.50 4.19
C ALA B 47 -8.18 -2.63 3.52
N VAL B 48 -6.86 -2.57 3.62
CA VAL B 48 -5.98 -3.54 3.02
C VAL B 48 -6.12 -4.94 3.61
N LYS B 49 -6.39 -5.02 4.91
CA LYS B 49 -6.54 -6.32 5.58
C LYS B 49 -7.78 -7.06 5.08
N THR B 50 -8.73 -6.31 4.54
CA THR B 50 -9.97 -6.89 4.05
C THR B 50 -9.95 -7.17 2.57
N TYR B 51 -9.52 -6.18 1.78
CA TYR B 51 -9.49 -6.34 0.34
C TYR B 51 -8.10 -6.76 -0.17
N LYS B 52 -7.91 -6.63 -1.48
CA LYS B 52 -6.69 -7.05 -2.16
C LYS B 52 -5.40 -6.46 -1.59
N TRP B 53 -5.13 -5.19 -1.95
CA TRP B 53 -3.92 -4.48 -1.55
C TRP B 53 -2.78 -4.83 -2.52
N GLN B 54 -2.96 -5.93 -3.26
CA GLN B 54 -1.98 -6.42 -4.26
C GLN B 54 -0.57 -5.97 -3.94
N CYS B 55 -0.20 -5.98 -2.67
CA CYS B 55 1.11 -5.50 -2.24
C CYS B 55 1.47 -4.24 -3.02
N ILE B 56 2.72 -3.82 -2.97
CA ILE B 56 3.15 -2.66 -3.68
C ILE B 56 3.80 -2.93 -5.04
N GLU B 57 4.53 -4.02 -5.17
CA GLU B 57 5.20 -4.33 -6.41
C GLU B 57 4.21 -4.56 -7.56
N CYS B 58 3.26 -5.46 -7.35
CA CYS B 58 2.27 -5.74 -8.38
C CYS B 58 1.12 -4.75 -8.26
N LYS B 59 1.14 -4.05 -7.14
CA LYS B 59 0.14 -3.04 -6.82
C LYS B 59 -0.37 -2.38 -8.09
N SER B 60 0.57 -1.91 -8.89
CA SER B 60 0.24 -1.25 -10.12
C SER B 60 -0.93 -0.30 -9.94
N CYS B 61 -1.49 0.11 -11.06
CA CYS B 61 -2.62 0.98 -11.04
C CYS B 61 -3.88 0.17 -10.75
N ILE B 62 -4.96 0.85 -10.57
CA ILE B 62 -6.26 0.24 -10.41
C ILE B 62 -7.03 0.80 -11.58
N LEU B 63 -6.47 1.93 -12.05
CA LEU B 63 -6.99 2.62 -13.19
C LEU B 63 -6.44 1.96 -14.45
N CYS B 64 -5.35 1.18 -14.25
CA CYS B 64 -4.73 0.43 -15.33
C CYS B 64 -4.36 -0.98 -14.87
N GLY B 65 -3.92 -1.10 -13.62
CA GLY B 65 -3.51 -2.41 -13.13
C GLY B 65 -2.38 -2.96 -13.97
N THR B 66 -1.51 -2.06 -14.43
CA THR B 66 -0.38 -2.43 -15.28
C THR B 66 0.96 -2.01 -14.69
N SER B 67 0.91 -1.04 -13.76
CA SER B 67 2.11 -0.49 -13.14
C SER B 67 2.81 0.47 -14.10
N GLU B 68 2.42 0.35 -15.36
CA GLU B 68 2.95 1.18 -16.45
C GLU B 68 4.10 2.09 -16.04
N ASN B 69 3.77 3.34 -15.72
CA ASN B 69 4.77 4.31 -15.32
C ASN B 69 5.17 4.15 -13.86
N ASP B 70 4.19 3.77 -13.04
CA ASP B 70 4.37 3.62 -11.59
C ASP B 70 5.01 4.83 -10.94
N ASP B 71 5.47 5.79 -11.73
CA ASP B 71 6.06 6.99 -11.18
C ASP B 71 4.97 8.01 -10.99
N GLN B 72 3.77 7.61 -11.38
CA GLN B 72 2.62 8.44 -11.22
C GLN B 72 1.63 7.69 -10.36
N LEU B 73 1.65 6.36 -10.47
CA LEU B 73 0.77 5.54 -9.68
C LEU B 73 0.64 6.17 -8.32
N LEU B 74 -0.56 6.52 -7.96
CA LEU B 74 -0.77 7.12 -6.67
C LEU B 74 -1.25 6.08 -5.69
N PHE B 75 -0.42 5.86 -4.72
CA PHE B 75 -0.68 4.86 -3.73
C PHE B 75 -1.47 5.39 -2.59
N CYS B 76 -2.77 5.17 -2.69
CA CYS B 76 -3.65 5.59 -1.65
C CYS B 76 -3.35 4.79 -0.43
N ASP B 77 -2.61 5.34 0.52
CA ASP B 77 -2.36 4.55 1.70
C ASP B 77 -3.52 4.70 2.66
N ASP B 78 -4.72 4.65 2.07
CA ASP B 78 -5.96 4.71 2.81
C ASP B 78 -6.73 3.44 2.49
N CYS B 79 -6.28 2.76 1.44
CA CYS B 79 -6.79 1.50 0.99
C CYS B 79 -6.03 1.04 -0.25
N ASP B 80 -4.77 1.47 -0.33
CA ASP B 80 -3.84 1.12 -1.39
C ASP B 80 -4.24 1.66 -2.76
N ARG B 81 -4.91 0.84 -3.58
CA ARG B 81 -5.32 1.21 -4.95
C ARG B 81 -4.45 2.32 -5.55
N GLY B 82 -3.48 1.94 -6.39
CA GLY B 82 -2.61 2.93 -7.01
C GLY B 82 -3.19 3.48 -8.30
N TYR B 83 -3.02 4.78 -8.51
CA TYR B 83 -3.56 5.42 -9.73
C TYR B 83 -2.51 6.27 -10.37
N HIS B 84 -2.00 5.91 -11.54
CA HIS B 84 -1.03 6.79 -12.13
C HIS B 84 -1.65 8.15 -12.00
N MET B 85 -0.97 9.04 -11.32
CA MET B 85 -1.47 10.38 -11.05
C MET B 85 -2.11 11.03 -12.28
N TYR B 86 -2.03 10.39 -13.43
CA TYR B 86 -2.67 10.90 -14.62
C TYR B 86 -3.79 9.95 -15.03
N CYS B 87 -4.32 9.27 -14.02
CA CYS B 87 -5.42 8.33 -14.17
C CYS B 87 -6.58 8.78 -13.29
N LEU B 88 -6.23 9.47 -12.22
CA LEU B 88 -7.19 9.99 -11.26
C LEU B 88 -8.24 10.83 -11.97
N ASN B 89 -9.13 11.38 -11.17
CA ASN B 89 -10.16 12.26 -11.67
C ASN B 89 -9.59 13.64 -11.73
N PRO B 90 -8.87 14.03 -10.67
CA PRO B 90 -8.15 15.25 -10.61
C PRO B 90 -6.66 14.89 -10.70
N PRO B 91 -6.27 14.28 -11.84
CA PRO B 91 -4.92 13.76 -12.04
C PRO B 91 -3.82 14.73 -11.63
N VAL B 92 -2.88 14.25 -10.82
CA VAL B 92 -1.79 15.06 -10.35
C VAL B 92 -0.57 14.73 -11.17
N ALA B 93 0.49 15.49 -10.95
CA ALA B 93 1.73 15.28 -11.68
C ALA B 93 2.86 14.92 -10.75
N GLU B 94 2.62 15.18 -9.48
CA GLU B 94 3.62 14.98 -8.44
C GLU B 94 2.95 15.10 -7.07
N PRO B 95 2.16 16.18 -6.88
CA PRO B 95 1.42 16.50 -5.69
C PRO B 95 1.47 15.49 -4.50
N PRO B 96 0.50 14.53 -4.33
CA PRO B 96 0.49 13.64 -3.18
C PRO B 96 1.09 12.26 -3.42
N GLU B 97 2.32 12.20 -3.88
CA GLU B 97 2.95 10.92 -4.18
C GLU B 97 3.01 9.98 -2.97
N GLY B 98 3.11 10.52 -1.75
CA GLY B 98 3.21 9.67 -0.58
C GLY B 98 2.07 9.80 0.41
N SER B 99 0.86 9.51 -0.05
CA SER B 99 -0.37 9.56 0.75
C SER B 99 -1.55 9.56 -0.21
N TRP B 100 -2.44 10.56 -0.08
CA TRP B 100 -3.56 10.69 -1.00
C TRP B 100 -4.47 9.48 -1.03
N SER B 101 -5.69 9.64 -0.53
CA SER B 101 -6.64 8.53 -0.57
C SER B 101 -7.17 8.45 -1.99
N CYS B 102 -7.40 7.25 -2.48
CA CYS B 102 -7.87 7.10 -3.84
C CYS B 102 -9.37 7.33 -3.94
N HIS B 103 -10.03 6.81 -4.97
CA HIS B 103 -11.46 7.07 -5.14
C HIS B 103 -12.38 6.06 -4.48
N LEU B 104 -12.06 4.78 -4.52
CA LEU B 104 -12.95 3.78 -3.93
C LEU B 104 -13.21 4.03 -2.45
N CYS B 105 -12.20 4.49 -1.75
CA CYS B 105 -12.32 4.76 -0.31
C CYS B 105 -13.10 5.99 -0.08
N TRP B 106 -12.89 6.89 -0.98
CA TRP B 106 -13.48 8.18 -0.93
C TRP B 106 -14.92 8.22 -1.28
N GLU B 107 -15.29 7.54 -2.32
CA GLU B 107 -16.65 7.52 -2.69
C GLU B 107 -17.39 6.86 -1.55
N LEU B 108 -16.63 6.01 -0.86
CA LEU B 108 -17.10 5.28 0.29
C LEU B 108 -16.98 6.17 1.53
N LEU B 109 -16.15 7.19 1.37
CA LEU B 109 -15.88 8.15 2.43
C LEU B 109 -17.07 9.06 2.57
N LYS B 110 -17.37 9.68 1.46
CA LYS B 110 -18.49 10.58 1.37
C LYS B 110 -19.76 9.79 1.63
N GLU B 111 -19.69 8.52 1.25
CA GLU B 111 -20.81 7.61 1.46
C GLU B 111 -21.04 7.41 2.95
N LYS B 112 -19.97 7.44 3.74
CA LYS B 112 -20.11 7.26 5.18
C LYS B 112 -21.12 8.24 5.76
N ALA B 113 -21.17 9.42 5.15
CA ALA B 113 -22.08 10.48 5.59
C ALA B 113 -23.53 10.05 5.53
N SER B 114 -24.40 11.00 5.82
CA SER B 114 -25.84 10.76 5.81
C SER B 114 -26.42 10.96 4.41
ZN ZN C . 6.20 -6.62 10.59
ZN ZN D . 1.37 -8.44 -5.19
ZN ZN E . -8.29 4.22 -1.51
ZN ZN F . -2.99 4.13 -14.49
C1A SAC A 1 5.87 -4.25 0.61
C2A SAC A 1 6.31 -5.70 0.90
OAC SAC A 1 5.25 -4.01 -0.42
N SAC A 1 6.19 -3.30 1.48
CA SAC A 1 5.84 -1.89 1.25
C SAC A 1 7.02 -1.13 0.67
O SAC A 1 8.17 -1.39 1.01
CB SAC A 1 5.38 -1.24 2.55
OG SAC A 1 5.71 0.13 2.58
H1 SAC A 1 6.69 -3.54 2.29
H2A1 SAC A 1 5.83 -6.35 0.19
H2A2 SAC A 1 6.01 -5.97 1.91
H2A3 SAC A 1 7.37 -5.78 0.81
HA SAC A 1 5.03 -1.88 0.55
HB2 SAC A 1 4.30 -1.34 2.63
HB3 SAC A 1 5.83 -1.74 3.40
HG SAC A 1 6.62 0.23 2.88
N GLY A 2 6.71 -0.18 -0.21
CA GLY A 2 7.74 0.63 -0.83
C GLY A 2 8.71 -0.21 -1.66
N ARG A 3 8.26 -1.43 -2.00
CA ARG A 3 9.07 -2.35 -2.78
C ARG A 3 10.35 -2.73 -2.05
N GLY A 4 11.35 -1.84 -2.10
CA GLY A 4 12.62 -2.11 -1.43
C GLY A 4 12.80 -1.28 -0.18
N LYS A 5 13.74 -1.68 0.67
CA LYS A 5 14.01 -0.96 1.90
C LYS A 5 14.69 0.38 1.62
N GLY A 6 13.88 1.42 1.44
CA GLY A 6 14.40 2.73 1.16
C GLY A 6 14.85 3.46 2.41
N GLY A 7 15.29 4.70 2.26
CA GLY A 7 15.74 5.48 3.40
C GLY A 7 17.09 5.03 3.91
N LYS A 8 17.93 4.55 3.01
CA LYS A 8 19.27 4.09 3.39
C LYS A 8 20.23 4.17 2.20
N GLY A 9 20.35 5.37 1.63
CA GLY A 9 21.25 5.56 0.49
C GLY A 9 21.17 6.96 -0.07
N LEU A 10 21.26 7.96 0.79
CA LEU A 10 21.20 9.35 0.38
C LEU A 10 19.93 9.63 -0.42
N GLY A 11 18.84 9.91 0.30
CA GLY A 11 17.57 10.17 -0.35
C GLY A 11 17.61 11.43 -1.20
N LYS A 12 17.02 11.36 -2.39
CA LYS A 12 16.99 12.48 -3.30
C LYS A 12 15.89 13.46 -2.92
N GLY A 13 14.64 13.03 -3.07
CA GLY A 13 13.52 13.88 -2.72
C GLY A 13 13.47 14.22 -1.24
N GLY A 14 13.07 13.25 -0.43
CA GLY A 14 13.00 13.46 1.00
C GLY A 14 11.80 12.79 1.62
N ALA A 15 10.87 12.32 0.79
CA ALA A 15 9.66 11.65 1.27
C ALA A 15 9.01 10.82 0.17
N LYS A 16 8.75 9.56 0.47
CA LYS A 16 8.12 8.65 -0.49
C LYS A 16 7.61 7.40 0.22
N ARG A 17 6.28 7.31 0.36
CA ARG A 17 5.66 6.17 1.03
C ARG A 17 4.90 5.29 0.04
N HIS A 18 5.33 4.03 -0.08
CA HIS A 18 4.71 3.07 -0.98
C HIS A 18 4.81 3.48 -2.43
N ARG A 19 5.44 2.62 -3.23
CA ARG A 19 5.58 2.87 -4.65
C ARG A 19 6.14 1.66 -5.39
N LYS A 20 7.41 1.71 -5.79
CA LYS A 20 8.10 0.61 -6.50
C LYS A 20 9.21 1.14 -7.39
N GLY B 1 2.40 -20.43 5.65
CA GLY B 1 1.92 -19.53 4.57
C GLY B 1 2.79 -18.30 4.39
N SER B 2 2.18 -17.13 4.49
CA SER B 2 2.90 -15.87 4.34
C SER B 2 3.21 -15.23 5.68
N TYR B 3 3.71 -14.01 5.61
CA TYR B 3 4.06 -13.24 6.78
C TYR B 3 4.54 -11.86 6.37
N CYS B 4 4.59 -10.96 7.34
CA CYS B 4 5.03 -9.59 7.10
C CYS B 4 6.42 -9.55 6.50
N ASP B 5 6.55 -8.81 5.40
CA ASP B 5 7.83 -8.68 4.72
C ASP B 5 8.86 -7.95 5.59
N PHE B 6 8.43 -7.55 6.78
CA PHE B 6 9.28 -6.82 7.70
C PHE B 6 9.66 -7.66 8.94
N CYS B 7 8.80 -8.60 9.34
CA CYS B 7 9.09 -9.46 10.49
C CYS B 7 9.07 -10.90 10.07
N LEU B 8 8.21 -11.18 9.11
CA LEU B 8 8.06 -12.51 8.57
C LEU B 8 7.51 -13.47 9.62
N GLY B 9 6.65 -12.93 10.48
CA GLY B 9 6.04 -13.72 11.52
C GLY B 9 4.62 -14.13 11.17
N GLY B 10 3.67 -13.42 11.74
CA GLY B 10 2.26 -13.69 11.47
C GLY B 10 1.35 -12.54 11.87
N SER B 11 0.10 -12.59 11.41
CA SER B 11 -0.87 -11.53 11.71
C SER B 11 -1.26 -11.54 13.18
N ASN B 12 -1.91 -12.61 13.63
CA ASN B 12 -2.30 -12.73 15.04
C ASN B 12 -1.08 -13.05 15.87
N MET B 13 0.09 -12.85 15.28
CA MET B 13 1.35 -13.11 15.95
C MET B 13 2.51 -12.51 15.18
N ASN B 14 2.83 -11.28 15.49
CA ASN B 14 3.94 -10.61 14.84
C ASN B 14 5.22 -11.29 15.25
N LYS B 15 6.35 -10.81 14.75
CA LYS B 15 7.60 -11.43 15.09
C LYS B 15 8.61 -10.47 15.66
N LYS B 16 8.77 -9.31 15.04
CA LYS B 16 9.71 -8.33 15.53
C LYS B 16 9.23 -7.82 16.88
N SER B 17 8.01 -8.23 17.26
CA SER B 17 7.41 -7.87 18.52
C SER B 17 6.73 -9.06 19.15
N GLY B 18 6.34 -10.01 18.31
CA GLY B 18 5.61 -11.15 18.80
C GLY B 18 4.21 -10.78 19.24
N ARG B 19 3.77 -9.62 18.79
CA ARG B 19 2.42 -9.12 19.13
C ARG B 19 1.39 -9.44 18.05
N PRO B 20 0.15 -9.67 18.48
CA PRO B 20 -0.97 -9.98 17.59
C PRO B 20 -1.45 -8.77 16.79
N GLU B 21 -0.86 -8.56 15.62
CA GLU B 21 -1.26 -7.46 14.75
C GLU B 21 -2.20 -7.99 13.66
N GLU B 22 -1.93 -7.67 12.40
CA GLU B 22 -2.75 -8.15 11.30
C GLU B 22 -2.10 -7.88 9.97
N LEU B 23 -1.38 -8.89 9.51
CA LEU B 23 -0.68 -8.82 8.24
C LEU B 23 -1.57 -8.41 7.08
N VAL B 24 -0.93 -8.30 5.92
CA VAL B 24 -1.60 -7.97 4.68
C VAL B 24 -0.85 -8.62 3.56
N SER B 25 -1.40 -9.67 2.97
CA SER B 25 -0.71 -10.35 1.91
C SER B 25 -1.11 -9.81 0.56
N CYS B 26 -0.34 -10.20 -0.44
CA CYS B 26 -0.56 -9.78 -1.80
C CYS B 26 -1.38 -10.81 -2.53
N ALA B 27 -2.41 -10.37 -3.22
CA ALA B 27 -3.22 -11.29 -3.99
C ALA B 27 -2.60 -11.47 -5.36
N ASP B 28 -1.32 -11.12 -5.45
CA ASP B 28 -0.59 -11.23 -6.68
C ASP B 28 0.67 -12.03 -6.48
N CYS B 29 1.31 -11.86 -5.32
CA CYS B 29 2.55 -12.58 -5.05
C CYS B 29 2.59 -13.26 -3.69
N GLY B 30 1.64 -12.92 -2.84
CA GLY B 30 1.56 -13.52 -1.52
C GLY B 30 2.51 -12.95 -0.50
N ARG B 31 2.80 -11.66 -0.59
CA ARG B 31 3.69 -11.03 0.37
C ARG B 31 2.88 -10.27 1.42
N SER B 32 2.92 -10.76 2.65
CA SER B 32 2.17 -10.15 3.73
C SER B 32 2.99 -9.08 4.44
N GLY B 33 2.30 -8.22 5.19
CA GLY B 33 2.98 -7.17 5.93
C GLY B 33 2.16 -6.61 7.07
N HIS B 34 2.80 -6.12 8.12
CA HIS B 34 2.03 -5.51 9.21
C HIS B 34 1.84 -4.04 8.85
N PRO B 35 0.60 -3.52 8.90
CA PRO B 35 0.32 -2.13 8.54
C PRO B 35 1.14 -1.13 9.35
N THR B 36 1.71 -1.61 10.46
CA THR B 36 2.57 -0.77 11.30
C THR B 36 3.97 -0.78 10.69
N CYS B 37 4.29 -1.91 10.09
CA CYS B 37 5.56 -2.13 9.42
C CYS B 37 5.51 -1.54 8.02
N LEU B 38 4.28 -1.34 7.59
CA LEU B 38 3.97 -0.82 6.27
C LEU B 38 3.78 0.69 6.31
N GLN B 39 3.60 1.20 7.53
CA GLN B 39 3.40 2.62 7.78
C GLN B 39 1.99 3.04 7.35
N PHE B 40 1.09 2.07 7.28
CA PHE B 40 -0.29 2.34 6.88
C PHE B 40 -1.05 3.19 7.88
N THR B 41 -2.21 3.62 7.43
CA THR B 41 -3.12 4.39 8.26
C THR B 41 -4.20 3.43 8.71
N LEU B 42 -5.07 3.83 9.62
CA LEU B 42 -6.11 2.92 10.08
C LEU B 42 -6.97 2.44 8.92
N ASN B 43 -7.69 3.35 8.28
CA ASN B 43 -8.55 2.98 7.17
C ASN B 43 -7.82 2.05 6.20
N MET B 44 -6.60 2.43 5.81
CA MET B 44 -5.79 1.59 4.94
C MET B 44 -5.75 0.21 5.52
N THR B 45 -5.13 0.14 6.68
CA THR B 45 -4.99 -1.09 7.42
C THR B 45 -6.25 -1.94 7.29
N GLU B 46 -7.37 -1.37 7.70
CA GLU B 46 -8.65 -2.07 7.66
C GLU B 46 -9.07 -2.45 6.25
N ALA B 47 -8.75 -1.61 5.28
CA ALA B 47 -9.13 -1.85 3.88
C ALA B 47 -8.27 -2.92 3.22
N VAL B 48 -6.99 -2.91 3.55
CA VAL B 48 -6.02 -3.82 2.97
C VAL B 48 -6.17 -5.25 3.45
N LYS B 49 -6.51 -5.43 4.72
CA LYS B 49 -6.67 -6.76 5.30
C LYS B 49 -7.83 -7.51 4.65
N THR B 50 -8.91 -6.78 4.39
CA THR B 50 -10.11 -7.36 3.80
C THR B 50 -9.94 -7.69 2.33
N TYR B 51 -9.47 -6.71 1.56
CA TYR B 51 -9.31 -6.92 0.13
C TYR B 51 -7.86 -7.27 -0.23
N LYS B 52 -7.57 -7.22 -1.52
CA LYS B 52 -6.26 -7.57 -2.06
C LYS B 52 -5.09 -6.85 -1.39
N TRP B 53 -5.09 -5.54 -1.58
CA TRP B 53 -4.02 -4.67 -1.11
C TRP B 53 -2.85 -4.78 -2.06
N GLN B 54 -2.61 -6.00 -2.55
CA GLN B 54 -1.53 -6.29 -3.49
C GLN B 54 -0.30 -5.42 -3.22
N CYS B 55 0.70 -5.99 -2.55
CA CYS B 55 1.92 -5.27 -2.22
C CYS B 55 2.32 -4.34 -3.35
N ILE B 56 3.02 -3.29 -2.98
CA ILE B 56 3.48 -2.25 -3.90
C ILE B 56 3.88 -2.77 -5.23
N GLU B 57 4.98 -3.44 -5.28
CA GLU B 57 5.52 -3.85 -6.54
C GLU B 57 4.43 -4.37 -7.49
N CYS B 58 3.40 -5.01 -6.93
CA CYS B 58 2.28 -5.54 -7.70
C CYS B 58 1.04 -4.62 -7.67
N LYS B 59 1.05 -3.66 -6.75
CA LYS B 59 -0.08 -2.74 -6.53
C LYS B 59 -0.84 -2.38 -7.82
N SER B 60 -0.10 -2.18 -8.91
CA SER B 60 -0.67 -1.79 -10.20
C SER B 60 -1.73 -0.71 -10.06
N CYS B 61 -1.95 0.03 -11.13
CA CYS B 61 -2.98 1.05 -11.11
C CYS B 61 -4.30 0.35 -10.83
N ILE B 62 -5.34 1.12 -10.71
CA ILE B 62 -6.68 0.59 -10.54
C ILE B 62 -7.45 1.24 -11.65
N LEU B 63 -6.84 2.32 -12.13
CA LEU B 63 -7.34 3.09 -13.21
C LEU B 63 -6.88 2.43 -14.51
N CYS B 64 -5.87 1.56 -14.36
CA CYS B 64 -5.33 0.78 -15.47
C CYS B 64 -5.08 -0.66 -15.02
N GLY B 65 -4.71 -0.83 -13.75
CA GLY B 65 -4.41 -2.17 -13.27
C GLY B 65 -3.33 -2.81 -14.09
N THR B 66 -2.33 -2.02 -14.46
CA THR B 66 -1.24 -2.49 -15.31
C THR B 66 0.13 -2.05 -14.81
N SER B 67 0.16 -1.25 -13.75
CA SER B 67 1.42 -0.73 -13.22
C SER B 67 2.23 -0.11 -14.35
N GLU B 68 1.52 0.26 -15.43
CA GLU B 68 2.11 0.89 -16.61
C GLU B 68 3.32 1.77 -16.28
N ASN B 69 3.09 3.08 -16.19
CA ASN B 69 4.15 4.02 -15.89
C ASN B 69 4.72 3.73 -14.52
N ASP B 70 3.85 3.37 -13.59
CA ASP B 70 4.25 3.08 -12.22
C ASP B 70 5.20 4.15 -11.71
N ASP B 71 5.21 5.28 -12.42
CA ASP B 71 6.02 6.41 -12.05
C ASP B 71 5.09 7.54 -11.66
N GLN B 72 3.80 7.27 -11.79
CA GLN B 72 2.76 8.21 -11.45
C GLN B 72 1.77 7.54 -10.53
N LEU B 73 1.68 6.22 -10.62
CA LEU B 73 0.76 5.48 -9.78
C LEU B 73 0.69 6.11 -8.41
N LEU B 74 -0.51 6.46 -8.01
CA LEU B 74 -0.73 7.04 -6.70
C LEU B 74 -1.30 6.02 -5.76
N PHE B 75 -0.52 5.71 -4.74
CA PHE B 75 -0.90 4.67 -3.82
C PHE B 75 -1.69 5.22 -2.67
N CYS B 76 -3.00 5.14 -2.81
CA CYS B 76 -3.88 5.60 -1.76
C CYS B 76 -3.59 4.76 -0.54
N ASP B 77 -2.78 5.26 0.38
CA ASP B 77 -2.48 4.45 1.55
C ASP B 77 -3.66 4.46 2.51
N ASP B 78 -4.86 4.42 1.95
CA ASP B 78 -6.07 4.34 2.74
C ASP B 78 -6.81 3.06 2.36
N CYS B 79 -6.12 2.25 1.52
CA CYS B 79 -6.61 0.97 1.06
C CYS B 79 -5.57 0.37 0.11
N ASP B 80 -4.88 1.25 -0.61
CA ASP B 80 -3.80 0.90 -1.53
C ASP B 80 -4.25 0.75 -2.98
N ARG B 81 -4.98 1.74 -3.49
CA ARG B 81 -5.40 1.72 -4.88
C ARG B 81 -4.52 2.68 -5.68
N GLY B 82 -3.47 2.16 -6.33
CA GLY B 82 -2.59 3.02 -7.10
C GLY B 82 -3.24 3.58 -8.34
N TYR B 83 -3.06 4.86 -8.57
CA TYR B 83 -3.63 5.54 -9.74
C TYR B 83 -2.55 6.33 -10.40
N HIS B 84 -2.10 5.97 -11.59
CA HIS B 84 -1.10 6.82 -12.19
C HIS B 84 -1.64 8.21 -12.01
N MET B 85 -0.90 9.04 -11.31
CA MET B 85 -1.32 10.40 -11.00
C MET B 85 -1.97 11.13 -12.17
N TYR B 86 -1.95 10.53 -13.35
CA TYR B 86 -2.61 11.13 -14.49
C TYR B 86 -3.78 10.24 -14.91
N CYS B 87 -4.32 9.55 -13.90
CA CYS B 87 -5.46 8.66 -14.05
C CYS B 87 -6.58 9.15 -13.15
N LEU B 88 -6.15 9.76 -12.05
CA LEU B 88 -7.06 10.30 -11.06
C LEU B 88 -8.10 11.22 -11.70
N ASN B 89 -8.93 11.80 -10.86
CA ASN B 89 -9.93 12.74 -11.32
C ASN B 89 -9.29 14.10 -11.33
N PRO B 90 -8.54 14.42 -10.25
CA PRO B 90 -7.73 15.60 -10.17
C PRO B 90 -6.27 15.15 -10.33
N PRO B 91 -5.94 14.57 -11.51
CA PRO B 91 -4.62 14.00 -11.78
C PRO B 91 -3.47 14.91 -11.36
N VAL B 92 -2.51 14.33 -10.62
CA VAL B 92 -1.38 15.08 -10.16
C VAL B 92 -0.18 14.73 -11.03
N ALA B 93 0.90 15.43 -10.84
CA ALA B 93 2.11 15.18 -11.61
C ALA B 93 3.24 14.73 -10.72
N GLU B 94 3.07 14.96 -9.45
CA GLU B 94 4.07 14.66 -8.45
C GLU B 94 3.46 14.76 -7.05
N PRO B 95 2.74 15.88 -6.79
CA PRO B 95 2.06 16.18 -5.55
C PRO B 95 2.08 15.10 -4.44
N PRO B 96 1.05 14.23 -4.26
CA PRO B 96 1.02 13.25 -3.19
C PRO B 96 1.50 11.87 -3.60
N GLU B 97 2.58 11.84 -4.35
CA GLU B 97 3.16 10.62 -4.91
C GLU B 97 2.98 9.37 -4.04
N GLY B 98 3.15 9.49 -2.74
CA GLY B 98 3.04 8.33 -1.89
C GLY B 98 1.71 8.21 -1.16
N SER B 99 1.49 9.11 -0.21
CA SER B 99 0.27 9.10 0.61
C SER B 99 -0.96 9.21 -0.29
N TRP B 100 -1.74 10.28 -0.10
CA TRP B 100 -2.90 10.51 -0.94
C TRP B 100 -3.95 9.42 -0.81
N SER B 101 -5.20 9.81 -0.99
CA SER B 101 -6.31 8.88 -0.91
C SER B 101 -6.88 8.66 -2.32
N CYS B 102 -7.71 7.64 -2.49
CA CYS B 102 -8.25 7.35 -3.80
C CYS B 102 -9.72 7.71 -3.87
N HIS B 103 -10.34 7.50 -5.02
CA HIS B 103 -11.74 7.86 -5.19
C HIS B 103 -12.68 6.90 -4.46
N LEU B 104 -12.42 5.61 -4.53
CA LEU B 104 -13.27 4.62 -3.90
C LEU B 104 -13.41 4.88 -2.40
N CYS B 105 -12.36 5.39 -1.82
CA CYS B 105 -12.33 5.67 -0.40
C CYS B 105 -13.24 6.77 -0.02
N TRP B 106 -13.34 7.81 -0.83
CA TRP B 106 -14.25 8.85 -0.48
C TRP B 106 -15.60 8.66 -1.00
N GLU B 107 -15.75 8.02 -2.12
CA GLU B 107 -17.07 7.78 -2.53
C GLU B 107 -17.67 7.03 -1.35
N LEU B 108 -16.72 6.48 -0.59
CA LEU B 108 -16.92 5.77 0.65
C LEU B 108 -16.87 6.73 1.84
N LEU B 109 -16.03 7.78 1.74
CA LEU B 109 -15.89 8.77 2.80
C LEU B 109 -17.18 9.52 2.90
N LYS B 110 -17.49 10.15 1.78
CA LYS B 110 -18.70 10.92 1.61
C LYS B 110 -19.93 10.04 1.82
N GLU B 111 -19.88 8.80 1.34
CA GLU B 111 -20.99 7.87 1.52
C GLU B 111 -21.32 7.71 2.99
N LYS B 112 -20.27 7.70 3.82
CA LYS B 112 -20.46 7.53 5.25
C LYS B 112 -21.40 8.58 5.82
N ALA B 113 -21.34 9.79 5.27
CA ALA B 113 -22.19 10.89 5.71
C ALA B 113 -23.64 10.64 5.37
N SER B 114 -24.47 11.64 5.63
CA SER B 114 -25.89 11.58 5.36
C SER B 114 -26.49 10.25 5.82
ZN ZN C . 5.97 -6.75 10.72
ZN ZN D . 3.08 -8.40 -4.46
ZN ZN E . -8.36 4.16 -1.22
ZN ZN F . -3.30 4.30 -14.54
C1A SAC A 1 6.41 -4.60 0.65
C2A SAC A 1 6.21 -6.03 1.13
OAC SAC A 1 6.49 -4.39 -0.57
N SAC A 1 6.45 -3.60 1.53
CA SAC A 1 6.35 -2.21 1.12
C SAC A 1 7.67 -1.76 0.48
O SAC A 1 8.71 -2.36 0.72
CB SAC A 1 6.02 -1.32 2.31
OG SAC A 1 7.18 -1.04 3.08
H1 SAC A 1 6.37 -3.82 2.48
H2A1 SAC A 1 6.07 -6.69 0.29
H2A2 SAC A 1 5.34 -6.07 1.77
H2A3 SAC A 1 7.08 -6.36 1.69
HA SAC A 1 5.56 -2.12 0.37
HB2 SAC A 1 5.60 -0.39 1.96
HB3 SAC A 1 5.29 -1.82 2.94
HG SAC A 1 7.86 -1.67 2.86
N GLY A 2 7.60 -0.69 -0.30
CA GLY A 2 8.78 -0.18 -0.96
C GLY A 2 9.47 -1.24 -1.80
N ARG A 3 8.69 -2.24 -2.19
CA ARG A 3 9.17 -3.36 -3.01
C ARG A 3 10.44 -3.97 -2.44
N GLY A 4 11.04 -4.87 -3.20
CA GLY A 4 12.27 -5.52 -2.75
C GLY A 4 12.76 -6.56 -3.73
N LYS A 5 13.49 -6.12 -4.75
CA LYS A 5 14.03 -7.03 -5.76
C LYS A 5 15.15 -6.36 -6.54
N GLY A 6 16.20 -7.13 -6.83
CA GLY A 6 17.33 -6.60 -7.58
C GLY A 6 18.54 -7.51 -7.53
N GLY A 7 19.12 -7.78 -8.70
CA GLY A 7 20.29 -8.64 -8.77
C GLY A 7 20.40 -9.37 -10.09
N LYS A 8 19.31 -9.37 -10.85
CA LYS A 8 19.30 -10.05 -12.15
C LYS A 8 18.40 -9.31 -13.14
N GLY A 9 18.88 -9.14 -14.36
CA GLY A 9 18.11 -8.45 -15.38
C GLY A 9 18.10 -6.94 -15.19
N LEU A 10 17.08 -6.29 -15.76
CA LEU A 10 16.96 -4.84 -15.64
C LEU A 10 16.62 -4.43 -14.21
N GLY A 11 16.93 -3.19 -13.86
CA GLY A 11 16.65 -2.70 -12.52
C GLY A 11 16.93 -1.22 -12.39
N LYS A 12 15.87 -0.43 -12.29
CA LYS A 12 16.00 1.02 -12.15
C LYS A 12 15.28 1.52 -10.91
N GLY A 13 16.04 2.02 -9.94
CA GLY A 13 15.45 2.52 -8.71
C GLY A 13 15.52 1.51 -7.58
N GLY A 14 14.90 1.84 -6.46
CA GLY A 14 14.91 0.95 -5.31
C GLY A 14 15.02 1.69 -3.99
N ALA A 15 14.35 2.84 -3.90
CA ALA A 15 14.38 3.65 -2.69
C ALA A 15 12.99 4.21 -2.37
N LYS A 16 12.95 5.23 -1.54
CA LYS A 16 11.69 5.85 -1.15
C LYS A 16 10.78 4.84 -0.45
N ARG A 17 9.55 5.25 -0.16
CA ARG A 17 8.59 4.38 0.51
C ARG A 17 7.45 3.97 -0.43
N HIS A 18 7.08 2.69 -0.37
CA HIS A 18 6.00 2.16 -1.19
C HIS A 18 6.27 2.38 -2.69
N ARG A 19 5.17 2.49 -3.42
CA ARG A 19 5.16 2.67 -4.87
C ARG A 19 5.32 1.39 -5.66
N LYS A 20 6.58 0.93 -5.79
CA LYS A 20 6.92 -0.30 -6.52
C LYS A 20 8.21 -0.10 -7.32
N GLY B 1 5.62 -19.12 4.42
CA GLY B 1 5.04 -18.59 5.69
C GLY B 1 4.42 -17.22 5.52
N SER B 2 4.70 -16.58 4.40
CA SER B 2 4.15 -15.25 4.09
C SER B 2 4.60 -14.20 5.08
N TYR B 3 3.89 -14.18 6.22
CA TYR B 3 4.10 -13.27 7.35
C TYR B 3 4.57 -11.89 6.94
N CYS B 4 4.57 -11.00 7.89
CA CYS B 4 5.00 -9.65 7.64
C CYS B 4 6.43 -9.63 7.11
N ASP B 5 6.61 -8.96 5.99
CA ASP B 5 7.92 -8.85 5.36
C ASP B 5 8.88 -8.04 6.24
N PHE B 6 8.37 -7.62 7.39
CA PHE B 6 9.15 -6.82 8.34
C PHE B 6 9.43 -7.57 9.66
N CYS B 7 8.54 -8.50 10.03
CA CYS B 7 8.76 -9.28 11.27
C CYS B 7 8.76 -10.76 10.94
N LEU B 8 8.01 -11.11 9.92
CA LEU B 8 7.92 -12.48 9.48
C LEU B 8 7.34 -13.36 10.55
N GLY B 9 6.43 -12.80 11.32
CA GLY B 9 5.77 -13.53 12.38
C GLY B 9 4.41 -14.04 11.95
N GLY B 10 3.39 -13.27 12.29
CA GLY B 10 2.03 -13.64 11.92
C GLY B 10 1.03 -12.59 12.36
N SER B 11 -0.13 -12.56 11.72
CA SER B 11 -1.16 -11.61 12.05
C SER B 11 -1.66 -11.90 13.45
N ASN B 12 -2.28 -10.90 14.05
CA ASN B 12 -2.79 -11.00 15.42
C ASN B 12 -1.73 -11.62 16.31
N MET B 13 -0.47 -11.43 15.91
CA MET B 13 0.67 -11.95 16.66
C MET B 13 2.00 -11.47 16.08
N ASN B 14 2.16 -10.16 16.01
CA ASN B 14 3.39 -9.56 15.51
C ASN B 14 4.58 -10.29 16.09
N LYS B 15 5.71 -10.27 15.39
CA LYS B 15 6.88 -10.96 15.87
C LYS B 15 7.90 -10.01 16.48
N LYS B 16 8.15 -8.91 15.81
CA LYS B 16 9.10 -7.94 16.32
C LYS B 16 8.63 -7.37 17.65
N SER B 17 7.41 -7.75 18.06
CA SER B 17 6.87 -7.30 19.33
C SER B 17 6.12 -8.41 20.05
N GLY B 18 5.68 -9.40 19.30
CA GLY B 18 4.89 -10.46 19.90
C GLY B 18 3.50 -9.97 20.26
N ARG B 19 3.13 -8.85 19.65
CA ARG B 19 1.82 -8.23 19.89
C ARG B 19 0.86 -8.53 18.77
N PRO B 20 -0.43 -8.58 19.08
CA PRO B 20 -1.48 -8.86 18.11
C PRO B 20 -1.69 -7.74 17.11
N GLU B 21 -1.64 -8.10 15.83
CA GLU B 21 -1.84 -7.14 14.76
C GLU B 21 -2.70 -7.78 13.67
N GLU B 22 -2.33 -7.60 12.41
CA GLU B 22 -3.08 -8.19 11.31
C GLU B 22 -2.34 -7.98 10.01
N LEU B 23 -1.55 -8.96 9.66
CA LEU B 23 -0.77 -8.93 8.44
C LEU B 23 -1.56 -8.53 7.25
N VAL B 24 -0.81 -8.26 6.20
CA VAL B 24 -1.36 -7.85 4.94
C VAL B 24 -0.49 -8.42 3.85
N SER B 25 -1.01 -9.41 3.15
CA SER B 25 -0.25 -10.05 2.09
C SER B 25 -0.70 -9.58 0.72
N CYS B 26 0.05 -9.95 -0.29
CA CYS B 26 -0.27 -9.59 -1.65
C CYS B 26 -1.11 -10.72 -2.23
N ALA B 27 -2.24 -10.41 -2.87
CA ALA B 27 -3.07 -11.47 -3.43
C ALA B 27 -2.44 -12.03 -4.70
N ASP B 28 -1.13 -11.85 -4.81
CA ASP B 28 -0.36 -12.34 -5.94
C ASP B 28 0.96 -12.95 -5.48
N CYS B 29 1.67 -12.19 -4.64
CA CYS B 29 2.96 -12.62 -4.11
C CYS B 29 2.79 -13.49 -2.88
N GLY B 30 1.89 -13.09 -1.99
CA GLY B 30 1.70 -13.79 -0.75
C GLY B 30 2.61 -13.21 0.31
N ARG B 31 3.19 -12.06 -0.02
CA ARG B 31 4.08 -11.34 0.89
C ARG B 31 3.27 -10.49 1.83
N SER B 32 3.21 -10.91 3.08
CA SER B 32 2.44 -10.18 4.07
C SER B 32 3.29 -9.12 4.75
N GLY B 33 2.63 -8.28 5.53
CA GLY B 33 3.31 -7.21 6.23
C GLY B 33 2.38 -6.53 7.17
N HIS B 34 2.76 -6.31 8.41
CA HIS B 34 1.85 -5.63 9.33
C HIS B 34 1.67 -4.20 8.86
N PRO B 35 0.44 -3.70 8.80
CA PRO B 35 0.19 -2.34 8.31
C PRO B 35 1.09 -1.32 9.01
N THR B 36 1.32 -1.54 10.30
CA THR B 36 2.19 -0.66 11.07
C THR B 36 3.59 -0.68 10.47
N CYS B 37 4.05 -1.88 10.17
CA CYS B 37 5.38 -2.07 9.57
C CYS B 37 5.34 -1.65 8.11
N LEU B 38 4.12 -1.43 7.62
CA LEU B 38 3.88 -1.02 6.24
C LEU B 38 3.68 0.48 6.16
N GLN B 39 3.66 1.11 7.33
CA GLN B 39 3.45 2.55 7.41
C GLN B 39 2.05 2.90 6.91
N PHE B 40 1.07 2.09 7.31
CA PHE B 40 -0.31 2.29 6.88
C PHE B 40 -1.12 3.11 7.87
N THR B 41 -2.27 3.54 7.39
CA THR B 41 -3.22 4.28 8.19
C THR B 41 -4.31 3.31 8.60
N LEU B 42 -5.20 3.71 9.49
CA LEU B 42 -6.25 2.80 9.92
C LEU B 42 -7.05 2.32 8.72
N ASN B 43 -7.72 3.23 8.03
CA ASN B 43 -8.52 2.85 6.87
C ASN B 43 -7.76 1.90 5.96
N MET B 44 -6.53 2.29 5.58
CA MET B 44 -5.69 1.43 4.76
C MET B 44 -5.69 0.06 5.37
N THR B 45 -5.11 -0.01 6.56
CA THR B 45 -5.04 -1.23 7.30
C THR B 45 -6.31 -2.05 7.10
N GLU B 46 -7.41 -1.53 7.61
CA GLU B 46 -8.71 -2.19 7.51
C GLU B 46 -9.05 -2.65 6.09
N ALA B 47 -8.64 -1.85 5.11
CA ALA B 47 -8.95 -2.16 3.70
C ALA B 47 -8.03 -3.24 3.12
N VAL B 48 -6.74 -2.99 3.21
CA VAL B 48 -5.73 -3.89 2.67
C VAL B 48 -5.84 -5.33 3.17
N LYS B 49 -6.21 -5.52 4.43
CA LYS B 49 -6.33 -6.85 5.00
C LYS B 49 -7.45 -7.67 4.35
N THR B 50 -8.47 -6.97 3.86
CA THR B 50 -9.61 -7.64 3.26
C THR B 50 -9.47 -7.86 1.77
N TYR B 51 -9.13 -6.81 1.03
CA TYR B 51 -9.01 -6.92 -0.41
C TYR B 51 -7.57 -7.20 -0.86
N LYS B 52 -7.33 -7.07 -2.16
CA LYS B 52 -6.02 -7.34 -2.75
C LYS B 52 -5.03 -6.23 -2.49
N TRP B 53 -4.34 -6.27 -1.37
CA TRP B 53 -3.34 -5.26 -1.08
C TRP B 53 -2.22 -5.39 -2.12
N GLN B 54 -2.22 -6.55 -2.79
CA GLN B 54 -1.28 -6.89 -3.87
C GLN B 54 0.11 -6.27 -3.69
N CYS B 55 0.62 -6.24 -2.45
CA CYS B 55 1.92 -5.64 -2.17
C CYS B 55 2.06 -4.33 -2.95
N ILE B 56 3.25 -3.77 -3.00
CA ILE B 56 3.45 -2.54 -3.74
C ILE B 56 3.86 -2.79 -5.19
N GLU B 57 4.56 -3.88 -5.43
CA GLU B 57 5.01 -4.21 -6.76
C GLU B 57 3.84 -4.54 -7.72
N CYS B 58 2.78 -5.17 -7.22
CA CYS B 58 1.65 -5.58 -8.07
C CYS B 58 0.43 -4.66 -8.09
N LYS B 59 0.29 -3.73 -7.14
CA LYS B 59 -0.93 -2.91 -7.10
C LYS B 59 -1.34 -2.40 -8.45
N SER B 60 -0.38 -1.87 -9.19
CA SER B 60 -0.66 -1.28 -10.48
C SER B 60 -1.76 -0.28 -10.31
N CYS B 61 -2.23 0.25 -11.39
CA CYS B 61 -3.31 1.19 -11.32
C CYS B 61 -4.60 0.43 -11.02
N ILE B 62 -5.66 1.17 -10.96
CA ILE B 62 -7.00 0.63 -10.80
C ILE B 62 -7.75 1.34 -11.88
N LEU B 63 -7.16 2.48 -12.23
CA LEU B 63 -7.65 3.31 -13.28
C LEU B 63 -7.19 2.67 -14.58
N CYS B 64 -6.21 1.76 -14.42
CA CYS B 64 -5.66 0.98 -15.53
C CYS B 64 -5.38 -0.45 -15.09
N GLY B 65 -4.89 -0.62 -13.85
CA GLY B 65 -4.54 -1.96 -13.39
C GLY B 65 -3.58 -2.60 -14.34
N THR B 66 -2.63 -1.81 -14.81
CA THR B 66 -1.63 -2.25 -15.76
C THR B 66 -0.23 -1.96 -15.31
N SER B 67 -0.10 -1.25 -14.20
CA SER B 67 1.20 -0.86 -13.69
C SER B 67 2.01 -0.25 -14.83
N GLU B 68 1.27 0.32 -15.78
CA GLU B 68 1.85 0.99 -16.94
C GLU B 68 3.10 1.81 -16.61
N ASN B 69 2.89 3.08 -16.32
CA ASN B 69 3.97 4.00 -16.01
C ASN B 69 4.46 3.86 -14.59
N ASP B 70 3.52 3.60 -13.68
CA ASP B 70 3.82 3.53 -12.25
C ASP B 70 4.74 4.64 -11.80
N ASP B 71 4.95 5.63 -12.66
CA ASP B 71 5.78 6.74 -12.30
C ASP B 71 4.84 7.81 -11.82
N GLN B 72 3.56 7.44 -11.89
CA GLN B 72 2.49 8.29 -11.51
C GLN B 72 1.55 7.52 -10.59
N LEU B 73 1.53 6.20 -10.74
CA LEU B 73 0.66 5.39 -9.92
C LEU B 73 0.68 5.93 -8.52
N LEU B 74 -0.47 6.34 -8.06
CA LEU B 74 -0.61 6.82 -6.71
C LEU B 74 -1.16 5.73 -5.84
N PHE B 75 -0.44 5.45 -4.79
CA PHE B 75 -0.83 4.38 -3.92
C PHE B 75 -1.57 4.91 -2.73
N CYS B 76 -2.89 4.94 -2.86
CA CYS B 76 -3.74 5.40 -1.79
C CYS B 76 -3.46 4.56 -0.58
N ASP B 77 -2.62 5.04 0.33
CA ASP B 77 -2.35 4.20 1.49
C ASP B 77 -3.49 4.29 2.48
N ASP B 78 -4.71 4.29 1.94
CA ASP B 78 -5.92 4.29 2.74
C ASP B 78 -6.72 3.03 2.39
N CYS B 79 -6.09 2.21 1.54
CA CYS B 79 -6.61 0.93 1.10
C CYS B 79 -5.61 0.33 0.13
N ASP B 80 -4.98 1.22 -0.64
CA ASP B 80 -3.90 0.86 -1.58
C ASP B 80 -4.32 0.73 -3.05
N ARG B 81 -5.09 1.69 -3.57
CA ARG B 81 -5.46 1.67 -4.98
C ARG B 81 -4.50 2.51 -5.83
N GLY B 82 -3.63 1.86 -6.60
CA GLY B 82 -2.68 2.57 -7.45
C GLY B 82 -3.40 3.36 -8.53
N TYR B 83 -3.09 4.65 -8.65
CA TYR B 83 -3.72 5.50 -9.65
C TYR B 83 -2.66 6.32 -10.34
N HIS B 84 -2.34 6.05 -11.58
CA HIS B 84 -1.36 6.90 -12.20
C HIS B 84 -1.86 8.30 -11.96
N MET B 85 -1.05 9.09 -11.30
CA MET B 85 -1.44 10.44 -10.94
C MET B 85 -2.11 11.20 -12.07
N TYR B 86 -2.12 10.64 -13.26
CA TYR B 86 -2.79 11.28 -14.38
C TYR B 86 -3.99 10.44 -14.79
N CYS B 87 -4.52 9.73 -13.80
CA CYS B 87 -5.69 8.87 -13.95
C CYS B 87 -6.78 9.34 -13.01
N LEU B 88 -6.34 9.96 -11.92
CA LEU B 88 -7.25 10.46 -10.91
C LEU B 88 -8.25 11.46 -11.48
N ASN B 89 -9.14 11.94 -10.63
CA ASN B 89 -10.12 12.92 -11.03
C ASN B 89 -9.45 14.27 -10.97
N PRO B 90 -8.66 14.50 -9.92
CA PRO B 90 -7.82 15.66 -9.77
C PRO B 90 -6.39 15.20 -9.96
N PRO B 91 -6.08 14.66 -11.17
CA PRO B 91 -4.78 14.08 -11.49
C PRO B 91 -3.61 14.94 -11.07
N VAL B 92 -2.61 14.33 -10.39
CA VAL B 92 -1.47 15.06 -9.96
C VAL B 92 -0.31 14.74 -10.89
N ALA B 93 0.77 15.45 -10.72
CA ALA B 93 1.95 15.25 -11.57
C ALA B 93 3.13 14.78 -10.74
N GLU B 94 3.00 14.99 -9.46
CA GLU B 94 4.05 14.67 -8.51
C GLU B 94 3.50 14.72 -7.08
N PRO B 95 2.77 15.81 -6.75
CA PRO B 95 2.14 16.06 -5.48
C PRO B 95 2.22 14.95 -4.39
N PRO B 96 1.21 14.06 -4.21
CA PRO B 96 1.24 13.04 -3.15
C PRO B 96 1.71 11.66 -3.62
N GLU B 97 2.77 11.65 -4.39
CA GLU B 97 3.32 10.44 -4.99
C GLU B 97 3.15 9.17 -4.16
N GLY B 98 3.35 9.25 -2.85
CA GLY B 98 3.23 8.06 -2.02
C GLY B 98 1.93 7.94 -1.27
N SER B 99 1.74 8.82 -0.29
CA SER B 99 0.53 8.81 0.55
C SER B 99 -0.72 8.96 -0.31
N TRP B 100 -1.48 10.03 -0.08
CA TRP B 100 -2.65 10.30 -0.88
C TRP B 100 -3.72 9.24 -0.73
N SER B 101 -4.97 9.67 -0.88
CA SER B 101 -6.11 8.78 -0.82
C SER B 101 -6.70 8.61 -2.20
N CYS B 102 -7.37 7.49 -2.46
CA CYS B 102 -7.94 7.24 -3.77
C CYS B 102 -9.34 7.82 -3.87
N HIS B 103 -10.00 7.63 -5.01
CA HIS B 103 -11.35 8.17 -5.19
C HIS B 103 -12.39 7.32 -4.48
N LEU B 104 -12.15 6.01 -4.43
CA LEU B 104 -13.09 5.11 -3.79
C LEU B 104 -13.18 5.40 -2.30
N CYS B 105 -12.05 5.80 -1.74
CA CYS B 105 -11.97 6.10 -0.32
C CYS B 105 -12.58 7.43 -0.04
N TRP B 106 -12.58 8.25 -1.05
CA TRP B 106 -13.09 9.58 -0.93
C TRP B 106 -14.57 9.62 -1.01
N GLU B 107 -15.11 9.06 -2.04
CA GLU B 107 -16.52 9.05 -2.17
C GLU B 107 -17.08 8.34 -0.96
N LEU B 108 -16.22 7.49 -0.41
CA LEU B 108 -16.53 6.73 0.78
C LEU B 108 -16.21 7.57 2.01
N LEU B 109 -15.35 8.56 1.78
CA LEU B 109 -14.93 9.51 2.80
C LEU B 109 -16.07 10.41 3.13
N LYS B 110 -16.52 11.06 2.07
CA LYS B 110 -17.64 11.96 2.14
C LYS B 110 -18.84 11.18 2.62
N GLU B 111 -18.89 9.91 2.23
CA GLU B 111 -19.95 9.03 2.64
C GLU B 111 -19.85 8.79 4.15
N LYS B 112 -18.62 8.74 4.66
CA LYS B 112 -18.41 8.52 6.08
C LYS B 112 -19.03 9.63 6.92
N ALA B 113 -19.20 10.81 6.32
CA ALA B 113 -19.78 11.95 7.01
C ALA B 113 -21.22 11.69 7.43
N SER B 114 -21.84 12.72 7.95
CA SER B 114 -23.23 12.62 8.41
C SER B 114 -23.39 11.51 9.44
ZN ZN C . 5.61 -6.59 11.15
ZN ZN D . 2.78 -8.62 -5.25
ZN ZN E . -8.28 4.07 -1.14
ZN ZN F . -3.64 4.51 -14.63
C1A SAC A 1 6.63 -4.99 0.30
C2A SAC A 1 6.43 -6.45 0.73
OAC SAC A 1 6.81 -4.75 -0.89
N SAC A 1 6.44 -4.03 1.20
CA SAC A 1 6.10 -2.68 0.78
C SAC A 1 7.32 -1.94 0.28
O SAC A 1 8.38 -1.93 0.93
CB SAC A 1 5.45 -1.90 1.94
OG SAC A 1 6.42 -1.52 2.90
H1 SAC A 1 6.31 -4.28 2.13
H2A1 SAC A 1 6.12 -7.04 -0.13
H2A2 SAC A 1 5.67 -6.50 1.50
H2A3 SAC A 1 7.36 -6.84 1.12
HA SAC A 1 5.38 -2.76 -0.03
HB2 SAC A 1 4.99 -1.01 1.55
HB3 SAC A 1 4.71 -2.52 2.42
HG SAC A 1 6.32 -0.59 3.11
N GLY A 2 7.19 -1.31 -0.88
CA GLY A 2 8.29 -0.56 -1.47
C GLY A 2 9.04 -1.38 -2.50
N ARG A 3 8.35 -2.36 -3.06
CA ARG A 3 8.92 -3.22 -4.07
C ARG A 3 10.14 -3.99 -3.54
N GLY A 4 10.00 -5.31 -3.45
CA GLY A 4 11.09 -6.14 -2.96
C GLY A 4 10.88 -7.60 -3.29
N LYS A 5 11.48 -8.04 -4.40
CA LYS A 5 11.36 -9.44 -4.82
C LYS A 5 12.48 -10.29 -4.24
N GLY A 6 13.14 -9.78 -3.20
CA GLY A 6 14.23 -10.50 -2.58
C GLY A 6 14.38 -10.17 -1.11
N GLY A 7 15.17 -9.14 -0.81
CA GLY A 7 15.39 -8.74 0.56
C GLY A 7 16.57 -7.81 0.71
N LYS A 8 17.65 -8.32 1.32
CA LYS A 8 18.85 -7.53 1.53
C LYS A 8 18.54 -6.25 2.30
N GLY A 9 18.53 -6.35 3.62
CA GLY A 9 18.24 -5.20 4.46
C GLY A 9 19.50 -4.47 4.89
N LEU A 10 19.99 -3.59 4.03
CA LEU A 10 21.20 -2.82 4.33
C LEU A 10 20.89 -1.68 5.30
N GLY A 11 19.61 -1.52 5.63
CA GLY A 11 19.20 -0.47 6.54
C GLY A 11 18.17 0.46 5.92
N LYS A 12 17.30 1.02 6.75
CA LYS A 12 16.27 1.93 6.28
C LYS A 12 15.70 2.75 7.42
N GLY A 13 14.72 3.60 7.09
CA GLY A 13 14.09 4.43 8.11
C GLY A 13 13.67 5.79 7.57
N GLY A 14 12.38 6.07 7.60
CA GLY A 14 11.87 7.34 7.12
C GLY A 14 11.77 7.36 5.60
N ALA A 15 11.99 6.22 4.98
CA ALA A 15 11.93 6.10 3.52
C ALA A 15 11.68 4.67 3.10
N LYS A 16 11.76 4.42 1.78
CA LYS A 16 11.54 3.08 1.24
C LYS A 16 10.17 2.55 1.64
N ARG A 17 9.19 3.44 1.73
CA ARG A 17 7.83 3.05 2.10
C ARG A 17 6.94 2.94 0.87
N HIS A 18 6.49 1.72 0.59
CA HIS A 18 5.62 1.47 -0.56
C HIS A 18 6.25 2.00 -1.85
N ARG A 19 5.42 2.05 -2.88
CA ARG A 19 5.84 2.47 -4.19
C ARG A 19 6.85 1.49 -4.79
N LYS A 20 7.11 1.67 -6.08
CA LYS A 20 8.03 0.79 -6.78
C LYS A 20 8.87 1.57 -7.80
N GLY B 1 0.49 -19.74 6.40
CA GLY B 1 1.06 -19.82 5.03
C GLY B 1 1.93 -18.62 4.69
N SER B 2 1.71 -17.52 5.41
CA SER B 2 2.47 -16.30 5.18
C SER B 2 2.84 -15.62 6.48
N TYR B 3 3.39 -14.43 6.34
CA TYR B 3 3.81 -13.61 7.45
C TYR B 3 4.32 -12.28 6.93
N CYS B 4 4.39 -11.31 7.82
CA CYS B 4 4.86 -9.98 7.47
C CYS B 4 6.24 -10.03 6.82
N ASP B 5 6.34 -9.51 5.63
CA ASP B 5 7.61 -9.48 4.90
C ASP B 5 8.70 -8.74 5.69
N PHE B 6 8.32 -8.19 6.83
CA PHE B 6 9.25 -7.42 7.68
C PHE B 6 9.63 -8.18 8.96
N CYS B 7 8.68 -8.91 9.55
CA CYS B 7 8.96 -9.67 10.78
C CYS B 7 8.89 -11.14 10.48
N LEU B 8 8.02 -11.48 9.56
CA LEU B 8 7.83 -12.83 9.15
C LEU B 8 7.28 -13.67 10.29
N GLY B 9 6.46 -13.02 11.12
CA GLY B 9 5.86 -13.67 12.25
C GLY B 9 4.43 -14.08 11.96
N GLY B 10 3.50 -13.21 12.35
CA GLY B 10 2.09 -13.48 12.10
C GLY B 10 1.20 -12.34 12.54
N SER B 11 -0.03 -12.32 12.03
CA SER B 11 -0.99 -11.28 12.35
C SER B 11 -1.47 -11.45 13.78
N ASN B 12 -1.73 -10.33 14.43
CA ASN B 12 -2.15 -10.33 15.82
C ASN B 12 -1.06 -10.94 16.68
N MET B 13 0.17 -10.89 16.15
CA MET B 13 1.32 -11.43 16.86
C MET B 13 2.62 -11.08 16.15
N ASN B 14 2.84 -9.80 15.94
CA ASN B 14 4.06 -9.30 15.31
C ASN B 14 5.25 -10.06 15.87
N LYS B 15 6.27 -10.23 15.07
CA LYS B 15 7.45 -10.95 15.51
C LYS B 15 8.56 -10.02 15.94
N LYS B 16 8.74 -8.94 15.21
CA LYS B 16 9.77 -7.98 15.55
C LYS B 16 9.39 -7.25 16.83
N SER B 17 8.17 -7.50 17.31
CA SER B 17 7.69 -6.87 18.53
C SER B 17 6.97 -7.86 19.42
N GLY B 18 6.61 -9.02 18.89
CA GLY B 18 5.86 -9.96 19.68
C GLY B 18 4.53 -9.34 20.10
N ARG B 19 4.16 -8.29 19.38
CA ARG B 19 2.93 -7.55 19.64
C ARG B 19 1.86 -7.90 18.63
N PRO B 20 0.61 -7.74 19.04
CA PRO B 20 -0.54 -8.01 18.18
C PRO B 20 -0.76 -6.96 17.11
N GLU B 21 -0.92 -7.41 15.87
CA GLU B 21 -1.15 -6.53 14.75
C GLU B 21 -2.13 -7.21 13.79
N GLU B 22 -1.86 -7.10 12.49
CA GLU B 22 -2.73 -7.73 11.49
C GLU B 22 -2.10 -7.68 10.13
N LEU B 23 -1.38 -8.74 9.82
CA LEU B 23 -0.71 -8.88 8.54
C LEU B 23 -1.60 -8.51 7.40
N VAL B 24 -0.94 -8.28 6.29
CA VAL B 24 -1.62 -7.88 5.08
C VAL B 24 -0.82 -8.41 3.89
N SER B 25 -1.40 -9.38 3.20
CA SER B 25 -0.73 -10.02 2.10
C SER B 25 -1.14 -9.46 0.75
N CYS B 26 -0.46 -9.93 -0.29
CA CYS B 26 -0.70 -9.49 -1.64
C CYS B 26 -1.47 -10.57 -2.41
N ALA B 27 -2.53 -10.19 -3.10
CA ALA B 27 -3.32 -11.16 -3.84
C ALA B 27 -2.57 -11.64 -5.08
N ASP B 28 -1.34 -11.19 -5.21
CA ASP B 28 -0.49 -11.59 -6.32
C ASP B 28 0.68 -12.42 -5.80
N CYS B 29 1.47 -11.80 -4.93
CA CYS B 29 2.60 -12.46 -4.31
C CYS B 29 2.10 -13.47 -3.30
N GLY B 30 1.34 -12.96 -2.34
CA GLY B 30 0.80 -13.80 -1.30
C GLY B 30 1.57 -13.64 -0.02
N ARG B 31 2.38 -12.59 0.03
CA ARG B 31 3.21 -12.32 1.19
C ARG B 31 2.58 -11.22 2.04
N SER B 32 2.52 -11.44 3.33
CA SER B 32 1.88 -10.49 4.24
C SER B 32 2.84 -9.42 4.72
N GLY B 33 2.29 -8.50 5.49
CA GLY B 33 3.07 -7.42 6.07
C GLY B 33 2.26 -6.67 7.10
N HIS B 34 2.85 -6.33 8.25
CA HIS B 34 2.08 -5.58 9.23
C HIS B 34 2.03 -4.13 8.79
N PRO B 35 0.83 -3.50 8.75
CA PRO B 35 0.70 -2.11 8.30
C PRO B 35 1.63 -1.16 9.05
N THR B 36 2.06 -1.55 10.25
CA THR B 36 2.99 -0.73 11.02
C THR B 36 4.36 -0.85 10.37
N CYS B 37 4.57 -2.02 9.78
CA CYS B 37 5.80 -2.36 9.08
C CYS B 37 5.72 -1.88 7.64
N LEU B 38 4.49 -1.75 7.19
CA LEU B 38 4.16 -1.30 5.85
C LEU B 38 4.03 0.22 5.84
N GLN B 39 4.02 0.78 7.05
CA GLN B 39 3.86 2.22 7.24
C GLN B 39 2.52 2.68 6.67
N PHE B 40 1.44 2.21 7.29
CA PHE B 40 0.09 2.54 6.85
C PHE B 40 -0.68 3.36 7.87
N THR B 41 -1.86 3.78 7.46
CA THR B 41 -2.77 4.51 8.32
C THR B 41 -3.78 3.52 8.87
N LEU B 42 -4.99 3.97 9.19
CA LEU B 42 -5.99 3.05 9.69
C LEU B 42 -6.82 2.45 8.56
N ASN B 43 -7.59 3.28 7.89
CA ASN B 43 -8.42 2.80 6.79
C ASN B 43 -7.58 1.97 5.83
N MET B 44 -6.36 2.43 5.56
CA MET B 44 -5.44 1.69 4.71
C MET B 44 -5.31 0.30 5.26
N THR B 45 -4.78 0.25 6.46
CA THR B 45 -4.61 -0.97 7.19
C THR B 45 -5.84 -1.84 7.02
N GLU B 46 -6.91 -1.47 7.69
CA GLU B 46 -8.14 -2.23 7.64
C GLU B 46 -8.53 -2.64 6.21
N ALA B 47 -8.30 -1.75 5.25
CA ALA B 47 -8.67 -2.03 3.85
C ALA B 47 -7.82 -3.12 3.23
N VAL B 48 -6.51 -2.99 3.38
CA VAL B 48 -5.56 -3.93 2.81
C VAL B 48 -5.76 -5.37 3.29
N LYS B 49 -6.27 -5.52 4.51
CA LYS B 49 -6.49 -6.84 5.08
C LYS B 49 -7.75 -7.50 4.51
N THR B 50 -8.77 -6.69 4.27
CA THR B 50 -10.04 -7.19 3.75
C THR B 50 -9.97 -7.40 2.25
N TYR B 51 -9.16 -6.59 1.58
CA TYR B 51 -9.03 -6.69 0.14
C TYR B 51 -7.60 -7.04 -0.29
N LYS B 52 -7.35 -6.91 -1.58
CA LYS B 52 -6.07 -7.25 -2.20
C LYS B 52 -4.85 -6.62 -1.53
N TRP B 53 -4.69 -5.32 -1.78
CA TRP B 53 -3.52 -4.55 -1.32
C TRP B 53 -2.38 -4.82 -2.31
N GLN B 54 -2.47 -5.98 -2.99
CA GLN B 54 -1.50 -6.41 -3.99
C GLN B 54 -0.11 -5.83 -3.78
N CYS B 55 0.32 -5.77 -2.52
CA CYS B 55 1.62 -5.21 -2.20
C CYS B 55 1.90 -4.01 -3.09
N ILE B 56 3.17 -3.73 -3.37
CA ILE B 56 3.52 -2.62 -4.24
C ILE B 56 3.66 -3.00 -5.67
N GLU B 57 4.70 -3.70 -5.99
CA GLU B 57 4.98 -4.01 -7.36
C GLU B 57 3.72 -4.46 -8.12
N CYS B 58 2.77 -5.05 -7.40
CA CYS B 58 1.52 -5.52 -8.00
C CYS B 58 0.36 -4.53 -7.83
N LYS B 59 0.52 -3.54 -6.95
CA LYS B 59 -0.51 -2.53 -6.69
C LYS B 59 -1.14 -2.03 -7.99
N SER B 60 -0.39 -2.28 -9.07
CA SER B 60 -0.76 -1.88 -10.44
C SER B 60 -2.01 -1.03 -10.45
N CYS B 61 -1.79 0.26 -10.63
CA CYS B 61 -2.86 1.24 -10.63
C CYS B 61 -4.15 0.63 -10.06
N ILE B 62 -5.23 0.88 -10.76
CA ILE B 62 -6.56 0.39 -10.49
C ILE B 62 -7.36 1.03 -11.59
N LEU B 63 -6.84 2.20 -11.96
CA LEU B 63 -7.38 2.97 -13.05
C LEU B 63 -6.90 2.31 -14.35
N CYS B 64 -5.82 1.51 -14.20
CA CYS B 64 -5.25 0.75 -15.30
C CYS B 64 -5.00 -0.68 -14.85
N GLY B 65 -4.68 -0.82 -13.56
CA GLY B 65 -4.37 -2.13 -13.03
C GLY B 65 -3.21 -2.75 -13.79
N THR B 66 -2.24 -1.91 -14.15
CA THR B 66 -1.09 -2.36 -14.93
C THR B 66 0.24 -1.84 -14.39
N SER B 67 0.18 -0.82 -13.53
CA SER B 67 1.39 -0.20 -12.96
C SER B 67 2.11 0.62 -14.03
N GLU B 68 1.64 0.48 -15.27
CA GLU B 68 2.17 1.17 -16.45
C GLU B 68 3.38 2.07 -16.15
N ASN B 69 3.11 3.37 -16.01
CA ASN B 69 4.15 4.35 -15.75
C ASN B 69 4.71 4.20 -14.35
N ASP B 70 3.82 3.85 -13.42
CA ASP B 70 4.16 3.69 -12.00
C ASP B 70 4.83 4.92 -11.37
N ASP B 71 5.35 5.82 -12.17
CA ASP B 71 5.98 7.01 -11.61
C ASP B 71 4.92 8.05 -11.39
N GLN B 72 3.68 7.68 -11.67
CA GLN B 72 2.56 8.55 -11.48
C GLN B 72 1.60 7.85 -10.55
N LEU B 73 1.63 6.52 -10.59
CA LEU B 73 0.77 5.73 -9.72
C LEU B 73 0.69 6.39 -8.37
N LEU B 74 -0.51 6.52 -7.88
CA LEU B 74 -0.71 7.08 -6.58
C LEU B 74 -1.22 6.03 -5.65
N PHE B 75 -0.40 5.78 -4.66
CA PHE B 75 -0.67 4.74 -3.73
C PHE B 75 -1.49 5.26 -2.60
N CYS B 76 -2.79 5.12 -2.77
CA CYS B 76 -3.71 5.55 -1.77
C CYS B 76 -3.44 4.74 -0.53
N ASP B 77 -2.63 5.25 0.39
CA ASP B 77 -2.39 4.47 1.57
C ASP B 77 -3.57 4.58 2.51
N ASP B 78 -4.76 4.45 1.91
CA ASP B 78 -6.00 4.41 2.64
C ASP B 78 -6.69 3.09 2.28
N CYS B 79 -5.96 2.30 1.47
CA CYS B 79 -6.37 0.99 1.04
C CYS B 79 -5.27 0.40 0.16
N ASP B 80 -4.67 1.27 -0.68
CA ASP B 80 -3.53 0.90 -1.57
C ASP B 80 -3.82 1.10 -3.07
N ARG B 81 -5.07 1.26 -3.46
CA ARG B 81 -5.41 1.46 -4.88
C ARG B 81 -4.50 2.50 -5.55
N GLY B 82 -3.49 2.02 -6.30
CA GLY B 82 -2.57 2.93 -6.97
C GLY B 82 -3.24 3.62 -8.14
N TYR B 83 -3.00 4.89 -8.31
CA TYR B 83 -3.61 5.65 -9.40
C TYR B 83 -2.59 6.49 -10.10
N HIS B 84 -2.21 6.16 -11.31
CA HIS B 84 -1.27 7.02 -11.97
C HIS B 84 -1.87 8.40 -11.87
N MET B 85 -1.14 9.32 -11.28
CA MET B 85 -1.65 10.67 -11.07
C MET B 85 -2.34 11.26 -12.28
N TYR B 86 -2.29 10.56 -13.41
CA TYR B 86 -2.96 11.06 -14.60
C TYR B 86 -4.09 10.10 -14.94
N CYS B 87 -4.60 9.46 -13.90
CA CYS B 87 -5.70 8.52 -13.99
C CYS B 87 -6.83 9.01 -13.11
N LEU B 88 -6.45 9.75 -12.08
CA LEU B 88 -7.41 10.30 -11.13
C LEU B 88 -8.40 11.21 -11.83
N ASN B 89 -9.38 11.70 -11.08
CA ASN B 89 -10.36 12.62 -11.62
C ASN B 89 -9.74 13.99 -11.60
N PRO B 90 -9.04 14.32 -10.50
CA PRO B 90 -8.25 15.51 -10.38
C PRO B 90 -6.80 15.08 -10.50
N PRO B 91 -6.40 14.53 -11.68
CA PRO B 91 -5.07 13.98 -11.90
C PRO B 91 -3.94 14.92 -11.45
N VAL B 92 -2.96 14.38 -10.71
CA VAL B 92 -1.87 15.14 -10.23
C VAL B 92 -0.69 15.02 -11.16
N ALA B 93 0.40 15.63 -10.78
CA ALA B 93 1.59 15.57 -11.59
C ALA B 93 2.75 14.97 -10.82
N GLU B 94 2.65 15.10 -9.52
CA GLU B 94 3.71 14.65 -8.61
C GLU B 94 3.26 14.70 -7.15
N PRO B 95 2.69 15.85 -6.74
CA PRO B 95 2.24 16.16 -5.39
C PRO B 95 2.16 15.03 -4.37
N PRO B 96 1.27 14.00 -4.46
CA PRO B 96 1.20 13.01 -3.43
C PRO B 96 1.65 11.62 -3.88
N GLU B 97 2.74 11.58 -4.62
CA GLU B 97 3.25 10.33 -5.18
C GLU B 97 3.22 9.16 -4.20
N GLY B 98 3.14 9.47 -2.92
CA GLY B 98 3.13 8.41 -1.93
C GLY B 98 1.82 8.27 -1.18
N SER B 99 1.55 9.24 -0.30
CA SER B 99 0.33 9.23 0.50
C SER B 99 -0.89 9.36 -0.39
N TRP B 100 -1.74 10.36 -0.11
CA TRP B 100 -2.91 10.60 -0.95
C TRP B 100 -3.89 9.45 -0.90
N SER B 101 -5.16 9.78 -1.03
CA SER B 101 -6.22 8.78 -1.03
C SER B 101 -6.77 8.59 -2.42
N CYS B 102 -7.44 7.47 -2.64
CA CYS B 102 -7.99 7.17 -3.95
C CYS B 102 -9.43 7.64 -4.07
N HIS B 103 -10.11 7.26 -5.14
CA HIS B 103 -11.48 7.69 -5.34
C HIS B 103 -12.48 6.77 -4.65
N LEU B 104 -12.20 5.47 -4.63
CA LEU B 104 -13.12 4.53 -3.99
C LEU B 104 -13.23 4.84 -2.50
N CYS B 105 -12.12 5.30 -1.94
CA CYS B 105 -12.07 5.66 -0.52
C CYS B 105 -12.78 6.94 -0.30
N TRP B 106 -12.76 7.75 -1.32
CA TRP B 106 -13.35 9.06 -1.26
C TRP B 106 -14.83 9.04 -1.40
N GLU B 107 -15.32 8.32 -2.37
CA GLU B 107 -16.72 8.25 -2.54
C GLU B 107 -17.28 7.62 -1.29
N LEU B 108 -16.40 6.82 -0.67
CA LEU B 108 -16.69 6.12 0.55
C LEU B 108 -16.42 7.06 1.73
N LEU B 109 -15.64 8.09 1.43
CA LEU B 109 -15.27 9.10 2.41
C LEU B 109 -16.46 9.96 2.67
N LYS B 110 -16.93 10.54 1.58
CA LYS B 110 -18.10 11.38 1.61
C LYS B 110 -19.27 10.55 2.06
N GLU B 111 -19.20 9.25 1.76
CA GLU B 111 -20.21 8.31 2.17
C GLU B 111 -20.25 8.20 3.68
N LYS B 112 -19.08 8.34 4.33
CA LYS B 112 -19.03 8.25 5.77
C LYS B 112 -20.01 9.22 6.43
N ALA B 113 -20.41 10.24 5.66
CA ALA B 113 -21.35 11.25 6.16
C ALA B 113 -22.67 10.64 6.56
N SER B 114 -23.62 11.52 6.88
CA SER B 114 -24.95 11.10 7.30
C SER B 114 -24.89 10.21 8.55
ZN ZN C . 5.92 -6.85 10.78
ZN ZN D . 2.67 -8.43 -4.95
ZN ZN E . -8.18 3.99 -1.30
ZN ZN F . -3.32 4.28 -14.27
C1A SAC A 1 5.51 -4.15 0.52
C2A SAC A 1 5.93 -5.60 0.72
OAC SAC A 1 5.20 -3.76 -0.61
N SAC A 1 5.58 -3.32 1.56
CA SAC A 1 5.55 -1.87 1.37
C SAC A 1 6.96 -1.33 1.14
O SAC A 1 7.82 -1.43 2.02
CB SAC A 1 4.90 -1.17 2.55
OG SAC A 1 3.49 -1.13 2.42
H1 SAC A 1 5.82 -3.68 2.43
H2A1 SAC A 1 5.88 -6.12 -0.23
H2A2 SAC A 1 5.26 -6.08 1.42
H2A3 SAC A 1 6.93 -5.65 1.09
HA SAC A 1 4.96 -1.67 0.47
HB2 SAC A 1 5.14 -1.71 3.47
HB3 SAC A 1 5.28 -0.16 2.63
HG SAC A 1 3.09 -1.00 3.28
N GLY A 2 7.19 -0.77 -0.04
CA GLY A 2 8.50 -0.23 -0.35
C GLY A 2 9.25 -1.10 -1.34
N ARG A 3 8.56 -2.13 -1.83
CA ARG A 3 9.12 -3.06 -2.80
C ARG A 3 10.27 -3.87 -2.18
N GLY A 4 11.44 -3.25 -2.10
CA GLY A 4 12.59 -3.92 -1.52
C GLY A 4 13.26 -4.88 -2.50
N LYS A 5 14.47 -5.31 -2.15
CA LYS A 5 15.23 -6.24 -2.98
C LYS A 5 15.59 -5.61 -4.33
N GLY A 6 16.59 -6.18 -4.99
CA GLY A 6 17.02 -5.68 -6.28
C GLY A 6 18.47 -6.01 -6.58
N GLY A 7 18.76 -6.29 -7.84
CA GLY A 7 20.12 -6.61 -8.24
C GLY A 7 21.04 -5.41 -8.24
N LYS A 8 20.96 -4.61 -9.29
CA LYS A 8 21.78 -3.40 -9.40
C LYS A 8 20.92 -2.15 -9.30
N GLY A 9 21.31 -1.25 -8.40
CA GLY A 9 20.57 -0.02 -8.22
C GLY A 9 20.60 0.48 -6.79
N LEU A 10 19.70 -0.05 -5.96
CA LEU A 10 19.62 0.34 -4.56
C LEU A 10 19.21 -0.84 -3.68
N GLY A 11 20.20 -1.44 -3.03
CA GLY A 11 19.93 -2.58 -2.17
C GLY A 11 20.11 -2.26 -0.69
N LYS A 12 20.58 -1.05 -0.41
CA LYS A 12 20.81 -0.62 0.96
C LYS A 12 19.50 -0.62 1.75
N GLY A 13 18.44 -0.08 1.14
CA GLY A 13 17.15 -0.03 1.80
C GLY A 13 16.63 1.38 1.95
N GLY A 14 16.37 1.80 3.18
CA GLY A 14 15.86 3.13 3.44
C GLY A 14 14.35 3.18 3.45
N ALA A 15 13.72 2.23 2.76
CA ALA A 15 12.26 2.16 2.70
C ALA A 15 11.67 3.42 2.08
N LYS A 16 11.45 4.44 2.91
CA LYS A 16 10.88 5.71 2.44
C LYS A 16 9.58 5.47 1.68
N ARG A 17 8.50 5.29 2.42
CA ARG A 17 7.18 5.05 1.82
C ARG A 17 7.19 3.81 0.93
N HIS A 18 6.03 3.52 0.34
CA HIS A 18 5.88 2.36 -0.53
C HIS A 18 5.35 2.80 -1.89
N ARG A 19 6.00 2.33 -2.95
CA ARG A 19 5.58 2.68 -4.30
C ARG A 19 6.02 1.62 -5.28
N LYS A 20 7.34 1.45 -5.45
CA LYS A 20 7.92 0.45 -6.35
C LYS A 20 9.11 1.03 -7.11
N GLY B 1 -0.62 -19.23 4.76
CA GLY B 1 -0.02 -18.70 6.01
C GLY B 1 0.61 -17.33 5.82
N SER B 2 1.74 -17.30 5.11
CA SER B 2 2.44 -16.05 4.84
C SER B 2 2.83 -15.34 6.11
N TYR B 3 3.35 -14.13 5.95
CA TYR B 3 3.79 -13.31 7.06
C TYR B 3 4.28 -11.96 6.57
N CYS B 4 4.41 -11.03 7.50
CA CYS B 4 4.88 -9.69 7.19
C CYS B 4 6.25 -9.71 6.53
N ASP B 5 6.37 -9.02 5.42
CA ASP B 5 7.63 -8.94 4.68
C ASP B 5 8.70 -8.21 5.50
N PHE B 6 8.30 -7.73 6.67
CA PHE B 6 9.18 -6.99 7.55
C PHE B 6 9.61 -7.80 8.79
N CYS B 7 8.75 -8.72 9.25
CA CYS B 7 9.08 -9.56 10.42
C CYS B 7 8.96 -11.02 10.05
N LEU B 8 8.07 -11.30 9.13
CA LEU B 8 7.84 -12.63 8.66
C LEU B 8 7.30 -13.53 9.76
N GLY B 9 6.48 -12.94 10.62
CA GLY B 9 5.90 -13.68 11.72
C GLY B 9 4.47 -14.10 11.44
N GLY B 10 3.53 -13.33 11.98
CA GLY B 10 2.11 -13.62 11.78
C GLY B 10 1.22 -12.45 12.14
N SER B 11 -0.04 -12.51 11.73
CA SER B 11 -0.99 -11.43 12.00
C SER B 11 -1.35 -11.38 13.49
N ASN B 12 -1.77 -12.53 14.03
CA ASN B 12 -2.12 -12.60 15.45
C ASN B 12 -0.85 -12.81 16.27
N MET B 13 0.26 -12.35 15.72
CA MET B 13 1.56 -12.45 16.36
C MET B 13 2.61 -11.79 15.50
N ASN B 14 2.87 -10.54 15.79
CA ASN B 14 3.86 -9.79 15.04
C ASN B 14 5.25 -10.18 15.49
N LYS B 15 6.01 -10.82 14.61
CA LYS B 15 7.35 -11.23 14.97
C LYS B 15 8.22 -10.04 15.28
N LYS B 16 9.38 -10.31 15.85
CA LYS B 16 10.30 -9.26 16.26
C LYS B 16 9.73 -8.62 17.51
N SER B 17 8.71 -9.30 18.01
CA SER B 17 7.94 -8.93 19.18
C SER B 17 7.14 -7.70 18.87
N GLY B 18 6.54 -7.72 17.70
CA GLY B 18 5.68 -6.65 17.32
C GLY B 18 4.33 -6.88 17.95
N ARG B 19 4.12 -8.16 18.25
CA ARG B 19 2.93 -8.69 18.90
C ARG B 19 1.71 -8.70 17.97
N PRO B 20 0.77 -9.58 18.32
CA PRO B 20 -0.45 -9.81 17.54
C PRO B 20 -1.09 -8.54 16.98
N GLU B 21 -0.83 -8.30 15.69
CA GLU B 21 -1.39 -7.16 14.98
C GLU B 21 -2.36 -7.66 13.92
N GLU B 22 -2.00 -7.54 12.64
CA GLU B 22 -2.86 -8.02 11.56
C GLU B 22 -2.20 -7.79 10.22
N LEU B 23 -1.49 -8.81 9.78
CA LEU B 23 -0.79 -8.77 8.50
C LEU B 23 -1.68 -8.38 7.33
N VAL B 24 -1.05 -8.33 6.17
CA VAL B 24 -1.72 -8.02 4.92
C VAL B 24 -0.98 -8.70 3.80
N SER B 25 -1.56 -9.76 3.25
CA SER B 25 -0.90 -10.47 2.18
C SER B 25 -1.33 -9.91 0.85
N CYS B 26 -0.57 -10.21 -0.19
CA CYS B 26 -0.91 -9.71 -1.49
C CYS B 26 -1.72 -10.77 -2.24
N ALA B 27 -2.84 -10.35 -2.83
CA ALA B 27 -3.71 -11.29 -3.56
C ALA B 27 -3.15 -11.62 -4.92
N ASP B 28 -1.89 -11.30 -5.12
CA ASP B 28 -1.21 -11.57 -6.39
C ASP B 28 0.06 -12.34 -6.14
N CYS B 29 0.83 -11.88 -5.16
CA CYS B 29 2.08 -12.49 -4.79
C CYS B 29 1.91 -13.41 -3.59
N GLY B 30 1.28 -12.91 -2.52
CA GLY B 30 1.03 -13.73 -1.34
C GLY B 30 1.88 -13.34 -0.15
N ARG B 31 2.60 -12.23 -0.25
CA ARG B 31 3.44 -11.77 0.83
C ARG B 31 2.68 -10.81 1.74
N SER B 32 2.64 -11.15 3.02
CA SER B 32 1.90 -10.36 4.00
C SER B 32 2.77 -9.27 4.62
N GLY B 33 2.12 -8.36 5.36
CA GLY B 33 2.83 -7.28 6.03
C GLY B 33 2.06 -6.68 7.19
N HIS B 34 2.76 -6.21 8.22
CA HIS B 34 2.07 -5.56 9.34
C HIS B 34 1.88 -4.09 8.98
N PRO B 35 0.65 -3.54 9.05
CA PRO B 35 0.40 -2.15 8.69
C PRO B 35 1.26 -1.18 9.48
N THR B 36 1.88 -1.68 10.54
CA THR B 36 2.79 -0.88 11.35
C THR B 36 4.15 -0.84 10.67
N CYS B 37 4.53 -1.99 10.13
CA CYS B 37 5.78 -2.14 9.40
C CYS B 37 5.60 -1.63 7.98
N LEU B 38 4.34 -1.38 7.64
CA LEU B 38 3.96 -0.90 6.31
C LEU B 38 3.78 0.61 6.34
N GLN B 39 3.65 1.14 7.56
CA GLN B 39 3.44 2.58 7.76
C GLN B 39 2.05 2.98 7.30
N PHE B 40 1.13 2.03 7.32
CA PHE B 40 -0.25 2.27 6.90
C PHE B 40 -1.02 3.13 7.87
N THR B 41 -2.15 3.61 7.39
CA THR B 41 -3.07 4.39 8.18
C THR B 41 -4.25 3.49 8.48
N LEU B 42 -4.92 3.69 9.61
CA LEU B 42 -6.03 2.82 9.97
C LEU B 42 -6.87 2.44 8.78
N ASN B 43 -7.59 3.40 8.22
CA ASN B 43 -8.46 3.12 7.06
C ASN B 43 -7.78 2.14 6.10
N MET B 44 -6.53 2.43 5.72
CA MET B 44 -5.77 1.53 4.85
C MET B 44 -5.69 0.18 5.52
N THR B 45 -5.02 0.18 6.65
CA THR B 45 -4.85 -1.01 7.45
C THR B 45 -6.10 -1.88 7.36
N GLU B 46 -7.24 -1.27 7.66
CA GLU B 46 -8.53 -1.94 7.64
C GLU B 46 -8.93 -2.38 6.23
N ALA B 47 -8.63 -1.55 5.23
CA ALA B 47 -8.99 -1.86 3.85
C ALA B 47 -8.13 -3.00 3.30
N VAL B 48 -6.83 -2.79 3.35
CA VAL B 48 -5.84 -3.74 2.87
C VAL B 48 -6.02 -5.16 3.45
N LYS B 49 -6.34 -5.26 4.73
CA LYS B 49 -6.51 -6.56 5.38
C LYS B 49 -7.68 -7.34 4.80
N THR B 50 -8.81 -6.65 4.64
CA THR B 50 -10.03 -7.27 4.14
C THR B 50 -9.95 -7.58 2.66
N TYR B 51 -9.50 -6.61 1.88
CA TYR B 51 -9.42 -6.79 0.44
C TYR B 51 -8.03 -7.24 -0.01
N LYS B 52 -7.80 -7.16 -1.31
CA LYS B 52 -6.57 -7.61 -1.95
C LYS B 52 -5.27 -7.09 -1.36
N TRP B 53 -4.99 -5.81 -1.61
CA TRP B 53 -3.72 -5.21 -1.22
C TRP B 53 -2.64 -5.98 -1.98
N GLN B 54 -2.56 -5.75 -3.30
CA GLN B 54 -1.61 -6.45 -4.15
C GLN B 54 -0.18 -5.96 -3.93
N CYS B 55 0.18 -5.71 -2.67
CA CYS B 55 1.52 -5.24 -2.33
C CYS B 55 1.90 -4.06 -3.23
N ILE B 56 3.10 -3.51 -3.04
CA ILE B 56 3.56 -2.35 -3.82
C ILE B 56 4.36 -2.72 -5.05
N GLU B 57 4.87 -3.92 -5.08
CA GLU B 57 5.60 -4.36 -6.24
C GLU B 57 4.68 -4.52 -7.44
N CYS B 58 3.57 -5.24 -7.25
CA CYS B 58 2.61 -5.47 -8.33
C CYS B 58 1.35 -4.60 -8.26
N LYS B 59 1.15 -3.88 -7.15
CA LYS B 59 -0.06 -3.06 -6.94
C LYS B 59 -0.64 -2.52 -8.25
N SER B 60 0.23 -2.01 -9.11
CA SER B 60 -0.19 -1.42 -10.37
C SER B 60 -1.32 -0.45 -10.17
N CYS B 61 -1.77 0.11 -11.26
CA CYS B 61 -2.86 1.05 -11.21
C CYS B 61 -4.15 0.31 -10.91
N ILE B 62 -5.20 1.06 -10.70
CA ILE B 62 -6.54 0.53 -10.50
C ILE B 62 -7.33 1.20 -11.58
N LEU B 63 -6.71 2.27 -12.05
CA LEU B 63 -7.25 3.05 -13.11
C LEU B 63 -6.78 2.43 -14.43
N CYS B 64 -5.75 1.57 -14.30
CA CYS B 64 -5.20 0.82 -15.43
C CYS B 64 -4.91 -0.62 -15.03
N GLY B 65 -4.42 -0.81 -13.79
CA GLY B 65 -4.07 -2.16 -13.36
C GLY B 65 -2.98 -2.74 -14.22
N THR B 66 -2.11 -1.87 -14.71
CA THR B 66 -1.02 -2.26 -15.59
C THR B 66 0.33 -1.84 -15.01
N SER B 67 0.28 -0.90 -14.07
CA SER B 67 1.47 -0.33 -13.46
C SER B 67 2.13 0.65 -14.42
N GLU B 68 1.86 0.44 -15.71
CA GLU B 68 2.38 1.27 -16.79
C GLU B 68 3.57 2.15 -16.39
N ASN B 69 3.31 3.44 -16.19
CA ASN B 69 4.35 4.39 -15.81
C ASN B 69 4.86 4.14 -14.41
N ASP B 70 3.94 3.73 -13.53
CA ASP B 70 4.23 3.47 -12.11
C ASP B 70 5.09 4.57 -11.49
N ASP B 71 5.32 5.63 -12.23
CA ASP B 71 6.07 6.74 -11.72
C ASP B 71 5.09 7.85 -11.42
N GLN B 72 3.84 7.59 -11.79
CA GLN B 72 2.77 8.49 -11.54
C GLN B 72 1.78 7.78 -10.65
N LEU B 73 1.75 6.46 -10.77
CA LEU B 73 0.88 5.66 -9.95
C LEU B 73 0.82 6.25 -8.55
N LEU B 74 -0.37 6.53 -8.09
CA LEU B 74 -0.55 7.01 -6.74
C LEU B 74 -0.93 5.81 -5.93
N PHE B 75 -0.63 5.81 -4.66
CA PHE B 75 -0.98 4.69 -3.85
C PHE B 75 -1.68 5.19 -2.64
N CYS B 76 -2.99 5.20 -2.73
CA CYS B 76 -3.79 5.66 -1.66
C CYS B 76 -3.50 4.79 -0.47
N ASP B 77 -2.71 5.28 0.47
CA ASP B 77 -2.43 4.43 1.61
C ASP B 77 -3.62 4.42 2.54
N ASP B 78 -4.81 4.37 1.93
CA ASP B 78 -6.04 4.25 2.67
C ASP B 78 -6.74 2.97 2.23
N CYS B 79 -6.02 2.20 1.39
CA CYS B 79 -6.46 0.91 0.90
C CYS B 79 -5.37 0.28 0.03
N ASP B 80 -4.56 1.14 -0.63
CA ASP B 80 -3.38 0.71 -1.43
C ASP B 80 -3.56 0.70 -2.95
N ARG B 81 -4.78 0.80 -3.48
CA ARG B 81 -4.96 0.80 -4.94
C ARG B 81 -3.92 1.75 -5.58
N GLY B 82 -3.59 1.56 -6.86
CA GLY B 82 -2.60 2.42 -7.52
C GLY B 82 -3.19 3.25 -8.65
N TYR B 83 -2.79 4.52 -8.77
CA TYR B 83 -3.37 5.39 -9.77
C TYR B 83 -2.38 6.31 -10.41
N HIS B 84 -2.01 6.06 -11.64
CA HIS B 84 -1.09 6.98 -12.24
C HIS B 84 -1.68 8.33 -11.99
N MET B 85 -0.94 9.18 -11.34
CA MET B 85 -1.42 10.50 -10.96
C MET B 85 -2.11 11.21 -12.09
N TYR B 86 -2.09 10.62 -13.28
CA TYR B 86 -2.78 11.20 -14.41
C TYR B 86 -3.92 10.29 -14.81
N CYS B 87 -4.41 9.56 -13.81
CA CYS B 87 -5.53 8.63 -13.97
C CYS B 87 -6.65 9.08 -13.07
N LEU B 88 -6.27 9.63 -11.92
CA LEU B 88 -7.22 10.17 -10.96
C LEU B 88 -8.23 11.09 -11.62
N ASN B 89 -9.17 11.57 -10.82
CA ASN B 89 -10.16 12.50 -11.29
C ASN B 89 -9.55 13.87 -11.25
N PRO B 90 -8.85 14.17 -10.14
CA PRO B 90 -8.09 15.36 -10.00
C PRO B 90 -6.62 14.97 -10.16
N PRO B 91 -6.25 14.45 -11.36
CA PRO B 91 -4.89 13.94 -11.62
C PRO B 91 -3.77 14.88 -11.20
N VAL B 92 -2.75 14.33 -10.54
CA VAL B 92 -1.63 15.12 -10.11
C VAL B 92 -0.46 14.82 -11.04
N ALA B 93 0.60 15.57 -10.90
CA ALA B 93 1.79 15.38 -11.74
C ALA B 93 2.98 14.95 -10.92
N GLU B 94 2.86 15.19 -9.63
CA GLU B 94 3.93 14.93 -8.69
C GLU B 94 3.38 14.98 -7.26
N PRO B 95 2.61 16.04 -6.95
CA PRO B 95 1.97 16.29 -5.68
C PRO B 95 2.08 15.19 -4.58
N PRO B 96 1.08 14.28 -4.38
CA PRO B 96 1.12 13.29 -3.32
C PRO B 96 1.55 11.89 -3.74
N GLU B 97 2.58 11.81 -4.55
CA GLU B 97 3.04 10.54 -5.11
C GLU B 97 2.88 9.34 -4.19
N GLY B 98 3.07 9.52 -2.89
CA GLY B 98 2.96 8.41 -1.96
C GLY B 98 1.62 8.33 -1.25
N SER B 99 1.39 9.26 -0.33
CA SER B 99 0.16 9.29 0.47
C SER B 99 -1.06 9.48 -0.42
N TRP B 100 -1.88 10.51 -0.13
CA TRP B 100 -3.05 10.79 -0.97
C TRP B 100 -4.06 9.66 -0.93
N SER B 101 -5.32 10.00 -0.75
CA SER B 101 -6.37 9.00 -0.72
C SER B 101 -6.90 8.83 -2.13
N CYS B 102 -7.54 7.71 -2.40
CA CYS B 102 -8.05 7.45 -3.73
C CYS B 102 -9.50 7.87 -3.89
N HIS B 103 -10.14 7.36 -4.92
CA HIS B 103 -11.53 7.68 -5.20
C HIS B 103 -12.49 6.73 -4.51
N LEU B 104 -12.12 5.45 -4.39
CA LEU B 104 -12.99 4.48 -3.75
C LEU B 104 -13.16 4.81 -2.28
N CYS B 105 -12.10 5.33 -1.71
CA CYS B 105 -12.10 5.70 -0.31
C CYS B 105 -12.82 6.99 -0.13
N TRP B 106 -12.84 7.74 -1.19
CA TRP B 106 -13.46 9.02 -1.19
C TRP B 106 -14.93 8.95 -1.36
N GLU B 107 -15.37 8.22 -2.33
CA GLU B 107 -16.76 8.11 -2.53
C GLU B 107 -17.32 7.48 -1.27
N LEU B 108 -16.44 6.73 -0.61
CA LEU B 108 -16.75 6.08 0.63
C LEU B 108 -16.57 7.08 1.76
N LEU B 109 -15.78 8.10 1.45
CA LEU B 109 -15.50 9.19 2.39
C LEU B 109 -16.75 10.02 2.53
N LYS B 110 -17.19 10.52 1.39
CA LYS B 110 -18.40 11.30 1.35
C LYS B 110 -19.51 10.47 1.98
N GLU B 111 -19.44 9.17 1.71
CA GLU B 111 -20.40 8.23 2.24
C GLU B 111 -20.35 8.17 3.77
N LYS B 112 -19.19 8.38 4.37
CA LYS B 112 -19.11 8.30 5.82
C LYS B 112 -19.89 9.44 6.47
N ALA B 113 -19.87 10.60 5.82
CA ALA B 113 -20.57 11.78 6.31
C ALA B 113 -22.06 11.55 6.44
N SER B 114 -22.77 12.61 6.77
CA SER B 114 -24.22 12.57 6.94
C SER B 114 -24.89 13.75 6.26
ZN ZN C . 6.05 -6.76 10.70
ZN ZN D . 1.84 -8.34 -5.25
ZN ZN E . -8.21 4.13 -1.22
ZN ZN F . -3.24 4.39 -14.55
C1A SAC A 1 5.73 -4.77 0.63
C2A SAC A 1 5.52 -6.19 1.16
OAC SAC A 1 5.88 -4.62 -0.58
N SAC A 1 5.65 -3.74 1.47
CA SAC A 1 5.52 -2.37 0.97
C SAC A 1 6.72 -1.98 0.13
O SAC A 1 6.59 -1.22 -0.83
CB SAC A 1 5.36 -1.39 2.14
OG SAC A 1 4.10 -1.53 2.76
H1 SAC A 1 5.53 -3.92 2.42
H2A1 SAC A 1 5.23 -6.84 0.36
H2A2 SAC A 1 4.74 -6.17 1.92
H2A3 SAC A 1 6.44 -6.55 1.61
HA SAC A 1 4.64 -2.32 0.35
HB2 SAC A 1 6.14 -1.58 2.87
HB3 SAC A 1 5.46 -0.38 1.77
HG SAC A 1 4.07 -0.97 3.54
N GLY A 2 7.89 -2.49 0.50
CA GLY A 2 9.08 -2.17 -0.26
C GLY A 2 9.30 -3.14 -1.40
N ARG A 3 9.05 -2.67 -2.62
CA ARG A 3 9.22 -3.50 -3.81
C ARG A 3 10.54 -4.27 -3.76
N GLY A 4 10.44 -5.60 -3.77
CA GLY A 4 11.62 -6.43 -3.71
C GLY A 4 12.62 -6.10 -4.80
N LYS A 5 13.90 -6.03 -4.41
CA LYS A 5 14.96 -5.70 -5.36
C LYS A 5 15.06 -6.78 -6.45
N GLY A 6 15.35 -6.35 -7.67
CA GLY A 6 15.49 -7.26 -8.78
C GLY A 6 16.44 -6.75 -9.84
N GLY A 7 16.45 -5.44 -10.02
CA GLY A 7 17.32 -4.83 -11.02
C GLY A 7 17.96 -3.55 -10.51
N LYS A 8 18.17 -2.59 -11.42
CA LYS A 8 18.77 -1.32 -11.05
C LYS A 8 18.65 -0.31 -12.19
N GLY A 9 18.03 0.83 -11.90
CA GLY A 9 17.86 1.86 -12.91
C GLY A 9 17.22 3.11 -12.35
N LEU A 10 17.31 4.21 -13.09
CA LEU A 10 16.73 5.48 -12.67
C LEU A 10 17.30 5.92 -11.33
N GLY A 11 16.74 7.00 -10.78
CA GLY A 11 17.21 7.50 -9.50
C GLY A 11 16.99 8.99 -9.34
N LYS A 12 15.72 9.40 -9.28
CA LYS A 12 15.38 10.81 -9.13
C LYS A 12 15.32 11.20 -7.65
N GLY A 13 14.51 10.47 -6.88
CA GLY A 13 14.38 10.75 -5.46
C GLY A 13 13.78 9.60 -4.70
N GLY A 14 12.50 9.71 -4.38
CA GLY A 14 11.82 8.66 -3.65
C GLY A 14 11.75 7.35 -4.42
N ALA A 15 12.27 6.29 -3.81
CA ALA A 15 12.28 4.98 -4.44
C ALA A 15 12.11 3.87 -3.41
N LYS A 16 12.09 4.25 -2.14
CA LYS A 16 11.92 3.29 -1.05
C LYS A 16 10.79 3.72 -0.12
N ARG A 17 9.60 3.82 -0.69
CA ARG A 17 8.41 4.22 0.08
C ARG A 17 7.15 3.68 -0.58
N HIS A 18 7.07 2.35 -0.68
CA HIS A 18 5.92 1.69 -1.29
C HIS A 18 5.67 2.22 -2.69
N ARG A 19 6.24 1.51 -3.67
CA ARG A 19 6.11 1.86 -5.06
C ARG A 19 6.53 0.70 -5.95
N LYS A 20 6.46 0.89 -7.25
CA LYS A 20 6.78 -0.20 -8.16
C LYS A 20 7.08 0.26 -9.57
N GLY B 1 -0.51 -19.41 5.61
CA GLY B 1 0.84 -19.80 5.11
C GLY B 1 1.73 -18.62 4.80
N SER B 2 1.33 -17.44 5.28
CA SER B 2 2.09 -16.22 5.04
C SER B 2 2.50 -15.56 6.34
N TYR B 3 3.07 -14.37 6.20
CA TYR B 3 3.52 -13.59 7.33
C TYR B 3 4.09 -12.25 6.87
N CYS B 4 4.21 -11.34 7.81
CA CYS B 4 4.74 -10.02 7.54
C CYS B 4 6.11 -10.08 6.88
N ASP B 5 6.27 -9.33 5.80
CA ASP B 5 7.52 -9.30 5.06
C ASP B 5 8.61 -8.60 5.88
N PHE B 6 8.23 -8.15 7.06
CA PHE B 6 9.14 -7.44 7.96
C PHE B 6 9.50 -8.26 9.20
N CYS B 7 8.62 -9.17 9.61
CA CYS B 7 8.88 -10.03 10.78
C CYS B 7 8.76 -11.48 10.40
N LEU B 8 7.86 -11.73 9.46
CA LEU B 8 7.60 -13.05 8.97
C LEU B 8 7.01 -13.95 10.04
N GLY B 9 6.19 -13.33 10.90
CA GLY B 9 5.55 -14.06 11.98
C GLY B 9 4.12 -14.39 11.65
N GLY B 10 3.21 -13.60 12.20
CA GLY B 10 1.80 -13.79 11.96
C GLY B 10 0.97 -12.57 12.32
N SER B 11 -0.26 -12.54 11.84
CA SER B 11 -1.17 -11.42 12.10
C SER B 11 -1.55 -11.35 13.57
N ASN B 12 -2.21 -12.40 14.06
CA ASN B 12 -2.59 -12.46 15.47
C ASN B 12 -1.40 -12.84 16.32
N MET B 13 -0.24 -12.89 15.69
CA MET B 13 0.99 -13.22 16.38
C MET B 13 2.17 -12.65 15.65
N ASN B 14 2.68 -11.60 16.21
CA ASN B 14 3.80 -10.91 15.66
C ASN B 14 5.06 -11.73 15.73
N LYS B 15 6.11 -11.05 15.32
CA LYS B 15 7.44 -11.53 15.38
C LYS B 15 8.34 -10.32 15.42
N LYS B 16 9.43 -10.42 16.15
CA LYS B 16 10.37 -9.31 16.31
C LYS B 16 9.80 -8.36 17.36
N SER B 17 8.68 -8.81 17.93
CA SER B 17 7.91 -8.11 18.95
C SER B 17 7.01 -7.09 18.29
N GLY B 18 6.36 -7.52 17.22
CA GLY B 18 5.43 -6.63 16.52
C GLY B 18 4.08 -6.59 17.21
N ARG B 19 3.87 -7.59 18.04
CA ARG B 19 2.65 -7.78 18.81
C ARG B 19 1.50 -8.19 17.90
N PRO B 20 0.57 -9.00 18.43
CA PRO B 20 -0.57 -9.51 17.68
C PRO B 20 -1.36 -8.42 16.98
N GLU B 21 -0.88 -8.04 15.80
CA GLU B 21 -1.53 -7.02 15.01
C GLU B 21 -2.43 -7.65 13.96
N GLU B 22 -2.03 -7.57 12.69
CA GLU B 22 -2.81 -8.13 11.60
C GLU B 22 -2.15 -7.81 10.28
N LEU B 23 -1.40 -8.77 9.80
CA LEU B 23 -0.70 -8.67 8.54
C LEU B 23 -1.59 -8.24 7.38
N VAL B 24 -0.97 -8.30 6.21
CA VAL B 24 -1.62 -7.98 4.93
C VAL B 24 -0.82 -8.65 3.83
N SER B 25 -1.36 -9.68 3.21
CA SER B 25 -0.63 -10.37 2.17
C SER B 25 -1.06 -9.93 0.79
N CYS B 26 -0.25 -10.24 -0.21
CA CYS B 26 -0.57 -9.89 -1.59
C CYS B 26 -1.43 -10.99 -2.15
N ALA B 27 -2.57 -10.64 -2.75
CA ALA B 27 -3.46 -11.66 -3.30
C ALA B 27 -2.88 -12.22 -4.59
N ASP B 28 -1.62 -11.90 -4.83
CA ASP B 28 -0.92 -12.37 -6.00
C ASP B 28 0.33 -13.13 -5.60
N CYS B 29 1.03 -12.61 -4.59
CA CYS B 29 2.26 -13.21 -4.11
C CYS B 29 2.07 -13.99 -2.83
N GLY B 30 1.30 -13.41 -1.91
CA GLY B 30 1.10 -14.06 -0.63
C GLY B 30 2.06 -13.52 0.41
N ARG B 31 2.58 -12.33 0.15
CA ARG B 31 3.51 -11.69 1.08
C ARG B 31 2.75 -10.78 2.03
N SER B 32 2.65 -11.20 3.26
CA SER B 32 1.90 -10.44 4.25
C SER B 32 2.78 -9.42 4.93
N GLY B 33 2.16 -8.48 5.63
CA GLY B 33 2.92 -7.47 6.34
C GLY B 33 2.12 -6.77 7.42
N HIS B 34 2.76 -6.42 8.53
CA HIS B 34 2.03 -5.72 9.57
C HIS B 34 1.93 -4.27 9.14
N PRO B 35 0.73 -3.66 9.06
CA PRO B 35 0.59 -2.27 8.58
C PRO B 35 1.41 -1.28 9.39
N THR B 36 1.92 -1.74 10.54
CA THR B 36 2.78 -0.90 11.36
C THR B 36 4.20 -1.02 10.82
N CYS B 37 4.45 -2.19 10.26
CA CYS B 37 5.73 -2.53 9.64
C CYS B 37 5.77 -2.01 8.21
N LEU B 38 4.58 -1.85 7.67
CA LEU B 38 4.38 -1.41 6.30
C LEU B 38 4.37 0.11 6.26
N GLN B 39 4.15 0.70 7.43
CA GLN B 39 4.08 2.14 7.58
C GLN B 39 2.76 2.68 7.05
N PHE B 40 1.74 1.81 7.02
CA PHE B 40 0.42 2.19 6.53
C PHE B 40 -0.28 3.16 7.46
N THR B 41 -1.48 3.55 7.04
CA THR B 41 -2.33 4.42 7.83
C THR B 41 -3.44 3.57 8.40
N LEU B 42 -4.31 4.13 9.22
CA LEU B 42 -5.39 3.34 9.80
C LEU B 42 -6.36 2.85 8.74
N ASN B 43 -7.11 3.76 8.15
CA ASN B 43 -8.09 3.39 7.13
C ASN B 43 -7.49 2.39 6.14
N MET B 44 -6.22 2.59 5.80
CA MET B 44 -5.50 1.68 4.91
C MET B 44 -5.46 0.32 5.55
N THR B 45 -4.75 0.27 6.66
CA THR B 45 -4.60 -0.94 7.44
C THR B 45 -5.91 -1.71 7.45
N GLU B 46 -6.99 -1.01 7.76
CA GLU B 46 -8.31 -1.62 7.82
C GLU B 46 -8.80 -2.05 6.44
N ALA B 47 -8.51 -1.24 5.42
CA ALA B 47 -8.95 -1.55 4.05
C ALA B 47 -8.19 -2.73 3.46
N VAL B 48 -6.87 -2.61 3.43
CA VAL B 48 -6.02 -3.65 2.90
C VAL B 48 -6.24 -4.99 3.60
N LYS B 49 -6.62 -4.92 4.86
CA LYS B 49 -6.86 -6.11 5.65
C LYS B 49 -8.23 -6.73 5.41
N THR B 50 -8.90 -6.28 4.36
CA THR B 50 -10.21 -6.79 4.00
C THR B 50 -10.20 -7.23 2.55
N TYR B 51 -9.46 -6.48 1.73
CA TYR B 51 -9.35 -6.78 0.31
C TYR B 51 -7.93 -7.24 -0.06
N LYS B 52 -7.63 -7.19 -1.34
CA LYS B 52 -6.35 -7.66 -1.88
C LYS B 52 -5.13 -6.93 -1.30
N TRP B 53 -5.12 -5.61 -1.47
CA TRP B 53 -4.01 -4.75 -1.08
C TRP B 53 -2.91 -4.88 -2.12
N GLN B 54 -2.63 -6.11 -2.53
CA GLN B 54 -1.63 -6.39 -3.56
C GLN B 54 -0.29 -5.74 -3.23
N CYS B 55 0.74 -6.54 -3.01
CA CYS B 55 2.04 -5.99 -2.71
C CYS B 55 2.36 -4.90 -3.70
N ILE B 56 3.04 -3.87 -3.21
CA ILE B 56 3.38 -2.70 -3.99
C ILE B 56 3.88 -3.01 -5.40
N GLU B 57 4.54 -4.11 -5.59
CA GLU B 57 4.99 -4.44 -6.93
C GLU B 57 3.78 -4.73 -7.83
N CYS B 58 2.84 -5.54 -7.33
CA CYS B 58 1.63 -5.87 -8.07
C CYS B 58 0.61 -4.74 -7.94
N LYS B 59 0.89 -3.85 -7.00
CA LYS B 59 0.04 -2.71 -6.71
C LYS B 59 -0.54 -2.12 -7.97
N SER B 60 0.35 -1.74 -8.89
CA SER B 60 -0.05 -1.14 -10.16
C SER B 60 -1.20 -0.18 -9.97
N CYS B 61 -1.74 0.24 -11.08
CA CYS B 61 -2.84 1.13 -11.07
C CYS B 61 -4.11 0.33 -10.80
N ILE B 62 -5.21 1.04 -10.77
CA ILE B 62 -6.53 0.45 -10.61
C ILE B 62 -7.35 1.12 -11.66
N LEU B 63 -6.81 2.26 -12.08
CA LEU B 63 -7.41 3.06 -13.11
C LEU B 63 -7.11 2.42 -14.44
N CYS B 64 -5.93 1.83 -14.53
CA CYS B 64 -5.52 1.11 -15.71
C CYS B 64 -4.78 -0.19 -15.35
N GLY B 65 -4.48 -0.37 -14.04
CA GLY B 65 -3.88 -1.60 -13.54
C GLY B 65 -2.88 -2.19 -14.49
N THR B 66 -1.90 -1.40 -14.81
CA THR B 66 -0.85 -1.81 -15.71
C THR B 66 0.53 -1.56 -15.13
N SER B 67 0.59 -0.72 -14.10
CA SER B 67 1.85 -0.37 -13.46
C SER B 67 2.71 0.31 -14.51
N GLU B 68 2.05 0.68 -15.58
CA GLU B 68 2.65 1.36 -16.72
C GLU B 68 3.81 2.26 -16.35
N ASN B 69 3.45 3.49 -16.04
CA ASN B 69 4.40 4.53 -15.68
C ASN B 69 4.88 4.35 -14.26
N ASP B 70 3.95 3.97 -13.39
CA ASP B 70 4.20 3.79 -11.95
C ASP B 70 4.94 4.96 -11.33
N ASP B 71 5.31 5.95 -12.14
CA ASP B 71 5.98 7.12 -11.63
C ASP B 71 4.94 8.16 -11.32
N GLN B 72 3.71 7.82 -11.70
CA GLN B 72 2.59 8.68 -11.49
C GLN B 72 1.61 7.94 -10.60
N LEU B 73 1.66 6.61 -10.69
CA LEU B 73 0.80 5.81 -9.85
C LEU B 73 0.75 6.40 -8.47
N LEU B 74 -0.43 6.74 -8.04
CA LEU B 74 -0.62 7.26 -6.72
C LEU B 74 -1.07 6.17 -5.81
N PHE B 75 -0.35 5.97 -4.74
CA PHE B 75 -0.65 4.90 -3.84
C PHE B 75 -1.49 5.40 -2.70
N CYS B 76 -2.81 5.29 -2.88
CA CYS B 76 -3.74 5.69 -1.86
C CYS B 76 -3.48 4.85 -0.66
N ASP B 77 -2.71 5.32 0.30
CA ASP B 77 -2.48 4.44 1.43
C ASP B 77 -3.62 4.56 2.42
N ASP B 78 -4.83 4.55 1.87
CA ASP B 78 -6.06 4.54 2.64
C ASP B 78 -6.77 3.22 2.33
N CYS B 79 -6.05 2.41 1.53
CA CYS B 79 -6.47 1.09 1.10
C CYS B 79 -5.40 0.49 0.19
N ASP B 80 -4.70 1.39 -0.51
CA ASP B 80 -3.56 1.04 -1.36
C ASP B 80 -3.90 0.76 -2.83
N ARG B 81 -4.72 1.62 -3.46
CA ARG B 81 -5.02 1.48 -4.89
C ARG B 81 -4.18 2.47 -5.71
N GLY B 82 -3.22 1.95 -6.48
CA GLY B 82 -2.36 2.79 -7.30
C GLY B 82 -3.13 3.50 -8.42
N TYR B 83 -2.91 4.79 -8.57
CA TYR B 83 -3.59 5.56 -9.61
C TYR B 83 -2.61 6.47 -10.30
N HIS B 84 -2.22 6.19 -11.52
CA HIS B 84 -1.30 7.10 -12.15
C HIS B 84 -1.89 8.46 -11.97
N MET B 85 -1.13 9.34 -11.37
CA MET B 85 -1.60 10.68 -11.09
C MET B 85 -2.27 11.33 -12.29
N TYR B 86 -2.22 10.68 -13.43
CA TYR B 86 -2.88 11.20 -14.61
C TYR B 86 -3.93 10.21 -15.08
N CYS B 87 -4.43 9.45 -14.10
CA CYS B 87 -5.48 8.47 -14.29
C CYS B 87 -6.65 8.91 -13.43
N LEU B 88 -6.33 9.62 -12.35
CA LEU B 88 -7.32 10.13 -11.41
C LEU B 88 -8.34 11.01 -12.10
N ASN B 89 -9.31 11.46 -11.31
CA ASN B 89 -10.34 12.36 -11.79
C ASN B 89 -9.78 13.75 -11.72
N PRO B 90 -9.09 14.07 -10.61
CA PRO B 90 -8.39 15.29 -10.45
C PRO B 90 -6.90 14.95 -10.54
N PRO B 91 -6.48 14.44 -11.71
CA PRO B 91 -5.11 13.95 -11.93
C PRO B 91 -4.04 14.94 -11.50
N VAL B 92 -3.04 14.44 -10.77
CA VAL B 92 -1.96 15.27 -10.30
C VAL B 92 -0.75 15.01 -11.17
N ALA B 93 0.28 15.81 -10.99
CA ALA B 93 1.49 15.66 -11.78
C ALA B 93 2.65 15.27 -10.90
N GLU B 94 2.47 15.50 -9.62
CA GLU B 94 3.50 15.25 -8.63
C GLU B 94 2.89 15.33 -7.23
N PRO B 95 2.11 16.41 -6.97
CA PRO B 95 1.42 16.69 -5.73
C PRO B 95 1.51 15.63 -4.60
N PRO B 96 0.55 14.69 -4.41
CA PRO B 96 0.58 13.73 -3.31
C PRO B 96 1.17 12.38 -3.69
N GLU B 97 2.27 12.42 -4.41
CA GLU B 97 2.96 11.24 -4.94
C GLU B 97 2.85 9.99 -4.08
N GLY B 98 2.99 10.13 -2.77
CA GLY B 98 2.93 8.95 -1.91
C GLY B 98 1.60 8.74 -1.21
N SER B 99 1.30 9.62 -0.27
CA SER B 99 0.06 9.53 0.51
C SER B 99 -1.16 9.59 -0.40
N TRP B 100 -2.03 10.59 -0.19
CA TRP B 100 -3.19 10.77 -1.05
C TRP B 100 -4.16 9.60 -0.95
N SER B 101 -5.44 9.92 -1.04
CA SER B 101 -6.47 8.89 -1.00
C SER B 101 -7.00 8.67 -2.40
N CYS B 102 -7.66 7.55 -2.62
CA CYS B 102 -8.19 7.24 -3.94
C CYS B 102 -9.64 7.65 -4.05
N HIS B 103 -10.28 7.32 -5.16
CA HIS B 103 -11.67 7.68 -5.35
C HIS B 103 -12.61 6.69 -4.66
N LEU B 104 -12.18 5.44 -4.55
CA LEU B 104 -13.00 4.43 -3.91
C LEU B 104 -13.15 4.72 -2.43
N CYS B 105 -12.10 5.26 -1.86
CA CYS B 105 -12.08 5.61 -0.45
C CYS B 105 -12.88 6.85 -0.23
N TRP B 106 -12.94 7.64 -1.26
CA TRP B 106 -13.62 8.89 -1.21
C TRP B 106 -15.10 8.75 -1.36
N GLU B 107 -15.51 8.00 -2.33
CA GLU B 107 -16.91 7.83 -2.51
C GLU B 107 -17.42 7.13 -1.26
N LEU B 108 -16.48 6.42 -0.63
CA LEU B 108 -16.71 5.70 0.58
C LEU B 108 -16.50 6.64 1.77
N LEU B 109 -15.82 7.73 1.48
CA LEU B 109 -15.52 8.77 2.46
C LEU B 109 -16.77 9.57 2.70
N LYS B 110 -17.26 10.11 1.61
CA LYS B 110 -18.48 10.87 1.61
C LYS B 110 -19.59 9.96 2.09
N GLU B 111 -19.42 8.67 1.80
CA GLU B 111 -20.36 7.66 2.24
C GLU B 111 -20.35 7.58 3.75
N LYS B 112 -19.18 7.81 4.36
CA LYS B 112 -19.07 7.78 5.81
C LYS B 112 -20.18 8.60 6.46
N ALA B 113 -20.64 9.61 5.73
CA ALA B 113 -21.69 10.50 6.20
C ALA B 113 -22.96 9.74 6.54
N SER B 114 -24.00 10.50 6.84
CA SER B 114 -25.29 9.94 7.20
C SER B 114 -26.42 10.89 6.80
ZN ZN C . 5.92 -7.12 11.06
ZN ZN D . 2.50 -9.19 -5.33
ZN ZN E . -8.19 4.11 -1.28
ZN ZN F . -3.06 4.19 -14.55
C1A SAC A 1 7.13 -4.55 1.57
C2A SAC A 1 7.09 -5.98 1.04
OAC SAC A 1 8.13 -3.88 1.27
N SAC A 1 5.96 -3.96 1.77
CA SAC A 1 5.61 -2.79 0.96
C SAC A 1 6.16 -2.95 -0.45
O SAC A 1 6.58 -1.97 -1.05
CB SAC A 1 6.14 -1.50 1.60
OG SAC A 1 7.55 -1.53 1.73
H1 SAC A 1 5.21 -4.54 2.02
H2A1 SAC A 1 7.41 -6.00 0.01
H2A2 SAC A 1 6.08 -6.34 1.11
H2A3 SAC A 1 7.74 -6.60 1.63
HA SAC A 1 4.53 -2.72 0.88
HB2 SAC A 1 5.87 -0.65 0.99
HB3 SAC A 1 5.71 -1.39 2.58
HG SAC A 1 7.81 -0.98 2.48
N GLY A 2 6.12 -4.19 -0.94
CA GLY A 2 6.64 -4.51 -2.26
C GLY A 2 7.97 -3.87 -2.52
N ARG A 3 7.95 -2.59 -2.80
CA ARG A 3 9.15 -1.84 -3.07
C ARG A 3 8.88 -0.34 -3.06
N GLY A 4 9.94 0.45 -3.26
CA GLY A 4 9.79 1.90 -3.25
C GLY A 4 11.10 2.60 -3.55
N LYS A 5 11.10 3.93 -3.38
CA LYS A 5 12.29 4.74 -3.62
C LYS A 5 13.47 4.25 -2.78
N GLY A 6 14.68 4.46 -3.28
CA GLY A 6 15.87 4.03 -2.56
C GLY A 6 15.86 2.56 -2.22
N GLY A 7 16.34 2.23 -1.03
CA GLY A 7 16.39 0.83 -0.61
C GLY A 7 17.78 0.40 -0.19
N LYS A 8 18.32 1.07 0.83
CA LYS A 8 19.65 0.75 1.33
C LYS A 8 19.76 1.02 2.82
N GLY A 9 19.39 2.23 3.23
CA GLY A 9 19.45 2.60 4.63
C GLY A 9 18.31 3.51 5.05
N LEU A 10 18.00 3.52 6.34
CA LEU A 10 16.92 4.35 6.87
C LEU A 10 17.04 5.80 6.38
N GLY A 11 15.90 6.42 6.10
CA GLY A 11 15.89 7.79 5.63
C GLY A 11 15.90 7.88 4.12
N LYS A 12 16.28 9.05 3.61
CA LYS A 12 16.34 9.29 2.16
C LYS A 12 14.97 9.15 1.51
N GLY A 13 13.93 9.03 2.35
CA GLY A 13 12.58 8.89 1.85
C GLY A 13 12.40 7.69 0.94
N GLY A 14 12.63 6.50 1.50
CA GLY A 14 12.48 5.29 0.70
C GLY A 14 12.58 4.03 1.54
N ALA A 15 13.53 4.01 2.47
CA ALA A 15 13.70 2.85 3.34
C ALA A 15 12.39 2.55 4.06
N LYS A 16 11.51 3.54 4.07
CA LYS A 16 10.20 3.41 4.70
C LYS A 16 9.11 3.99 3.80
N ARG A 17 8.79 3.27 2.73
CA ARG A 17 7.77 3.73 1.79
C ARG A 17 7.18 2.55 0.98
N HIS A 18 5.95 2.74 0.52
CA HIS A 18 5.25 1.72 -0.26
C HIS A 18 4.87 2.28 -1.62
N ARG A 19 5.70 1.93 -2.59
CA ARG A 19 5.52 2.35 -3.96
C ARG A 19 6.07 1.32 -4.92
N LYS A 20 7.35 1.44 -5.29
CA LYS A 20 8.00 0.49 -6.20
C LYS A 20 9.21 1.12 -6.87
N GLY B 1 0.10 -19.30 4.83
CA GLY B 1 1.54 -19.67 4.74
C GLY B 1 2.45 -18.47 4.60
N SER B 2 1.85 -17.27 4.57
CA SER B 2 2.62 -16.05 4.43
C SER B 2 2.90 -15.41 5.78
N TYR B 3 3.45 -14.21 5.71
CA TYR B 3 3.80 -13.44 6.90
C TYR B 3 4.34 -12.08 6.49
N CYS B 4 4.41 -11.18 7.46
CA CYS B 4 4.92 -9.84 7.23
C CYS B 4 6.34 -9.87 6.66
N ASP B 5 6.51 -9.36 5.46
CA ASP B 5 7.85 -9.30 4.84
C ASP B 5 8.87 -8.59 5.75
N PHE B 6 8.39 -8.00 6.84
CA PHE B 6 9.25 -7.25 7.75
C PHE B 6 9.61 -8.05 9.02
N CYS B 7 8.73 -8.97 9.45
CA CYS B 7 9.01 -9.80 10.62
C CYS B 7 8.92 -11.26 10.24
N LEU B 8 8.06 -11.52 9.29
CA LEU B 8 7.83 -12.85 8.78
C LEU B 8 7.25 -13.76 9.84
N GLY B 9 6.43 -13.18 10.70
CA GLY B 9 5.80 -13.92 11.76
C GLY B 9 4.40 -14.36 11.38
N GLY B 10 3.43 -13.57 11.83
CA GLY B 10 2.05 -13.86 11.52
C GLY B 10 1.11 -12.77 12.01
N SER B 11 -0.15 -12.83 11.58
CA SER B 11 -1.12 -11.85 11.99
C SER B 11 -1.67 -12.25 13.35
N ASN B 12 -2.07 -11.27 14.12
CA ASN B 12 -2.57 -11.51 15.47
C ASN B 12 -1.43 -12.08 16.30
N MET B 13 -0.21 -11.80 15.82
CA MET B 13 1.03 -12.24 16.45
C MET B 13 2.20 -11.72 15.65
N ASN B 14 2.57 -10.47 15.87
CA ASN B 14 3.66 -9.87 15.12
C ASN B 14 5.01 -10.36 15.64
N LYS B 15 5.80 -10.93 14.75
CA LYS B 15 7.11 -11.43 15.14
C LYS B 15 8.03 -10.28 15.47
N LYS B 16 9.20 -10.60 16.00
CA LYS B 16 10.17 -9.59 16.39
C LYS B 16 9.60 -8.87 17.60
N SER B 17 8.56 -9.49 18.12
CA SER B 17 7.79 -9.01 19.25
C SER B 17 7.08 -7.77 18.83
N GLY B 18 6.52 -7.84 17.65
CA GLY B 18 5.73 -6.74 17.16
C GLY B 18 4.38 -6.78 17.84
N ARG B 19 4.06 -8.00 18.28
CA ARG B 19 2.84 -8.33 19.01
C ARG B 19 1.63 -8.49 18.12
N PRO B 20 0.61 -9.16 18.65
CA PRO B 20 -0.63 -9.46 17.94
C PRO B 20 -1.19 -8.26 17.17
N GLU B 21 -0.86 -8.22 15.89
CA GLU B 21 -1.32 -7.17 14.99
C GLU B 21 -2.23 -7.77 13.92
N GLU B 22 -1.96 -7.45 12.65
CA GLU B 22 -2.76 -7.98 11.55
C GLU B 22 -2.08 -7.75 10.23
N LEU B 23 -1.46 -8.79 9.73
CA LEU B 23 -0.76 -8.75 8.46
C LEU B 23 -1.66 -8.28 7.33
N VAL B 24 -1.04 -8.19 6.16
CA VAL B 24 -1.75 -7.82 4.93
C VAL B 24 -1.06 -8.50 3.79
N SER B 25 -1.70 -9.53 3.23
CA SER B 25 -1.08 -10.23 2.14
C SER B 25 -1.48 -9.60 0.83
N CYS B 26 -0.84 -10.04 -0.22
CA CYS B 26 -1.09 -9.51 -1.53
C CYS B 26 -1.79 -10.56 -2.39
N ALA B 27 -2.87 -10.17 -3.06
CA ALA B 27 -3.61 -11.11 -3.88
C ALA B 27 -2.98 -11.29 -5.26
N ASP B 28 -1.70 -10.96 -5.38
CA ASP B 28 -1.01 -11.09 -6.62
C ASP B 28 0.16 -12.05 -6.44
N CYS B 29 0.84 -11.89 -5.30
CA CYS B 29 1.98 -12.72 -5.00
C CYS B 29 1.80 -13.48 -3.68
N GLY B 30 1.21 -12.84 -2.67
CA GLY B 30 0.97 -13.54 -1.41
C GLY B 30 1.91 -13.10 -0.32
N ARG B 31 2.26 -11.84 -0.35
CA ARG B 31 3.16 -11.28 0.63
C ARG B 31 2.37 -10.50 1.68
N SER B 32 2.42 -10.99 2.92
CA SER B 32 1.70 -10.35 4.01
C SER B 32 2.60 -9.36 4.74
N GLY B 33 1.98 -8.41 5.45
CA GLY B 33 2.76 -7.42 6.20
C GLY B 33 2.02 -6.75 7.32
N HIS B 34 2.74 -6.35 8.36
CA HIS B 34 2.09 -5.63 9.46
C HIS B 34 2.06 -4.15 9.11
N PRO B 35 0.87 -3.51 9.18
CA PRO B 35 0.73 -2.10 8.82
C PRO B 35 1.73 -1.22 9.56
N THR B 36 2.12 -1.63 10.76
CA THR B 36 3.10 -0.88 11.53
C THR B 36 4.45 -0.95 10.82
N CYS B 37 4.72 -2.12 10.25
CA CYS B 37 5.94 -2.36 9.50
C CYS B 37 5.77 -1.86 8.07
N LEU B 38 4.53 -1.52 7.73
CA LEU B 38 4.18 -1.03 6.40
C LEU B 38 3.92 0.46 6.42
N GLN B 39 4.16 1.07 7.56
CA GLN B 39 3.95 2.51 7.74
C GLN B 39 2.55 2.91 7.24
N PHE B 40 1.59 1.99 7.35
CA PHE B 40 0.23 2.25 6.88
C PHE B 40 -0.54 3.18 7.79
N THR B 41 -1.56 3.79 7.21
CA THR B 41 -2.45 4.65 7.94
C THR B 41 -3.62 3.79 8.40
N LEU B 42 -4.09 4.01 9.61
CA LEU B 42 -5.19 3.20 10.14
C LEU B 42 -6.19 2.80 9.07
N ASN B 43 -6.74 3.78 8.36
CA ASN B 43 -7.72 3.49 7.33
C ASN B 43 -7.20 2.44 6.34
N MET B 44 -6.01 2.63 5.76
CA MET B 44 -5.51 1.61 4.84
C MET B 44 -5.46 0.30 5.56
N THR B 45 -4.71 0.29 6.66
CA THR B 45 -4.59 -0.87 7.47
C THR B 45 -5.90 -1.65 7.44
N GLU B 46 -6.95 -1.00 7.90
CA GLU B 46 -8.27 -1.59 7.96
C GLU B 46 -8.76 -2.05 6.58
N ALA B 47 -8.45 -1.27 5.54
CA ALA B 47 -8.88 -1.59 4.18
C ALA B 47 -8.11 -2.76 3.57
N VAL B 48 -6.80 -2.60 3.47
CA VAL B 48 -5.92 -3.61 2.90
C VAL B 48 -6.07 -5.00 3.51
N LYS B 49 -6.33 -5.07 4.82
CA LYS B 49 -6.48 -6.37 5.48
C LYS B 49 -7.69 -7.13 4.96
N THR B 50 -8.78 -6.42 4.74
CA THR B 50 -10.02 -7.03 4.28
C THR B 50 -9.98 -7.36 2.80
N TYR B 51 -9.29 -6.53 2.03
CA TYR B 51 -9.21 -6.74 0.60
C TYR B 51 -7.78 -7.04 0.12
N LYS B 52 -7.59 -6.94 -1.19
CA LYS B 52 -6.32 -7.23 -1.85
C LYS B 52 -5.09 -6.55 -1.24
N TRP B 53 -4.90 -5.28 -1.59
CA TRP B 53 -3.73 -4.47 -1.19
C TRP B 53 -2.61 -4.77 -2.19
N GLN B 54 -2.71 -5.94 -2.83
CA GLN B 54 -1.78 -6.41 -3.86
C GLN B 54 -0.36 -5.88 -3.69
N CYS B 55 0.07 -5.76 -2.43
CA CYS B 55 1.41 -5.23 -2.12
C CYS B 55 1.81 -4.14 -3.12
N ILE B 56 3.10 -3.88 -3.23
CA ILE B 56 3.58 -2.86 -4.16
C ILE B 56 3.97 -3.44 -5.49
N GLU B 57 5.02 -4.18 -5.50
CA GLU B 57 5.55 -4.71 -6.74
C GLU B 57 4.40 -5.09 -7.67
N CYS B 58 3.27 -5.48 -7.08
CA CYS B 58 2.05 -5.82 -7.83
C CYS B 58 0.98 -4.70 -7.82
N LYS B 59 0.99 -3.81 -6.79
CA LYS B 59 -0.05 -2.76 -6.66
C LYS B 59 -0.52 -2.21 -8.00
N SER B 60 0.41 -1.78 -8.83
CA SER B 60 0.09 -1.18 -10.11
C SER B 60 -1.08 -0.21 -9.96
N CYS B 61 -1.61 0.20 -11.08
CA CYS B 61 -2.74 1.09 -11.07
C CYS B 61 -4.00 0.31 -10.73
N ILE B 62 -5.09 1.03 -10.63
CA ILE B 62 -6.40 0.44 -10.43
C ILE B 62 -7.18 1.01 -11.58
N LEU B 63 -6.62 2.13 -12.07
CA LEU B 63 -7.16 2.82 -13.20
C LEU B 63 -6.62 2.12 -14.45
N CYS B 64 -5.56 1.32 -14.24
CA CYS B 64 -4.94 0.54 -15.30
C CYS B 64 -4.58 -0.86 -14.79
N GLY B 65 -4.13 -0.95 -13.54
CA GLY B 65 -3.71 -2.23 -13.01
C GLY B 65 -2.64 -2.87 -13.88
N THR B 66 -1.77 -2.02 -14.40
CA THR B 66 -0.69 -2.43 -15.29
C THR B 66 0.67 -2.00 -14.78
N SER B 67 0.67 -0.94 -13.96
CA SER B 67 1.88 -0.36 -13.41
C SER B 67 2.46 0.63 -14.41
N GLU B 68 2.10 0.40 -15.67
CA GLU B 68 2.51 1.23 -16.80
C GLU B 68 3.68 2.16 -16.49
N ASN B 69 3.36 3.39 -16.06
CA ASN B 69 4.37 4.38 -15.73
C ASN B 69 4.91 4.18 -14.33
N ASP B 70 4.00 3.76 -13.45
CA ASP B 70 4.31 3.54 -12.03
C ASP B 70 5.10 4.68 -11.42
N ASP B 71 5.31 5.74 -12.18
CA ASP B 71 6.03 6.88 -11.68
C ASP B 71 5.02 7.96 -11.38
N GLN B 72 3.76 7.63 -11.68
CA GLN B 72 2.66 8.52 -11.44
C GLN B 72 1.66 7.81 -10.56
N LEU B 73 1.63 6.49 -10.66
CA LEU B 73 0.74 5.70 -9.83
C LEU B 73 0.61 6.33 -8.47
N LEU B 74 -0.60 6.60 -8.07
CA LEU B 74 -0.84 7.14 -6.75
C LEU B 74 -1.37 6.07 -5.84
N PHE B 75 -0.65 5.86 -4.76
CA PHE B 75 -0.98 4.83 -3.83
C PHE B 75 -1.76 5.37 -2.66
N CYS B 76 -3.07 5.26 -2.79
CA CYS B 76 -3.95 5.70 -1.76
C CYS B 76 -3.66 4.88 -0.52
N ASP B 77 -2.91 5.42 0.44
CA ASP B 77 -2.64 4.62 1.62
C ASP B 77 -3.86 4.57 2.53
N ASP B 78 -5.03 4.42 1.91
CA ASP B 78 -6.28 4.25 2.63
C ASP B 78 -6.90 2.92 2.20
N CYS B 79 -6.12 2.19 1.41
CA CYS B 79 -6.51 0.88 0.88
C CYS B 79 -5.43 0.37 -0.08
N ASP B 80 -4.76 1.33 -0.71
CA ASP B 80 -3.65 1.08 -1.64
C ASP B 80 -4.12 0.87 -3.07
N ARG B 81 -4.87 1.82 -3.59
CA ARG B 81 -5.33 1.77 -4.97
C ARG B 81 -4.45 2.71 -5.81
N GLY B 82 -3.49 2.12 -6.53
CA GLY B 82 -2.56 2.88 -7.35
C GLY B 82 -3.22 3.54 -8.55
N TYR B 83 -3.06 4.85 -8.68
CA TYR B 83 -3.64 5.55 -9.84
C TYR B 83 -2.58 6.38 -10.48
N HIS B 84 -2.09 6.04 -11.66
CA HIS B 84 -1.13 6.92 -12.26
C HIS B 84 -1.72 8.29 -12.07
N MET B 85 -1.00 9.16 -11.40
CA MET B 85 -1.49 10.49 -11.08
C MET B 85 -2.18 11.17 -12.25
N TYR B 86 -2.12 10.56 -13.42
CA TYR B 86 -2.80 11.11 -14.58
C TYR B 86 -3.93 10.17 -15.00
N CYS B 87 -4.43 9.45 -14.00
CA CYS B 87 -5.52 8.51 -14.16
C CYS B 87 -6.68 8.98 -13.30
N LEU B 88 -6.33 9.59 -12.18
CA LEU B 88 -7.32 10.13 -11.25
C LEU B 88 -8.32 11.04 -11.96
N ASN B 89 -9.31 11.49 -11.22
CA ASN B 89 -10.29 12.40 -11.75
C ASN B 89 -9.70 13.78 -11.69
N PRO B 90 -9.04 14.09 -10.56
CA PRO B 90 -8.29 15.28 -10.41
C PRO B 90 -6.81 14.91 -10.53
N PRO B 91 -6.39 14.39 -11.71
CA PRO B 91 -5.03 13.88 -11.93
C PRO B 91 -3.94 14.84 -11.50
N VAL B 92 -2.93 14.33 -10.77
CA VAL B 92 -1.84 15.15 -10.33
C VAL B 92 -0.63 14.83 -11.19
N ALA B 93 0.43 15.59 -10.99
CA ALA B 93 1.65 15.39 -11.77
C ALA B 93 2.80 15.00 -10.87
N GLU B 94 2.61 15.25 -9.59
CA GLU B 94 3.63 15.01 -8.58
C GLU B 94 3.00 15.11 -7.19
N PRO B 95 2.22 16.20 -6.95
CA PRO B 95 1.51 16.49 -5.74
C PRO B 95 1.58 15.45 -4.59
N PRO B 96 0.61 14.52 -4.40
CA PRO B 96 0.61 13.60 -3.28
C PRO B 96 1.18 12.21 -3.58
N GLU B 97 2.36 12.15 -4.18
CA GLU B 97 2.95 10.88 -4.55
C GLU B 97 3.11 9.92 -3.36
N GLY B 98 3.37 10.45 -2.17
CA GLY B 98 3.56 9.58 -1.02
C GLY B 98 2.49 9.68 0.05
N SER B 99 1.25 9.42 -0.36
CA SER B 99 0.08 9.44 0.52
C SER B 99 -1.17 9.45 -0.35
N TRP B 100 -2.00 10.49 -0.21
CA TRP B 100 -3.18 10.64 -1.04
C TRP B 100 -4.18 9.51 -0.88
N SER B 101 -5.44 9.83 -1.07
CA SER B 101 -6.51 8.84 -0.99
C SER B 101 -7.06 8.59 -2.39
N CYS B 102 -7.85 7.55 -2.55
CA CYS B 102 -8.39 7.22 -3.87
C CYS B 102 -9.87 7.52 -3.94
N HIS B 103 -10.48 7.26 -5.09
CA HIS B 103 -11.89 7.54 -5.25
C HIS B 103 -12.77 6.49 -4.58
N LEU B 104 -12.41 5.22 -4.71
CA LEU B 104 -13.21 4.15 -4.13
C LEU B 104 -13.38 4.32 -2.61
N CYS B 105 -12.37 4.88 -1.99
CA CYS B 105 -12.39 5.06 -0.54
C CYS B 105 -13.40 6.04 -0.09
N TRP B 106 -13.49 7.17 -0.74
CA TRP B 106 -14.45 8.12 -0.28
C TRP B 106 -15.83 7.82 -0.75
N GLU B 107 -15.98 7.31 -1.92
CA GLU B 107 -17.32 7.01 -2.31
C GLU B 107 -17.88 6.13 -1.22
N LEU B 108 -16.92 5.46 -0.58
CA LEU B 108 -17.14 4.55 0.53
C LEU B 108 -17.15 5.33 1.85
N LEU B 109 -16.37 6.42 1.86
CA LEU B 109 -16.23 7.30 3.02
C LEU B 109 -17.50 8.08 3.17
N LYS B 110 -17.75 8.89 2.17
CA LYS B 110 -18.95 9.69 2.10
C LYS B 110 -20.15 8.76 2.26
N GLU B 111 -20.02 7.54 1.74
CA GLU B 111 -21.08 6.56 1.86
C GLU B 111 -21.39 6.29 3.32
N LYS B 112 -20.35 6.26 4.16
CA LYS B 112 -20.54 5.99 5.58
C LYS B 112 -21.56 6.96 6.18
N ALA B 113 -21.47 8.22 5.76
CA ALA B 113 -22.37 9.26 6.26
C ALA B 113 -23.82 8.97 5.93
N SER B 114 -24.67 9.92 6.26
CA SER B 114 -26.10 9.79 6.00
C SER B 114 -26.44 10.18 4.57
ZN ZN C . 6.00 -6.99 10.83
ZN ZN D . 2.43 -8.65 -4.53
ZN ZN E . -8.35 3.99 -1.31
ZN ZN F . -3.18 4.25 -14.55
C1A SAC A 1 5.16 -4.19 1.62
C2A SAC A 1 5.18 -5.49 2.43
OAC SAC A 1 4.35 -4.08 0.69
N SAC A 1 5.92 -3.17 2.01
CA SAC A 1 5.71 -1.83 1.49
C SAC A 1 6.59 -1.57 0.27
O SAC A 1 6.23 -1.98 -0.83
CB SAC A 1 6.00 -0.79 2.58
OG SAC A 1 7.27 -0.98 3.16
H1 SAC A 1 6.56 -3.31 2.75
H2A1 SAC A 1 6.21 -5.81 2.55
H2A2 SAC A 1 4.63 -6.25 1.90
H2A3 SAC A 1 4.74 -5.32 3.39
HA SAC A 1 4.68 -1.74 1.18
HB2 SAC A 1 5.95 0.20 2.16
HB3 SAC A 1 5.25 -0.88 3.36
HG SAC A 1 7.54 -1.90 3.04
N GLY A 2 7.72 -0.90 0.47
CA GLY A 2 8.61 -0.64 -0.64
C GLY A 2 8.88 -1.89 -1.42
N ARG A 3 9.01 -1.77 -2.73
CA ARG A 3 9.25 -2.93 -3.57
C ARG A 3 10.39 -3.79 -3.03
N GLY A 4 11.35 -3.14 -2.37
CA GLY A 4 12.48 -3.86 -1.81
C GLY A 4 13.63 -4.02 -2.79
N LYS A 5 13.31 -4.40 -4.02
CA LYS A 5 14.33 -4.59 -5.04
C LYS A 5 14.91 -3.25 -5.49
N GLY A 6 15.62 -3.26 -6.61
CA GLY A 6 16.24 -2.05 -7.12
C GLY A 6 15.24 -0.91 -7.27
N GLY A 7 15.73 0.31 -7.15
CA GLY A 7 14.87 1.48 -7.26
C GLY A 7 15.22 2.56 -6.27
N LYS A 8 15.86 2.17 -5.17
CA LYS A 8 16.26 3.09 -4.13
C LYS A 8 17.46 3.92 -4.57
N GLY A 9 17.88 4.85 -3.71
CA GLY A 9 19.02 5.70 -4.02
C GLY A 9 18.97 7.02 -3.28
N LEU A 10 18.13 7.94 -3.76
CA LEU A 10 18.00 9.24 -3.14
C LEU A 10 17.17 9.16 -1.86
N GLY A 11 15.88 8.89 -2.00
CA GLY A 11 15.01 8.78 -0.85
C GLY A 11 14.74 10.13 -0.20
N LYS A 12 13.47 10.41 0.09
CA LYS A 12 13.09 11.67 0.71
C LYS A 12 12.58 11.44 2.14
N GLY A 13 12.35 10.18 2.48
CA GLY A 13 11.86 9.85 3.81
C GLY A 13 11.70 8.36 4.01
N GLY A 14 12.75 7.71 4.50
CA GLY A 14 12.71 6.28 4.74
C GLY A 14 13.65 5.52 3.83
N ALA A 15 13.40 4.21 3.68
CA ALA A 15 14.22 3.37 2.83
C ALA A 15 13.36 2.49 1.92
N LYS A 16 12.21 2.06 2.44
CA LYS A 16 11.30 1.22 1.67
C LYS A 16 10.12 2.04 1.14
N ARG A 17 9.16 2.30 2.02
CA ARG A 17 7.97 3.08 1.64
C ARG A 17 7.17 2.40 0.54
N HIS A 18 5.96 1.97 0.89
CA HIS A 18 5.08 1.31 -0.08
C HIS A 18 4.90 2.18 -1.30
N ARG A 19 5.42 1.69 -2.40
CA ARG A 19 5.35 2.38 -3.66
C ARG A 19 5.71 1.45 -4.80
N LYS A 20 7.02 1.25 -4.97
CA LYS A 20 7.58 0.40 -6.03
C LYS A 20 8.95 0.93 -6.46
N GLY B 1 7.71 -15.97 0.31
CA GLY B 1 6.72 -14.86 0.22
C GLY B 1 5.55 -15.05 1.18
N SER B 2 5.78 -14.72 2.44
CA SER B 2 4.74 -14.84 3.46
C SER B 2 4.86 -13.78 4.52
N TYR B 3 4.12 -14.00 5.63
CA TYR B 3 4.07 -13.14 6.81
C TYR B 3 4.47 -11.72 6.52
N CYS B 4 4.66 -10.97 7.56
CA CYS B 4 5.06 -9.60 7.41
C CYS B 4 6.46 -9.51 6.83
N ASP B 5 6.57 -8.98 5.63
CA ASP B 5 7.86 -8.84 4.98
C ASP B 5 8.84 -8.06 5.86
N PHE B 6 8.35 -7.58 7.00
CA PHE B 6 9.16 -6.79 7.93
C PHE B 6 9.56 -7.60 9.18
N CYS B 7 8.73 -8.56 9.59
CA CYS B 7 9.04 -9.40 10.76
C CYS B 7 9.06 -10.85 10.36
N LEU B 8 8.19 -11.19 9.43
CA LEU B 8 8.07 -12.52 8.94
C LEU B 8 7.54 -13.45 10.02
N GLY B 9 6.68 -12.92 10.88
CA GLY B 9 6.11 -13.69 11.96
C GLY B 9 4.72 -14.19 11.63
N GLY B 10 3.72 -13.47 12.16
CA GLY B 10 2.33 -13.84 11.92
C GLY B 10 1.38 -12.71 12.27
N SER B 11 0.09 -12.90 12.01
CA SER B 11 -0.90 -11.86 12.31
C SER B 11 -1.30 -11.90 13.78
N ASN B 12 -1.52 -13.12 14.30
CA ASN B 12 -1.87 -13.29 15.70
C ASN B 12 -0.63 -13.12 16.57
N MET B 13 0.42 -12.60 15.95
CA MET B 13 1.68 -12.35 16.62
C MET B 13 2.64 -11.66 15.70
N ASN B 14 2.91 -10.41 15.99
CA ASN B 14 3.83 -9.64 15.18
C ASN B 14 5.24 -9.94 15.64
N LYS B 15 5.98 -10.69 14.84
CA LYS B 15 7.33 -11.02 15.21
C LYS B 15 8.15 -9.77 15.46
N LYS B 16 9.32 -9.93 16.05
CA LYS B 16 10.19 -8.81 16.38
C LYS B 16 9.61 -8.12 17.61
N SER B 17 8.68 -8.83 18.24
CA SER B 17 7.96 -8.40 19.42
C SER B 17 7.02 -7.29 19.07
N GLY B 18 6.44 -7.43 17.89
CA GLY B 18 5.46 -6.46 17.45
C GLY B 18 4.13 -6.71 18.11
N ARG B 19 3.91 -7.99 18.42
CA ARG B 19 2.72 -8.48 19.11
C ARG B 19 1.57 -8.75 18.14
N PRO B 20 0.63 -9.59 18.59
CA PRO B 20 -0.53 -10.01 17.79
C PRO B 20 -1.25 -8.86 17.10
N GLU B 21 -0.79 -8.52 15.90
CA GLU B 21 -1.38 -7.47 15.11
C GLU B 21 -2.36 -8.07 14.10
N GLU B 22 -1.97 -8.06 12.82
CA GLU B 22 -2.79 -8.63 11.76
C GLU B 22 -2.11 -8.42 10.44
N LEU B 23 -1.33 -9.40 10.03
CA LEU B 23 -0.63 -9.34 8.77
C LEU B 23 -1.56 -8.93 7.68
N VAL B 24 -0.96 -8.67 6.55
CA VAL B 24 -1.69 -8.25 5.41
C VAL B 24 -0.99 -8.73 4.16
N SER B 25 -1.56 -9.75 3.54
CA SER B 25 -0.95 -10.35 2.38
C SER B 25 -1.45 -9.74 1.09
N CYS B 26 -0.84 -10.17 0.00
CA CYS B 26 -1.21 -9.69 -1.31
C CYS B 26 -2.05 -10.73 -2.03
N ALA B 27 -3.15 -10.30 -2.64
CA ALA B 27 -4.04 -11.21 -3.34
C ALA B 27 -3.52 -11.55 -4.73
N ASP B 28 -2.25 -11.25 -4.97
CA ASP B 28 -1.65 -11.53 -6.27
C ASP B 28 -0.37 -12.35 -6.09
N CYS B 29 0.40 -11.98 -5.08
CA CYS B 29 1.67 -12.63 -4.78
C CYS B 29 1.57 -13.47 -3.51
N GLY B 30 1.02 -12.87 -2.45
CA GLY B 30 0.89 -13.58 -1.19
C GLY B 30 1.81 -13.06 -0.09
N ARG B 31 2.48 -11.94 -0.36
CA ARG B 31 3.38 -11.35 0.62
C ARG B 31 2.61 -10.54 1.65
N SER B 32 2.74 -10.94 2.91
CA SER B 32 2.02 -10.29 4.00
C SER B 32 2.84 -9.17 4.64
N GLY B 33 2.21 -8.42 5.54
CA GLY B 33 2.89 -7.32 6.21
C GLY B 33 2.09 -6.79 7.38
N HIS B 34 2.73 -6.20 8.36
CA HIS B 34 1.94 -5.63 9.44
C HIS B 34 1.70 -4.16 9.14
N PRO B 35 0.42 -3.77 8.97
CA PRO B 35 0.03 -2.40 8.68
C PRO B 35 0.90 -1.37 9.40
N THR B 36 1.34 -1.68 10.62
CA THR B 36 2.21 -0.77 11.36
C THR B 36 3.59 -0.76 10.72
N CYS B 37 4.07 -1.96 10.40
CA CYS B 37 5.36 -2.15 9.75
C CYS B 37 5.34 -1.56 8.34
N LEU B 38 4.15 -1.51 7.78
CA LEU B 38 3.94 -1.00 6.44
C LEU B 38 3.81 0.52 6.50
N GLN B 39 3.60 1.00 7.73
CA GLN B 39 3.43 2.42 8.00
C GLN B 39 2.07 2.89 7.48
N PHE B 40 1.17 1.92 7.28
CA PHE B 40 -0.18 2.22 6.79
C PHE B 40 -0.96 3.09 7.74
N THR B 41 -2.13 3.50 7.28
CA THR B 41 -3.06 4.27 8.08
C THR B 41 -4.14 3.31 8.53
N LEU B 42 -5.10 3.78 9.31
CA LEU B 42 -6.14 2.87 9.76
C LEU B 42 -6.96 2.35 8.60
N ASN B 43 -7.68 3.24 7.92
CA ASN B 43 -8.50 2.84 6.80
C ASN B 43 -7.71 1.92 5.86
N MET B 44 -6.47 2.30 5.56
CA MET B 44 -5.60 1.47 4.74
C MET B 44 -5.56 0.09 5.33
N THR B 45 -5.02 0.03 6.53
CA THR B 45 -4.91 -1.20 7.26
C THR B 45 -6.16 -2.04 7.08
N GLU B 46 -7.27 -1.52 7.55
CA GLU B 46 -8.56 -2.19 7.48
C GLU B 46 -8.92 -2.63 6.06
N ALA B 47 -8.57 -1.81 5.07
CA ALA B 47 -8.90 -2.12 3.68
C ALA B 47 -7.96 -3.19 3.11
N VAL B 48 -6.68 -2.89 3.16
CA VAL B 48 -5.63 -3.76 2.66
C VAL B 48 -5.73 -5.20 3.15
N LYS B 49 -6.34 -5.41 4.32
CA LYS B 49 -6.47 -6.77 4.86
C LYS B 49 -7.66 -7.51 4.27
N THR B 50 -8.79 -6.82 4.20
CA THR B 50 -10.02 -7.41 3.69
C THR B 50 -9.95 -7.66 2.20
N TYR B 51 -9.50 -6.65 1.45
CA TYR B 51 -9.41 -6.76 0.01
C TYR B 51 -8.00 -7.14 -0.44
N LYS B 52 -7.75 -6.99 -1.72
CA LYS B 52 -6.48 -7.36 -2.35
C LYS B 52 -5.25 -6.75 -1.68
N TRP B 53 -5.05 -5.45 -1.93
CA TRP B 53 -3.88 -4.71 -1.47
C TRP B 53 -2.71 -5.03 -2.41
N GLN B 54 -2.87 -6.11 -3.19
CA GLN B 54 -1.88 -6.59 -4.15
C GLN B 54 -0.48 -6.08 -3.85
N CYS B 55 -0.09 -6.12 -2.57
CA CYS B 55 1.21 -5.62 -2.16
C CYS B 55 1.62 -4.43 -3.01
N ILE B 56 2.91 -4.15 -3.11
CA ILE B 56 3.35 -3.03 -3.94
C ILE B 56 3.75 -3.46 -5.32
N GLU B 57 4.88 -4.06 -5.41
CA GLU B 57 5.47 -4.40 -6.70
C GLU B 57 4.44 -4.73 -7.79
N CYS B 58 3.33 -5.35 -7.41
CA CYS B 58 2.27 -5.66 -8.38
C CYS B 58 1.07 -4.71 -8.32
N LYS B 59 1.00 -3.93 -7.24
CA LYS B 59 -0.09 -2.99 -6.96
C LYS B 59 -0.66 -2.34 -8.21
N SER B 60 0.20 -1.89 -9.10
CA SER B 60 -0.20 -1.21 -10.31
C SER B 60 -1.34 -0.25 -10.06
N CYS B 61 -1.86 0.28 -11.14
CA CYS B 61 -2.96 1.19 -11.06
C CYS B 61 -4.22 0.40 -10.73
N ILE B 62 -5.33 1.07 -10.83
CA ILE B 62 -6.65 0.49 -10.67
C ILE B 62 -7.42 1.13 -11.78
N LEU B 63 -6.90 2.31 -12.12
CA LEU B 63 -7.41 3.09 -13.21
C LEU B 63 -6.90 2.43 -14.48
N CYS B 64 -5.89 1.57 -14.28
CA CYS B 64 -5.30 0.78 -15.35
C CYS B 64 -4.99 -0.63 -14.85
N GLY B 65 -4.52 -0.73 -13.60
CA GLY B 65 -4.14 -2.03 -13.06
C GLY B 65 -3.09 -2.68 -13.91
N THR B 66 -2.23 -1.85 -14.48
CA THR B 66 -1.17 -2.31 -15.37
C THR B 66 0.19 -1.86 -14.89
N SER B 67 0.19 -0.87 -13.99
CA SER B 67 1.40 -0.27 -13.45
C SER B 67 1.99 0.68 -14.48
N GLU B 68 1.64 0.44 -15.74
CA GLU B 68 2.10 1.25 -16.88
C GLU B 68 3.30 2.14 -16.55
N ASN B 69 3.03 3.43 -16.35
CA ASN B 69 4.08 4.39 -16.06
C ASN B 69 4.65 4.17 -14.67
N ASP B 70 3.78 3.79 -13.73
CA ASP B 70 4.14 3.58 -12.34
C ASP B 70 4.96 4.71 -11.74
N ASP B 71 5.21 5.74 -12.54
CA ASP B 71 5.94 6.89 -12.05
C ASP B 71 4.95 7.94 -11.66
N GLN B 72 3.67 7.59 -11.86
CA GLN B 72 2.58 8.45 -11.54
C GLN B 72 1.66 7.73 -10.59
N LEU B 73 1.63 6.41 -10.72
CA LEU B 73 0.78 5.62 -9.86
C LEU B 73 0.76 6.22 -8.48
N LEU B 74 -0.43 6.48 -8.01
CA LEU B 74 -0.59 6.97 -6.66
C LEU B 74 -1.11 5.87 -5.80
N PHE B 75 -0.34 5.60 -4.76
CA PHE B 75 -0.66 4.53 -3.88
C PHE B 75 -1.45 5.04 -2.71
N CYS B 76 -2.76 4.97 -2.88
CA CYS B 76 -3.65 5.41 -1.84
C CYS B 76 -3.38 4.59 -0.60
N ASP B 77 -2.58 5.10 0.32
CA ASP B 77 -2.31 4.30 1.50
C ASP B 77 -3.51 4.37 2.45
N ASP B 78 -4.69 4.29 1.86
CA ASP B 78 -5.94 4.25 2.60
C ASP B 78 -6.65 2.96 2.23
N CYS B 79 -6.00 2.20 1.35
CA CYS B 79 -6.46 0.90 0.89
C CYS B 79 -5.40 0.30 -0.04
N ASP B 80 -4.72 1.17 -0.82
CA ASP B 80 -3.60 0.80 -1.73
C ASP B 80 -3.89 1.00 -3.23
N ARG B 81 -5.12 1.27 -3.61
CA ARG B 81 -5.46 1.45 -5.02
C ARG B 81 -4.51 2.42 -5.75
N GLY B 82 -3.59 1.85 -6.54
CA GLY B 82 -2.62 2.63 -7.33
C GLY B 82 -3.30 3.43 -8.43
N TYR B 83 -2.99 4.70 -8.56
CA TYR B 83 -3.61 5.54 -9.58
C TYR B 83 -2.58 6.38 -10.27
N HIS B 84 -2.22 6.08 -11.49
CA HIS B 84 -1.26 6.95 -12.14
C HIS B 84 -1.80 8.33 -11.93
N MET B 85 -1.02 9.17 -11.30
CA MET B 85 -1.45 10.52 -10.97
C MET B 85 -2.14 11.23 -12.12
N TYR B 86 -2.15 10.63 -13.30
CA TYR B 86 -2.83 11.23 -14.43
C TYR B 86 -4.00 10.34 -14.83
N CYS B 87 -4.50 9.62 -13.83
CA CYS B 87 -5.64 8.72 -13.97
C CYS B 87 -6.74 9.19 -13.06
N LEU B 88 -6.34 9.87 -11.99
CA LEU B 88 -7.27 10.40 -11.01
C LEU B 88 -8.24 11.36 -11.65
N ASN B 89 -9.19 11.83 -10.86
CA ASN B 89 -10.16 12.80 -11.32
C ASN B 89 -9.51 14.14 -11.25
N PRO B 90 -8.79 14.40 -10.14
CA PRO B 90 -7.98 15.55 -10.00
C PRO B 90 -6.53 15.11 -10.17
N PRO B 91 -6.19 14.61 -11.38
CA PRO B 91 -4.86 14.03 -11.65
C PRO B 91 -3.72 14.94 -11.21
N VAL B 92 -2.74 14.38 -10.50
CA VAL B 92 -1.61 15.15 -10.06
C VAL B 92 -0.44 14.85 -10.98
N ALA B 93 0.62 15.61 -10.82
CA ALA B 93 1.81 15.44 -11.64
C ALA B 93 2.99 14.99 -10.81
N GLU B 94 2.84 15.19 -9.52
CA GLU B 94 3.90 14.90 -8.56
C GLU B 94 3.33 14.97 -7.14
N PRO B 95 2.59 16.05 -6.83
CA PRO B 95 1.94 16.30 -5.57
C PRO B 95 2.04 15.21 -4.47
N PRO B 96 1.06 14.29 -4.29
CA PRO B 96 1.10 13.30 -3.22
C PRO B 96 1.61 11.93 -3.67
N GLU B 97 2.68 11.94 -4.44
CA GLU B 97 3.27 10.73 -5.01
C GLU B 97 3.11 9.46 -4.17
N GLY B 98 3.28 9.57 -2.86
CA GLY B 98 3.18 8.39 -2.02
C GLY B 98 1.86 8.24 -1.28
N SER B 99 1.63 9.12 -0.32
CA SER B 99 0.42 9.09 0.50
C SER B 99 -0.81 9.23 -0.39
N TRP B 100 -1.67 10.23 -0.08
CA TRP B 100 -2.84 10.48 -0.91
C TRP B 100 -3.84 9.34 -0.88
N SER B 101 -5.12 9.70 -0.87
CA SER B 101 -6.18 8.71 -0.88
C SER B 101 -6.72 8.57 -2.29
N CYS B 102 -7.42 7.48 -2.55
CA CYS B 102 -7.96 7.25 -3.87
C CYS B 102 -9.39 7.79 -3.97
N HIS B 103 -10.09 7.47 -5.06
CA HIS B 103 -11.44 7.97 -5.24
C HIS B 103 -12.47 7.10 -4.54
N LEU B 104 -12.22 5.80 -4.46
CA LEU B 104 -13.16 4.89 -3.82
C LEU B 104 -13.23 5.17 -2.33
N CYS B 105 -12.11 5.57 -1.79
CA CYS B 105 -11.99 5.90 -0.38
C CYS B 105 -12.64 7.21 -0.11
N TRP B 106 -12.63 8.04 -1.13
CA TRP B 106 -13.18 9.36 -1.04
C TRP B 106 -14.65 9.36 -1.14
N GLU B 107 -15.18 8.66 -2.10
CA GLU B 107 -16.59 8.62 -2.24
C GLU B 107 -17.10 7.96 -0.97
N LEU B 108 -16.19 7.18 -0.38
CA LEU B 108 -16.42 6.48 0.88
C LEU B 108 -16.16 7.42 2.04
N LEU B 109 -15.42 8.47 1.72
CA LEU B 109 -15.03 9.49 2.68
C LEU B 109 -16.21 10.38 2.94
N LYS B 110 -16.68 10.95 1.87
CA LYS B 110 -17.83 11.82 1.91
C LYS B 110 -19.03 11.03 2.37
N GLU B 111 -19.03 9.75 2.03
CA GLU B 111 -20.10 8.86 2.41
C GLU B 111 -20.08 8.60 3.91
N LYS B 112 -18.89 8.56 4.52
CA LYS B 112 -18.82 8.30 5.94
C LYS B 112 -19.34 9.46 6.76
N ALA B 113 -19.10 10.68 6.28
CA ALA B 113 -19.52 11.89 6.96
C ALA B 113 -21.04 11.93 7.10
N SER B 114 -21.52 13.07 7.61
CA SER B 114 -22.95 13.28 7.82
C SER B 114 -23.54 12.20 8.71
ZN ZN C . 5.88 -6.76 11.04
ZN ZN D . 1.50 -8.48 -5.11
ZN ZN E . -8.20 4.03 -1.32
ZN ZN F . -3.43 4.40 -14.48
C1A SAC A 1 5.26 -4.42 0.76
C2A SAC A 1 5.29 -5.57 1.77
OAC SAC A 1 4.26 -4.30 0.04
N SAC A 1 6.14 -3.43 0.89
CA SAC A 1 5.75 -2.06 0.59
C SAC A 1 6.71 -1.40 -0.40
O SAC A 1 6.30 -0.62 -1.25
CB SAC A 1 5.71 -1.23 1.88
OG SAC A 1 7.00 -1.11 2.46
H1 SAC A 1 6.91 -3.58 1.47
H2A1 SAC A 1 6.13 -5.44 2.45
H2A2 SAC A 1 5.41 -6.51 1.24
H2A3 SAC A 1 4.38 -5.59 2.33
HA SAC A 1 4.76 -2.08 0.15
HB2 SAC A 1 5.33 -0.24 1.66
HB3 SAC A 1 5.05 -1.71 2.60
HG SAC A 1 7.58 -1.77 2.06
N GLY A 2 7.99 -1.73 -0.28
CA GLY A 2 8.97 -1.15 -1.18
C GLY A 2 9.41 -2.12 -2.25
N ARG A 3 8.55 -3.10 -2.56
CA ARG A 3 8.85 -4.11 -3.58
C ARG A 3 10.09 -4.91 -3.22
N GLY A 4 11.26 -4.34 -3.49
CA GLY A 4 12.51 -5.01 -3.19
C GLY A 4 13.58 -4.05 -2.68
N LYS A 5 13.68 -3.94 -1.35
CA LYS A 5 14.66 -3.07 -0.72
C LYS A 5 14.47 -1.62 -1.15
N GLY A 6 15.36 -0.74 -0.69
CA GLY A 6 15.29 0.66 -1.03
C GLY A 6 16.56 1.40 -0.69
N GLY A 7 17.29 1.85 -1.71
CA GLY A 7 18.53 2.56 -1.50
C GLY A 7 18.50 3.97 -2.06
N LYS A 8 17.54 4.23 -2.95
CA LYS A 8 17.41 5.54 -3.57
C LYS A 8 17.15 6.62 -2.52
N GLY A 9 17.56 7.85 -2.83
CA GLY A 9 17.36 8.95 -1.91
C GLY A 9 18.67 9.58 -1.47
N LEU A 10 18.62 10.89 -1.22
CA LEU A 10 19.80 11.62 -0.78
C LEU A 10 19.40 12.90 -0.04
N GLY A 11 18.28 12.83 0.67
CA GLY A 11 17.80 13.99 1.40
C GLY A 11 16.38 13.81 1.89
N LYS A 12 15.93 14.72 2.76
CA LYS A 12 14.59 14.68 3.32
C LYS A 12 14.38 13.42 4.17
N GLY A 13 13.57 13.57 5.22
CA GLY A 13 13.29 12.45 6.10
C GLY A 13 11.99 11.75 5.75
N GLY A 14 12.02 10.41 5.75
CA GLY A 14 10.82 9.65 5.44
C GLY A 14 10.92 8.96 4.10
N ALA A 15 11.58 7.79 4.09
CA ALA A 15 11.74 7.02 2.86
C ALA A 15 10.87 5.77 2.89
N LYS A 16 11.16 4.84 1.97
CA LYS A 16 10.41 3.59 1.88
C LYS A 16 8.92 3.86 1.67
N ARG A 17 8.55 4.10 0.42
CA ARG A 17 7.16 4.38 0.07
C ARG A 17 6.62 3.31 -0.87
N HIS A 18 5.31 3.11 -0.84
CA HIS A 18 4.65 2.12 -1.68
C HIS A 18 4.88 2.42 -3.16
N ARG A 19 5.67 1.59 -3.84
CA ARG A 19 5.92 1.79 -5.26
C ARG A 19 6.39 0.52 -5.94
N LYS A 20 6.56 0.60 -7.26
CA LYS A 20 6.93 -0.56 -8.04
C LYS A 20 7.44 -0.19 -9.44
N GLY B 1 -0.10 -18.88 4.97
CA GLY B 1 1.25 -19.30 4.48
C GLY B 1 2.17 -18.11 4.27
N SER B 2 1.73 -16.93 4.69
CA SER B 2 2.53 -15.72 4.55
C SER B 2 2.85 -15.10 5.89
N TYR B 3 3.44 -13.92 5.82
CA TYR B 3 3.83 -13.17 7.00
C TYR B 3 4.35 -11.80 6.60
N CYS B 4 4.48 -10.91 7.56
CA CYS B 4 4.96 -9.55 7.30
C CYS B 4 6.32 -9.56 6.63
N ASP B 5 6.39 -8.99 5.45
CA ASP B 5 7.65 -8.92 4.69
C ASP B 5 8.72 -8.17 5.50
N PHE B 6 8.35 -7.70 6.69
CA PHE B 6 9.26 -6.95 7.55
C PHE B 6 9.67 -7.73 8.81
N CYS B 7 8.83 -8.65 9.27
CA CYS B 7 9.15 -9.48 10.46
C CYS B 7 9.10 -10.94 10.07
N LEU B 8 8.17 -11.24 9.18
CA LEU B 8 7.96 -12.57 8.69
C LEU B 8 7.44 -13.49 9.77
N GLY B 9 6.65 -12.91 10.67
CA GLY B 9 6.07 -13.67 11.76
C GLY B 9 4.66 -14.10 11.45
N GLY B 10 3.71 -13.34 11.98
CA GLY B 10 2.30 -13.64 11.75
C GLY B 10 1.42 -12.50 12.24
N SER B 11 0.13 -12.58 11.95
CA SER B 11 -0.79 -11.55 12.39
C SER B 11 -1.17 -11.84 13.83
N ASN B 12 -1.81 -10.89 14.47
CA ASN B 12 -2.18 -11.02 15.87
C ASN B 12 -0.98 -11.55 16.67
N MET B 13 0.20 -11.27 16.13
CA MET B 13 1.47 -11.70 16.73
C MET B 13 2.60 -11.24 15.83
N ASN B 14 3.02 -10.01 15.99
CA ASN B 14 4.08 -9.47 15.14
C ASN B 14 5.44 -9.95 15.60
N LYS B 15 6.23 -10.46 14.68
CA LYS B 15 7.55 -10.94 15.01
C LYS B 15 8.49 -9.78 15.22
N LYS B 16 9.74 -10.09 15.58
CA LYS B 16 10.72 -9.07 15.84
C LYS B 16 10.27 -8.29 17.07
N SER B 17 9.35 -8.94 17.78
CA SER B 17 8.72 -8.42 18.97
C SER B 17 7.85 -7.26 18.58
N GLY B 18 7.16 -7.45 17.47
CA GLY B 18 6.26 -6.44 16.98
C GLY B 18 4.97 -6.45 17.77
N ARG B 19 4.61 -7.65 18.22
CA ARG B 19 3.42 -7.90 19.04
C ARG B 19 2.15 -8.00 18.21
N PRO B 20 1.12 -8.59 18.80
CA PRO B 20 -0.18 -8.80 18.15
C PRO B 20 -0.71 -7.57 17.41
N GLU B 21 -0.88 -7.74 16.11
CA GLU B 21 -1.40 -6.69 15.24
C GLU B 21 -2.33 -7.29 14.19
N GLU B 22 -1.90 -7.28 12.93
CA GLU B 22 -2.70 -7.84 11.85
C GLU B 22 -2.01 -7.64 10.52
N LEU B 23 -1.39 -8.71 10.05
CA LEU B 23 -0.70 -8.69 8.79
C LEU B 23 -1.61 -8.28 7.63
N VAL B 24 -1.00 -8.22 6.46
CA VAL B 24 -1.71 -7.90 5.23
C VAL B 24 -0.93 -8.47 4.07
N SER B 25 -1.42 -9.54 3.45
CA SER B 25 -0.71 -10.08 2.32
C SER B 25 -1.33 -9.61 1.04
N CYS B 26 -0.62 -9.80 -0.04
CA CYS B 26 -1.13 -9.39 -1.29
C CYS B 26 -2.24 -10.36 -1.68
N ALA B 27 -3.39 -9.85 -2.05
CA ALA B 27 -4.52 -10.71 -2.40
C ALA B 27 -4.46 -11.14 -3.84
N ASP B 28 -3.28 -11.06 -4.42
CA ASP B 28 -3.11 -11.43 -5.81
C ASP B 28 -1.85 -12.23 -6.03
N CYS B 29 -0.83 -11.96 -5.23
CA CYS B 29 0.45 -12.60 -5.46
C CYS B 29 1.56 -12.28 -4.46
N GLY B 30 1.25 -11.86 -3.23
CA GLY B 30 2.34 -11.55 -2.37
C GLY B 30 2.26 -12.05 -0.97
N ARG B 31 3.01 -11.34 -0.17
CA ARG B 31 3.21 -11.64 1.23
C ARG B 31 2.48 -10.69 2.12
N SER B 32 2.44 -11.03 3.37
CA SER B 32 1.74 -10.21 4.34
C SER B 32 2.66 -9.16 4.92
N GLY B 33 2.08 -8.20 5.63
CA GLY B 33 2.85 -7.14 6.24
C GLY B 33 2.13 -6.51 7.40
N HIS B 34 2.87 -5.96 8.34
CA HIS B 34 2.21 -5.29 9.45
C HIS B 34 2.07 -3.82 9.14
N PRO B 35 0.84 -3.30 9.05
CA PRO B 35 0.60 -1.88 8.80
C PRO B 35 1.60 -0.97 9.49
N THR B 36 2.12 -1.39 10.63
CA THR B 36 3.12 -0.61 11.34
C THR B 36 4.43 -0.65 10.58
N CYS B 37 4.82 -1.86 10.18
CA CYS B 37 6.02 -2.09 9.40
C CYS B 37 5.82 -1.63 7.95
N LEU B 38 4.56 -1.36 7.62
CA LEU B 38 4.18 -0.94 6.27
C LEU B 38 4.07 0.58 6.20
N GLN B 39 3.97 1.20 7.37
CA GLN B 39 3.84 2.64 7.49
C GLN B 39 2.50 3.11 6.94
N PHE B 40 1.53 2.20 6.89
CA PHE B 40 0.20 2.53 6.38
C PHE B 40 -0.49 3.56 7.25
N THR B 41 -1.68 3.95 6.81
CA THR B 41 -2.51 4.86 7.55
C THR B 41 -3.58 4.03 8.22
N LEU B 42 -4.38 4.60 9.10
CA LEU B 42 -5.40 3.82 9.76
C LEU B 42 -6.39 3.25 8.77
N ASN B 43 -7.15 4.13 8.10
CA ASN B 43 -8.14 3.68 7.13
C ASN B 43 -7.55 2.61 6.20
N MET B 44 -6.29 2.78 5.81
CA MET B 44 -5.61 1.80 4.99
C MET B 44 -5.56 0.49 5.72
N THR B 45 -4.84 0.51 6.83
CA THR B 45 -4.70 -0.65 7.67
C THR B 45 -6.02 -1.39 7.74
N GLU B 46 -7.05 -0.69 8.18
CA GLU B 46 -8.38 -1.26 8.31
C GLU B 46 -8.92 -1.76 6.97
N ALA B 47 -8.65 -1.02 5.90
CA ALA B 47 -9.15 -1.38 4.57
C ALA B 47 -8.47 -2.62 4.02
N VAL B 48 -7.15 -2.56 3.91
CA VAL B 48 -6.34 -3.64 3.40
C VAL B 48 -6.60 -4.97 4.10
N LYS B 49 -6.91 -4.95 5.38
CA LYS B 49 -7.17 -6.18 6.12
C LYS B 49 -8.47 -6.83 5.70
N THR B 50 -9.50 -6.00 5.55
CA THR B 50 -10.82 -6.49 5.17
C THR B 50 -10.87 -6.87 3.70
N TYR B 51 -10.17 -6.09 2.88
CA TYR B 51 -10.16 -6.34 1.46
C TYR B 51 -8.78 -6.86 1.00
N LYS B 52 -8.58 -6.86 -0.31
CA LYS B 52 -7.37 -7.37 -0.93
C LYS B 52 -6.04 -6.85 -0.38
N TRP B 53 -5.60 -5.74 -0.97
CA TRP B 53 -4.31 -5.12 -0.69
C TRP B 53 -3.24 -5.81 -1.53
N GLN B 54 -3.25 -5.58 -2.85
CA GLN B 54 -2.26 -6.21 -3.70
C GLN B 54 -0.90 -5.59 -3.41
N CYS B 55 0.11 -6.44 -3.23
CA CYS B 55 1.44 -5.95 -2.91
C CYS B 55 1.86 -4.89 -3.91
N ILE B 56 2.53 -3.88 -3.39
CA ILE B 56 2.98 -2.73 -4.13
C ILE B 56 3.59 -3.04 -5.49
N GLU B 57 4.09 -4.24 -5.69
CA GLU B 57 4.67 -4.58 -6.98
C GLU B 57 3.57 -4.73 -8.03
N CYS B 58 2.68 -5.68 -7.81
CA CYS B 58 1.57 -5.89 -8.73
C CYS B 58 0.56 -4.77 -8.56
N LYS B 59 0.74 -4.01 -7.49
CA LYS B 59 -0.10 -2.90 -7.15
C LYS B 59 -0.61 -2.22 -8.40
N SER B 60 0.34 -1.81 -9.23
CA SER B 60 0.03 -1.14 -10.48
C SER B 60 -1.10 -0.15 -10.30
N CYS B 61 -1.63 0.30 -11.40
CA CYS B 61 -2.73 1.21 -11.35
C CYS B 61 -3.99 0.40 -11.09
N ILE B 62 -5.09 1.08 -10.99
CA ILE B 62 -6.38 0.47 -10.86
C ILE B 62 -7.18 1.13 -11.94
N LEU B 63 -6.62 2.27 -12.34
CA LEU B 63 -7.15 3.06 -13.40
C LEU B 63 -6.62 2.46 -14.70
N CYS B 64 -5.57 1.63 -14.55
CA CYS B 64 -4.96 0.91 -15.66
C CYS B 64 -4.62 -0.52 -15.25
N GLY B 65 -4.17 -0.69 -13.99
CA GLY B 65 -3.78 -2.02 -13.55
C GLY B 65 -2.68 -2.57 -14.42
N THR B 66 -1.76 -1.70 -14.83
CA THR B 66 -0.66 -2.09 -15.70
C THR B 66 0.71 -1.77 -15.11
N SER B 67 0.74 -0.83 -14.16
CA SER B 67 1.99 -0.41 -13.53
C SER B 67 2.81 0.35 -14.56
N GLU B 68 2.13 0.70 -15.63
CA GLU B 68 2.68 1.44 -16.76
C GLU B 68 3.85 2.36 -16.37
N ASN B 69 3.52 3.60 -16.02
CA ASN B 69 4.53 4.58 -15.65
C ASN B 69 4.99 4.35 -14.23
N ASP B 70 4.05 3.93 -13.39
CA ASP B 70 4.29 3.72 -11.95
C ASP B 70 5.04 4.86 -11.30
N ASP B 71 5.36 5.89 -12.07
CA ASP B 71 6.04 7.04 -11.54
C ASP B 71 5.00 8.08 -11.21
N GLN B 72 3.76 7.74 -11.59
CA GLN B 72 2.64 8.59 -11.34
C GLN B 72 1.66 7.81 -10.48
N LEU B 73 1.64 6.49 -10.66
CA LEU B 73 0.77 5.65 -9.87
C LEU B 73 0.66 6.22 -8.48
N LEU B 74 -0.52 6.52 -8.07
CA LEU B 74 -0.72 7.02 -6.72
C LEU B 74 -1.23 5.95 -5.84
N PHE B 75 -0.39 5.58 -4.91
CA PHE B 75 -0.69 4.48 -4.02
C PHE B 75 -1.50 4.92 -2.85
N CYS B 76 -2.80 4.76 -2.98
CA CYS B 76 -3.69 5.11 -1.91
C CYS B 76 -3.33 4.31 -0.70
N ASP B 77 -2.50 4.87 0.17
CA ASP B 77 -2.17 4.13 1.36
C ASP B 77 -3.29 4.33 2.37
N ASP B 78 -4.52 4.31 1.83
CA ASP B 78 -5.73 4.46 2.61
C ASP B 78 -6.60 3.23 2.38
N CYS B 79 -6.25 2.48 1.33
CA CYS B 79 -6.91 1.24 0.98
C CYS B 79 -6.29 0.61 -0.27
N ASP B 80 -5.00 0.89 -0.44
CA ASP B 80 -4.15 0.36 -1.51
C ASP B 80 -4.76 0.34 -2.91
N ARG B 81 -4.78 1.48 -3.56
CA ARG B 81 -5.25 1.58 -4.95
C ARG B 81 -4.40 2.59 -5.73
N GLY B 82 -3.42 2.10 -6.49
CA GLY B 82 -2.55 2.98 -7.25
C GLY B 82 -3.19 3.57 -8.48
N TYR B 83 -3.03 4.87 -8.66
CA TYR B 83 -3.60 5.57 -9.82
C TYR B 83 -2.55 6.44 -10.43
N HIS B 84 -2.07 6.14 -11.63
CA HIS B 84 -1.09 7.04 -12.18
C HIS B 84 -1.66 8.41 -11.94
N MET B 85 -0.91 9.26 -11.29
CA MET B 85 -1.38 10.58 -10.93
C MET B 85 -2.07 11.30 -12.07
N TYR B 86 -2.04 10.72 -13.25
CA TYR B 86 -2.72 11.32 -14.38
C TYR B 86 -3.88 10.43 -14.81
N CYS B 87 -4.36 9.66 -13.83
CA CYS B 87 -5.48 8.75 -14.01
C CYS B 87 -6.62 9.19 -13.10
N LEU B 88 -6.25 9.76 -11.96
CA LEU B 88 -7.22 10.24 -10.99
C LEU B 88 -8.23 11.18 -11.64
N ASN B 89 -9.19 11.64 -10.85
CA ASN B 89 -10.19 12.57 -11.33
C ASN B 89 -9.58 13.95 -11.26
N PRO B 90 -8.88 14.24 -10.16
CA PRO B 90 -8.11 15.43 -10.00
C PRO B 90 -6.64 15.03 -10.14
N PRO B 91 -6.25 14.53 -11.33
CA PRO B 91 -4.90 14.00 -11.58
C PRO B 91 -3.79 14.95 -11.12
N VAL B 92 -2.79 14.41 -10.42
CA VAL B 92 -1.70 15.21 -9.94
C VAL B 92 -0.49 14.96 -10.83
N ALA B 93 0.56 15.71 -10.60
CA ALA B 93 1.77 15.57 -11.39
C ALA B 93 2.93 15.13 -10.53
N GLU B 94 2.75 15.31 -9.24
CA GLU B 94 3.78 15.01 -8.25
C GLU B 94 3.17 15.03 -6.85
N PRO B 95 2.40 16.09 -6.54
CA PRO B 95 1.70 16.30 -5.29
C PRO B 95 1.79 15.18 -4.22
N PRO B 96 0.82 14.23 -4.09
CA PRO B 96 0.86 13.21 -3.05
C PRO B 96 1.38 11.86 -3.53
N GLU B 97 2.49 11.91 -4.26
CA GLU B 97 3.10 10.73 -4.85
C GLU B 97 2.92 9.43 -4.06
N GLY B 98 3.07 9.50 -2.75
CA GLY B 98 2.96 8.29 -1.94
C GLY B 98 1.62 8.11 -1.25
N SER B 99 1.36 8.97 -0.27
CA SER B 99 0.12 8.90 0.51
C SER B 99 -1.09 9.07 -0.41
N TRP B 100 -1.99 10.02 -0.08
CA TRP B 100 -3.13 10.28 -0.92
C TRP B 100 -4.08 9.10 -1.01
N SER B 101 -5.35 9.32 -0.68
CA SER B 101 -6.33 8.26 -0.76
C SER B 101 -6.85 8.19 -2.17
N CYS B 102 -7.37 7.04 -2.55
CA CYS B 102 -7.88 6.89 -3.89
C CYS B 102 -9.36 7.27 -3.94
N HIS B 103 -10.06 6.89 -5.00
CA HIS B 103 -11.46 7.26 -5.13
C HIS B 103 -12.39 6.23 -4.52
N LEU B 104 -11.97 4.99 -4.40
CA LEU B 104 -12.83 3.98 -3.83
C LEU B 104 -13.15 4.29 -2.38
N CYS B 105 -12.14 4.75 -1.67
CA CYS B 105 -12.31 5.08 -0.26
C CYS B 105 -13.00 6.40 -0.10
N TRP B 106 -12.90 7.16 -1.15
CA TRP B 106 -13.46 8.47 -1.17
C TRP B 106 -14.91 8.48 -1.46
N GLU B 107 -15.29 7.85 -2.53
CA GLU B 107 -16.66 7.79 -2.85
C GLU B 107 -17.38 7.15 -1.69
N LEU B 108 -16.60 6.36 -0.94
CA LEU B 108 -17.07 5.69 0.25
C LEU B 108 -16.94 6.64 1.43
N LEU B 109 -16.06 7.62 1.25
CA LEU B 109 -15.79 8.65 2.25
C LEU B 109 -17.00 9.53 2.33
N LYS B 110 -17.31 10.10 1.18
CA LYS B 110 -18.45 10.97 1.02
C LYS B 110 -19.69 10.16 1.32
N GLU B 111 -19.61 8.87 1.02
CA GLU B 111 -20.69 7.95 1.29
C GLU B 111 -20.94 7.88 2.79
N LYS B 112 -19.87 8.00 3.59
CA LYS B 112 -20.02 7.96 5.02
C LYS B 112 -21.02 9.02 5.47
N ALA B 113 -20.64 10.28 5.25
CA ALA B 113 -21.45 11.44 5.59
C ALA B 113 -22.20 11.29 6.90
N SER B 114 -23.16 12.17 7.08
CA SER B 114 -23.99 12.18 8.29
C SER B 114 -24.99 11.03 8.27
ZN ZN C . 6.14 -6.68 10.83
ZN ZN D . 1.12 -8.85 -5.48
ZN ZN E . -8.39 4.05 -1.41
ZN ZN F . -3.14 4.54 -14.66
C1A SAC A 1 5.74 -3.93 1.20
C2A SAC A 1 5.53 -5.38 1.64
OAC SAC A 1 5.74 -3.67 -0.01
N SAC A 1 5.83 -2.98 2.11
CA SAC A 1 5.70 -1.57 1.76
C SAC A 1 7.05 -0.97 1.38
O SAC A 1 8.10 -1.51 1.75
CB SAC A 1 5.09 -0.77 2.93
OG SAC A 1 5.97 -0.77 4.04
H1 SAC A 1 5.83 -3.23 3.06
H2A1 SAC A 1 4.57 -5.73 1.30
H2A2 SAC A 1 5.56 -5.43 2.72
H2A3 SAC A 1 6.32 -6.00 1.24
HA SAC A 1 5.03 -1.50 0.90
HB2 SAC A 1 4.93 0.24 2.62
HB3 SAC A 1 4.16 -1.23 3.22
HG SAC A 1 6.88 -0.71 3.74
N GLY A 2 7.03 0.14 0.65
CA GLY A 2 8.27 0.79 0.24
C GLY A 2 9.10 -0.08 -0.69
N ARG A 3 8.55 -1.25 -1.04
CA ARG A 3 9.22 -2.20 -1.92
C ARG A 3 10.50 -2.74 -1.28
N GLY A 4 11.56 -1.96 -1.34
CA GLY A 4 12.83 -2.38 -0.77
C GLY A 4 13.64 -3.23 -1.72
N LYS A 5 14.65 -2.63 -2.33
CA LYS A 5 15.52 -3.34 -3.26
C LYS A 5 16.81 -2.57 -3.52
N GLY A 6 16.75 -1.26 -3.33
CA GLY A 6 17.92 -0.43 -3.54
C GLY A 6 18.43 0.19 -2.25
N GLY A 7 19.58 -0.29 -1.78
CA GLY A 7 20.16 0.24 -0.56
C GLY A 7 21.68 0.14 -0.54
N LYS A 8 22.33 1.17 -0.02
CA LYS A 8 23.78 1.19 0.05
C LYS A 8 24.26 1.97 1.28
N GLY A 9 23.55 1.81 2.40
CA GLY A 9 23.93 2.50 3.62
C GLY A 9 23.00 3.66 3.94
N LEU A 10 21.85 3.69 3.29
CA LEU A 10 20.88 4.76 3.50
C LEU A 10 20.32 4.71 4.93
N GLY A 11 20.41 5.83 5.63
CA GLY A 11 19.90 5.89 6.99
C GLY A 11 18.42 5.59 7.07
N LYS A 12 18.00 4.96 8.18
CA LYS A 12 16.60 4.62 8.38
C LYS A 12 16.11 3.65 7.31
N GLY A 13 14.95 3.04 7.56
CA GLY A 13 14.39 2.09 6.61
C GLY A 13 12.88 2.21 6.50
N GLY A 14 12.43 3.04 5.56
CA GLY A 14 11.00 3.23 5.37
C GLY A 14 10.61 4.69 5.35
N ALA A 15 11.01 5.40 4.30
CA ALA A 15 10.70 6.82 4.15
C ALA A 15 10.48 7.18 2.69
N LYS A 16 10.67 6.21 1.80
CA LYS A 16 10.49 6.45 0.38
C LYS A 16 9.01 6.35 -0.01
N ARG A 17 8.15 6.29 1.00
CA ARG A 17 6.70 6.20 0.77
C ARG A 17 6.34 4.94 -0.02
N HIS A 18 5.05 4.72 -0.23
CA HIS A 18 4.59 3.57 -0.97
C HIS A 18 4.69 3.80 -2.47
N ARG A 19 5.51 3.01 -3.12
CA ARG A 19 5.65 3.09 -4.56
C ARG A 19 6.30 1.83 -5.11
N LYS A 20 7.53 1.92 -5.59
CA LYS A 20 8.19 0.75 -6.15
C LYS A 20 9.46 1.13 -6.91
N GLY B 1 -0.16 -19.29 2.57
CA GLY B 1 0.96 -19.18 3.55
C GLY B 1 1.81 -17.95 3.34
N SER B 2 1.61 -16.94 4.17
CA SER B 2 2.36 -15.70 4.06
C SER B 2 2.71 -15.13 5.42
N TYR B 3 3.24 -13.90 5.39
CA TYR B 3 3.64 -13.21 6.58
C TYR B 3 4.16 -11.82 6.23
N CYS B 4 4.28 -10.97 7.24
CA CYS B 4 4.78 -9.61 7.04
C CYS B 4 6.15 -9.61 6.40
N ASP B 5 6.30 -8.84 5.34
CA ASP B 5 7.56 -8.74 4.63
C ASP B 5 8.65 -8.09 5.50
N PHE B 6 8.25 -7.73 6.71
CA PHE B 6 9.17 -7.07 7.66
C PHE B 6 9.52 -7.97 8.85
N CYS B 7 8.63 -8.90 9.21
CA CYS B 7 8.89 -9.82 10.32
C CYS B 7 8.82 -11.24 9.82
N LEU B 8 7.92 -11.45 8.89
CA LEU B 8 7.70 -12.74 8.31
C LEU B 8 7.14 -13.71 9.34
N GLY B 9 6.35 -13.17 10.26
CA GLY B 9 5.75 -13.96 11.31
C GLY B 9 4.30 -14.32 10.98
N GLY B 10 3.39 -13.52 11.53
CA GLY B 10 1.97 -13.72 11.30
C GLY B 10 1.15 -12.54 11.79
N SER B 11 -0.12 -12.49 11.42
CA SER B 11 -0.98 -11.37 11.83
C SER B 11 -1.12 -11.30 13.35
N ASN B 12 -1.32 -12.45 13.98
CA ASN B 12 -1.45 -12.51 15.43
C ASN B 12 -0.09 -12.53 16.11
N MET B 13 0.93 -12.00 15.41
CA MET B 13 2.28 -11.96 15.97
C MET B 13 3.22 -11.13 15.08
N ASN B 14 3.78 -10.07 15.66
CA ASN B 14 4.68 -9.18 14.93
C ASN B 14 6.10 -9.68 15.00
N LYS B 15 6.23 -11.00 14.98
CA LYS B 15 7.50 -11.72 15.08
C LYS B 15 8.66 -10.88 15.59
N LYS B 16 9.08 -9.89 14.82
CA LYS B 16 10.17 -9.01 15.22
C LYS B 16 9.89 -8.43 16.61
N SER B 17 8.64 -8.57 17.04
CA SER B 17 8.19 -8.12 18.35
C SER B 17 7.21 -9.14 18.91
N GLY B 18 6.92 -10.16 18.11
CA GLY B 18 5.99 -11.19 18.51
C GLY B 18 4.67 -10.63 18.99
N ARG B 19 4.38 -9.41 18.59
CA ARG B 19 3.14 -8.76 18.98
C ARG B 19 2.00 -8.98 18.00
N PRO B 20 0.82 -9.21 18.55
CA PRO B 20 -0.38 -9.48 17.77
C PRO B 20 -0.92 -8.25 17.04
N GLU B 21 -0.77 -8.25 15.73
CA GLU B 21 -1.26 -7.16 14.90
C GLU B 21 -2.25 -7.68 13.87
N GLU B 22 -1.95 -7.50 12.58
CA GLU B 22 -2.82 -7.98 11.52
C GLU B 22 -2.19 -7.72 10.16
N LEU B 23 -1.50 -8.73 9.67
CA LEU B 23 -0.84 -8.66 8.38
C LEU B 23 -1.75 -8.17 7.28
N VAL B 24 -1.15 -8.03 6.11
CA VAL B 24 -1.86 -7.63 4.91
C VAL B 24 -1.18 -8.26 3.73
N SER B 25 -1.79 -9.28 3.16
CA SER B 25 -1.20 -9.90 2.00
C SER B 25 -1.85 -9.35 0.77
N CYS B 26 -1.18 -9.51 -0.34
CA CYS B 26 -1.71 -9.02 -1.59
C CYS B 26 -2.69 -10.01 -2.18
N ALA B 27 -3.11 -9.68 -3.38
CA ALA B 27 -4.02 -10.50 -4.14
C ALA B 27 -3.42 -10.69 -5.51
N ASP B 28 -2.19 -10.20 -5.66
CA ASP B 28 -1.49 -10.27 -6.91
C ASP B 28 -0.24 -11.13 -6.78
N CYS B 29 0.45 -11.01 -5.64
CA CYS B 29 1.66 -11.76 -5.45
C CYS B 29 1.65 -12.59 -4.15
N GLY B 30 1.10 -12.04 -3.08
CA GLY B 30 0.99 -12.79 -1.85
C GLY B 30 1.93 -12.35 -0.75
N ARG B 31 2.39 -11.10 -0.79
CA ARG B 31 3.28 -10.60 0.25
C ARG B 31 2.49 -9.90 1.33
N SER B 32 2.55 -10.42 2.55
CA SER B 32 1.82 -9.84 3.66
C SER B 32 2.68 -8.84 4.42
N GLY B 33 2.04 -8.02 5.25
CA GLY B 33 2.80 -7.04 6.03
C GLY B 33 2.03 -6.49 7.22
N HIS B 34 2.72 -6.09 8.28
CA HIS B 34 2.02 -5.49 9.41
C HIS B 34 1.90 -4.00 9.15
N PRO B 35 0.69 -3.41 9.23
CA PRO B 35 0.51 -1.97 8.94
C PRO B 35 1.39 -1.09 9.81
N THR B 36 1.96 -1.67 10.88
CA THR B 36 2.88 -0.94 11.74
C THR B 36 4.26 -0.97 11.11
N CYS B 37 4.49 -2.06 10.40
CA CYS B 37 5.73 -2.30 9.69
C CYS B 37 5.68 -1.65 8.32
N LEU B 38 4.44 -1.42 7.90
CA LEU B 38 4.11 -0.84 6.62
C LEU B 38 4.01 0.68 6.75
N GLN B 39 3.85 1.12 7.99
CA GLN B 39 3.69 2.53 8.31
C GLN B 39 2.38 3.06 7.77
N PHE B 40 1.35 2.22 7.84
CA PHE B 40 0.02 2.56 7.36
C PHE B 40 -0.74 3.46 8.30
N THR B 41 -1.80 4.04 7.76
CA THR B 41 -2.71 4.87 8.52
C THR B 41 -3.85 3.97 8.94
N LEU B 42 -4.53 4.30 10.03
CA LEU B 42 -5.62 3.44 10.48
C LEU B 42 -6.54 3.03 9.34
N ASN B 43 -7.20 3.98 8.70
CA ASN B 43 -8.11 3.67 7.60
C ASN B 43 -7.47 2.69 6.63
N MET B 44 -6.26 3.01 6.16
CA MET B 44 -5.54 2.10 5.27
C MET B 44 -5.53 0.73 5.88
N THR B 45 -4.87 0.64 7.02
CA THR B 45 -4.77 -0.59 7.77
C THR B 45 -6.07 -1.38 7.68
N GLU B 46 -7.14 -0.76 8.13
CA GLU B 46 -8.46 -1.38 8.14
C GLU B 46 -8.95 -1.75 6.73
N ALA B 47 -8.59 -0.92 5.75
CA ALA B 47 -9.02 -1.13 4.37
C ALA B 47 -8.23 -2.23 3.66
N VAL B 48 -6.96 -2.31 3.96
CA VAL B 48 -6.05 -3.24 3.33
C VAL B 48 -6.22 -4.68 3.84
N LYS B 49 -6.55 -4.83 5.11
CA LYS B 49 -6.74 -6.15 5.70
C LYS B 49 -7.95 -6.85 5.09
N THR B 50 -8.91 -6.05 4.63
CA THR B 50 -10.14 -6.58 4.07
C THR B 50 -10.02 -6.84 2.58
N TYR B 51 -9.54 -5.85 1.83
CA TYR B 51 -9.41 -5.99 0.40
C TYR B 51 -7.98 -6.38 -0.01
N LYS B 52 -7.70 -6.27 -1.30
CA LYS B 52 -6.40 -6.65 -1.86
C LYS B 52 -5.21 -5.96 -1.21
N TRP B 53 -5.09 -4.67 -1.48
CA TRP B 53 -3.99 -3.84 -1.00
C TRP B 53 -2.75 -4.04 -1.87
N GLN B 54 -2.59 -5.26 -2.38
CA GLN B 54 -1.47 -5.63 -3.25
C GLN B 54 -0.19 -4.83 -2.92
N CYS B 55 0.75 -5.44 -2.19
CA CYS B 55 1.99 -4.75 -1.79
C CYS B 55 2.54 -3.87 -2.88
N ILE B 56 3.18 -2.81 -2.43
CA ILE B 56 3.76 -1.78 -3.28
C ILE B 56 4.60 -2.33 -4.43
N GLU B 57 5.08 -3.53 -4.28
CA GLU B 57 5.83 -4.14 -5.33
C GLU B 57 4.90 -4.54 -6.48
N CYS B 58 3.78 -5.16 -6.13
CA CYS B 58 2.79 -5.62 -7.11
C CYS B 58 1.57 -4.67 -7.23
N LYS B 59 1.46 -3.74 -6.30
CA LYS B 59 0.31 -2.81 -6.23
C LYS B 59 -0.24 -2.40 -7.59
N SER B 60 0.65 -1.97 -8.49
CA SER B 60 0.23 -1.50 -9.80
C SER B 60 -0.94 -0.55 -9.68
N CYS B 61 -1.45 -0.15 -10.81
CA CYS B 61 -2.59 0.74 -10.83
C CYS B 61 -3.84 -0.06 -10.48
N ILE B 62 -4.93 0.64 -10.37
CA ILE B 62 -6.23 0.04 -10.17
C ILE B 62 -7.01 0.53 -11.35
N LEU B 63 -6.48 1.64 -11.87
CA LEU B 63 -7.03 2.28 -13.03
C LEU B 63 -6.49 1.54 -14.26
N CYS B 64 -5.41 0.77 -14.02
CA CYS B 64 -4.78 -0.04 -15.06
C CYS B 64 -4.41 -1.42 -14.50
N GLY B 65 -3.99 -1.46 -13.23
CA GLY B 65 -3.57 -2.73 -12.65
C GLY B 65 -2.45 -3.35 -13.45
N THR B 66 -1.63 -2.49 -14.02
CA THR B 66 -0.50 -2.91 -14.85
C THR B 66 0.82 -2.37 -14.31
N SER B 67 0.71 -1.34 -13.48
CA SER B 67 1.87 -0.66 -12.91
C SER B 67 2.49 0.24 -13.97
N GLU B 68 2.23 -0.08 -15.23
CA GLU B 68 2.72 0.68 -16.38
C GLU B 68 3.87 1.63 -16.05
N ASN B 69 3.56 2.92 -15.93
CA ASN B 69 4.56 3.94 -15.63
C ASN B 69 5.04 3.84 -14.20
N ASP B 70 4.12 3.48 -13.31
CA ASP B 70 4.38 3.38 -11.87
C ASP B 70 5.11 4.59 -11.31
N ASP B 71 5.36 5.58 -12.17
CA ASP B 71 6.03 6.77 -11.73
C ASP B 71 4.97 7.83 -11.48
N GLN B 72 3.74 7.44 -11.79
CA GLN B 72 2.60 8.30 -11.60
C GLN B 72 1.66 7.63 -10.63
N LEU B 73 1.64 6.30 -10.70
CA LEU B 73 0.80 5.51 -9.83
C LEU B 73 0.68 6.18 -8.49
N LEU B 74 -0.53 6.45 -8.11
CA LEU B 74 -0.80 7.04 -6.82
C LEU B 74 -1.26 6.00 -5.84
N PHE B 75 -0.54 5.88 -4.76
CA PHE B 75 -0.84 4.87 -3.77
C PHE B 75 -1.57 5.44 -2.60
N CYS B 76 -2.87 5.35 -2.67
CA CYS B 76 -3.71 5.81 -1.60
C CYS B 76 -3.37 5.03 -0.37
N ASP B 77 -2.52 5.56 0.51
CA ASP B 77 -2.19 4.79 1.68
C ASP B 77 -3.30 4.87 2.70
N ASP B 78 -4.53 4.91 2.19
CA ASP B 78 -5.74 4.91 3.01
C ASP B 78 -6.52 3.65 2.69
N CYS B 79 -6.05 2.97 1.63
CA CYS B 79 -6.58 1.71 1.15
C CYS B 79 -5.83 1.31 -0.13
N ASP B 80 -4.55 1.70 -0.15
CA ASP B 80 -3.59 1.45 -1.23
C ASP B 80 -4.07 1.96 -2.58
N ARG B 81 -4.61 1.07 -3.41
CA ARG B 81 -5.10 1.46 -4.74
C ARG B 81 -4.14 2.41 -5.49
N GLY B 82 -3.36 1.85 -6.41
CA GLY B 82 -2.44 2.66 -7.21
C GLY B 82 -3.10 3.29 -8.43
N TYR B 83 -2.94 4.59 -8.62
CA TYR B 83 -3.54 5.24 -9.81
C TYR B 83 -2.51 6.06 -10.49
N HIS B 84 -2.03 5.68 -11.66
CA HIS B 84 -1.08 6.55 -12.30
C HIS B 84 -1.71 7.91 -12.19
N MET B 85 -1.02 8.83 -11.55
CA MET B 85 -1.54 10.16 -11.31
C MET B 85 -2.26 10.74 -12.52
N TYR B 86 -2.16 10.10 -13.66
CA TYR B 86 -2.85 10.56 -14.84
C TYR B 86 -3.96 9.58 -15.20
N CYS B 87 -4.43 8.91 -14.16
CA CYS B 87 -5.52 7.93 -14.27
C CYS B 87 -6.69 8.43 -13.46
N LEU B 88 -6.37 9.13 -12.37
CA LEU B 88 -7.39 9.71 -11.50
C LEU B 88 -8.38 10.55 -12.28
N ASN B 89 -9.37 11.05 -11.57
CA ASN B 89 -10.36 11.92 -12.16
C ASN B 89 -9.80 13.30 -12.17
N PRO B 90 -9.16 13.69 -11.06
CA PRO B 90 -8.43 14.92 -10.96
C PRO B 90 -6.94 14.55 -11.03
N PRO B 91 -6.50 13.99 -12.18
CA PRO B 91 -5.13 13.48 -12.37
C PRO B 91 -4.03 14.49 -12.01
N VAL B 92 -2.99 13.99 -11.32
CA VAL B 92 -1.86 14.79 -10.94
C VAL B 92 -0.70 14.50 -11.87
N ALA B 93 0.35 15.28 -11.75
CA ALA B 93 1.55 15.09 -12.54
C ALA B 93 2.75 14.82 -11.65
N GLU B 94 2.58 15.13 -10.38
CA GLU B 94 3.64 15.01 -9.39
C GLU B 94 3.04 15.10 -7.98
N PRO B 95 2.18 16.12 -7.75
CA PRO B 95 1.48 16.39 -6.49
C PRO B 95 1.61 15.34 -5.36
N PRO B 96 0.61 14.44 -5.09
CA PRO B 96 0.68 13.51 -3.96
C PRO B 96 1.17 12.10 -4.29
N GLU B 97 2.20 12.00 -5.12
CA GLU B 97 2.71 10.72 -5.59
C GLU B 97 2.65 9.60 -4.54
N GLY B 98 2.87 9.91 -3.28
CA GLY B 98 2.86 8.87 -2.26
C GLY B 98 1.55 8.74 -1.51
N SER B 99 1.25 9.71 -0.66
CA SER B 99 0.03 9.72 0.15
C SER B 99 -1.21 9.77 -0.75
N TRP B 100 -2.15 10.70 -0.47
CA TRP B 100 -3.32 10.87 -1.31
C TRP B 100 -4.23 9.66 -1.29
N SER B 101 -5.48 9.83 -0.87
CA SER B 101 -6.42 8.73 -0.86
C SER B 101 -6.92 8.53 -2.28
N CYS B 102 -7.65 7.46 -2.52
CA CYS B 102 -8.15 7.19 -3.84
C CYS B 102 -9.68 7.27 -3.84
N HIS B 103 -10.35 6.65 -4.79
CA HIS B 103 -11.80 6.75 -4.83
C HIS B 103 -12.52 5.66 -4.05
N LEU B 104 -12.11 4.41 -4.21
CA LEU B 104 -12.78 3.29 -3.55
C LEU B 104 -12.99 3.51 -2.06
N CYS B 105 -12.07 4.21 -1.43
CA CYS B 105 -12.19 4.47 0.01
C CYS B 105 -13.27 5.44 0.29
N TRP B 106 -13.23 6.53 -0.42
CA TRP B 106 -14.19 7.55 -0.21
C TRP B 106 -15.54 7.08 -0.56
N GLU B 107 -15.65 6.39 -1.64
CA GLU B 107 -16.93 5.92 -2.03
C GLU B 107 -17.44 5.07 -0.89
N LEU B 108 -16.48 4.53 -0.13
CA LEU B 108 -16.79 3.74 1.03
C LEU B 108 -17.08 4.68 2.20
N LEU B 109 -16.57 5.90 2.05
CA LEU B 109 -16.75 6.99 3.00
C LEU B 109 -18.17 7.49 2.87
N LYS B 110 -18.47 7.93 1.66
CA LYS B 110 -19.78 8.41 1.30
C LYS B 110 -20.79 7.32 1.60
N GLU B 111 -20.36 6.08 1.41
CA GLU B 111 -21.19 4.92 1.66
C GLU B 111 -21.47 4.75 3.15
N LYS B 112 -20.52 5.14 4.00
CA LYS B 112 -20.72 4.97 5.42
C LYS B 112 -21.39 6.20 6.02
N ALA B 113 -21.19 7.34 5.36
CA ALA B 113 -21.74 8.62 5.80
C ALA B 113 -21.69 8.81 7.30
N SER B 114 -22.43 9.80 7.75
CA SER B 114 -22.51 10.14 9.17
C SER B 114 -21.14 10.44 9.73
ZN ZN C . 5.94 -6.98 10.77
ZN ZN D . 2.47 -8.11 -3.50
ZN ZN E . -8.30 4.35 -1.37
ZN ZN F . -3.08 3.72 -14.44
C1A SAC A 1 5.10 -4.17 1.21
C2A SAC A 1 5.16 -5.53 1.94
OAC SAC A 1 4.20 -3.98 0.40
N SAC A 1 5.95 -3.22 1.57
CA SAC A 1 5.74 -1.83 1.16
C SAC A 1 6.56 -1.50 -0.09
O SAC A 1 6.31 -2.07 -1.16
CB SAC A 1 6.09 -0.87 2.30
OG SAC A 1 7.43 -1.05 2.72
H1 SAC A 1 6.65 -3.42 2.23
H2A1 SAC A 1 6.00 -6.09 1.56
H2A2 SAC A 1 4.26 -6.08 1.76
H2A3 SAC A 1 5.27 -5.37 3.00
HA SAC A 1 4.69 -1.72 0.92
HB2 SAC A 1 5.96 0.14 1.97
HB3 SAC A 1 5.43 -1.06 3.14
HG SAC A 1 8.00 -0.46 2.23
N GLY A 2 7.52 -0.58 0.04
CA GLY A 2 8.33 -0.19 -1.09
C GLY A 2 9.08 -1.35 -1.70
N ARG A 3 8.38 -2.11 -2.54
CA ARG A 3 8.94 -3.28 -3.20
C ARG A 3 10.01 -3.96 -2.33
N GLY A 4 11.19 -4.19 -2.90
CA GLY A 4 12.26 -4.82 -2.15
C GLY A 4 12.40 -6.31 -2.46
N LYS A 5 13.60 -6.84 -2.21
CA LYS A 5 13.86 -8.25 -2.46
C LYS A 5 15.05 -8.72 -1.62
N GLY A 6 14.97 -9.96 -1.14
CA GLY A 6 16.04 -10.52 -0.33
C GLY A 6 17.32 -10.73 -1.11
N GLY A 7 18.13 -9.67 -1.21
CA GLY A 7 19.38 -9.76 -1.93
C GLY A 7 20.29 -8.58 -1.66
N LYS A 8 21.59 -8.78 -1.84
CA LYS A 8 22.57 -7.73 -1.60
C LYS A 8 22.45 -6.62 -2.65
N GLY A 9 23.03 -5.47 -2.35
CA GLY A 9 22.99 -4.35 -3.28
C GLY A 9 23.16 -3.01 -2.59
N LEU A 10 23.86 -2.10 -3.24
CA LEU A 10 24.11 -0.78 -2.67
C LEU A 10 22.84 0.06 -2.69
N GLY A 11 22.31 0.31 -3.88
CA GLY A 11 21.10 1.10 -4.00
C GLY A 11 19.85 0.26 -3.81
N LYS A 12 19.56 -0.08 -2.55
CA LYS A 12 18.38 -0.88 -2.22
C LYS A 12 17.29 -0.01 -1.60
N GLY A 13 17.02 1.13 -2.23
CA GLY A 13 16.00 2.03 -1.73
C GLY A 13 14.76 2.03 -2.60
N GLY A 14 14.79 2.80 -3.68
CA GLY A 14 13.65 2.87 -4.58
C GLY A 14 12.76 4.06 -4.29
N ALA A 15 11.68 3.81 -3.55
CA ALA A 15 10.74 4.87 -3.20
C ALA A 15 10.53 4.93 -1.69
N LYS A 16 11.49 4.38 -0.95
CA LYS A 16 11.44 4.37 0.52
C LYS A 16 10.28 3.52 1.03
N ARG A 17 9.07 4.07 0.99
CA ARG A 17 7.89 3.34 1.47
C ARG A 17 7.12 2.69 0.33
N HIS A 18 5.98 2.08 0.66
CA HIS A 18 5.13 1.41 -0.32
C HIS A 18 4.93 2.27 -1.55
N ARG A 19 5.44 1.75 -2.65
CA ARG A 19 5.32 2.41 -3.94
C ARG A 19 5.79 1.49 -5.05
N LYS A 20 7.12 1.33 -5.16
CA LYS A 20 7.76 0.48 -6.17
C LYS A 20 9.07 1.09 -6.63
N GLY B 1 0.37 -19.43 6.42
CA GLY B 1 1.78 -19.75 6.07
C GLY B 1 2.61 -18.50 5.84
N SER B 2 1.95 -17.42 5.44
CA SER B 2 2.64 -16.15 5.19
C SER B 2 3.01 -15.44 6.47
N TYR B 3 3.49 -14.22 6.31
CA TYR B 3 3.91 -13.38 7.42
C TYR B 3 4.30 -12.01 6.90
N CYS B 4 4.45 -11.07 7.81
CA CYS B 4 4.83 -9.72 7.45
C CYS B 4 6.16 -9.67 6.73
N ASP B 5 6.19 -9.06 5.57
CA ASP B 5 7.40 -8.95 4.78
C ASP B 5 8.50 -8.18 5.53
N PHE B 6 8.15 -7.68 6.71
CA PHE B 6 9.08 -6.90 7.53
C PHE B 6 9.58 -7.68 8.74
N CYS B 7 8.71 -8.48 9.37
CA CYS B 7 9.11 -9.27 10.54
C CYS B 7 9.08 -10.73 10.20
N LEU B 8 8.16 -11.08 9.32
CA LEU B 8 7.99 -12.44 8.89
C LEU B 8 7.53 -13.33 10.04
N GLY B 9 6.73 -12.74 10.92
CA GLY B 9 6.20 -13.46 12.06
C GLY B 9 4.76 -13.89 11.84
N GLY B 10 3.85 -13.14 12.43
CA GLY B 10 2.43 -13.43 12.28
C GLY B 10 1.54 -12.26 12.68
N SER B 11 0.25 -12.33 12.35
CA SER B 11 -0.68 -11.25 12.67
C SER B 11 -0.94 -11.14 14.17
N ASN B 12 -1.57 -12.16 14.75
CA ASN B 12 -1.84 -12.17 16.18
C ASN B 12 -0.56 -12.40 16.95
N MET B 13 0.56 -12.29 16.24
CA MET B 13 1.87 -12.45 16.83
C MET B 13 2.95 -11.92 15.92
N ASN B 14 3.32 -10.69 16.12
CA ASN B 14 4.35 -10.07 15.31
C ASN B 14 5.67 -10.71 15.66
N LYS B 15 6.75 -10.26 15.07
CA LYS B 15 8.02 -10.84 15.35
C LYS B 15 9.08 -9.82 15.71
N LYS B 16 9.11 -8.71 15.00
CA LYS B 16 10.07 -7.67 15.31
C LYS B 16 9.70 -7.05 16.66
N SER B 17 8.52 -7.42 17.15
CA SER B 17 8.03 -6.94 18.43
C SER B 17 7.35 -8.06 19.19
N GLY B 18 6.93 -9.08 18.47
CA GLY B 18 6.22 -10.18 19.10
C GLY B 18 4.85 -9.75 19.58
N ARG B 19 4.38 -8.62 19.08
CA ARG B 19 3.07 -8.09 19.45
C ARG B 19 1.97 -8.57 18.51
N PRO B 20 0.77 -8.75 19.04
CA PRO B 20 -0.40 -9.19 18.29
C PRO B 20 -0.98 -8.11 17.38
N GLU B 21 -0.37 -7.89 16.23
CA GLU B 21 -0.86 -6.90 15.29
C GLU B 21 -1.84 -7.57 14.32
N GLU B 22 -1.68 -7.35 13.03
CA GLU B 22 -2.56 -7.97 12.04
C GLU B 22 -1.95 -7.88 10.68
N LEU B 23 -1.31 -8.95 10.28
CA LEU B 23 -0.71 -9.02 8.97
C LEU B 23 -1.69 -8.66 7.92
N VAL B 24 -1.14 -8.47 6.75
CA VAL B 24 -1.92 -8.10 5.63
C VAL B 24 -1.27 -8.67 4.38
N SER B 25 -1.87 -9.71 3.84
CA SER B 25 -1.32 -10.36 2.69
C SER B 25 -1.87 -9.76 1.42
N CYS B 26 -1.26 -10.12 0.31
CA CYS B 26 -1.67 -9.60 -0.96
C CYS B 26 -2.57 -10.61 -1.66
N ALA B 27 -3.70 -10.13 -2.19
CA ALA B 27 -4.65 -10.99 -2.87
C ALA B 27 -4.26 -11.24 -4.31
N ASP B 28 -3.00 -10.97 -4.63
CA ASP B 28 -2.52 -11.17 -5.98
C ASP B 28 -1.35 -12.13 -5.98
N CYS B 29 -0.57 -12.05 -4.90
CA CYS B 29 0.61 -12.87 -4.75
C CYS B 29 0.60 -13.65 -3.43
N GLY B 30 0.27 -12.96 -2.33
CA GLY B 30 0.23 -13.60 -1.03
C GLY B 30 1.33 -13.11 -0.09
N ARG B 31 1.64 -11.82 -0.17
CA ARG B 31 2.67 -11.21 0.68
C ARG B 31 2.04 -10.48 1.84
N SER B 32 2.23 -10.99 3.05
CA SER B 32 1.64 -10.38 4.24
C SER B 32 2.57 -9.32 4.82
N GLY B 33 1.99 -8.46 5.65
CA GLY B 33 2.75 -7.39 6.27
C GLY B 33 1.99 -6.72 7.38
N HIS B 34 2.68 -6.17 8.37
CA HIS B 34 1.96 -5.47 9.42
C HIS B 34 1.80 -4.03 8.96
N PRO B 35 0.58 -3.48 8.97
CA PRO B 35 0.33 -2.11 8.50
C PRO B 35 1.22 -1.09 9.22
N THR B 36 1.70 -1.43 10.40
CA THR B 36 2.60 -0.55 11.12
C THR B 36 3.98 -0.62 10.49
N CYS B 37 4.26 -1.79 9.93
CA CYS B 37 5.51 -2.06 9.25
C CYS B 37 5.46 -1.55 7.83
N LEU B 38 4.24 -1.46 7.33
CA LEU B 38 3.96 -1.00 5.98
C LEU B 38 3.86 0.52 5.98
N GLN B 39 3.81 1.08 7.19
CA GLN B 39 3.71 2.51 7.39
C GLN B 39 2.31 3.01 7.05
N PHE B 40 1.36 2.07 7.03
CA PHE B 40 -0.03 2.39 6.72
C PHE B 40 -0.68 3.27 7.77
N THR B 41 -1.84 3.78 7.41
CA THR B 41 -2.66 4.57 8.29
C THR B 41 -3.70 3.62 8.86
N LEU B 42 -4.89 4.11 9.20
CA LEU B 42 -5.90 3.19 9.70
C LEU B 42 -6.76 2.67 8.59
N ASN B 43 -7.52 3.56 7.99
CA ASN B 43 -8.41 3.18 6.89
C ASN B 43 -7.72 2.21 5.93
N MET B 44 -6.45 2.47 5.63
CA MET B 44 -5.67 1.57 4.78
C MET B 44 -5.59 0.25 5.47
N THR B 45 -4.89 0.27 6.57
CA THR B 45 -4.69 -0.90 7.39
C THR B 45 -5.95 -1.77 7.42
N GLU B 46 -7.08 -1.13 7.66
CA GLU B 46 -8.36 -1.82 7.73
C GLU B 46 -8.84 -2.28 6.36
N ALA B 47 -8.61 -1.45 5.34
CA ALA B 47 -9.06 -1.78 3.99
C ALA B 47 -8.25 -2.93 3.39
N VAL B 48 -6.96 -2.80 3.51
CA VAL B 48 -5.99 -3.77 3.01
C VAL B 48 -6.05 -5.11 3.73
N LYS B 49 -6.42 -5.08 5.00
CA LYS B 49 -6.50 -6.29 5.81
C LYS B 49 -7.82 -7.03 5.62
N THR B 50 -8.60 -6.57 4.66
CA THR B 50 -9.89 -7.18 4.36
C THR B 50 -9.98 -7.50 2.88
N TYR B 51 -9.46 -6.59 2.07
CA TYR B 51 -9.47 -6.75 0.63
C TYR B 51 -8.06 -6.98 0.08
N LYS B 52 -8.02 -7.01 -1.23
CA LYS B 52 -6.83 -7.27 -1.99
C LYS B 52 -5.57 -6.55 -1.49
N TRP B 53 -5.53 -5.24 -1.68
CA TRP B 53 -4.37 -4.43 -1.30
C TRP B 53 -3.19 -4.68 -2.24
N GLN B 54 -3.18 -5.88 -2.87
CA GLN B 54 -2.12 -6.29 -3.79
C GLN B 54 -0.79 -5.62 -3.46
N CYS B 55 0.13 -6.39 -2.87
CA CYS B 55 1.43 -5.84 -2.49
C CYS B 55 1.96 -4.91 -3.58
N ILE B 56 2.79 -3.97 -3.19
CA ILE B 56 3.30 -2.97 -4.12
C ILE B 56 3.70 -3.53 -5.45
N GLU B 57 4.79 -4.20 -5.49
CA GLU B 57 5.37 -4.65 -6.74
C GLU B 57 4.32 -5.04 -7.80
N CYS B 58 3.15 -5.46 -7.34
CA CYS B 58 2.03 -5.82 -8.24
C CYS B 58 0.93 -4.73 -8.32
N LYS B 59 0.91 -3.86 -7.30
CA LYS B 59 -0.10 -2.80 -7.14
C LYS B 59 -0.58 -2.19 -8.45
N SER B 60 0.36 -1.79 -9.31
CA SER B 60 0.03 -1.13 -10.55
C SER B 60 -1.10 -0.16 -10.35
N CYS B 61 -1.64 0.32 -11.44
CA CYS B 61 -2.76 1.22 -11.36
C CYS B 61 -4.00 0.40 -11.08
N ILE B 62 -5.11 1.08 -10.94
CA ILE B 62 -6.40 0.46 -10.80
C ILE B 62 -7.20 1.10 -11.88
N LEU B 63 -6.66 2.26 -12.28
CA LEU B 63 -7.20 3.03 -13.35
C LEU B 63 -6.69 2.41 -14.65
N CYS B 64 -5.65 1.58 -14.50
CA CYS B 64 -5.05 0.85 -15.61
C CYS B 64 -4.68 -0.56 -15.18
N GLY B 65 -4.19 -0.71 -13.95
CA GLY B 65 -3.76 -2.02 -13.50
C GLY B 65 -2.70 -2.59 -14.42
N THR B 66 -1.83 -1.70 -14.89
CA THR B 66 -0.78 -2.06 -15.81
C THR B 66 0.60 -1.64 -15.31
N SER B 67 0.61 -0.63 -14.43
CA SER B 67 1.82 -0.06 -13.88
C SER B 67 2.38 0.97 -14.84
N GLU B 68 2.02 0.79 -16.11
CA GLU B 68 2.42 1.68 -17.20
C GLU B 68 3.60 2.58 -16.87
N ASN B 69 3.30 3.79 -16.38
CA ASN B 69 4.33 4.75 -16.05
C ASN B 69 4.88 4.50 -14.66
N ASP B 70 3.99 4.05 -13.78
CA ASP B 70 4.31 3.77 -12.37
C ASP B 70 5.03 4.91 -11.67
N ASP B 71 5.40 5.94 -12.40
CA ASP B 71 6.05 7.07 -11.77
C ASP B 71 5.00 8.12 -11.46
N GLN B 72 3.76 7.76 -11.79
CA GLN B 72 2.64 8.61 -11.53
C GLN B 72 1.69 7.84 -10.65
N LEU B 73 1.74 6.52 -10.78
CA LEU B 73 0.88 5.68 -9.98
C LEU B 73 0.81 6.24 -8.58
N LEU B 74 -0.39 6.50 -8.13
CA LEU B 74 -0.58 6.97 -6.78
C LEU B 74 -1.06 5.84 -5.92
N PHE B 75 -0.30 5.59 -4.90
CA PHE B 75 -0.59 4.50 -4.02
C PHE B 75 -1.36 4.99 -2.84
N CYS B 76 -2.66 4.91 -2.96
CA CYS B 76 -3.53 5.33 -1.91
C CYS B 76 -3.21 4.51 -0.68
N ASP B 77 -2.44 5.05 0.25
CA ASP B 77 -2.17 4.24 1.41
C ASP B 77 -3.34 4.35 2.39
N ASP B 78 -4.54 4.32 1.81
CA ASP B 78 -5.80 4.37 2.56
C ASP B 78 -6.60 3.12 2.23
N CYS B 79 -6.14 2.45 1.17
CA CYS B 79 -6.68 1.19 0.69
C CYS B 79 -5.93 0.79 -0.60
N ASP B 80 -4.66 1.24 -0.67
CA ASP B 80 -3.72 0.96 -1.75
C ASP B 80 -4.13 1.53 -3.12
N ARG B 81 -4.75 0.71 -3.95
CA ARG B 81 -5.17 1.10 -5.31
C ARG B 81 -4.24 2.15 -5.97
N GLY B 82 -3.32 1.69 -6.82
CA GLY B 82 -2.40 2.58 -7.54
C GLY B 82 -3.12 3.38 -8.62
N TYR B 83 -2.84 4.68 -8.72
CA TYR B 83 -3.49 5.52 -9.72
C TYR B 83 -2.49 6.40 -10.40
N HIS B 84 -2.12 6.14 -11.64
CA HIS B 84 -1.18 7.04 -12.25
C HIS B 84 -1.76 8.40 -12.01
N MET B 85 -1.01 9.26 -11.38
CA MET B 85 -1.47 10.58 -11.02
C MET B 85 -2.16 11.30 -12.17
N TYR B 86 -2.16 10.72 -13.34
CA TYR B 86 -2.86 11.31 -14.47
C TYR B 86 -3.99 10.38 -14.90
N CYS B 87 -4.49 9.66 -13.90
CA CYS B 87 -5.61 8.73 -14.07
C CYS B 87 -6.74 9.15 -13.15
N LEU B 88 -6.36 9.82 -12.08
CA LEU B 88 -7.31 10.31 -11.08
C LEU B 88 -8.32 11.25 -11.72
N ASN B 89 -9.23 11.73 -10.90
CA ASN B 89 -10.24 12.69 -11.34
C ASN B 89 -9.62 14.06 -11.30
N PRO B 90 -8.87 14.34 -10.22
CA PRO B 90 -8.10 15.53 -10.07
C PRO B 90 -6.63 15.13 -10.21
N PRO B 91 -6.27 14.59 -11.40
CA PRO B 91 -4.94 14.05 -11.66
C PRO B 91 -3.81 14.97 -11.23
N VAL B 92 -2.82 14.42 -10.53
CA VAL B 92 -1.71 15.20 -10.06
C VAL B 92 -0.51 14.92 -10.97
N ALA B 93 0.55 15.66 -10.75
CA ALA B 93 1.75 15.50 -11.55
C ALA B 93 2.93 15.07 -10.71
N GLU B 94 2.76 15.25 -9.42
CA GLU B 94 3.80 14.97 -8.44
C GLU B 94 3.21 14.99 -7.04
N PRO B 95 2.43 16.07 -6.73
CA PRO B 95 1.76 16.28 -5.47
C PRO B 95 1.84 15.17 -4.40
N PRO B 96 0.85 14.24 -4.27
CA PRO B 96 0.88 13.22 -3.21
C PRO B 96 1.37 11.84 -3.66
N GLU B 97 2.43 11.83 -4.44
CA GLU B 97 2.96 10.59 -5.01
C GLU B 97 2.83 9.36 -4.11
N GLY B 98 3.02 9.52 -2.80
CA GLY B 98 2.94 8.38 -1.91
C GLY B 98 1.60 8.23 -1.19
N SER B 99 1.33 9.14 -0.28
CA SER B 99 0.09 9.12 0.50
C SER B 99 -1.12 9.28 -0.41
N TRP B 100 -2.06 10.17 -0.07
CA TRP B 100 -3.21 10.43 -0.93
C TRP B 100 -4.11 9.21 -1.05
N SER B 101 -5.38 9.36 -0.71
CA SER B 101 -6.31 8.25 -0.83
C SER B 101 -6.86 8.22 -2.24
N CYS B 102 -7.39 7.09 -2.64
CA CYS B 102 -7.93 6.96 -3.98
C CYS B 102 -9.44 7.20 -3.96
N HIS B 103 -10.16 6.80 -5.02
CA HIS B 103 -11.60 7.09 -5.08
C HIS B 103 -12.47 6.01 -4.46
N LEU B 104 -12.03 4.76 -4.48
CA LEU B 104 -12.85 3.68 -3.94
C LEU B 104 -13.04 3.83 -2.43
N CYS B 105 -12.02 4.33 -1.77
CA CYS B 105 -12.08 4.55 -0.32
C CYS B 105 -12.84 5.80 -0.04
N TRP B 106 -12.91 6.61 -1.05
CA TRP B 106 -13.57 7.87 -0.96
C TRP B 106 -15.03 7.77 -1.11
N GLU B 107 -15.46 7.08 -2.13
CA GLU B 107 -16.86 6.92 -2.31
C GLU B 107 -17.35 6.17 -1.09
N LEU B 108 -16.38 5.43 -0.51
CA LEU B 108 -16.56 4.66 0.69
C LEU B 108 -16.40 5.56 1.90
N LEU B 109 -15.72 6.67 1.67
CA LEU B 109 -15.44 7.67 2.70
C LEU B 109 -16.70 8.41 3.00
N LYS B 110 -17.20 9.00 1.94
CA LYS B 110 -18.43 9.73 2.00
C LYS B 110 -19.54 8.78 2.40
N GLU B 111 -19.36 7.53 2.02
CA GLU B 111 -20.30 6.47 2.35
C GLU B 111 -20.28 6.18 3.84
N LYS B 112 -19.11 6.30 4.48
CA LYS B 112 -19.03 5.99 5.89
C LYS B 112 -19.70 7.09 6.72
N ALA B 113 -19.40 8.35 6.39
CA ALA B 113 -19.97 9.51 7.08
C ALA B 113 -20.09 9.31 8.57
N SER B 114 -20.87 10.19 9.18
CA SER B 114 -21.12 10.15 10.61
C SER B 114 -21.97 8.95 11.00
ZN ZN C . 5.94 -6.60 10.80
ZN ZN D . 1.11 -8.73 -4.81
ZN ZN E . -8.17 3.96 -1.71
ZN ZN F . -3.27 4.50 -14.67
C1A SAC A 1 6.88 -4.33 0.54
C2A SAC A 1 7.44 -5.74 0.74
OAC SAC A 1 6.58 -3.97 -0.60
N SAC A 1 6.72 -3.54 1.60
CA SAC A 1 6.12 -2.21 1.47
C SAC A 1 6.98 -1.32 0.58
O SAC A 1 6.54 -0.88 -0.47
CB SAC A 1 5.93 -1.56 2.85
OG SAC A 1 7.17 -1.15 3.39
H1 SAC A 1 6.98 -3.86 2.49
H2A1 SAC A 1 7.66 -6.18 -0.22
H2A2 SAC A 1 6.70 -6.34 1.26
H2A3 SAC A 1 8.34 -5.69 1.32
HA SAC A 1 5.16 -2.33 1.00
HB2 SAC A 1 5.28 -0.71 2.74
HB3 SAC A 1 5.48 -2.28 3.51
HG SAC A 1 7.28 -0.21 3.23
N GLY A 2 8.20 -1.05 1.03
CA GLY A 2 9.09 -0.21 0.24
C GLY A 2 9.76 -1.01 -0.85
N ARG A 3 8.94 -1.53 -1.76
CA ARG A 3 9.41 -2.34 -2.89
C ARG A 3 10.54 -3.28 -2.49
N GLY A 4 11.78 -2.84 -2.64
CA GLY A 4 12.92 -3.67 -2.30
C GLY A 4 14.23 -2.93 -2.40
N LYS A 5 14.49 -2.05 -1.43
CA LYS A 5 15.73 -1.27 -1.41
C LYS A 5 16.41 -1.37 -0.05
N GLY A 6 17.73 -1.57 -0.08
CA GLY A 6 18.49 -1.68 1.16
C GLY A 6 19.50 -2.80 1.13
N GLY A 7 19.76 -3.34 -0.07
CA GLY A 7 20.71 -4.41 -0.22
C GLY A 7 21.85 -4.05 -1.16
N LYS A 8 22.79 -3.23 -0.66
CA LYS A 8 23.93 -2.81 -1.45
C LYS A 8 23.48 -2.13 -2.75
N GLY A 9 22.93 -0.92 -2.61
CA GLY A 9 22.45 -0.19 -3.77
C GLY A 9 23.56 0.59 -4.46
N LEU A 10 23.17 1.53 -5.31
CA LEU A 10 24.13 2.35 -6.04
C LEU A 10 24.59 3.53 -5.18
N GLY A 11 23.68 4.05 -4.36
CA GLY A 11 24.02 5.17 -3.50
C GLY A 11 23.39 5.05 -2.13
N LYS A 12 22.95 6.18 -1.58
CA LYS A 12 22.33 6.22 -0.26
C LYS A 12 21.26 7.32 -0.19
N GLY A 13 21.43 8.34 -1.03
CA GLY A 13 20.49 9.45 -1.04
C GLY A 13 19.27 9.16 -1.91
N GLY A 14 18.11 9.63 -1.46
CA GLY A 14 16.88 9.42 -2.21
C GLY A 14 16.18 8.14 -1.82
N ALA A 15 15.39 8.20 -0.76
CA ALA A 15 14.65 7.03 -0.28
C ALA A 15 13.16 7.32 -0.16
N LYS A 16 12.36 6.56 -0.89
CA LYS A 16 10.91 6.73 -0.86
C LYS A 16 10.27 5.72 0.10
N ARG A 17 8.95 5.76 0.20
CA ARG A 17 8.23 4.86 1.09
C ARG A 17 7.01 4.24 0.42
N HIS A 18 7.10 2.95 0.09
CA HIS A 18 6.01 2.23 -0.54
C HIS A 18 5.63 2.83 -1.88
N ARG A 19 5.95 2.09 -2.95
CA ARG A 19 5.62 2.51 -4.29
C ARG A 19 5.94 1.43 -5.30
N LYS A 20 7.21 1.33 -5.69
CA LYS A 20 7.66 0.33 -6.65
C LYS A 20 8.81 0.87 -7.52
N GLY B 1 3.55 -20.60 3.07
CA GLY B 1 3.07 -19.60 4.07
C GLY B 1 3.79 -18.27 3.94
N SER B 2 3.15 -17.22 4.42
CA SER B 2 3.73 -15.88 4.35
C SER B 2 3.81 -15.22 5.71
N TYR B 3 4.17 -13.95 5.68
CA TYR B 3 4.31 -13.16 6.88
C TYR B 3 4.57 -11.70 6.53
N CYS B 4 4.54 -10.87 7.57
CA CYS B 4 4.72 -9.41 7.48
C CYS B 4 5.87 -8.88 6.65
N ASP B 5 6.68 -9.74 6.15
CA ASP B 5 7.87 -9.36 5.38
C ASP B 5 8.85 -8.49 6.20
N PHE B 6 8.44 -8.04 7.39
CA PHE B 6 9.30 -7.21 8.26
C PHE B 6 9.63 -7.94 9.56
N CYS B 7 8.68 -8.74 10.06
CA CYS B 7 8.90 -9.56 11.25
C CYS B 7 9.01 -10.97 10.80
N LEU B 8 8.24 -11.25 9.75
CA LEU B 8 8.22 -12.56 9.16
C LEU B 8 7.57 -13.56 10.08
N GLY B 9 6.54 -13.10 10.79
CA GLY B 9 5.83 -13.94 11.72
C GLY B 9 4.48 -14.35 11.21
N GLY B 10 3.45 -13.70 11.74
CA GLY B 10 2.10 -13.97 11.34
C GLY B 10 1.15 -12.85 11.73
N SER B 11 -0.14 -13.02 11.47
CA SER B 11 -1.11 -12.01 11.81
C SER B 11 -1.71 -12.33 13.16
N ASN B 12 -2.24 -11.32 13.82
CA ASN B 12 -2.79 -11.47 15.16
C ASN B 12 -1.69 -11.85 16.12
N MET B 13 -0.46 -11.84 15.60
CA MET B 13 0.72 -12.15 16.38
C MET B 13 1.95 -11.55 15.75
N ASN B 14 2.55 -10.63 16.47
CA ASN B 14 3.74 -9.96 16.03
C ASN B 14 4.98 -10.81 16.26
N LYS B 15 6.06 -10.47 15.58
CA LYS B 15 7.30 -11.20 15.75
C LYS B 15 8.46 -10.24 16.03
N LYS B 16 8.11 -8.98 16.17
CA LYS B 16 9.08 -7.92 16.46
C LYS B 16 8.49 -6.91 17.43
N SER B 17 7.42 -7.35 18.09
CA SER B 17 6.67 -6.56 19.07
C SER B 17 5.75 -5.58 18.37
N GLY B 18 5.15 -6.06 17.29
CA GLY B 18 4.20 -5.26 16.56
C GLY B 18 2.83 -5.43 17.17
N ARG B 19 2.76 -6.45 18.01
CA ARG B 19 1.56 -6.83 18.74
C ARG B 19 0.51 -7.40 17.80
N PRO B 20 -0.43 -8.18 18.36
CA PRO B 20 -1.51 -8.81 17.61
C PRO B 20 -2.22 -7.83 16.70
N GLU B 21 -1.64 -7.58 15.54
CA GLU B 21 -2.20 -6.67 14.58
C GLU B 21 -2.99 -7.43 13.52
N GLU B 22 -2.41 -7.55 12.32
CA GLU B 22 -3.05 -8.24 11.21
C GLU B 22 -2.29 -7.98 9.94
N LEU B 23 -1.60 -8.99 9.49
CA LEU B 23 -0.82 -8.92 8.27
C LEU B 23 -1.65 -8.43 7.10
N VAL B 24 -0.96 -8.28 5.99
CA VAL B 24 -1.56 -7.88 4.73
C VAL B 24 -0.75 -8.52 3.63
N SER B 25 -1.29 -9.54 3.00
CA SER B 25 -0.56 -10.19 1.94
C SER B 25 -0.99 -9.61 0.63
N CYS B 26 -0.25 -9.89 -0.42
CA CYS B 26 -0.59 -9.34 -1.70
C CYS B 26 -1.57 -10.28 -2.40
N ALA B 27 -2.67 -9.73 -2.93
CA ALA B 27 -3.66 -10.55 -3.59
C ALA B 27 -3.23 -10.86 -5.02
N ASP B 28 -1.94 -10.80 -5.23
CA ASP B 28 -1.36 -11.07 -6.53
C ASP B 28 -0.16 -11.99 -6.37
N CYS B 29 0.55 -11.81 -5.27
CA CYS B 29 1.73 -12.61 -4.99
C CYS B 29 1.57 -13.40 -3.70
N GLY B 30 0.97 -12.78 -2.69
CA GLY B 30 0.75 -13.48 -1.43
C GLY B 30 1.79 -13.17 -0.37
N ARG B 31 2.45 -12.00 -0.46
CA ARG B 31 3.44 -11.63 0.55
C ARG B 31 2.83 -10.63 1.54
N SER B 32 2.81 -11.02 2.80
CA SER B 32 2.16 -10.23 3.85
C SER B 32 3.06 -9.18 4.51
N GLY B 33 2.39 -8.28 5.24
CA GLY B 33 3.09 -7.21 5.95
C GLY B 33 2.25 -6.71 7.12
N HIS B 34 2.86 -6.20 8.19
CA HIS B 34 2.02 -5.65 9.26
C HIS B 34 1.79 -4.17 9.02
N PRO B 35 0.54 -3.72 8.82
CA PRO B 35 0.25 -2.31 8.59
C PRO B 35 1.16 -1.37 9.37
N THR B 36 1.42 -1.68 10.64
CA THR B 36 2.31 -0.86 11.46
C THR B 36 3.73 -0.89 10.89
N CYS B 37 4.20 -2.11 10.62
CA CYS B 37 5.52 -2.33 10.04
C CYS B 37 5.59 -1.75 8.64
N LEU B 38 4.41 -1.55 8.10
CA LEU B 38 4.22 -1.00 6.76
C LEU B 38 4.10 0.50 6.81
N GLN B 39 3.88 1.01 8.01
CA GLN B 39 3.72 2.44 8.25
C GLN B 39 2.40 2.93 7.68
N PHE B 40 1.49 1.99 7.39
CA PHE B 40 0.18 2.34 6.84
C PHE B 40 -0.62 3.23 7.79
N THR B 41 -1.80 3.61 7.32
CA THR B 41 -2.72 4.41 8.10
C THR B 41 -3.82 3.49 8.61
N LEU B 42 -4.77 4.00 9.37
CA LEU B 42 -5.83 3.13 9.87
C LEU B 42 -6.73 2.65 8.75
N ASN B 43 -7.51 3.57 8.17
CA ASN B 43 -8.42 3.20 7.09
C ASN B 43 -7.71 2.26 6.12
N MET B 44 -6.45 2.56 5.82
CA MET B 44 -5.65 1.72 4.94
C MET B 44 -5.59 0.34 5.54
N THR B 45 -4.94 0.25 6.69
CA THR B 45 -4.81 -0.99 7.41
C THR B 45 -6.09 -1.81 7.25
N GLU B 46 -7.18 -1.23 7.72
CA GLU B 46 -8.49 -1.86 7.67
C GLU B 46 -8.89 -2.28 6.26
N ALA B 47 -8.52 -1.47 5.26
CA ALA B 47 -8.87 -1.76 3.87
C ALA B 47 -7.99 -2.85 3.27
N VAL B 48 -6.69 -2.59 3.25
CA VAL B 48 -5.70 -3.49 2.70
C VAL B 48 -5.88 -4.95 3.14
N LYS B 49 -6.28 -5.16 4.38
CA LYS B 49 -6.47 -6.51 4.92
C LYS B 49 -7.63 -7.23 4.24
N THR B 50 -8.75 -6.53 4.09
CA THR B 50 -9.96 -7.10 3.50
C THR B 50 -9.85 -7.31 2.00
N TYR B 51 -9.55 -6.23 1.27
CA TYR B 51 -9.47 -6.30 -0.18
C TYR B 51 -8.06 -6.68 -0.65
N LYS B 52 -7.83 -6.53 -1.95
CA LYS B 52 -6.57 -6.88 -2.57
C LYS B 52 -5.46 -5.88 -2.32
N TRP B 53 -4.63 -6.13 -1.32
CA TRP B 53 -3.51 -5.25 -1.09
C TRP B 53 -2.31 -5.82 -1.85
N GLN B 54 -2.27 -5.64 -3.17
CA GLN B 54 -1.14 -6.17 -3.91
C GLN B 54 0.11 -5.45 -3.47
N CYS B 55 1.17 -6.19 -3.28
CA CYS B 55 2.43 -5.62 -2.83
C CYS B 55 2.79 -4.40 -3.68
N ILE B 56 3.60 -3.52 -3.12
CA ILE B 56 3.96 -2.25 -3.75
C ILE B 56 4.48 -2.36 -5.18
N GLU B 57 5.46 -3.19 -5.38
CA GLU B 57 6.05 -3.35 -6.68
C GLU B 57 5.04 -3.78 -7.76
N CYS B 58 4.06 -4.60 -7.39
CA CYS B 58 3.09 -5.11 -8.37
C CYS B 58 1.69 -4.49 -8.35
N LYS B 59 1.33 -3.73 -7.32
CA LYS B 59 -0.03 -3.16 -7.24
C LYS B 59 -0.57 -2.64 -8.55
N SER B 60 0.28 -1.92 -9.26
CA SER B 60 -0.15 -1.30 -10.50
C SER B 60 -1.34 -0.42 -10.25
N CYS B 61 -1.85 0.15 -11.32
CA CYS B 61 -2.99 1.01 -11.21
C CYS B 61 -4.24 0.19 -10.86
N ILE B 62 -5.33 0.90 -10.77
CA ILE B 62 -6.65 0.31 -10.56
C ILE B 62 -7.46 0.94 -11.66
N LEU B 63 -6.91 2.08 -12.08
CA LEU B 63 -7.46 2.84 -13.18
C LEU B 63 -6.98 2.17 -14.47
N CYS B 64 -5.95 1.32 -14.31
CA CYS B 64 -5.38 0.57 -15.41
C CYS B 64 -5.01 -0.84 -14.94
N GLY B 65 -4.52 -0.97 -13.70
CA GLY B 65 -4.09 -2.27 -13.20
C GLY B 65 -3.09 -2.90 -14.14
N THR B 66 -2.23 -2.05 -14.70
CA THR B 66 -1.21 -2.48 -15.64
C THR B 66 0.17 -2.07 -15.19
N SER B 67 0.22 -1.12 -14.25
CA SER B 67 1.47 -0.58 -13.74
C SER B 67 2.05 0.40 -14.76
N GLU B 68 1.62 0.24 -16.00
CA GLU B 68 2.04 1.09 -17.11
C GLU B 68 3.24 1.98 -16.80
N ASN B 69 2.98 3.21 -16.40
CA ASN B 69 4.02 4.17 -16.09
C ASN B 69 4.57 3.94 -14.69
N ASP B 70 3.69 3.54 -13.77
CA ASP B 70 4.03 3.31 -12.37
C ASP B 70 4.93 4.40 -11.82
N ASP B 71 5.06 5.48 -12.58
CA ASP B 71 5.84 6.61 -12.16
C ASP B 71 4.88 7.69 -11.74
N GLN B 72 3.59 7.34 -11.85
CA GLN B 72 2.53 8.23 -11.50
C GLN B 72 1.55 7.49 -10.60
N LEU B 73 1.50 6.17 -10.74
CA LEU B 73 0.59 5.38 -9.91
C LEU B 73 0.52 5.98 -8.53
N LEU B 74 -0.65 6.30 -8.09
CA LEU B 74 -0.80 6.84 -6.78
C LEU B 74 -1.30 5.81 -5.83
N PHE B 75 -0.47 5.50 -4.90
CA PHE B 75 -0.75 4.50 -3.94
C PHE B 75 -1.43 5.12 -2.76
N CYS B 76 -2.75 5.11 -2.82
CA CYS B 76 -3.52 5.64 -1.75
C CYS B 76 -3.24 4.82 -0.53
N ASP B 77 -2.56 5.37 0.45
CA ASP B 77 -2.30 4.54 1.61
C ASP B 77 -3.46 4.62 2.58
N ASP B 78 -4.66 4.48 2.01
CA ASP B 78 -5.90 4.47 2.75
C ASP B 78 -6.63 3.18 2.37
N CYS B 79 -5.97 2.42 1.50
CA CYS B 79 -6.45 1.13 1.04
C CYS B 79 -5.40 0.53 0.10
N ASP B 80 -4.67 1.41 -0.60
CA ASP B 80 -3.56 1.02 -1.49
C ASP B 80 -3.87 1.03 -2.99
N ARG B 81 -5.11 1.28 -3.38
CA ARG B 81 -5.43 1.31 -4.81
C ARG B 81 -4.58 2.37 -5.53
N GLY B 82 -3.68 1.90 -6.40
CA GLY B 82 -2.79 2.81 -7.12
C GLY B 82 -3.42 3.38 -8.37
N TYR B 83 -3.26 4.68 -8.57
CA TYR B 83 -3.82 5.35 -9.75
C TYR B 83 -2.76 6.20 -10.41
N HIS B 84 -2.31 5.86 -11.61
CA HIS B 84 -1.34 6.74 -12.21
C HIS B 84 -1.88 8.12 -11.97
N MET B 85 -1.10 8.95 -11.33
CA MET B 85 -1.53 10.29 -10.96
C MET B 85 -2.23 11.02 -12.10
N TYR B 86 -2.23 10.44 -13.29
CA TYR B 86 -2.91 11.05 -14.41
C TYR B 86 -4.09 10.17 -14.82
N CYS B 87 -4.58 9.42 -13.84
CA CYS B 87 -5.71 8.53 -13.99
C CYS B 87 -6.83 8.99 -13.09
N LEU B 88 -6.44 9.59 -11.97
CA LEU B 88 -7.39 10.13 -11.00
C LEU B 88 -8.36 11.08 -11.67
N ASN B 89 -9.31 11.56 -10.89
CA ASN B 89 -10.29 12.51 -11.38
C ASN B 89 -9.64 13.87 -11.33
N PRO B 90 -8.95 14.15 -10.22
CA PRO B 90 -8.16 15.33 -10.07
C PRO B 90 -6.69 14.90 -10.22
N PRO B 91 -6.32 14.36 -11.41
CA PRO B 91 -4.99 13.81 -11.65
C PRO B 91 -3.85 14.73 -11.20
N VAL B 92 -2.85 14.17 -10.53
CA VAL B 92 -1.73 14.94 -10.06
C VAL B 92 -0.53 14.63 -10.93
N ALA B 93 0.55 15.35 -10.72
CA ALA B 93 1.77 15.15 -11.48
C ALA B 93 2.89 14.70 -10.60
N GLU B 94 2.71 14.96 -9.32
CA GLU B 94 3.71 14.68 -8.30
C GLU B 94 3.06 14.74 -6.91
N PRO B 95 2.30 15.83 -6.65
CA PRO B 95 1.58 16.11 -5.44
C PRO B 95 1.63 15.04 -4.30
N PRO B 96 0.63 14.13 -4.14
CA PRO B 96 0.62 13.19 -3.04
C PRO B 96 1.23 11.82 -3.35
N GLU B 97 2.44 11.81 -3.87
CA GLU B 97 3.10 10.58 -4.24
C GLU B 97 3.17 9.56 -3.10
N GLY B 98 3.30 10.04 -1.86
CA GLY B 98 3.41 9.12 -0.74
C GLY B 98 2.36 9.29 0.34
N SER B 99 1.13 9.41 -0.10
CA SER B 99 -0.03 9.55 0.76
C SER B 99 -1.28 9.36 -0.08
N TRP B 100 -2.13 10.40 -0.13
CA TRP B 100 -3.29 10.38 -0.97
C TRP B 100 -4.25 9.24 -0.59
N SER B 101 -5.55 9.48 -0.78
CA SER B 101 -6.60 8.52 -0.38
C SER B 101 -7.30 7.77 -1.53
N CYS B 102 -7.18 8.29 -2.72
CA CYS B 102 -7.79 7.69 -3.93
C CYS B 102 -9.28 8.06 -4.04
N HIS B 103 -9.98 7.53 -5.04
CA HIS B 103 -11.38 7.88 -5.23
C HIS B 103 -12.35 6.96 -4.47
N LEU B 104 -12.10 5.66 -4.45
CA LEU B 104 -12.98 4.73 -3.75
C LEU B 104 -13.10 5.13 -2.29
N CYS B 105 -11.98 5.61 -1.78
CA CYS B 105 -11.88 6.04 -0.40
C CYS B 105 -12.65 7.31 -0.18
N TRP B 106 -12.70 8.09 -1.21
CA TRP B 106 -13.36 9.36 -1.18
C TRP B 106 -14.84 9.25 -1.24
N GLU B 107 -15.32 8.45 -2.15
CA GLU B 107 -16.72 8.30 -2.27
C GLU B 107 -17.20 7.70 -0.95
N LEU B 108 -16.26 6.99 -0.34
CA LEU B 108 -16.44 6.34 0.93
C LEU B 108 -16.17 7.35 2.04
N LEU B 109 -15.49 8.42 1.66
CA LEU B 109 -15.13 9.50 2.57
C LEU B 109 -16.34 10.35 2.82
N LYS B 110 -16.89 10.82 1.71
CA LYS B 110 -18.09 11.61 1.74
C LYS B 110 -19.20 10.79 2.35
N GLU B 111 -19.12 9.49 2.12
CA GLU B 111 -20.09 8.55 2.68
C GLU B 111 -19.98 8.57 4.20
N LYS B 112 -18.75 8.77 4.71
CA LYS B 112 -18.54 8.82 6.15
C LYS B 112 -19.55 9.74 6.81
N ALA B 113 -19.92 10.81 6.09
CA ALA B 113 -20.86 11.80 6.58
C ALA B 113 -22.20 11.19 6.95
N SER B 114 -23.13 12.06 7.30
CA SER B 114 -24.47 11.66 7.69
C SER B 114 -25.51 12.55 7.03
ZN ZN C . 5.71 -6.97 11.33
ZN ZN D . 2.19 -8.48 -5.57
ZN ZN E . -8.03 4.29 -1.14
ZN ZN F . -3.52 4.22 -14.59
C1A SAC A 1 5.35 -4.11 1.30
C2A SAC A 1 5.54 -5.51 1.88
OAC SAC A 1 4.52 -3.94 0.41
N SAC A 1 6.07 -3.10 1.79
CA SAC A 1 5.84 -1.72 1.36
C SAC A 1 7.08 -1.15 0.67
O SAC A 1 8.20 -1.59 0.95
CB SAC A 1 5.47 -0.84 2.56
OG SAC A 1 6.59 -0.56 3.37
H1 SAC A 1 6.72 -3.28 2.50
H2A1 SAC A 1 5.76 -5.43 2.94
H2A2 SAC A 1 6.35 -6.00 1.38
H2A3 SAC A 1 4.63 -6.08 1.75
HA SAC A 1 5.02 -1.73 0.65
HB2 SAC A 1 5.06 0.09 2.20
HB3 SAC A 1 4.73 -1.36 3.16
HG SAC A 1 7.29 -0.18 2.82
N GLY A 2 6.87 -0.19 -0.21
CA GLY A 2 7.97 0.42 -0.93
C GLY A 2 8.87 -0.62 -1.59
N ARG A 3 8.23 -1.59 -2.23
CA ARG A 3 8.94 -2.68 -2.90
C ARG A 3 10.12 -3.19 -2.08
N GLY A 4 9.87 -3.45 -0.80
CA GLY A 4 10.91 -3.95 0.08
C GLY A 4 11.95 -2.91 0.42
N LYS A 5 13.01 -3.34 1.11
CA LYS A 5 14.09 -2.44 1.49
C LYS A 5 14.88 -1.98 0.26
N GLY A 6 15.83 -1.08 0.48
CA GLY A 6 16.64 -0.59 -0.61
C GLY A 6 16.73 0.93 -0.63
N GLY A 7 17.87 1.44 -1.07
CA GLY A 7 18.06 2.89 -1.12
C GLY A 7 19.53 3.27 -1.23
N LYS A 8 19.84 4.11 -2.20
CA LYS A 8 21.22 4.57 -2.41
C LYS A 8 21.47 5.88 -1.67
N GLY A 9 20.53 6.26 -0.81
CA GLY A 9 20.67 7.49 -0.06
C GLY A 9 20.25 7.33 1.39
N LEU A 10 18.94 7.43 1.64
CA LEU A 10 18.40 7.31 2.98
C LEU A 10 19.05 8.31 3.93
N GLY A 11 18.54 9.54 3.92
CA GLY A 11 19.08 10.58 4.78
C GLY A 11 18.22 11.83 4.78
N LYS A 12 17.10 11.78 4.07
CA LYS A 12 16.19 12.92 4.00
C LYS A 12 14.93 12.65 4.82
N GLY A 13 14.20 11.60 4.46
CA GLY A 13 13.00 11.26 5.18
C GLY A 13 12.58 9.82 4.97
N GLY A 14 13.53 8.98 4.58
CA GLY A 14 13.25 7.58 4.35
C GLY A 14 13.22 7.22 2.88
N ALA A 15 12.64 8.10 2.07
CA ALA A 15 12.55 7.89 0.63
C ALA A 15 11.82 6.59 0.31
N LYS A 16 10.82 6.27 1.12
CA LYS A 16 10.04 5.05 0.92
C LYS A 16 8.60 5.23 1.38
N ARG A 17 7.70 5.43 0.43
CA ARG A 17 6.28 5.62 0.74
C ARG A 17 5.41 4.79 -0.22
N HIS A 18 5.65 3.48 -0.22
CA HIS A 18 4.89 2.56 -1.07
C HIS A 18 5.06 2.91 -2.55
N ARG A 19 5.90 2.14 -3.24
CA ARG A 19 6.14 2.36 -4.65
C ARG A 19 7.07 1.30 -5.24
N LYS A 20 6.95 1.07 -6.54
CA LYS A 20 7.76 0.06 -7.21
C LYS A 20 8.67 0.65 -8.29
N GLY B 1 1.21 -19.69 5.46
CA GLY B 1 0.20 -18.64 5.15
C GLY B 1 0.82 -17.25 5.10
N SER B 2 1.96 -17.15 4.42
CA SER B 2 2.66 -15.87 4.28
C SER B 2 2.98 -15.25 5.62
N TYR B 3 3.49 -14.02 5.55
CA TYR B 3 3.85 -13.27 6.74
C TYR B 3 4.35 -11.88 6.34
N CYS B 4 4.44 -11.00 7.32
CA CYS B 4 4.90 -9.64 7.09
C CYS B 4 6.29 -9.62 6.48
N ASP B 5 6.43 -8.92 5.37
CA ASP B 5 7.71 -8.80 4.69
C ASP B 5 8.75 -8.08 5.57
N PHE B 6 8.31 -7.67 6.74
CA PHE B 6 9.18 -6.95 7.68
C PHE B 6 9.55 -7.80 8.91
N CYS B 7 8.69 -8.74 9.29
CA CYS B 7 8.96 -9.62 10.43
C CYS B 7 8.92 -11.06 10.00
N LEU B 8 8.04 -11.33 9.06
CA LEU B 8 7.86 -12.64 8.52
C LEU B 8 7.30 -13.60 9.56
N GLY B 9 6.46 -13.06 10.44
CA GLY B 9 5.84 -13.87 11.48
C GLY B 9 4.43 -14.30 11.11
N GLY B 10 3.46 -13.55 11.63
CA GLY B 10 2.06 -13.85 11.35
C GLY B 10 1.15 -12.67 11.67
N SER B 11 -0.15 -12.81 11.42
CA SER B 11 -1.09 -11.72 11.70
C SER B 11 -1.48 -11.73 13.17
N ASN B 12 -1.94 -12.88 13.66
CA ASN B 12 -2.30 -13.02 15.07
C ASN B 12 -1.04 -13.13 15.90
N MET B 13 0.09 -12.84 15.25
CA MET B 13 1.39 -12.89 15.90
C MET B 13 2.38 -12.07 15.08
N ASN B 14 2.74 -10.91 15.59
CA ASN B 14 3.64 -9.99 14.91
C ASN B 14 5.07 -10.25 15.31
N LYS B 15 5.76 -11.08 14.56
CA LYS B 15 7.14 -11.37 14.86
C LYS B 15 7.90 -10.08 15.11
N LYS B 16 9.00 -10.18 15.86
CA LYS B 16 9.80 -9.02 16.22
C LYS B 16 9.14 -8.30 17.40
N SER B 17 7.80 -8.43 17.48
CA SER B 17 7.03 -7.85 18.56
C SER B 17 6.19 -8.92 19.22
N GLY B 18 6.15 -10.09 18.58
CA GLY B 18 5.38 -11.21 19.09
C GLY B 18 3.98 -10.83 19.48
N ARG B 19 3.44 -9.79 18.87
CA ARG B 19 2.08 -9.37 19.19
C ARG B 19 1.08 -9.59 18.09
N PRO B 20 -0.16 -9.80 18.49
CA PRO B 20 -1.26 -10.09 17.58
C PRO B 20 -1.71 -8.89 16.77
N GLU B 21 -1.05 -8.68 15.63
CA GLU B 21 -1.39 -7.57 14.74
C GLU B 21 -2.35 -8.08 13.66
N GLU B 22 -2.07 -7.76 12.40
CA GLU B 22 -2.91 -8.21 11.31
C GLU B 22 -2.23 -7.93 9.98
N LEU B 23 -1.50 -8.93 9.52
CA LEU B 23 -0.79 -8.84 8.26
C LEU B 23 -1.67 -8.40 7.10
N VAL B 24 -1.04 -8.26 5.96
CA VAL B 24 -1.70 -7.91 4.71
C VAL B 24 -0.95 -8.57 3.59
N SER B 25 -1.54 -9.61 3.01
CA SER B 25 -0.87 -10.33 1.96
C SER B 25 -1.26 -9.79 0.60
N CYS B 26 -0.48 -10.17 -0.40
CA CYS B 26 -0.70 -9.76 -1.75
C CYS B 26 -1.56 -10.78 -2.46
N ALA B 27 -2.58 -10.32 -3.13
CA ALA B 27 -3.45 -11.24 -3.85
C ALA B 27 -2.85 -11.52 -5.21
N ASP B 28 -1.61 -11.08 -5.39
CA ASP B 28 -0.91 -11.25 -6.62
C ASP B 28 0.30 -12.15 -6.42
N CYS B 29 1.02 -11.96 -5.31
CA CYS B 29 2.21 -12.75 -5.06
C CYS B 29 2.23 -13.39 -3.67
N GLY B 30 1.32 -12.95 -2.85
CA GLY B 30 1.18 -13.47 -1.50
C GLY B 30 2.19 -12.96 -0.49
N ARG B 31 2.56 -11.69 -0.58
CA ARG B 31 3.49 -11.11 0.38
C ARG B 31 2.72 -10.30 1.41
N SER B 32 2.75 -10.79 2.65
CA SER B 32 2.01 -10.15 3.72
C SER B 32 2.85 -9.09 4.44
N GLY B 33 2.17 -8.23 5.20
CA GLY B 33 2.87 -7.20 5.94
C GLY B 33 2.06 -6.63 7.10
N HIS B 34 2.72 -6.18 8.15
CA HIS B 34 2.00 -5.57 9.26
C HIS B 34 1.82 -4.10 8.94
N PRO B 35 0.60 -3.55 9.01
CA PRO B 35 0.34 -2.14 8.68
C PRO B 35 1.18 -1.21 9.54
N THR B 36 1.79 -1.76 10.59
CA THR B 36 2.66 -0.99 11.46
C THR B 36 4.04 -0.94 10.84
N CYS B 37 4.44 -2.06 10.25
CA CYS B 37 5.72 -2.18 9.58
C CYS B 37 5.59 -1.62 8.17
N LEU B 38 4.34 -1.38 7.79
CA LEU B 38 3.99 -0.85 6.48
C LEU B 38 3.82 0.67 6.56
N GLN B 39 3.62 1.14 7.79
CA GLN B 39 3.41 2.56 8.06
C GLN B 39 2.06 3.00 7.48
N PHE B 40 1.12 2.05 7.46
CA PHE B 40 -0.22 2.30 6.93
C PHE B 40 -1.03 3.22 7.82
N THR B 41 -2.13 3.69 7.25
CA THR B 41 -3.09 4.50 7.96
C THR B 41 -4.19 3.57 8.44
N LEU B 42 -5.09 4.03 9.27
CA LEU B 42 -6.14 3.14 9.74
C LEU B 42 -6.98 2.61 8.60
N ASN B 43 -7.73 3.49 7.94
CA ASN B 43 -8.57 3.09 6.82
C ASN B 43 -7.82 2.15 5.88
N MET B 44 -6.55 2.45 5.61
CA MET B 44 -5.71 1.59 4.79
C MET B 44 -5.68 0.23 5.40
N THR B 45 -5.04 0.18 6.57
CA THR B 45 -4.92 -1.02 7.33
C THR B 45 -6.18 -1.87 7.20
N GLU B 46 -7.31 -1.28 7.56
CA GLU B 46 -8.60 -1.95 7.52
C GLU B 46 -9.00 -2.35 6.10
N ALA B 47 -8.67 -1.53 5.11
CA ALA B 47 -9.05 -1.80 3.72
C ALA B 47 -8.23 -2.93 3.12
N VAL B 48 -6.93 -2.87 3.34
CA VAL B 48 -5.99 -3.83 2.80
C VAL B 48 -6.14 -5.25 3.36
N LYS B 49 -6.47 -5.37 4.63
CA LYS B 49 -6.63 -6.69 5.26
C LYS B 49 -7.79 -7.47 4.64
N THR B 50 -8.78 -6.76 4.14
CA THR B 50 -9.96 -7.37 3.56
C THR B 50 -9.82 -7.61 2.06
N TYR B 51 -9.41 -6.56 1.35
CA TYR B 51 -9.26 -6.66 -0.10
C TYR B 51 -7.83 -6.96 -0.51
N LYS B 52 -7.61 -6.83 -1.80
CA LYS B 52 -6.37 -7.15 -2.45
C LYS B 52 -5.14 -6.51 -1.80
N TRP B 53 -5.07 -5.18 -1.91
CA TRP B 53 -3.93 -4.41 -1.42
C TRP B 53 -2.77 -4.58 -2.39
N GLN B 54 -2.52 -5.83 -2.78
CA GLN B 54 -1.46 -6.17 -3.71
C GLN B 54 -0.19 -5.39 -3.39
N CYS B 55 0.75 -6.04 -2.71
CA CYS B 55 2.00 -5.37 -2.36
C CYS B 55 2.45 -4.49 -3.50
N ILE B 56 3.14 -3.43 -3.14
CA ILE B 56 3.59 -2.43 -4.09
C ILE B 56 3.96 -2.95 -5.42
N GLU B 57 5.04 -3.63 -5.50
CA GLU B 57 5.53 -4.05 -6.77
C GLU B 57 4.39 -4.57 -7.67
N CYS B 58 3.38 -5.19 -7.05
CA CYS B 58 2.22 -5.70 -7.77
C CYS B 58 0.99 -4.77 -7.69
N LYS B 59 1.03 -3.81 -6.77
CA LYS B 59 -0.08 -2.88 -6.53
C LYS B 59 -0.83 -2.52 -7.82
N SER B 60 -0.08 -2.33 -8.90
CA SER B 60 -0.63 -1.93 -10.19
C SER B 60 -1.68 -0.85 -10.07
N CYS B 61 -1.85 -0.08 -11.12
CA CYS B 61 -2.87 0.94 -11.10
C CYS B 61 -4.19 0.23 -10.83
N ILE B 62 -5.23 0.99 -10.65
CA ILE B 62 -6.56 0.45 -10.47
C ILE B 62 -7.36 1.10 -11.57
N LEU B 63 -6.77 2.19 -12.02
CA LEU B 63 -7.31 2.97 -13.10
C LEU B 63 -6.87 2.32 -14.40
N CYS B 64 -5.82 1.49 -14.29
CA CYS B 64 -5.29 0.71 -15.41
C CYS B 64 -5.06 -0.73 -15.00
N GLY B 65 -4.67 -0.93 -13.74
CA GLY B 65 -4.37 -2.27 -13.27
C GLY B 65 -3.27 -2.90 -14.09
N THR B 66 -2.28 -2.08 -14.45
CA THR B 66 -1.17 -2.54 -15.27
C THR B 66 0.19 -2.06 -14.77
N SER B 67 0.19 -1.18 -13.77
CA SER B 67 1.44 -0.62 -13.24
C SER B 67 2.23 0.03 -14.37
N GLU B 68 1.52 0.29 -15.47
CA GLU B 68 2.08 0.93 -16.67
C GLU B 68 3.29 1.82 -16.40
N ASN B 69 3.05 3.12 -16.29
CA ASN B 69 4.10 4.08 -16.06
C ASN B 69 4.67 3.95 -14.66
N ASP B 70 3.81 3.58 -13.72
CA ASP B 70 4.18 3.44 -12.32
C ASP B 70 5.03 4.58 -11.80
N ASP B 71 5.21 5.63 -12.60
CA ASP B 71 5.97 6.77 -12.15
C ASP B 71 5.00 7.85 -11.77
N GLN B 72 3.73 7.48 -11.90
CA GLN B 72 2.64 8.35 -11.58
C GLN B 72 1.72 7.65 -10.60
N LEU B 73 1.67 6.33 -10.70
CA LEU B 73 0.82 5.55 -9.82
C LEU B 73 0.77 6.18 -8.45
N LEU B 74 -0.41 6.46 -7.99
CA LEU B 74 -0.59 6.99 -6.66
C LEU B 74 -1.07 5.90 -5.74
N PHE B 75 -0.35 5.72 -4.65
CA PHE B 75 -0.65 4.67 -3.73
C PHE B 75 -1.41 5.19 -2.56
N CYS B 76 -2.73 5.10 -2.63
CA CYS B 76 -3.55 5.56 -1.56
C CYS B 76 -3.28 4.70 -0.35
N ASP B 77 -2.47 5.17 0.58
CA ASP B 77 -2.23 4.33 1.73
C ASP B 77 -3.39 4.46 2.71
N ASP B 78 -4.59 4.48 2.13
CA ASP B 78 -5.83 4.52 2.88
C ASP B 78 -6.66 3.30 2.45
N CYS B 79 -6.10 2.58 1.48
CA CYS B 79 -6.66 1.35 0.93
C CYS B 79 -5.57 0.67 0.11
N ASP B 80 -4.86 1.51 -0.66
CA ASP B 80 -3.72 1.12 -1.52
C ASP B 80 -3.92 1.59 -2.95
N ARG B 81 -4.89 0.98 -3.63
CA ARG B 81 -5.25 1.30 -5.03
C ARG B 81 -4.30 2.31 -5.70
N GLY B 82 -3.41 1.81 -6.56
CA GLY B 82 -2.48 2.66 -7.28
C GLY B 82 -3.13 3.37 -8.45
N TYR B 83 -2.94 4.69 -8.57
CA TYR B 83 -3.53 5.42 -9.70
C TYR B 83 -2.48 6.26 -10.36
N HIS B 84 -2.07 5.94 -11.57
CA HIS B 84 -1.11 6.82 -12.19
C HIS B 84 -1.68 8.20 -11.99
N MET B 85 -0.94 9.05 -11.32
CA MET B 85 -1.40 10.39 -10.99
C MET B 85 -2.13 11.08 -12.14
N TYR B 86 -2.09 10.50 -13.32
CA TYR B 86 -2.79 11.08 -14.45
C TYR B 86 -3.95 10.16 -14.84
N CYS B 87 -4.42 9.44 -13.82
CA CYS B 87 -5.54 8.52 -13.95
C CYS B 87 -6.66 8.99 -13.06
N LEU B 88 -6.27 9.57 -11.93
CA LEU B 88 -7.21 10.11 -10.96
C LEU B 88 -8.22 11.02 -11.62
N ASN B 89 -9.18 11.48 -10.83
CA ASN B 89 -10.18 12.39 -11.31
C ASN B 89 -9.58 13.77 -11.27
N PRO B 90 -8.88 14.07 -10.17
CA PRO B 90 -8.11 15.27 -10.04
C PRO B 90 -6.64 14.87 -10.20
N PRO B 91 -6.27 14.36 -11.41
CA PRO B 91 -4.92 13.84 -11.67
C PRO B 91 -3.82 14.80 -11.26
N VAL B 92 -2.80 14.27 -10.56
CA VAL B 92 -1.70 15.10 -10.12
C VAL B 92 -0.50 14.87 -11.01
N ALA B 93 0.54 15.62 -10.76
CA ALA B 93 1.77 15.50 -11.52
C ALA B 93 2.90 15.03 -10.63
N GLU B 94 2.63 15.05 -9.33
CA GLU B 94 3.62 14.64 -8.33
C GLU B 94 3.13 14.90 -6.90
N PRO B 95 2.33 15.97 -6.68
CA PRO B 95 1.80 16.37 -5.38
C PRO B 95 1.84 15.31 -4.25
N PRO B 96 1.10 14.17 -4.31
CA PRO B 96 1.08 13.23 -3.24
C PRO B 96 1.58 11.85 -3.62
N GLU B 97 2.60 11.84 -4.45
CA GLU B 97 3.18 10.61 -5.01
C GLU B 97 3.09 9.40 -4.09
N GLY B 98 3.13 9.62 -2.79
CA GLY B 98 3.08 8.51 -1.87
C GLY B 98 1.76 8.36 -1.14
N SER B 99 1.47 9.28 -0.23
CA SER B 99 0.23 9.24 0.56
C SER B 99 -0.97 9.39 -0.36
N TRP B 100 -1.83 10.38 -0.09
CA TRP B 100 -2.98 10.64 -0.95
C TRP B 100 -3.96 9.49 -0.95
N SER B 101 -5.20 9.76 -0.60
CA SER B 101 -6.21 8.72 -0.60
C SER B 101 -6.70 8.53 -2.02
N CYS B 102 -7.29 7.39 -2.31
CA CYS B 102 -7.76 7.14 -3.65
C CYS B 102 -9.20 7.61 -3.80
N HIS B 103 -9.89 7.18 -4.84
CA HIS B 103 -11.25 7.65 -5.06
C HIS B 103 -12.30 6.79 -4.38
N LEU B 104 -12.03 5.51 -4.22
CA LEU B 104 -13.01 4.64 -3.60
C LEU B 104 -13.28 5.04 -2.15
N CYS B 105 -12.23 5.43 -1.45
CA CYS B 105 -12.36 5.84 -0.06
C CYS B 105 -12.99 7.17 0.03
N TRP B 106 -12.76 7.91 -1.00
CA TRP B 106 -13.23 9.24 -1.10
C TRP B 106 -14.67 9.34 -1.41
N GLU B 107 -15.12 8.60 -2.37
CA GLU B 107 -16.50 8.64 -2.68
C GLU B 107 -17.22 8.17 -1.44
N LEU B 108 -16.47 7.36 -0.68
CA LEU B 108 -16.92 6.86 0.59
C LEU B 108 -16.86 7.97 1.61
N LEU B 109 -15.90 8.85 1.37
CA LEU B 109 -15.63 9.99 2.22
C LEU B 109 -16.75 10.99 2.12
N LYS B 110 -17.02 11.42 0.90
CA LYS B 110 -18.10 12.34 0.64
C LYS B 110 -19.36 11.75 1.21
N GLU B 111 -19.47 10.42 1.05
CA GLU B 111 -20.60 9.69 1.55
C GLU B 111 -20.67 9.78 3.07
N LYS B 112 -19.49 9.85 3.71
CA LYS B 112 -19.45 9.94 5.15
C LYS B 112 -20.28 11.13 5.63
N ALA B 113 -19.80 12.33 5.27
CA ALA B 113 -20.44 13.58 5.62
C ALA B 113 -21.14 13.56 6.96
N SER B 114 -22.04 14.52 7.13
CA SER B 114 -22.81 14.65 8.36
C SER B 114 -23.99 13.69 8.38
ZN ZN C . 5.93 -6.84 10.74
ZN ZN D . 2.97 -8.61 -4.53
ZN ZN E . -8.28 4.84 -0.87
ZN ZN F . -3.28 4.23 -14.50
#